data_5O3K
#
_entry.id   5O3K
#
_cell.length_a   77.027
_cell.length_b   94.957
_cell.length_c   116.456
_cell.angle_alpha   89.88
_cell.angle_beta   90.07
_cell.angle_gamma   91.70
#
_symmetry.space_group_name_H-M   'P 1'
#
loop_
_entity.id
_entity.type
_entity.pdbx_description
1 polymer 'Two-domain laccase'
2 non-polymer 'COPPER (II) ION'
3 non-polymer 'OXYGEN ATOM'
4 non-polymer GLYCEROL
5 non-polymer 'OXYGEN MOLECULE'
6 water water
#
_entity_poly.entity_id   1
_entity_poly.type   'polypeptide(L)'
_entity_poly.pdbx_seq_one_letter_code
;MDRRGFNRRVLLGGVAATTSLSIAPEAVSAPESAGTAAAAGAAPAGGEVRRVTLYAERLAGGQLGYGLEKGKASIPGPLI
ELNEGDTLHVEFENTLDVPVSLHVHGLDYEISSDGTKQNKSHVEPGGTRTYTWRTHEPGRRADGTWRAGSAGYWHYHDHV
VGTEHGTGGIRNGLYGPVIVRRKGDVLPDATHTIVFNDMTINNRPAHTGPNFEATVGDRVEIVMITHGEYYHTFHMHGHR
WADNRTGMLTGPDDPSQVIDNKICGPADSFGFQIIAGEGVGAGAWMYHCHVQSHSDMGMVGLFLVKKPDGTIPGYDPQEH
AH
;
_entity_poly.pdbx_strand_id   A,B,C,D,E,F,G,H,I,J,K,L
#
loop_
_chem_comp.id
_chem_comp.type
_chem_comp.name
_chem_comp.formula
CU non-polymer 'COPPER (II) ION' 'Cu 2'
GOL non-polymer GLYCEROL 'C3 H8 O3'
O non-polymer 'OXYGEN ATOM' O
OXY non-polymer 'OXYGEN MOLECULE' O2
#
# COMPACT_ATOMS: atom_id res chain seq x y z
N ALA A 40 4.64 -13.12 66.34
CA ALA A 40 4.37 -14.46 66.86
C ALA A 40 5.64 -15.09 67.44
N GLY A 41 6.67 -14.28 67.66
CA GLY A 41 7.92 -14.80 68.22
C GLY A 41 8.84 -15.32 67.15
N ALA A 42 9.35 -16.55 67.35
CA ALA A 42 10.25 -17.20 66.40
C ALA A 42 10.16 -18.71 66.58
N ALA A 43 10.56 -19.45 65.56
CA ALA A 43 10.51 -20.90 65.63
C ALA A 43 11.45 -21.42 66.70
N PRO A 44 11.08 -22.46 67.42
CA PRO A 44 12.01 -23.10 68.33
C PRO A 44 12.73 -24.25 67.66
N ALA A 45 13.69 -24.86 68.33
CA ALA A 45 14.33 -26.02 67.75
C ALA A 45 13.36 -27.19 67.79
N GLY A 46 13.49 -28.06 66.79
CA GLY A 46 12.57 -29.16 66.62
C GLY A 46 13.00 -30.43 67.29
N GLY A 47 12.31 -31.50 66.90
CA GLY A 47 12.54 -32.82 67.40
C GLY A 47 11.35 -33.40 68.13
N GLU A 48 10.12 -33.04 67.77
CA GLU A 48 8.95 -33.71 68.29
C GLU A 48 8.39 -34.67 67.25
N VAL A 49 8.13 -35.91 67.65
CA VAL A 49 7.42 -36.83 66.77
C VAL A 49 5.98 -36.36 66.73
N ARG A 50 5.60 -35.69 65.64
CA ARG A 50 4.22 -35.30 65.42
C ARG A 50 3.50 -36.41 64.66
N ARG A 51 2.18 -36.39 64.76
CA ARG A 51 1.32 -37.29 64.01
C ARG A 51 0.03 -36.53 63.73
N VAL A 52 -0.61 -36.85 62.60
CA VAL A 52 -1.88 -36.24 62.20
C VAL A 52 -2.66 -37.25 61.40
N THR A 53 -3.93 -36.94 61.16
CA THR A 53 -4.78 -37.75 60.30
C THR A 53 -5.03 -37.00 59.01
N LEU A 54 -4.94 -37.73 57.90
CA LEU A 54 -5.16 -37.17 56.58
C LEU A 54 -6.06 -38.10 55.80
N TYR A 55 -7.05 -37.53 55.10
CA TYR A 55 -7.98 -38.27 54.27
C TYR A 55 -8.07 -37.61 52.90
N ALA A 56 -8.05 -38.42 51.84
CA ALA A 56 -8.39 -37.94 50.50
C ALA A 56 -9.88 -38.18 50.26
N GLU A 57 -10.62 -37.11 49.93
CA GLU A 57 -12.06 -37.15 49.73
C GLU A 57 -12.48 -36.64 48.36
N ARG A 58 -13.68 -37.03 47.93
CA ARG A 58 -14.30 -36.40 46.79
C ARG A 58 -14.87 -35.06 47.20
N LEU A 59 -14.71 -34.07 46.33
CA LEU A 59 -15.22 -32.72 46.55
C LEU A 59 -16.20 -32.38 45.43
N ALA A 60 -17.03 -31.37 45.68
CA ALA A 60 -18.01 -30.94 44.70
C ALA A 60 -17.34 -30.61 43.38
N GLY A 61 -18.02 -30.90 42.28
CA GLY A 61 -17.46 -30.61 40.97
C GLY A 61 -16.38 -31.55 40.50
N GLY A 62 -16.41 -32.80 40.95
CA GLY A 62 -15.42 -33.79 40.54
C GLY A 62 -14.03 -33.53 41.05
N GLN A 63 -13.88 -32.68 42.05
CA GLN A 63 -12.57 -32.32 42.57
C GLN A 63 -12.21 -33.22 43.76
N LEU A 64 -10.91 -33.35 44.00
CA LEU A 64 -10.37 -34.19 45.07
C LEU A 64 -9.50 -33.36 46.00
N GLY A 65 -9.45 -33.75 47.27
CA GLY A 65 -8.68 -32.96 48.21
C GLY A 65 -8.35 -33.70 49.48
N TYR A 66 -7.36 -33.16 50.18
CA TYR A 66 -6.94 -33.63 51.50
C TYR A 66 -7.61 -32.80 52.58
N GLY A 67 -7.97 -33.44 53.67
CA GLY A 67 -8.43 -32.74 54.86
C GLY A 67 -7.93 -33.41 56.11
N LEU A 68 -7.81 -32.63 57.17
CA LEU A 68 -7.45 -33.18 58.47
C LEU A 68 -8.59 -33.97 59.11
N GLU A 69 -9.82 -33.85 58.60
CA GLU A 69 -10.95 -34.68 59.02
C GLU A 69 -11.84 -34.94 57.82
N LYS A 70 -12.59 -36.04 57.87
CA LYS A 70 -13.51 -36.38 56.78
C LYS A 70 -14.56 -35.28 56.64
N GLY A 71 -14.61 -34.67 55.45
CA GLY A 71 -15.52 -33.58 55.22
C GLY A 71 -14.95 -32.20 55.50
N LYS A 72 -13.66 -32.08 55.74
CA LYS A 72 -13.00 -30.78 55.81
C LYS A 72 -11.82 -30.72 54.84
N ALA A 73 -11.84 -31.58 53.82
CA ALA A 73 -10.83 -31.52 52.77
C ALA A 73 -10.93 -30.23 51.97
N SER A 74 -9.77 -29.67 51.66
CA SER A 74 -9.67 -28.38 51.01
C SER A 74 -8.72 -28.48 49.83
N ILE A 75 -8.71 -27.41 49.04
CA ILE A 75 -7.72 -27.22 47.99
C ILE A 75 -7.27 -25.77 48.08
N PRO A 76 -5.99 -25.48 48.41
CA PRO A 76 -4.97 -26.50 48.71
C PRO A 76 -5.23 -27.36 49.95
N GLY A 77 -4.52 -28.49 50.07
CA GLY A 77 -4.57 -29.33 51.24
C GLY A 77 -4.21 -28.60 52.51
N PRO A 78 -4.33 -29.27 53.66
CA PRO A 78 -4.00 -28.61 54.92
C PRO A 78 -2.52 -28.28 55.02
N LEU A 79 -2.23 -27.08 55.51
CA LEU A 79 -0.86 -26.62 55.70
C LEU A 79 -0.19 -27.46 56.78
N ILE A 80 0.83 -28.21 56.40
CA ILE A 80 1.64 -28.95 57.35
C ILE A 80 2.85 -28.10 57.73
N GLU A 81 3.08 -27.96 59.03
CA GLU A 81 4.16 -27.10 59.50
C GLU A 81 5.05 -27.85 60.47
N LEU A 82 6.37 -27.70 60.30
CA LEU A 82 7.33 -28.48 61.07
C LEU A 82 8.57 -27.66 61.37
N ASN A 83 9.26 -28.04 62.44
CA ASN A 83 10.57 -27.51 62.80
C ASN A 83 11.62 -28.58 62.52
N GLU A 84 12.78 -28.17 62.03
CA GLU A 84 13.82 -29.14 61.70
C GLU A 84 14.13 -30.05 62.88
N GLY A 85 14.27 -31.33 62.59
CA GLY A 85 14.32 -32.33 63.65
C GLY A 85 13.01 -33.09 63.81
N ASP A 86 11.87 -32.39 63.68
CA ASP A 86 10.58 -33.02 63.88
C ASP A 86 10.40 -34.23 62.97
N THR A 87 9.58 -35.16 63.42
CA THR A 87 9.19 -36.34 62.68
C THR A 87 7.67 -36.37 62.65
N LEU A 88 7.10 -36.60 61.48
CA LEU A 88 5.66 -36.57 61.31
C LEU A 88 5.19 -37.87 60.71
N HIS A 89 4.32 -38.57 61.44
CA HIS A 89 3.59 -39.71 60.93
C HIS A 89 2.24 -39.21 60.40
N VAL A 90 1.94 -39.60 59.18
CA VAL A 90 0.72 -39.16 58.52
C VAL A 90 -0.13 -40.41 58.32
N GLU A 91 -1.15 -40.57 59.17
CA GLU A 91 -2.12 -41.65 59.04
C GLU A 91 -3.12 -41.28 57.95
N PHE A 92 -3.06 -41.97 56.83
CA PHE A 92 -3.75 -41.57 55.60
C PHE A 92 -4.73 -42.66 55.18
N GLU A 93 -5.98 -42.27 54.94
CA GLU A 93 -7.03 -43.17 54.48
C GLU A 93 -7.53 -42.71 53.11
N ASN A 94 -7.87 -43.66 52.25
CA ASN A 94 -8.36 -43.36 50.91
C ASN A 94 -9.86 -43.66 50.81
N THR A 95 -10.67 -42.62 50.78
CA THR A 95 -12.11 -42.79 50.63
C THR A 95 -12.58 -42.74 49.17
N LEU A 96 -11.66 -42.85 48.21
CA LEU A 96 -11.99 -42.75 46.81
C LEU A 96 -12.25 -44.13 46.23
N ASP A 97 -12.71 -44.18 44.98
CA ASP A 97 -12.85 -45.45 44.28
C ASP A 97 -11.61 -45.81 43.48
N VAL A 98 -10.56 -45.00 43.56
CA VAL A 98 -9.30 -45.21 42.82
C VAL A 98 -8.13 -45.13 43.79
N PRO A 99 -7.03 -45.84 43.56
CA PRO A 99 -5.85 -45.70 44.43
C PRO A 99 -5.26 -44.30 44.35
N VAL A 100 -4.87 -43.79 45.52
CA VAL A 100 -4.28 -42.47 45.71
C VAL A 100 -2.99 -42.65 46.49
N SER A 101 -2.14 -41.64 46.46
CA SER A 101 -0.89 -41.69 47.21
C SER A 101 -0.64 -40.33 47.84
N LEU A 102 0.48 -40.22 48.55
CA LEU A 102 0.84 -39.03 49.30
C LEU A 102 2.35 -38.90 49.28
N HIS A 103 2.85 -37.94 48.50
CA HIS A 103 4.27 -37.80 48.20
C HIS A 103 4.72 -36.39 48.55
N VAL A 104 5.84 -36.28 49.28
CA VAL A 104 6.33 -34.99 49.79
C VAL A 104 7.62 -34.62 49.04
N HIS A 105 7.77 -33.32 48.75
CA HIS A 105 9.04 -32.78 48.27
C HIS A 105 9.85 -32.29 49.46
N GLY A 106 11.18 -32.41 49.36
CA GLY A 106 12.08 -31.79 50.31
C GLY A 106 12.26 -32.39 51.71
N LEU A 107 11.36 -33.25 52.13
CA LEU A 107 11.55 -33.87 53.42
C LEU A 107 12.28 -35.19 53.26
N ASP A 108 12.83 -35.71 54.37
CA ASP A 108 13.51 -37.00 54.29
C ASP A 108 12.46 -38.10 54.40
N TYR A 109 12.55 -39.11 53.55
CA TYR A 109 11.66 -40.24 53.66
C TYR A 109 12.34 -41.48 53.12
N GLU A 110 12.22 -42.60 53.84
CA GLU A 110 12.66 -43.85 53.24
C GLU A 110 11.76 -44.19 52.07
N ILE A 111 12.21 -45.12 51.23
CA ILE A 111 11.48 -45.36 50.00
C ILE A 111 10.11 -45.93 50.26
N SER A 112 9.89 -46.53 51.45
CA SER A 112 8.58 -47.05 51.82
C SER A 112 7.54 -45.93 51.82
N SER A 113 7.93 -44.72 52.24
CA SER A 113 7.07 -43.55 52.16
C SER A 113 7.23 -42.78 50.85
N ASP A 114 7.67 -43.45 49.79
CA ASP A 114 7.84 -42.77 48.51
C ASP A 114 6.52 -42.25 47.97
N GLY A 115 5.43 -42.98 48.20
CA GLY A 115 4.13 -42.59 47.69
C GLY A 115 3.92 -42.87 46.24
N THR A 116 4.56 -43.92 45.70
CA THR A 116 4.42 -44.23 44.29
C THR A 116 4.18 -45.72 44.11
N LYS A 117 3.44 -46.04 43.02
CA LYS A 117 3.33 -47.42 42.53
C LYS A 117 4.68 -48.10 42.39
N GLN A 118 5.70 -47.34 42.00
CA GLN A 118 6.98 -47.93 41.69
C GLN A 118 7.62 -48.54 42.93
N ASN A 119 7.38 -47.96 44.10
CA ASN A 119 7.83 -48.52 45.36
C ASN A 119 6.65 -48.97 46.22
N LYS A 120 5.63 -49.54 45.57
CA LYS A 120 4.47 -50.17 46.22
C LYS A 120 3.98 -49.37 47.42
N SER A 121 3.82 -48.07 47.22
CA SER A 121 3.60 -47.18 48.35
C SER A 121 2.38 -46.31 48.14
N HIS A 122 1.39 -46.80 47.39
CA HIS A 122 0.13 -46.10 47.27
C HIS A 122 -0.88 -46.70 48.25
N VAL A 123 -2.12 -46.19 48.19
CA VAL A 123 -3.18 -46.54 49.12
C VAL A 123 -4.39 -46.92 48.28
N GLU A 124 -4.84 -48.16 48.40
CA GLU A 124 -5.89 -48.70 47.57
C GLU A 124 -7.23 -48.06 47.95
N PRO A 125 -8.26 -48.22 47.12
CA PRO A 125 -9.58 -47.67 47.46
C PRO A 125 -10.12 -48.27 48.75
N GLY A 126 -10.43 -47.40 49.70
CA GLY A 126 -10.77 -47.81 51.04
C GLY A 126 -9.58 -48.09 51.94
N GLY A 127 -8.36 -48.01 51.41
CA GLY A 127 -7.20 -48.34 52.19
C GLY A 127 -6.77 -47.22 53.12
N THR A 128 -6.06 -47.65 54.16
CA THR A 128 -5.34 -46.82 55.11
C THR A 128 -3.86 -47.12 54.94
N ARG A 129 -3.01 -46.15 55.28
CA ARG A 129 -1.56 -46.35 55.33
C ARG A 129 -0.92 -45.18 56.03
N THR A 130 0.01 -45.46 56.95
CA THR A 130 0.76 -44.43 57.66
C THR A 130 2.05 -44.12 56.90
N TYR A 131 2.15 -42.89 56.37
CA TYR A 131 3.38 -42.33 55.83
C TYR A 131 4.19 -41.69 56.94
N THR A 132 5.46 -41.43 56.67
CA THR A 132 6.39 -41.08 57.74
C THR A 132 7.44 -40.17 57.14
N TRP A 133 7.45 -38.92 57.60
CA TRP A 133 8.41 -37.95 57.11
C TRP A 133 9.28 -37.49 58.28
N ARG A 134 10.54 -37.20 57.97
CA ARG A 134 11.51 -36.65 58.91
C ARG A 134 12.10 -35.35 58.37
N THR A 135 12.56 -34.51 59.29
CA THR A 135 13.39 -33.37 58.92
C THR A 135 14.65 -33.41 59.75
N HIS A 136 15.58 -32.53 59.39
CA HIS A 136 16.90 -32.56 59.99
C HIS A 136 17.50 -31.18 59.90
N GLU A 137 18.46 -30.93 60.75
CA GLU A 137 19.06 -29.62 60.83
C GLU A 137 20.31 -29.58 59.95
N PRO A 138 20.78 -28.40 59.61
CA PRO A 138 22.08 -28.29 58.95
C PRO A 138 23.22 -28.64 59.90
N GLY A 139 24.35 -29.01 59.33
CA GLY A 139 25.53 -29.22 60.16
C GLY A 139 26.74 -29.64 59.36
N ARG A 140 27.90 -29.56 60.01
CA ARG A 140 29.16 -29.96 59.39
C ARG A 140 29.24 -31.48 59.24
N ARG A 141 29.69 -31.92 58.07
CA ARG A 141 29.96 -33.32 57.85
C ARG A 141 31.41 -33.61 58.17
N ALA A 142 31.73 -34.91 58.20
CA ALA A 142 33.05 -35.32 58.63
C ALA A 142 34.11 -34.93 57.61
N ASP A 143 33.73 -34.80 56.35
CA ASP A 143 34.63 -34.24 55.35
C ASP A 143 34.69 -32.72 55.42
N GLY A 144 33.99 -32.11 56.37
CA GLY A 144 33.92 -30.66 56.45
C GLY A 144 33.17 -30.05 55.29
N THR A 145 31.93 -30.48 55.07
CA THR A 145 31.04 -29.85 54.11
C THR A 145 29.69 -29.66 54.77
N TRP A 146 29.04 -28.54 54.47
CA TRP A 146 27.81 -28.19 55.15
C TRP A 146 26.64 -29.00 54.58
N ARG A 147 25.94 -29.73 55.46
CA ARG A 147 24.75 -30.49 55.08
C ARG A 147 23.54 -29.57 55.15
N ALA A 148 22.97 -29.26 54.00
CA ALA A 148 21.74 -28.47 53.98
C ALA A 148 20.71 -29.13 54.88
N GLY A 149 20.04 -28.33 55.69
CA GLY A 149 18.99 -28.86 56.55
C GLY A 149 17.75 -29.18 55.76
N SER A 150 16.61 -29.27 56.43
CA SER A 150 15.33 -29.57 55.80
C SER A 150 14.43 -28.35 55.70
N ALA A 151 14.85 -27.20 56.19
CA ALA A 151 13.96 -26.05 56.26
C ALA A 151 13.54 -25.60 54.86
N GLY A 152 12.35 -24.99 54.80
CA GLY A 152 11.92 -24.30 53.61
C GLY A 152 10.46 -24.57 53.30
N TYR A 153 10.03 -24.11 52.11
CA TYR A 153 8.64 -24.14 51.69
C TYR A 153 8.46 -25.27 50.69
N TRP A 154 7.67 -26.27 51.09
CA TRP A 154 7.55 -27.50 50.34
C TRP A 154 6.08 -27.80 50.06
N HIS A 155 5.79 -29.00 49.56
CA HIS A 155 4.44 -29.37 49.19
C HIS A 155 4.31 -30.89 49.18
N TYR A 156 3.06 -31.33 49.16
CA TYR A 156 2.69 -32.73 48.98
C TYR A 156 1.58 -32.79 47.96
N HIS A 157 1.49 -33.93 47.29
CA HIS A 157 0.52 -34.13 46.23
C HIS A 157 0.41 -35.61 45.98
N ASP A 158 -0.52 -35.97 45.13
CA ASP A 158 -0.74 -37.35 44.78
C ASP A 158 0.17 -37.77 43.62
N HIS A 159 0.51 -39.05 43.56
CA HIS A 159 1.42 -39.55 42.56
C HIS A 159 0.87 -40.72 41.77
N VAL A 160 -0.39 -41.12 41.97
CA VAL A 160 -0.92 -42.30 41.29
C VAL A 160 -2.32 -42.12 40.69
N VAL A 161 -2.90 -40.95 40.81
CA VAL A 161 -4.22 -40.76 40.19
C VAL A 161 -4.00 -40.26 38.77
N GLY A 162 -4.87 -40.70 37.86
CA GLY A 162 -4.74 -40.41 36.44
C GLY A 162 -3.58 -41.16 35.81
N THR A 163 -2.38 -40.77 36.21
CA THR A 163 -1.14 -41.37 35.76
C THR A 163 -0.32 -41.77 36.98
N GLU A 164 0.87 -42.31 36.72
CA GLU A 164 1.82 -42.73 37.75
C GLU A 164 2.67 -41.58 38.24
N HIS A 165 2.50 -40.38 37.69
CA HIS A 165 3.12 -39.17 38.21
C HIS A 165 2.10 -38.21 38.78
N GLY A 166 0.87 -38.67 38.98
CA GLY A 166 -0.14 -37.92 39.70
C GLY A 166 -0.85 -36.86 38.90
N THR A 167 -0.79 -36.91 37.56
CA THR A 167 -1.29 -35.82 36.72
C THR A 167 -2.77 -35.53 36.97
N GLY A 168 -3.61 -36.56 36.96
CA GLY A 168 -5.04 -36.34 37.12
C GLY A 168 -5.42 -35.99 38.55
N GLY A 169 -4.75 -36.58 39.53
CA GLY A 169 -5.01 -36.20 40.91
C GLY A 169 -4.57 -34.80 41.24
N ILE A 170 -3.35 -34.42 40.82
CA ILE A 170 -2.84 -33.06 41.00
C ILE A 170 -3.79 -32.04 40.37
N ARG A 171 -4.27 -32.34 39.16
CA ARG A 171 -5.21 -31.44 38.49
C ARG A 171 -6.49 -31.26 39.30
N ASN A 172 -6.99 -32.35 39.92
CA ASN A 172 -8.23 -32.32 40.67
C ASN A 172 -8.09 -31.72 42.06
N GLY A 173 -6.88 -31.52 42.55
CA GLY A 173 -6.73 -30.69 43.72
C GLY A 173 -6.08 -31.40 44.88
N LEU A 174 -5.48 -32.55 44.60
CA LEU A 174 -4.78 -33.31 45.62
C LEU A 174 -3.36 -32.77 45.74
N TYR A 175 -3.24 -31.64 46.44
CA TYR A 175 -1.96 -30.98 46.74
C TYR A 175 -2.14 -30.09 47.96
N GLY A 176 -1.01 -29.73 48.57
CA GLY A 176 -1.03 -28.84 49.72
C GLY A 176 0.35 -28.48 50.25
N PRO A 177 0.44 -27.46 51.09
CA PRO A 177 1.74 -26.91 51.48
C PRO A 177 2.39 -27.56 52.70
N VAL A 178 3.73 -27.52 52.73
CA VAL A 178 4.53 -27.97 53.85
C VAL A 178 5.57 -26.91 54.15
N ILE A 179 5.54 -26.36 55.35
CA ILE A 179 6.57 -25.44 55.84
C ILE A 179 7.42 -26.18 56.85
N VAL A 180 8.74 -26.08 56.72
CA VAL A 180 9.68 -26.66 57.67
C VAL A 180 10.59 -25.54 58.14
N ARG A 181 10.46 -25.15 59.39
CA ARG A 181 11.19 -24.00 59.90
C ARG A 181 12.55 -24.42 60.43
N ARG A 182 13.39 -23.42 60.64
CA ARG A 182 14.65 -23.54 61.35
C ARG A 182 14.59 -22.62 62.56
N LYS A 183 15.20 -23.05 63.65
CA LYS A 183 15.19 -22.30 64.90
C LYS A 183 15.53 -20.84 64.66
N GLY A 184 14.71 -19.94 65.19
CA GLY A 184 14.95 -18.54 65.01
C GLY A 184 14.32 -17.94 63.78
N ASP A 185 13.55 -18.73 63.02
CA ASP A 185 12.81 -18.19 61.89
C ASP A 185 11.68 -17.30 62.39
N VAL A 186 11.64 -16.06 61.90
CA VAL A 186 10.52 -15.20 62.26
C VAL A 186 9.24 -15.88 61.85
N LEU A 187 8.22 -15.81 62.70
CA LEU A 187 6.89 -16.39 62.54
C LEU A 187 5.89 -15.33 62.15
N PRO A 188 4.95 -15.67 61.27
CA PRO A 188 4.03 -14.67 60.70
C PRO A 188 2.74 -14.51 61.48
N ASP A 189 2.07 -13.40 61.21
CA ASP A 189 0.74 -13.26 61.75
C ASP A 189 -0.28 -14.07 60.96
N ALA A 190 -0.03 -14.30 59.67
CA ALA A 190 -0.90 -15.08 58.81
C ALA A 190 -0.05 -15.81 57.76
N THR A 191 -0.63 -16.87 57.20
CA THR A 191 0.00 -17.65 56.14
C THR A 191 -1.05 -17.94 55.08
N HIS A 192 -0.73 -17.65 53.81
CA HIS A 192 -1.66 -17.83 52.71
C HIS A 192 -0.97 -18.61 51.58
N THR A 193 -1.60 -19.69 51.15
CA THR A 193 -1.05 -20.57 50.11
C THR A 193 -1.72 -20.26 48.78
N ILE A 194 -0.89 -20.12 47.74
CA ILE A 194 -1.30 -19.69 46.39
C ILE A 194 -0.70 -20.66 45.39
N VAL A 195 -1.46 -21.68 44.99
CA VAL A 195 -1.00 -22.65 44.01
C VAL A 195 -1.51 -22.23 42.64
N PHE A 196 -0.60 -21.89 41.73
CA PHE A 196 -0.84 -21.91 40.28
C PHE A 196 -0.89 -23.37 39.73
N ASN A 197 -2.07 -23.90 39.64
CA ASN A 197 -2.32 -25.22 39.04
C ASN A 197 -2.94 -24.96 37.75
N ASP A 198 -2.43 -25.53 36.69
CA ASP A 198 -2.48 -25.03 35.33
C ASP A 198 -2.90 -23.59 35.21
N MET A 199 -4.07 -23.35 34.69
CA MET A 199 -4.54 -22.03 34.43
C MET A 199 -5.50 -21.51 35.53
N THR A 200 -5.52 -22.19 36.66
CA THR A 200 -6.35 -21.87 37.81
C THR A 200 -5.46 -21.41 38.96
N ILE A 201 -6.05 -20.66 39.87
CA ILE A 201 -5.45 -20.45 41.18
C ILE A 201 -6.18 -21.36 42.16
N ASN A 202 -5.44 -22.34 42.71
CA ASN A 202 -5.95 -23.26 43.73
C ASN A 202 -7.19 -24.02 43.23
N ASN A 203 -7.28 -24.20 41.92
CA ASN A 203 -8.37 -24.87 41.22
C ASN A 203 -9.65 -24.04 41.18
N ARG A 204 -9.58 -22.76 41.50
CA ARG A 204 -10.75 -21.90 41.52
C ARG A 204 -11.17 -21.47 40.12
N PRO A 205 -12.43 -21.07 39.96
CA PRO A 205 -12.86 -20.57 38.66
C PRO A 205 -12.17 -19.25 38.34
N ALA A 206 -11.94 -19.03 37.05
CA ALA A 206 -11.28 -17.81 36.59
C ALA A 206 -11.91 -16.59 37.24
N HIS A 207 -11.05 -15.70 37.73
CA HIS A 207 -11.38 -14.41 38.35
C HIS A 207 -12.11 -14.54 39.67
N THR A 208 -12.10 -15.71 40.30
CA THR A 208 -12.66 -15.89 41.63
C THR A 208 -11.59 -15.84 42.70
N GLY A 209 -10.43 -15.29 42.38
CA GLY A 209 -9.39 -15.08 43.34
C GLY A 209 -8.50 -16.30 43.55
N PRO A 210 -8.26 -16.66 44.82
CA PRO A 210 -8.91 -16.01 45.97
C PRO A 210 -8.30 -14.67 46.31
N ASN A 211 -8.99 -13.91 47.14
CA ASN A 211 -8.42 -12.75 47.78
C ASN A 211 -8.10 -13.08 49.23
N PHE A 212 -7.02 -12.49 49.73
CA PHE A 212 -6.59 -12.62 51.12
C PHE A 212 -6.55 -11.25 51.77
N GLU A 213 -6.89 -11.19 53.04
CA GLU A 213 -6.86 -9.93 53.76
C GLU A 213 -5.71 -9.87 54.77
N ALA A 214 -5.40 -8.64 55.16
CA ALA A 214 -4.40 -8.32 56.16
C ALA A 214 -4.71 -6.93 56.70
N THR A 215 -3.78 -6.38 57.46
CA THR A 215 -3.82 -5.03 58.00
C THR A 215 -2.41 -4.49 57.85
N VAL A 216 -2.30 -3.18 57.63
CA VAL A 216 -1.00 -2.58 57.38
C VAL A 216 -0.07 -2.84 58.56
N GLY A 217 1.09 -3.44 58.28
CA GLY A 217 2.08 -3.79 59.27
C GLY A 217 2.13 -5.27 59.61
N ASP A 218 1.03 -5.98 59.41
CA ASP A 218 1.01 -7.41 59.67
C ASP A 218 2.20 -8.09 59.02
N ARG A 219 2.67 -9.16 59.65
CA ARG A 219 3.65 -10.04 59.03
C ARG A 219 2.86 -11.13 58.36
N VAL A 220 2.55 -10.94 57.12
CA VAL A 220 1.89 -11.96 56.32
C VAL A 220 2.96 -12.85 55.71
N GLU A 221 2.65 -14.12 55.56
CA GLU A 221 3.50 -15.08 54.89
C GLU A 221 2.74 -15.66 53.72
N ILE A 222 3.44 -15.87 52.61
CA ILE A 222 2.84 -16.45 51.41
C ILE A 222 3.65 -17.70 51.07
N VAL A 223 2.95 -18.81 50.83
CA VAL A 223 3.52 -20.00 50.20
C VAL A 223 2.95 -20.08 48.80
N MET A 224 3.83 -20.27 47.81
CA MET A 224 3.46 -20.22 46.41
C MET A 224 3.99 -21.46 45.73
N ILE A 225 3.09 -22.32 45.25
CA ILE A 225 3.42 -23.59 44.63
C ILE A 225 2.84 -23.57 43.22
N THR A 226 3.45 -24.36 42.32
CA THR A 226 3.02 -24.42 40.93
C THR A 226 2.90 -25.87 40.47
N HIS A 227 1.83 -26.17 39.75
CA HIS A 227 1.55 -27.54 39.31
C HIS A 227 0.97 -27.56 37.91
N GLY A 228 1.40 -28.54 37.12
CA GLY A 228 0.69 -28.93 35.92
C GLY A 228 1.50 -29.00 34.65
N GLU A 229 0.98 -28.38 33.59
CA GLU A 229 1.65 -28.27 32.31
C GLU A 229 2.53 -27.03 32.20
N TYR A 230 2.04 -25.87 32.64
CA TYR A 230 2.54 -24.60 32.15
C TYR A 230 3.51 -23.94 33.11
N TYR A 231 4.38 -23.09 32.57
CA TYR A 231 5.14 -22.15 33.37
C TYR A 231 4.28 -20.91 33.63
N HIS A 232 4.52 -20.23 34.77
CA HIS A 232 3.87 -18.98 35.10
C HIS A 232 4.91 -18.00 35.65
N THR A 233 4.46 -16.79 35.98
CA THR A 233 5.27 -15.77 36.64
C THR A 233 4.42 -15.14 37.73
N PHE A 234 4.81 -15.36 39.00
CA PHE A 234 4.05 -14.84 40.13
C PHE A 234 4.45 -13.40 40.40
N HIS A 235 3.45 -12.50 40.52
CA HIS A 235 3.69 -11.06 40.71
C HIS A 235 2.73 -10.49 41.74
N MET A 236 3.26 -9.63 42.61
CA MET A 236 2.46 -8.91 43.60
C MET A 236 2.65 -7.41 43.45
N HIS A 237 1.55 -6.67 43.35
CA HIS A 237 1.63 -5.21 43.36
C HIS A 237 2.05 -4.69 44.73
N GLY A 238 2.93 -3.69 44.72
CA GLY A 238 3.25 -2.92 45.91
C GLY A 238 4.09 -3.61 46.96
N HIS A 239 4.50 -4.86 46.74
CA HIS A 239 5.34 -5.59 47.68
C HIS A 239 6.46 -6.31 46.95
N ARG A 240 7.54 -6.60 47.70
CA ARG A 240 8.73 -7.22 47.16
C ARG A 240 9.36 -8.13 48.22
N TRP A 241 10.17 -9.07 47.76
CA TRP A 241 10.85 -10.00 48.67
C TRP A 241 12.21 -10.39 48.09
N ALA A 242 12.99 -11.08 48.91
CA ALA A 242 14.32 -11.55 48.53
C ALA A 242 14.22 -12.98 48.01
N ASP A 243 14.86 -13.24 46.87
CA ASP A 243 14.85 -14.58 46.29
C ASP A 243 15.79 -15.52 47.05
N ASN A 244 15.29 -16.08 48.16
CA ASN A 244 16.06 -17.03 48.98
C ASN A 244 15.10 -17.85 49.85
N ARG A 245 15.65 -18.58 50.82
CA ARG A 245 14.85 -19.54 51.58
C ARG A 245 13.72 -18.86 52.33
N THR A 246 14.02 -17.78 53.04
CA THR A 246 13.01 -17.15 53.88
C THR A 246 12.26 -16.02 53.19
N GLY A 247 12.77 -15.48 52.08
CA GLY A 247 12.15 -14.32 51.48
C GLY A 247 12.32 -13.03 52.26
N MET A 248 13.13 -13.06 53.30
CA MET A 248 13.67 -11.86 53.93
C MET A 248 15.17 -11.89 53.66
N LEU A 249 15.81 -10.73 53.61
CA LEU A 249 17.27 -10.73 53.57
C LEU A 249 17.81 -10.96 54.97
N THR A 250 18.89 -11.73 55.07
CA THR A 250 19.48 -11.96 56.38
C THR A 250 20.10 -10.70 56.96
N GLY A 251 20.59 -9.81 56.11
CA GLY A 251 21.24 -8.60 56.58
C GLY A 251 21.99 -7.90 55.47
N PRO A 252 22.77 -6.88 55.84
CA PRO A 252 23.44 -6.05 54.82
C PRO A 252 24.46 -6.80 53.98
N ASP A 253 24.73 -8.06 54.29
CA ASP A 253 25.58 -8.92 53.48
C ASP A 253 24.81 -10.07 52.85
N ASP A 254 23.48 -9.97 52.76
CA ASP A 254 22.69 -10.94 52.01
C ASP A 254 22.62 -10.45 50.57
N PRO A 255 23.27 -11.12 49.62
CA PRO A 255 23.26 -10.64 48.23
C PRO A 255 22.04 -11.08 47.43
N SER A 256 21.18 -11.90 48.02
CA SER A 256 19.99 -12.37 47.34
C SER A 256 19.20 -11.20 46.75
N GLN A 257 18.74 -11.37 45.52
CA GLN A 257 18.12 -10.27 44.79
C GLN A 257 16.67 -10.06 45.23
N VAL A 258 16.24 -8.80 45.13
CA VAL A 258 14.91 -8.39 45.55
C VAL A 258 14.00 -8.32 44.32
N ILE A 259 13.00 -9.19 44.28
CA ILE A 259 12.08 -9.37 43.18
C ILE A 259 10.66 -9.00 43.64
N ASP A 260 9.79 -8.71 42.67
CA ASP A 260 8.34 -8.74 42.89
C ASP A 260 7.66 -9.68 41.92
N ASN A 261 8.46 -10.37 41.10
CA ASN A 261 8.00 -11.22 40.02
C ASN A 261 8.95 -12.40 39.99
N LYS A 262 8.42 -13.62 40.14
CA LYS A 262 9.21 -14.84 40.11
C LYS A 262 8.66 -15.77 39.05
N ILE A 263 9.53 -16.31 38.21
CA ILE A 263 9.07 -17.37 37.33
C ILE A 263 9.04 -18.67 38.11
N CYS A 264 8.12 -19.54 37.75
CA CYS A 264 7.96 -20.79 38.46
C CYS A 264 7.36 -21.80 37.49
N GLY A 265 7.69 -23.07 37.73
CA GLY A 265 7.25 -24.13 36.87
C GLY A 265 6.55 -25.21 37.66
N PRO A 266 6.14 -26.28 36.99
CA PRO A 266 5.45 -27.36 37.71
C PRO A 266 6.29 -27.92 38.87
N ALA A 267 5.68 -27.93 40.06
CA ALA A 267 6.14 -28.43 41.36
C ALA A 267 7.14 -27.50 42.05
N ASP A 268 7.51 -26.39 41.42
CA ASP A 268 8.29 -25.38 42.10
C ASP A 268 7.51 -24.89 43.31
N SER A 269 8.22 -24.70 44.43
CA SER A 269 7.60 -24.07 45.59
C SER A 269 8.56 -23.04 46.17
N PHE A 270 8.00 -21.93 46.59
CA PHE A 270 8.77 -20.92 47.28
C PHE A 270 7.83 -20.23 48.25
N GLY A 271 8.41 -19.51 49.19
CA GLY A 271 7.59 -18.72 50.07
C GLY A 271 8.36 -17.48 50.44
N PHE A 272 7.65 -16.57 51.07
CA PHE A 272 8.24 -15.35 51.59
C PHE A 272 7.34 -14.85 52.72
N GLN A 273 7.84 -13.86 53.42
CA GLN A 273 7.01 -13.09 54.32
C GLN A 273 7.27 -11.63 54.01
N ILE A 274 6.21 -10.84 54.01
CA ILE A 274 6.28 -9.42 53.75
C ILE A 274 5.57 -8.71 54.89
N ILE A 275 5.88 -7.42 55.04
CA ILE A 275 5.08 -6.55 55.91
C ILE A 275 4.01 -5.87 55.05
N ALA A 276 2.75 -6.11 55.39
CA ALA A 276 1.62 -5.64 54.58
C ALA A 276 1.61 -4.12 54.50
N GLY A 277 1.63 -3.60 53.27
CA GLY A 277 1.58 -2.17 53.03
C GLY A 277 2.81 -1.42 53.48
N GLU A 278 3.93 -2.10 53.68
CA GLU A 278 5.13 -1.44 54.15
C GLU A 278 5.68 -0.51 53.08
N GLY A 279 5.60 0.79 53.34
CA GLY A 279 6.09 1.79 52.40
C GLY A 279 5.13 2.14 51.28
N VAL A 280 3.97 1.49 51.22
CA VAL A 280 2.98 1.74 50.17
C VAL A 280 1.58 2.01 50.71
N GLY A 281 1.23 1.60 51.93
CA GLY A 281 -0.08 1.89 52.49
C GLY A 281 -1.10 0.78 52.31
N ALA A 282 -2.31 1.09 52.78
CA ALA A 282 -3.45 0.22 52.55
C ALA A 282 -3.91 0.33 51.10
N GLY A 283 -4.74 -0.63 50.69
CA GLY A 283 -5.38 -0.64 49.39
C GLY A 283 -5.56 -2.06 48.86
N ALA A 284 -6.35 -2.24 47.80
CA ALA A 284 -6.48 -3.55 47.16
C ALA A 284 -5.27 -3.78 46.25
N TRP A 285 -4.39 -4.70 46.65
CA TRP A 285 -3.10 -4.92 46.01
C TRP A 285 -3.19 -6.17 45.16
N MET A 286 -3.18 -5.98 43.85
CA MET A 286 -3.24 -7.09 42.91
C MET A 286 -2.08 -8.06 43.09
N TYR A 287 -2.41 -9.35 43.02
CA TYR A 287 -1.45 -10.36 42.62
C TYR A 287 -2.00 -11.07 41.40
N HIS A 288 -1.12 -11.58 40.55
CA HIS A 288 -1.58 -12.27 39.37
C HIS A 288 -0.41 -13.01 38.73
N CYS A 289 -0.74 -13.89 37.80
CA CYS A 289 0.25 -14.41 36.87
C CYS A 289 0.54 -13.37 35.79
N HIS A 290 1.81 -13.09 35.57
CA HIS A 290 2.15 -11.97 34.70
C HIS A 290 2.27 -12.37 33.24
N VAL A 291 2.32 -13.67 32.94
CA VAL A 291 2.11 -14.16 31.59
C VAL A 291 0.79 -13.55 31.12
N GLN A 292 0.86 -12.77 30.03
CA GLN A 292 -0.23 -11.82 29.79
C GLN A 292 -1.55 -12.53 29.51
N SER A 293 -1.52 -13.65 28.79
CA SER A 293 -2.80 -14.32 28.57
C SER A 293 -3.35 -14.91 29.86
N HIS A 294 -2.49 -15.11 30.86
CA HIS A 294 -2.92 -15.78 32.08
C HIS A 294 -3.59 -14.82 33.04
N SER A 295 -3.14 -13.58 33.13
CA SER A 295 -3.92 -12.62 33.91
C SER A 295 -5.24 -12.28 33.22
N ASP A 296 -5.26 -12.28 31.88
CA ASP A 296 -6.52 -12.00 31.18
C ASP A 296 -7.52 -13.10 31.45
N MET A 297 -7.13 -14.35 31.22
CA MET A 297 -8.02 -15.47 31.46
C MET A 297 -8.35 -15.62 32.95
N GLY A 298 -7.64 -14.94 33.83
CA GLY A 298 -8.12 -14.83 35.19
C GLY A 298 -7.30 -15.47 36.29
N MET A 299 -5.99 -15.64 36.11
CA MET A 299 -5.07 -15.95 37.21
C MET A 299 -4.72 -14.64 37.91
N VAL A 300 -5.69 -14.16 38.69
CA VAL A 300 -5.63 -12.88 39.37
C VAL A 300 -6.34 -13.03 40.71
N GLY A 301 -5.87 -12.28 41.70
CA GLY A 301 -6.51 -12.18 42.99
C GLY A 301 -6.05 -10.89 43.64
N LEU A 302 -6.55 -10.66 44.86
CA LEU A 302 -6.32 -9.41 45.59
C LEU A 302 -5.69 -9.64 46.96
N PHE A 303 -4.68 -8.84 47.26
CA PHE A 303 -4.12 -8.73 48.60
C PHE A 303 -4.76 -7.52 49.26
N LEU A 304 -5.85 -7.76 50.01
CA LEU A 304 -6.56 -6.66 50.65
C LEU A 304 -5.83 -6.27 51.94
N VAL A 305 -5.06 -5.19 51.88
CA VAL A 305 -4.28 -4.67 52.99
C VAL A 305 -5.07 -3.52 53.58
N LYS A 306 -5.52 -3.66 54.82
CA LYS A 306 -6.46 -2.72 55.40
C LYS A 306 -5.80 -1.80 56.42
N LYS A 307 -6.29 -0.58 56.47
CA LYS A 307 -6.02 0.40 57.51
C LYS A 307 -6.35 -0.22 58.87
N PRO A 308 -5.92 0.41 59.99
CA PRO A 308 -6.23 -0.18 61.31
C PRO A 308 -7.71 -0.26 61.62
N ASP A 309 -8.54 0.55 60.96
CA ASP A 309 -9.97 0.52 61.22
C ASP A 309 -10.72 -0.45 60.32
N GLY A 310 -10.00 -1.31 59.60
CA GLY A 310 -10.65 -2.34 58.80
C GLY A 310 -11.19 -1.89 57.47
N THR A 311 -11.07 -0.60 57.13
CA THR A 311 -11.46 -0.12 55.81
C THR A 311 -10.35 -0.35 54.80
N ILE A 312 -10.75 -0.37 53.54
CA ILE A 312 -9.81 -0.31 52.44
C ILE A 312 -10.23 0.90 51.64
N PRO A 313 -9.40 1.94 51.57
CA PRO A 313 -9.71 3.07 50.70
C PRO A 313 -9.71 2.62 49.25
N GLY A 314 -10.57 3.25 48.47
CA GLY A 314 -10.60 3.04 47.04
C GLY A 314 -10.97 1.65 46.60
N TYR A 315 -11.21 0.76 47.57
CA TYR A 315 -11.65 -0.59 47.23
C TYR A 315 -13.11 -0.53 46.85
N ASP A 316 -13.34 -0.32 45.58
CA ASP A 316 -14.63 -0.45 44.94
C ASP A 316 -14.69 -1.91 44.54
N PRO A 317 -15.43 -2.74 45.30
CA PRO A 317 -15.44 -4.18 45.02
C PRO A 317 -15.85 -4.53 43.58
N GLN A 318 -16.40 -3.56 42.86
CA GLN A 318 -16.84 -3.77 41.48
C GLN A 318 -15.76 -3.44 40.46
N GLU A 319 -14.50 -3.29 40.89
CA GLU A 319 -13.39 -3.02 39.96
C GLU A 319 -12.81 -4.28 39.36
N HIS A 320 -13.04 -5.45 39.97
CA HIS A 320 -12.59 -6.74 39.46
C HIS A 320 -13.07 -6.94 38.01
N ALA B 40 37.15 -33.04 52.61
CA ALA B 40 37.42 -34.09 51.65
C ALA B 40 38.59 -33.73 50.74
N GLY B 41 38.93 -34.65 49.83
CA GLY B 41 39.96 -34.44 48.82
C GLY B 41 39.50 -33.61 47.63
N ALA B 42 40.00 -32.37 47.57
CA ALA B 42 39.42 -31.33 46.75
C ALA B 42 40.12 -31.24 45.39
N ALA B 43 39.77 -30.16 44.61
CA ALA B 43 40.32 -29.89 43.30
C ALA B 43 41.52 -28.98 43.39
N PRO B 44 42.60 -29.27 42.65
CA PRO B 44 43.78 -28.41 42.70
C PRO B 44 43.51 -27.04 42.11
N ALA B 45 44.52 -26.20 42.28
CA ALA B 45 44.55 -25.01 41.48
C ALA B 45 44.80 -25.37 40.04
N GLY B 46 44.59 -24.40 39.16
CA GLY B 46 44.67 -24.65 37.75
C GLY B 46 45.82 -23.91 37.09
N GLY B 47 46.02 -24.29 35.83
CA GLY B 47 46.95 -23.59 34.99
C GLY B 47 47.82 -24.48 34.14
N GLU B 48 47.37 -25.70 33.85
CA GLU B 48 48.03 -26.53 32.86
C GLU B 48 47.50 -26.20 31.47
N VAL B 49 48.33 -26.43 30.47
CA VAL B 49 47.87 -26.43 29.08
C VAL B 49 47.54 -27.87 28.75
N ARG B 50 46.28 -28.13 28.39
CA ARG B 50 45.83 -29.47 28.07
C ARG B 50 45.35 -29.55 26.64
N ARG B 51 45.30 -30.76 26.12
CA ARG B 51 44.93 -30.99 24.73
C ARG B 51 44.02 -32.21 24.67
N VAL B 52 43.09 -32.19 23.73
CA VAL B 52 42.13 -33.29 23.58
C VAL B 52 41.67 -33.34 22.13
N THR B 53 41.34 -34.54 21.66
CA THR B 53 40.79 -34.75 20.33
C THR B 53 39.33 -35.10 20.44
N LEU B 54 38.50 -34.39 19.67
CA LEU B 54 37.06 -34.61 19.64
C LEU B 54 36.62 -34.61 18.19
N TYR B 55 35.72 -35.55 17.87
CA TYR B 55 35.18 -35.77 16.54
C TYR B 55 33.67 -35.53 16.55
N ALA B 56 33.12 -35.14 15.42
CA ALA B 56 31.68 -35.17 15.19
C ALA B 56 31.38 -36.27 14.19
N GLU B 57 30.41 -37.12 14.54
CA GLU B 57 30.08 -38.30 13.75
C GLU B 57 28.58 -38.47 13.68
N ARG B 58 28.15 -39.21 12.67
CA ARG B 58 26.85 -39.86 12.72
C ARG B 58 26.92 -41.13 13.54
N LEU B 59 25.87 -41.37 14.32
CA LEU B 59 25.60 -42.62 14.98
C LEU B 59 24.29 -43.17 14.39
N ALA B 60 23.83 -44.30 14.91
CA ALA B 60 22.75 -45.02 14.25
C ALA B 60 21.48 -44.17 14.11
N GLY B 61 20.82 -44.32 12.98
CA GLY B 61 19.48 -43.81 12.76
C GLY B 61 19.30 -42.31 12.86
N GLY B 62 20.10 -41.55 12.11
CA GLY B 62 19.96 -40.11 12.10
C GLY B 62 20.65 -39.40 13.25
N GLN B 63 21.47 -40.10 14.00
CA GLN B 63 22.08 -39.59 15.23
C GLN B 63 23.39 -38.90 14.92
N LEU B 64 23.65 -37.81 15.62
CA LEU B 64 24.87 -37.05 15.48
C LEU B 64 25.49 -36.87 16.85
N GLY B 65 26.80 -37.05 16.96
CA GLY B 65 27.42 -37.00 18.27
C GLY B 65 28.91 -36.78 18.23
N TYR B 66 29.41 -36.26 19.34
CA TYR B 66 30.84 -36.08 19.62
C TYR B 66 31.41 -37.27 20.36
N GLY B 67 32.65 -37.64 20.00
CA GLY B 67 33.36 -38.70 20.68
C GLY B 67 34.81 -38.33 20.97
N LEU B 68 35.44 -39.12 21.82
CA LEU B 68 36.83 -38.86 22.17
C LEU B 68 37.79 -39.44 21.15
N GLU B 69 37.40 -40.53 20.50
CA GLU B 69 38.04 -41.05 19.32
C GLU B 69 36.95 -41.47 18.35
N LYS B 70 37.36 -41.86 17.15
CA LYS B 70 36.37 -42.19 16.15
C LYS B 70 35.70 -43.51 16.50
N GLY B 71 34.52 -43.71 15.94
CA GLY B 71 33.72 -44.87 16.26
C GLY B 71 33.11 -44.86 17.65
N LYS B 72 33.59 -44.00 18.53
CA LYS B 72 33.24 -44.02 19.95
C LYS B 72 32.32 -42.87 20.33
N ALA B 73 31.53 -42.36 19.38
CA ALA B 73 30.67 -41.20 19.64
C ALA B 73 29.53 -41.55 20.61
N SER B 74 29.17 -40.59 21.45
CA SER B 74 28.21 -40.82 22.52
C SER B 74 27.29 -39.62 22.63
N ILE B 75 26.07 -39.85 23.10
CA ILE B 75 25.15 -38.75 23.43
C ILE B 75 24.81 -38.85 24.92
N PRO B 76 25.12 -37.84 25.72
CA PRO B 76 25.86 -36.66 25.27
C PRO B 76 27.35 -36.95 24.97
N GLY B 77 28.10 -35.94 24.56
CA GLY B 77 29.49 -36.14 24.26
C GLY B 77 30.30 -36.39 25.51
N PRO B 78 31.59 -36.67 25.33
CA PRO B 78 32.46 -36.94 26.47
C PRO B 78 32.55 -35.74 27.40
N LEU B 79 32.63 -36.06 28.71
CA LEU B 79 32.76 -35.04 29.74
C LEU B 79 34.17 -34.46 29.69
N ILE B 80 34.26 -33.15 29.70
CA ILE B 80 35.54 -32.45 29.70
C ILE B 80 35.62 -31.66 30.99
N GLU B 81 36.67 -31.91 31.77
CA GLU B 81 36.80 -31.38 33.12
C GLU B 81 38.13 -30.64 33.25
N LEU B 82 38.09 -29.49 33.91
CA LEU B 82 39.25 -28.64 34.04
C LEU B 82 39.24 -28.03 35.44
N ASN B 83 40.32 -27.34 35.77
CA ASN B 83 40.44 -26.54 36.98
C ASN B 83 40.77 -25.12 36.54
N GLU B 84 40.18 -24.14 37.23
CA GLU B 84 40.27 -22.75 36.78
C GLU B 84 41.71 -22.36 36.50
N GLY B 85 41.93 -21.77 35.31
CA GLY B 85 43.24 -21.39 34.85
C GLY B 85 43.84 -22.34 33.84
N ASP B 86 43.31 -23.56 33.75
CA ASP B 86 43.72 -24.47 32.69
C ASP B 86 43.35 -23.91 31.32
N THR B 87 44.25 -24.07 30.36
CA THR B 87 43.90 -23.91 28.96
C THR B 87 43.65 -25.29 28.38
N LEU B 88 42.62 -25.40 27.53
CA LEU B 88 42.34 -26.60 26.75
C LEU B 88 42.39 -26.29 25.27
N HIS B 89 43.12 -27.12 24.52
CA HIS B 89 43.23 -27.06 23.06
C HIS B 89 42.49 -28.26 22.49
N VAL B 90 41.27 -28.01 22.01
CA VAL B 90 40.44 -29.04 21.41
C VAL B 90 40.84 -29.18 19.95
N GLU B 91 41.37 -30.33 19.58
CA GLU B 91 41.72 -30.61 18.18
C GLU B 91 40.55 -31.35 17.54
N PHE B 92 39.68 -30.60 16.90
CA PHE B 92 38.41 -31.11 16.40
C PHE B 92 38.51 -31.55 14.94
N GLU B 93 37.75 -32.57 14.60
CA GLU B 93 37.64 -33.05 13.24
C GLU B 93 36.17 -33.36 12.95
N ASN B 94 35.65 -32.73 11.89
CA ASN B 94 34.29 -32.96 11.42
C ASN B 94 34.29 -34.14 10.45
N THR B 95 33.56 -35.21 10.80
CA THR B 95 33.48 -36.38 9.93
C THR B 95 32.12 -36.52 9.24
N LEU B 96 31.28 -35.48 9.30
CA LEU B 96 30.00 -35.48 8.59
C LEU B 96 30.17 -34.93 7.17
N ASP B 97 29.11 -35.11 6.36
CA ASP B 97 29.05 -34.50 5.04
C ASP B 97 28.38 -33.13 5.05
N VAL B 98 28.33 -32.47 6.21
CA VAL B 98 27.83 -31.11 6.34
C VAL B 98 28.65 -30.38 7.40
N PRO B 99 28.63 -29.05 7.37
CA PRO B 99 29.41 -28.27 8.34
C PRO B 99 28.93 -28.39 9.78
N VAL B 100 29.88 -28.25 10.71
CA VAL B 100 29.61 -28.39 12.14
C VAL B 100 30.53 -27.43 12.89
N SER B 101 30.18 -27.16 14.14
CA SER B 101 31.08 -26.36 14.96
C SER B 101 31.11 -26.90 16.37
N LEU B 102 32.06 -26.38 17.15
CA LEU B 102 32.19 -26.62 18.57
C LEU B 102 32.11 -25.28 19.26
N HIS B 103 31.12 -25.13 20.13
CA HIS B 103 30.86 -23.88 20.82
C HIS B 103 30.59 -24.22 22.27
N VAL B 104 31.16 -23.44 23.18
CA VAL B 104 31.11 -23.76 24.60
C VAL B 104 30.42 -22.61 25.33
N HIS B 105 29.84 -22.92 26.49
CA HIS B 105 29.36 -21.88 27.40
C HIS B 105 30.43 -21.56 28.47
N GLY B 106 30.40 -20.32 28.93
CA GLY B 106 31.06 -19.87 30.15
C GLY B 106 32.57 -19.78 30.18
N LEU B 107 33.26 -20.59 29.38
CA LEU B 107 34.71 -20.53 29.34
C LEU B 107 35.18 -19.36 28.49
N ASP B 108 36.41 -18.90 28.74
CA ASP B 108 37.01 -17.87 27.91
C ASP B 108 37.49 -18.49 26.60
N TYR B 109 37.04 -17.93 25.47
CA TYR B 109 37.64 -18.18 24.18
C TYR B 109 37.72 -16.84 23.46
N GLU B 110 38.63 -16.74 22.49
CA GLU B 110 38.63 -15.58 21.62
C GLU B 110 37.69 -15.80 20.44
N ILE B 111 37.35 -14.69 19.77
CA ILE B 111 36.28 -14.71 18.78
C ILE B 111 36.54 -15.73 17.68
N SER B 112 37.79 -16.07 17.45
CA SER B 112 38.15 -17.05 16.45
C SER B 112 37.63 -18.44 16.79
N SER B 113 37.32 -18.71 18.05
CA SER B 113 36.84 -20.02 18.48
C SER B 113 35.41 -19.92 19.00
N ASP B 114 34.62 -19.03 18.37
CA ASP B 114 33.17 -19.00 18.53
C ASP B 114 32.55 -20.34 18.22
N GLY B 115 32.99 -20.98 17.14
CA GLY B 115 32.25 -22.09 16.60
C GLY B 115 30.93 -21.65 15.99
N THR B 116 30.92 -20.54 15.24
CA THR B 116 29.75 -20.04 14.54
C THR B 116 30.10 -19.67 13.11
N LYS B 117 29.17 -19.89 12.18
CA LYS B 117 29.41 -19.50 10.80
C LYS B 117 29.57 -17.99 10.68
N GLN B 118 28.83 -17.25 11.50
N GLN B 118 28.83 -17.23 11.49
CA GLN B 118 28.78 -15.80 11.39
CA GLN B 118 28.80 -15.79 11.31
C GLN B 118 30.15 -15.15 11.50
C GLN B 118 30.17 -15.13 11.49
N ASN B 119 31.12 -15.83 12.11
CA ASN B 119 32.50 -15.36 12.12
C ASN B 119 33.43 -16.50 11.79
N LYS B 120 33.07 -17.22 10.72
CA LYS B 120 33.96 -18.13 9.98
C LYS B 120 34.66 -19.11 10.91
N SER B 121 33.92 -19.57 11.90
CA SER B 121 34.44 -20.40 12.98
C SER B 121 34.00 -21.85 12.85
N HIS B 122 33.21 -22.18 11.84
CA HIS B 122 32.65 -23.50 11.63
C HIS B 122 33.65 -24.37 10.88
N VAL B 123 33.27 -25.61 10.57
CA VAL B 123 34.20 -26.57 10.02
C VAL B 123 33.55 -27.30 8.85
N GLU B 124 34.21 -27.25 7.70
CA GLU B 124 33.72 -27.88 6.48
C GLU B 124 33.56 -29.38 6.69
N PRO B 125 32.77 -30.05 5.85
CA PRO B 125 32.79 -31.51 5.82
C PRO B 125 34.22 -32.02 5.72
N GLY B 126 34.57 -32.97 6.58
CA GLY B 126 35.90 -33.54 6.61
C GLY B 126 36.96 -32.65 7.20
N GLY B 127 36.61 -31.44 7.62
CA GLY B 127 37.59 -30.50 8.08
C GLY B 127 38.00 -30.71 9.52
N THR B 128 39.12 -30.09 9.87
CA THR B 128 39.64 -30.10 11.21
C THR B 128 39.95 -28.67 11.63
N ARG B 129 39.90 -28.42 12.93
CA ARG B 129 40.27 -27.12 13.47
C ARG B 129 40.51 -27.29 14.96
N THR B 130 41.46 -26.51 15.49
CA THR B 130 41.73 -26.50 16.91
C THR B 130 40.98 -25.33 17.54
N TYR B 131 40.06 -25.62 18.45
CA TYR B 131 39.43 -24.61 19.26
C TYR B 131 40.18 -24.52 20.57
N THR B 132 40.39 -23.30 21.06
CA THR B 132 41.04 -23.08 22.36
C THR B 132 40.08 -22.37 23.30
N TRP B 133 39.80 -22.99 24.45
CA TRP B 133 39.09 -22.36 25.57
C TRP B 133 40.04 -22.14 26.74
N ARG B 134 39.94 -20.98 27.35
CA ARG B 134 40.72 -20.65 28.54
C ARG B 134 39.81 -20.67 29.76
N THR B 135 40.43 -20.70 30.92
CA THR B 135 39.72 -20.57 32.18
C THR B 135 40.48 -19.61 33.06
N HIS B 136 39.76 -18.87 33.88
CA HIS B 136 40.40 -17.91 34.77
C HIS B 136 39.92 -18.12 36.20
N GLU B 137 40.84 -17.92 37.12
CA GLU B 137 40.55 -17.89 38.53
C GLU B 137 39.73 -16.66 38.86
N PRO B 138 38.99 -16.70 39.96
CA PRO B 138 38.42 -15.46 40.48
C PRO B 138 39.52 -14.50 40.91
N GLY B 139 39.24 -13.21 40.83
CA GLY B 139 40.18 -12.26 41.40
C GLY B 139 39.71 -10.83 41.29
N ARG B 140 40.37 -9.97 42.05
CA ARG B 140 40.14 -8.55 41.93
C ARG B 140 40.69 -8.02 40.60
N ARG B 141 40.12 -6.90 40.16
CA ARG B 141 40.23 -6.38 38.81
C ARG B 141 41.09 -5.12 38.79
N ALA B 142 41.10 -4.44 37.62
CA ALA B 142 41.68 -3.11 37.53
C ALA B 142 40.89 -2.15 38.41
N ASP B 143 39.64 -1.86 38.06
CA ASP B 143 38.82 -0.94 38.85
C ASP B 143 38.63 -1.37 40.30
N GLY B 144 39.09 -2.55 40.70
CA GLY B 144 39.00 -2.96 42.09
C GLY B 144 37.76 -3.73 42.45
N THR B 145 37.02 -4.24 41.47
CA THR B 145 35.87 -5.12 41.72
C THR B 145 36.33 -6.56 41.58
N TRP B 146 35.49 -7.47 42.09
CA TRP B 146 35.80 -8.89 42.06
C TRP B 146 35.38 -9.49 40.72
N ARG B 147 36.29 -10.23 40.09
CA ARG B 147 36.06 -10.83 38.78
C ARG B 147 35.76 -12.31 38.97
N ALA B 148 34.52 -12.69 38.64
CA ALA B 148 34.05 -14.07 38.81
C ALA B 148 34.96 -15.07 38.12
N GLY B 149 35.27 -16.16 38.83
CA GLY B 149 35.99 -17.25 38.22
C GLY B 149 35.19 -17.94 37.13
N SER B 150 35.89 -18.67 36.28
CA SER B 150 35.20 -19.40 35.22
C SER B 150 34.68 -20.73 35.68
N ALA B 151 34.58 -20.95 37.00
CA ALA B 151 34.16 -22.23 37.53
C ALA B 151 32.65 -22.36 37.46
N GLY B 152 32.19 -23.57 37.19
CA GLY B 152 30.77 -23.86 37.19
C GLY B 152 30.48 -25.16 36.46
N TYR B 153 29.19 -25.39 36.26
CA TYR B 153 28.72 -26.45 35.39
C TYR B 153 28.29 -25.80 34.09
N TRP B 154 29.02 -26.10 33.02
CA TRP B 154 28.89 -25.51 31.70
C TRP B 154 28.63 -26.63 30.68
N HIS B 155 28.68 -26.28 29.40
CA HIS B 155 28.38 -27.23 28.33
C HIS B 155 28.90 -26.72 26.98
N TYR B 156 28.99 -27.64 26.02
CA TYR B 156 29.32 -27.30 24.64
C TYR B 156 28.26 -27.88 23.71
N HIS B 157 28.11 -27.26 22.54
CA HIS B 157 27.16 -27.75 21.54
C HIS B 157 27.55 -27.27 20.16
N ASP B 158 26.90 -27.85 19.16
CA ASP B 158 27.00 -27.38 17.79
C ASP B 158 26.23 -26.07 17.60
N HIS B 159 26.70 -25.27 16.65
CA HIS B 159 26.09 -23.99 16.34
C HIS B 159 25.78 -23.83 14.86
N VAL B 160 25.92 -24.89 14.07
CA VAL B 160 25.98 -24.75 12.61
C VAL B 160 25.14 -25.76 11.81
N VAL B 161 24.66 -26.82 12.44
CA VAL B 161 23.88 -27.83 11.70
C VAL B 161 22.42 -27.42 11.68
N GLY B 162 21.78 -27.62 10.52
CA GLY B 162 20.39 -27.23 10.34
C GLY B 162 20.29 -25.74 10.18
N THR B 163 20.60 -25.00 11.24
CA THR B 163 20.55 -23.54 11.22
C THR B 163 21.83 -22.98 11.83
N GLU B 164 21.96 -21.65 11.73
CA GLU B 164 23.08 -20.90 12.29
C GLU B 164 23.07 -20.81 13.79
N HIS B 165 22.13 -21.48 14.46
CA HIS B 165 22.20 -21.61 15.92
C HIS B 165 22.24 -23.06 16.37
N GLY B 166 22.53 -23.97 15.44
CA GLY B 166 22.77 -25.37 15.75
C GLY B 166 21.52 -26.16 16.03
N THR B 167 20.43 -25.88 15.30
CA THR B 167 19.16 -26.51 15.65
C THR B 167 19.03 -27.92 15.11
N GLY B 168 19.59 -28.23 13.95
CA GLY B 168 19.68 -29.63 13.57
C GLY B 168 20.70 -30.36 14.43
N GLY B 169 21.79 -29.70 14.77
CA GLY B 169 22.87 -30.34 15.50
C GLY B 169 22.56 -30.55 16.96
N ILE B 170 21.90 -29.58 17.61
CA ILE B 170 21.51 -29.79 19.00
C ILE B 170 20.45 -30.89 19.11
N ARG B 171 19.52 -30.93 18.16
CA ARG B 171 18.40 -31.87 18.19
C ARG B 171 18.83 -33.32 18.00
N ASN B 172 20.00 -33.58 17.42
CA ASN B 172 20.42 -34.94 17.07
C ASN B 172 21.59 -35.44 17.92
N GLY B 173 22.05 -34.66 18.90
CA GLY B 173 22.92 -35.15 19.95
C GLY B 173 24.26 -34.47 20.08
N LEU B 174 24.47 -33.35 19.40
CA LEU B 174 25.79 -32.74 19.34
C LEU B 174 25.95 -31.74 20.48
N TYR B 175 25.96 -32.30 21.68
CA TYR B 175 26.10 -31.53 22.91
C TYR B 175 26.87 -32.39 23.91
N GLY B 176 27.47 -31.71 24.88
CA GLY B 176 28.28 -32.36 25.87
C GLY B 176 28.46 -31.49 27.10
N PRO B 177 28.89 -32.09 28.20
CA PRO B 177 29.07 -31.36 29.44
C PRO B 177 30.48 -30.77 29.62
N VAL B 178 30.55 -29.73 30.46
CA VAL B 178 31.80 -29.09 30.84
C VAL B 178 31.75 -28.73 32.32
N ILE B 179 32.79 -29.07 33.09
CA ILE B 179 32.93 -28.70 34.49
C ILE B 179 34.27 -28.01 34.70
N VAL B 180 34.25 -26.86 35.33
CA VAL B 180 35.47 -26.14 35.69
C VAL B 180 35.46 -26.00 37.20
N ARG B 181 36.38 -26.70 37.85
CA ARG B 181 36.47 -26.74 39.29
C ARG B 181 37.34 -25.61 39.82
N ARG B 182 36.93 -25.05 40.97
CA ARG B 182 37.71 -24.08 41.70
C ARG B 182 38.71 -24.84 42.57
N LYS B 183 39.48 -24.12 43.37
CA LYS B 183 40.33 -24.75 44.37
C LYS B 183 39.54 -25.01 45.64
N GLY B 184 39.78 -26.15 46.27
CA GLY B 184 38.99 -26.51 47.43
C GLY B 184 37.56 -26.91 47.12
N ASP B 185 37.23 -27.09 45.84
CA ASP B 185 35.99 -27.74 45.47
C ASP B 185 36.04 -29.19 45.87
N VAL B 186 34.97 -29.67 46.50
CA VAL B 186 34.95 -31.07 46.92
C VAL B 186 34.82 -31.94 45.67
N LEU B 187 35.53 -33.04 45.66
CA LEU B 187 35.50 -33.89 44.48
C LEU B 187 34.51 -35.03 44.66
N PRO B 188 33.91 -35.49 43.57
CA PRO B 188 32.87 -36.50 43.65
C PRO B 188 33.40 -37.92 43.53
N ASP B 189 32.55 -38.88 43.90
CA ASP B 189 32.82 -40.27 43.61
C ASP B 189 32.54 -40.59 42.16
N ALA B 190 31.45 -40.05 41.63
CA ALA B 190 31.03 -40.22 40.25
C ALA B 190 30.32 -38.95 39.79
N THR B 191 30.26 -38.77 38.47
CA THR B 191 29.57 -37.66 37.82
C THR B 191 28.66 -38.22 36.74
N HIS B 192 27.43 -37.68 36.66
CA HIS B 192 26.40 -38.15 35.73
C HIS B 192 25.71 -36.95 35.05
N THR B 193 25.65 -36.99 33.71
CA THR B 193 25.11 -35.90 32.90
C THR B 193 23.67 -36.21 32.48
N ILE B 194 22.75 -35.32 32.81
CA ILE B 194 21.35 -35.45 32.40
C ILE B 194 20.99 -34.22 31.56
N VAL B 195 20.63 -34.47 30.31
CA VAL B 195 20.32 -33.42 29.35
C VAL B 195 18.87 -33.59 28.94
N PHE B 196 18.08 -32.55 29.19
CA PHE B 196 16.69 -32.50 28.73
C PHE B 196 16.69 -31.86 27.35
N ASN B 197 16.79 -32.68 26.30
CA ASN B 197 16.91 -32.19 24.91
C ASN B 197 15.53 -32.33 24.28
N ASP B 198 14.75 -31.28 24.46
CA ASP B 198 13.37 -31.05 24.02
C ASP B 198 12.30 -31.89 24.71
N MET B 199 12.47 -33.20 24.68
CA MET B 199 11.44 -34.07 25.21
C MET B 199 12.10 -35.38 25.59
N THR B 200 13.42 -35.43 25.43
CA THR B 200 14.17 -36.64 25.70
C THR B 200 15.17 -36.37 26.81
N ILE B 201 15.63 -37.44 27.42
CA ILE B 201 16.81 -37.42 28.24
C ILE B 201 17.89 -38.09 27.42
N ASN B 202 18.85 -37.30 26.94
CA ASN B 202 19.99 -37.79 26.17
C ASN B 202 19.57 -38.44 24.86
N ASN B 203 18.60 -37.82 24.16
CA ASN B 203 18.17 -38.28 22.84
C ASN B 203 17.77 -39.74 22.86
N ARG B 204 17.28 -40.22 23.99
CA ARG B 204 16.91 -41.61 24.16
C ARG B 204 15.43 -41.78 23.79
N PRO B 205 15.00 -43.02 23.52
CA PRO B 205 13.55 -43.25 23.38
C PRO B 205 12.83 -42.96 24.70
N ALA B 206 11.53 -42.65 24.58
CA ALA B 206 10.68 -42.45 25.75
C ALA B 206 10.78 -43.63 26.71
N HIS B 207 10.77 -43.34 28.01
CA HIS B 207 10.85 -44.38 29.04
C HIS B 207 12.03 -45.32 28.81
N THR B 208 13.23 -44.75 28.69
CA THR B 208 14.47 -45.51 28.65
C THR B 208 15.50 -44.88 29.58
N GLY B 209 15.03 -44.28 30.66
CA GLY B 209 15.92 -43.65 31.60
C GLY B 209 16.58 -42.41 31.02
N PRO B 210 17.89 -42.24 31.29
CA PRO B 210 18.76 -43.27 31.88
C PRO B 210 18.63 -43.48 33.40
N ASN B 211 19.04 -44.67 33.83
CA ASN B 211 19.14 -45.03 35.24
C ASN B 211 20.58 -44.85 35.70
N PHE B 212 20.76 -44.58 36.98
CA PHE B 212 22.06 -44.13 37.49
C PHE B 212 22.28 -44.74 38.85
N GLU B 213 23.38 -45.47 38.99
CA GLU B 213 23.65 -46.28 40.17
C GLU B 213 24.66 -45.60 41.09
N ALA B 214 24.51 -45.90 42.37
CA ALA B 214 25.39 -45.42 43.42
C ALA B 214 25.15 -46.30 44.63
N THR B 215 26.08 -46.28 45.56
CA THR B 215 25.90 -46.95 46.83
C THR B 215 25.54 -45.91 47.88
N VAL B 216 24.87 -46.35 48.95
CA VAL B 216 24.55 -45.43 50.02
C VAL B 216 25.85 -44.82 50.55
N GLY B 217 25.90 -43.50 50.58
CA GLY B 217 27.05 -42.76 51.06
C GLY B 217 27.95 -42.20 49.98
N ASP B 218 27.83 -42.67 48.73
CA ASP B 218 28.66 -42.15 47.66
C ASP B 218 28.36 -40.65 47.49
N ARG B 219 29.41 -39.89 47.17
CA ARG B 219 29.24 -38.47 46.87
C ARG B 219 28.98 -38.34 45.37
N VAL B 220 27.74 -38.03 45.03
CA VAL B 220 27.24 -38.09 43.65
C VAL B 220 27.10 -36.67 43.11
N GLU B 221 27.78 -36.40 42.02
CA GLU B 221 27.65 -35.15 41.29
C GLU B 221 26.76 -35.36 40.07
N ILE B 222 25.90 -34.37 39.80
CA ILE B 222 24.93 -34.42 38.71
C ILE B 222 25.09 -33.19 37.82
N VAL B 223 25.36 -33.40 36.53
CA VAL B 223 25.48 -32.33 35.54
C VAL B 223 24.17 -32.29 34.76
N MET B 224 23.42 -31.19 34.88
CA MET B 224 22.05 -31.08 34.37
C MET B 224 21.98 -29.96 33.33
N ILE B 225 21.70 -30.31 32.07
CA ILE B 225 21.61 -29.34 30.98
C ILE B 225 20.31 -29.52 30.21
N THR B 226 19.68 -28.41 29.81
CA THR B 226 18.47 -28.44 29.00
C THR B 226 18.73 -27.88 27.60
N HIS B 227 18.07 -28.44 26.60
CA HIS B 227 18.32 -28.00 25.24
C HIS B 227 17.08 -28.09 24.36
N GLY B 228 17.00 -27.19 23.39
CA GLY B 228 15.96 -27.22 22.38
C GLY B 228 14.87 -26.18 22.52
N GLU B 229 13.68 -26.64 22.91
CA GLU B 229 12.47 -25.85 22.70
C GLU B 229 11.64 -25.60 23.95
N TYR B 230 11.72 -26.45 24.97
CA TYR B 230 10.81 -26.41 26.11
C TYR B 230 11.56 -26.03 27.37
N TYR B 231 10.90 -25.26 28.22
CA TYR B 231 11.28 -25.22 29.62
C TYR B 231 10.95 -26.57 30.23
N HIS B 232 11.74 -26.97 31.22
CA HIS B 232 11.50 -28.17 31.99
C HIS B 232 11.63 -27.83 33.45
N THR B 233 11.41 -28.81 34.31
CA THR B 233 11.61 -28.56 35.72
C THR B 233 12.17 -29.84 36.34
N PHE B 234 13.46 -29.79 36.70
CA PHE B 234 14.21 -30.99 37.05
C PHE B 234 13.88 -31.42 38.48
N HIS B 235 13.60 -32.71 38.67
CA HIS B 235 13.17 -33.21 39.96
C HIS B 235 13.90 -34.50 40.37
N MET B 236 14.13 -34.63 41.68
CA MET B 236 14.75 -35.82 42.26
C MET B 236 14.03 -36.24 43.53
N HIS B 237 13.59 -37.50 43.56
CA HIS B 237 12.98 -38.07 44.75
C HIS B 237 14.03 -38.30 45.82
N GLY B 238 13.73 -37.87 47.05
CA GLY B 238 14.50 -38.16 48.22
C GLY B 238 15.72 -37.30 48.44
N HIS B 239 16.16 -36.55 47.43
CA HIS B 239 17.39 -35.78 47.47
C HIS B 239 17.15 -34.32 47.16
N ARG B 240 17.97 -33.46 47.77
CA ARG B 240 17.83 -32.01 47.72
C ARG B 240 19.23 -31.40 47.60
N TRP B 241 19.30 -30.18 47.07
CA TRP B 241 20.59 -29.56 46.77
C TRP B 241 20.45 -28.06 46.84
N ALA B 242 21.61 -27.38 46.91
CA ALA B 242 21.62 -25.93 47.00
C ALA B 242 21.57 -25.33 45.60
N ASP B 243 20.74 -24.29 45.43
CA ASP B 243 20.68 -23.59 44.15
C ASP B 243 21.82 -22.59 44.11
N ASN B 244 23.02 -23.13 43.98
CA ASN B 244 24.23 -22.32 43.81
C ASN B 244 25.17 -23.07 42.86
N ARG B 245 26.46 -22.69 42.91
CA ARG B 245 27.47 -23.19 41.99
C ARG B 245 27.74 -24.68 42.19
N THR B 246 28.00 -25.09 43.42
CA THR B 246 28.43 -26.44 43.76
C THR B 246 27.27 -27.42 43.93
N GLY B 247 26.07 -26.93 44.26
CA GLY B 247 24.99 -27.77 44.71
C GLY B 247 24.98 -28.05 46.20
N MET B 248 25.84 -27.38 46.97
CA MET B 248 26.00 -27.64 48.39
C MET B 248 26.40 -26.33 49.07
N LEU B 249 26.03 -26.21 50.34
CA LEU B 249 26.19 -24.95 51.05
C LEU B 249 27.60 -24.80 51.60
N THR B 250 28.04 -23.54 51.76
CA THR B 250 29.37 -23.23 52.28
C THR B 250 29.41 -23.32 53.80
N GLY B 251 28.27 -23.19 54.46
CA GLY B 251 28.21 -23.10 55.89
C GLY B 251 26.98 -22.32 56.31
N PRO B 252 26.84 -22.07 57.60
CA PRO B 252 25.59 -21.52 58.13
C PRO B 252 25.31 -20.06 57.80
N ASP B 253 26.12 -19.46 56.93
CA ASP B 253 25.81 -18.13 56.39
C ASP B 253 25.62 -18.17 54.88
N ASP B 254 25.58 -19.35 54.28
CA ASP B 254 25.21 -19.47 52.86
C ASP B 254 23.69 -19.44 52.69
N PRO B 255 23.13 -18.35 52.17
CA PRO B 255 21.67 -18.26 52.01
C PRO B 255 21.14 -18.84 50.72
N SER B 256 21.94 -19.60 49.99
CA SER B 256 21.46 -20.28 48.79
C SER B 256 20.23 -21.10 49.13
N GLN B 257 19.18 -20.96 48.32
CA GLN B 257 17.99 -21.76 48.56
C GLN B 257 18.30 -23.24 48.38
N VAL B 258 17.67 -24.07 49.21
CA VAL B 258 17.75 -25.53 49.12
C VAL B 258 16.43 -26.02 48.52
N ILE B 259 16.54 -26.78 47.42
CA ILE B 259 15.43 -27.10 46.54
C ILE B 259 15.56 -28.56 46.13
N ASP B 260 14.48 -29.13 45.60
CA ASP B 260 14.55 -30.44 45.00
C ASP B 260 14.01 -30.43 43.58
N ASN B 261 13.68 -29.25 43.08
CA ASN B 261 12.93 -29.07 41.83
C ASN B 261 13.41 -27.77 41.21
N LYS B 262 13.92 -27.83 39.97
CA LYS B 262 14.51 -26.66 39.32
C LYS B 262 14.00 -26.52 37.89
N ILE B 263 13.35 -25.38 37.63
CA ILE B 263 12.98 -24.99 36.27
C ILE B 263 14.24 -24.73 35.45
N CYS B 264 14.21 -25.11 34.17
CA CYS B 264 15.35 -24.94 33.29
C CYS B 264 14.89 -24.83 31.84
N GLY B 265 15.63 -24.07 31.06
CA GLY B 265 15.30 -23.82 29.68
C GLY B 265 16.49 -24.08 28.80
N PRO B 266 16.32 -23.96 27.49
CA PRO B 266 17.39 -24.37 26.57
C PRO B 266 18.66 -23.59 26.85
N ALA B 267 19.77 -24.35 26.97
CA ALA B 267 21.15 -23.94 27.25
C ALA B 267 21.40 -23.63 28.71
N ASP B 268 20.42 -23.84 29.59
CA ASP B 268 20.67 -23.74 31.01
C ASP B 268 21.63 -24.85 31.45
N SER B 269 22.45 -24.52 32.43
CA SER B 269 23.36 -25.52 32.98
C SER B 269 23.52 -25.22 34.46
N PHE B 270 23.32 -26.25 35.27
CA PHE B 270 23.66 -26.21 36.68
C PHE B 270 24.19 -27.58 37.07
N GLY B 271 24.43 -27.78 38.34
CA GLY B 271 24.89 -29.09 38.78
C GLY B 271 25.06 -29.10 40.28
N PHE B 272 25.18 -30.31 40.82
CA PHE B 272 25.18 -30.42 42.27
C PHE B 272 25.89 -31.70 42.70
N GLN B 273 26.26 -31.74 43.98
CA GLN B 273 26.68 -32.95 44.68
C GLN B 273 25.71 -33.25 45.82
N ILE B 274 25.17 -34.46 45.83
CA ILE B 274 24.37 -34.95 46.93
C ILE B 274 25.07 -36.18 47.50
N ILE B 275 24.80 -36.45 48.77
CA ILE B 275 25.21 -37.71 49.38
C ILE B 275 24.06 -38.69 49.17
N ALA B 276 24.32 -39.75 48.41
CA ALA B 276 23.27 -40.68 48.02
C ALA B 276 22.58 -41.31 49.23
N GLY B 277 21.27 -41.43 49.16
CA GLY B 277 20.44 -41.98 50.21
C GLY B 277 20.69 -41.41 51.59
N GLU B 278 21.42 -40.31 51.68
CA GLU B 278 21.68 -39.67 52.96
C GLU B 278 20.38 -39.32 53.65
N GLY B 279 20.14 -39.93 54.81
CA GLY B 279 18.97 -39.66 55.61
C GLY B 279 17.68 -40.22 55.08
N VAL B 280 17.72 -40.89 53.94
CA VAL B 280 16.53 -41.45 53.31
C VAL B 280 16.72 -42.89 52.87
N GLY B 281 17.95 -43.38 52.69
CA GLY B 281 18.20 -44.81 52.56
C GLY B 281 18.35 -45.26 51.13
N ALA B 282 18.43 -46.57 50.99
CA ALA B 282 18.65 -47.23 49.72
C ALA B 282 17.33 -47.53 49.03
N GLY B 283 17.37 -47.59 47.71
CA GLY B 283 16.17 -47.79 46.91
C GLY B 283 16.28 -47.10 45.57
N ALA B 284 15.28 -47.36 44.73
CA ALA B 284 15.22 -46.84 43.35
C ALA B 284 14.57 -45.46 43.36
N TRP B 285 15.40 -44.41 43.40
CA TRP B 285 14.92 -43.06 43.62
C TRP B 285 14.66 -42.36 42.29
N MET B 286 13.40 -42.03 42.02
CA MET B 286 13.02 -41.46 40.74
C MET B 286 13.60 -40.06 40.57
N TYR B 287 14.02 -39.74 39.34
CA TYR B 287 14.23 -38.37 38.92
C TYR B 287 13.43 -38.15 37.63
N HIS B 288 12.82 -36.98 37.49
CA HIS B 288 11.94 -36.77 36.34
C HIS B 288 11.66 -35.29 36.15
N CYS B 289 11.44 -34.90 34.89
CA CYS B 289 10.81 -33.62 34.63
C CYS B 289 9.46 -33.57 35.31
N HIS B 290 9.23 -32.52 36.08
CA HIS B 290 7.98 -32.45 36.82
C HIS B 290 6.88 -31.76 36.03
N VAL B 291 7.14 -31.43 34.78
CA VAL B 291 6.07 -31.01 33.89
C VAL B 291 5.22 -32.24 33.59
N GLN B 292 3.92 -32.17 33.89
CA GLN B 292 3.15 -33.40 34.09
C GLN B 292 3.16 -34.29 32.85
N SER B 293 2.83 -33.73 31.68
CA SER B 293 2.87 -34.53 30.46
C SER B 293 4.27 -35.04 30.14
N HIS B 294 5.31 -34.32 30.56
CA HIS B 294 6.68 -34.73 30.22
C HIS B 294 7.05 -36.02 30.96
N SER B 295 6.86 -36.04 32.27
CA SER B 295 7.06 -37.27 33.03
C SER B 295 6.19 -38.39 32.47
N ASP B 296 4.88 -38.12 32.32
CA ASP B 296 3.93 -39.09 31.78
C ASP B 296 4.36 -39.63 30.43
N MET B 297 5.04 -38.81 29.64
CA MET B 297 5.50 -39.22 28.32
C MET B 297 6.93 -39.70 28.32
N GLY B 298 7.49 -40.02 29.49
CA GLY B 298 8.73 -40.77 29.57
C GLY B 298 9.96 -40.03 30.02
N MET B 299 9.86 -38.74 30.37
CA MET B 299 11.03 -37.98 30.82
C MET B 299 11.33 -38.29 32.29
N VAL B 300 11.60 -39.58 32.54
CA VAL B 300 11.85 -40.14 33.87
C VAL B 300 13.02 -41.10 33.77
N GLY B 301 13.70 -41.28 34.90
CA GLY B 301 14.71 -42.31 35.09
C GLY B 301 14.87 -42.62 36.56
N LEU B 302 15.66 -43.65 36.86
CA LEU B 302 15.78 -44.18 38.21
C LEU B 302 17.19 -43.98 38.75
N PHE B 303 17.28 -43.36 39.92
CA PHE B 303 18.53 -43.30 40.68
C PHE B 303 18.57 -44.55 41.56
N LEU B 304 19.21 -45.59 41.06
CA LEU B 304 19.31 -46.89 41.70
C LEU B 304 20.40 -46.86 42.77
N VAL B 305 20.00 -46.82 44.04
CA VAL B 305 20.92 -46.64 45.15
C VAL B 305 21.00 -47.95 45.93
N LYS B 306 22.22 -48.34 46.29
CA LYS B 306 22.50 -49.65 46.83
C LYS B 306 22.80 -49.60 48.32
N LYS B 307 22.31 -50.60 49.05
CA LYS B 307 22.94 -50.98 50.30
C LYS B 307 24.35 -51.48 49.99
N PRO B 308 25.26 -51.43 50.95
CA PRO B 308 26.65 -51.81 50.64
C PRO B 308 26.83 -53.20 50.02
N ASP B 309 25.84 -54.08 50.08
CA ASP B 309 25.97 -55.38 49.41
C ASP B 309 25.55 -55.34 47.94
N GLY B 310 25.39 -54.16 47.34
CA GLY B 310 25.09 -54.06 45.93
C GLY B 310 23.68 -54.40 45.51
N THR B 311 22.73 -54.41 46.44
CA THR B 311 21.34 -54.72 46.16
C THR B 311 20.47 -53.50 46.42
N ILE B 312 19.29 -53.52 45.82
CA ILE B 312 18.36 -52.39 45.84
C ILE B 312 17.08 -52.86 46.51
N PRO B 313 16.88 -52.50 47.80
CA PRO B 313 15.63 -52.82 48.50
C PRO B 313 14.37 -52.33 47.79
N GLY B 314 13.49 -53.27 47.44
CA GLY B 314 12.20 -52.95 46.86
C GLY B 314 12.18 -52.91 45.35
N TYR B 315 13.33 -53.01 44.72
CA TYR B 315 13.48 -52.86 43.28
C TYR B 315 13.69 -54.22 42.63
N ASP B 316 13.26 -54.33 41.36
CA ASP B 316 13.48 -55.53 40.57
C ASP B 316 14.65 -55.27 39.62
N PRO B 317 15.89 -55.68 39.96
CA PRO B 317 17.12 -55.35 39.23
C PRO B 317 17.17 -55.92 37.81
N GLY C 41 31.96 6.14 38.21
CA GLY C 41 32.55 5.55 39.40
C GLY C 41 31.59 4.87 40.36
N ALA C 42 31.10 5.61 41.34
CA ALA C 42 30.29 5.06 42.41
C ALA C 42 28.98 5.82 42.50
N ALA C 43 27.93 5.12 42.95
CA ALA C 43 26.60 5.69 43.07
C ALA C 43 26.42 6.36 44.44
N PRO C 44 25.74 7.50 44.48
CA PRO C 44 25.49 8.19 45.75
C PRO C 44 24.23 7.70 46.47
N ALA C 45 24.16 8.08 47.74
CA ALA C 45 22.97 7.85 48.55
C ALA C 45 21.85 8.80 48.18
N GLY C 46 20.63 8.28 48.14
CA GLY C 46 19.51 8.99 47.57
C GLY C 46 18.83 9.94 48.53
N GLY C 47 17.83 10.63 47.99
CA GLY C 47 17.15 11.59 48.81
C GLY C 47 16.48 12.72 48.05
N GLU C 48 16.62 12.82 46.73
CA GLU C 48 16.01 13.95 46.03
C GLU C 48 14.58 13.66 45.63
N VAL C 49 13.76 14.72 45.62
CA VAL C 49 12.46 14.70 44.95
C VAL C 49 12.68 15.10 43.48
N ARG C 50 12.48 14.17 42.58
CA ARG C 50 12.76 14.36 41.17
C ARG C 50 11.45 14.37 40.38
N ARG C 51 11.31 15.36 39.51
CA ARG C 51 10.13 15.50 38.69
C ARG C 51 10.52 15.16 37.26
N VAL C 52 9.54 14.72 36.48
CA VAL C 52 9.76 14.44 35.07
C VAL C 52 8.40 14.36 34.40
N THR C 53 8.35 14.78 33.14
CA THR C 53 7.14 14.69 32.34
C THR C 53 7.20 13.44 31.47
N LEU C 54 6.05 12.78 31.31
CA LEU C 54 5.99 11.53 30.59
C LEU C 54 4.78 11.53 29.66
N TYR C 55 4.99 11.02 28.45
CA TYR C 55 3.99 11.11 27.38
C TYR C 55 3.76 9.76 26.73
N ALA C 56 2.50 9.35 26.62
CA ALA C 56 2.11 8.20 25.82
C ALA C 56 1.60 8.68 24.46
N GLU C 57 2.17 8.14 23.40
CA GLU C 57 1.83 8.56 22.06
C GLU C 57 1.93 7.38 21.13
N ARG C 58 1.27 7.53 19.98
CA ARG C 58 1.46 6.61 18.87
C ARG C 58 2.77 6.92 18.16
N LEU C 59 3.42 5.87 17.68
CA LEU C 59 4.63 5.99 16.89
C LEU C 59 4.32 5.72 15.43
N ALA C 60 5.26 6.09 14.57
CA ALA C 60 5.23 5.60 13.21
C ALA C 60 5.14 4.08 13.22
N GLY C 61 4.57 3.51 12.17
CA GLY C 61 4.36 2.09 12.15
C GLY C 61 3.32 1.59 13.12
N GLY C 62 2.47 2.47 13.64
CA GLY C 62 1.31 2.05 14.43
C GLY C 62 1.58 1.50 15.81
N GLN C 63 2.76 1.72 16.36
CA GLN C 63 3.07 1.19 17.68
C GLN C 63 2.74 2.26 18.73
N LEU C 64 3.12 1.99 19.98
CA LEU C 64 2.82 2.87 21.10
C LEU C 64 4.02 2.85 22.02
N GLY C 65 4.31 4.00 22.63
CA GLY C 65 5.48 4.10 23.47
C GLY C 65 5.38 5.30 24.37
N TYR C 66 6.29 5.36 25.34
CA TYR C 66 6.43 6.52 26.22
C TYR C 66 7.67 7.33 25.86
N GLY C 67 7.54 8.66 25.97
CA GLY C 67 8.68 9.53 25.79
C GLY C 67 8.72 10.60 26.87
N LEU C 68 9.86 11.30 26.90
CA LEU C 68 10.09 12.43 27.78
C LEU C 68 9.63 13.75 27.18
N GLU C 69 9.60 13.84 25.85
CA GLU C 69 8.98 14.97 25.15
C GLU C 69 7.97 14.43 24.16
N LYS C 70 7.20 15.35 23.59
CA LYS C 70 6.27 14.95 22.55
C LYS C 70 7.00 14.69 21.23
N GLY C 71 6.58 13.64 20.53
CA GLY C 71 7.22 13.21 19.32
C GLY C 71 8.54 12.53 19.54
N LYS C 72 8.92 12.28 20.80
CA LYS C 72 10.20 11.66 21.12
C LYS C 72 10.04 10.29 21.79
N ALA C 73 8.89 9.63 21.62
CA ALA C 73 8.69 8.34 22.28
C ALA C 73 9.60 7.28 21.67
N SER C 74 9.73 6.19 22.42
CA SER C 74 10.73 5.16 22.14
C SER C 74 10.26 3.83 22.69
N ILE C 75 10.64 2.76 22.02
CA ILE C 75 10.38 1.41 22.52
C ILE C 75 11.71 0.68 22.67
N PRO C 76 12.16 0.38 23.90
CA PRO C 76 11.49 0.71 25.15
C PRO C 76 11.47 2.18 25.44
N GLY C 77 10.70 2.55 26.46
CA GLY C 77 10.67 3.91 26.90
C GLY C 77 12.00 4.33 27.46
N PRO C 78 12.08 5.59 27.86
CA PRO C 78 13.37 6.11 28.34
C PRO C 78 13.77 5.47 29.67
N LEU C 79 15.07 5.48 29.90
CA LEU C 79 15.61 4.90 31.13
C LEU C 79 15.43 5.89 32.26
N ILE C 80 14.83 5.42 33.34
CA ILE C 80 14.63 6.21 34.54
C ILE C 80 15.58 5.65 35.60
N GLU C 81 16.37 6.54 36.19
CA GLU C 81 17.43 6.16 37.11
C GLU C 81 17.23 6.90 38.43
N LEU C 82 17.29 6.16 39.53
CA LEU C 82 17.05 6.68 40.86
C LEU C 82 18.11 6.14 41.80
N ASN C 83 18.26 6.84 42.92
CA ASN C 83 19.03 6.38 44.06
C ASN C 83 18.08 6.05 45.20
N GLU C 84 18.51 5.16 46.09
CA GLU C 84 17.64 4.70 47.16
C GLU C 84 17.29 5.84 48.10
N GLY C 85 16.04 6.31 48.04
CA GLY C 85 15.58 7.40 48.89
C GLY C 85 14.97 8.47 48.01
N ASP C 86 15.30 8.38 46.72
CA ASP C 86 14.79 9.33 45.73
C ASP C 86 13.29 9.18 45.54
N THR C 87 12.58 10.31 45.55
CA THR C 87 11.18 10.37 45.14
C THR C 87 11.15 10.88 43.71
N LEU C 88 10.25 10.33 42.91
CA LEU C 88 10.06 10.75 41.53
C LEU C 88 8.59 10.97 41.28
N HIS C 89 8.22 12.18 40.92
CA HIS C 89 6.86 12.49 40.49
C HIS C 89 6.80 12.46 38.97
N VAL C 90 5.94 11.58 38.44
CA VAL C 90 5.82 11.34 37.02
C VAL C 90 4.64 12.14 36.51
N GLU C 91 4.92 13.34 36.01
CA GLU C 91 3.95 14.17 35.29
C GLU C 91 3.62 13.50 33.96
N PHE C 92 2.51 12.78 33.89
CA PHE C 92 2.26 11.84 32.80
C PHE C 92 1.10 12.30 31.93
N GLU C 93 1.26 12.22 30.60
CA GLU C 93 0.21 12.63 29.67
C GLU C 93 -0.13 11.53 28.67
N ASN C 94 -1.41 11.19 28.61
CA ASN C 94 -1.97 10.29 27.59
C ASN C 94 -2.31 11.13 26.36
N THR C 95 -1.49 11.03 25.33
CA THR C 95 -1.80 11.63 24.04
C THR C 95 -2.47 10.63 23.11
N LEU C 96 -2.91 9.49 23.63
CA LEU C 96 -3.65 8.51 22.85
C LEU C 96 -5.14 8.70 23.01
N ASP C 97 -5.88 8.14 22.05
CA ASP C 97 -7.33 8.19 21.95
C ASP C 97 -8.02 7.16 22.79
N VAL C 98 -7.26 6.50 23.68
CA VAL C 98 -7.79 5.50 24.59
C VAL C 98 -7.11 5.68 25.94
N PRO C 99 -7.77 5.20 27.01
CA PRO C 99 -7.09 5.15 28.31
C PRO C 99 -5.79 4.35 28.24
N VAL C 100 -4.71 5.00 28.66
CA VAL C 100 -3.43 4.35 28.93
C VAL C 100 -3.15 4.61 30.40
N SER C 101 -2.08 3.99 30.92
CA SER C 101 -1.64 4.23 32.28
C SER C 101 -0.18 3.83 32.40
N LEU C 102 0.39 4.07 33.59
CA LEU C 102 1.78 3.73 33.91
C LEU C 102 1.80 3.04 35.26
N HIS C 103 2.42 1.86 35.32
CA HIS C 103 2.50 1.04 36.52
C HIS C 103 3.94 0.53 36.65
N VAL C 104 4.51 0.66 37.84
CA VAL C 104 5.93 0.36 38.04
C VAL C 104 6.09 -0.84 38.96
N HIS C 105 7.14 -1.61 38.69
CA HIS C 105 7.59 -2.72 39.49
C HIS C 105 8.63 -2.23 40.48
N GLY C 106 8.83 -2.99 41.56
CA GLY C 106 9.83 -2.71 42.58
C GLY C 106 9.54 -1.57 43.53
N LEU C 107 9.30 -0.39 42.99
CA LEU C 107 9.30 0.85 43.76
C LEU C 107 8.11 0.93 44.71
N ASP C 108 8.21 1.85 45.64
CA ASP C 108 7.13 2.13 46.57
C ASP C 108 6.25 3.20 45.95
N TYR C 109 5.01 2.83 45.64
CA TYR C 109 3.97 3.74 45.20
C TYR C 109 2.73 3.47 46.05
N GLU C 110 1.98 4.52 46.36
CA GLU C 110 0.70 4.28 46.99
C GLU C 110 -0.32 3.76 45.99
N ILE C 111 -1.31 3.04 46.51
CA ILE C 111 -2.39 2.47 45.70
C ILE C 111 -2.99 3.51 44.76
N SER C 112 -2.84 4.79 45.11
CA SER C 112 -3.26 5.88 44.23
C SER C 112 -2.40 5.98 42.97
N SER C 113 -1.14 5.58 43.04
CA SER C 113 -0.25 5.50 41.88
C SER C 113 -0.21 4.10 41.29
N ASP C 114 -1.21 3.27 41.59
CA ASP C 114 -1.20 1.86 41.21
C ASP C 114 -1.17 1.68 39.69
N GLY C 115 -1.77 2.59 38.93
CA GLY C 115 -1.76 2.50 37.49
C GLY C 115 -2.79 1.57 36.88
N THR C 116 -3.74 1.09 37.66
CA THR C 116 -4.73 0.13 37.19
C THR C 116 -6.05 0.85 36.96
N LYS C 117 -6.82 0.42 35.96
CA LYS C 117 -8.22 0.82 35.94
C LYS C 117 -8.91 0.37 37.20
N GLN C 118 -8.46 -0.77 37.73
CA GLN C 118 -9.03 -1.37 38.94
C GLN C 118 -9.06 -0.40 40.11
N ASN C 119 -7.97 0.30 40.37
CA ASN C 119 -8.02 1.31 41.41
C ASN C 119 -8.21 2.72 40.88
N LYS C 120 -8.80 2.87 39.68
CA LYS C 120 -9.16 4.17 39.07
C LYS C 120 -7.97 5.12 38.95
N SER C 121 -6.81 4.61 38.53
CA SER C 121 -5.65 5.47 38.39
C SER C 121 -5.06 5.40 36.98
N HIS C 122 -5.84 4.97 36.01
CA HIS C 122 -5.46 5.16 34.63
C HIS C 122 -5.84 6.57 34.21
N VAL C 123 -5.37 6.97 33.03
CA VAL C 123 -5.53 8.33 32.55
C VAL C 123 -6.37 8.31 31.27
N GLU C 124 -7.38 9.16 31.23
CA GLU C 124 -8.34 9.12 30.15
C GLU C 124 -7.72 9.70 28.88
N PRO C 125 -8.37 9.54 27.74
CA PRO C 125 -7.80 10.09 26.49
C PRO C 125 -7.61 11.60 26.60
N GLY C 126 -6.35 12.04 26.49
CA GLY C 126 -5.97 13.43 26.58
C GLY C 126 -5.65 13.91 27.97
N GLY C 127 -5.88 13.08 28.98
CA GLY C 127 -5.69 13.51 30.35
C GLY C 127 -4.24 13.52 30.75
N THR C 128 -3.99 14.13 31.90
CA THR C 128 -2.68 14.16 32.52
C THR C 128 -2.82 13.54 33.90
N ARG C 129 -1.70 13.05 34.44
CA ARG C 129 -1.66 12.54 35.80
C ARG C 129 -0.23 12.54 36.29
N THR C 130 -0.07 12.80 37.60
CA THR C 130 1.22 12.68 38.26
C THR C 130 1.25 11.37 39.03
N TYR C 131 2.13 10.48 38.63
CA TYR C 131 2.41 9.27 39.37
C TYR C 131 3.62 9.52 40.26
N THR C 132 3.54 9.14 41.53
CA THR C 132 4.64 9.34 42.45
C THR C 132 5.25 7.99 42.85
N TRP C 133 6.56 7.89 42.67
CA TRP C 133 7.36 6.73 43.06
C TRP C 133 8.31 7.13 44.18
N ARG C 134 8.37 6.34 45.22
CA ARG C 134 9.33 6.56 46.27
C ARG C 134 10.30 5.38 46.31
N THR C 135 11.45 5.59 46.92
CA THR C 135 12.40 4.52 47.12
C THR C 135 12.90 4.60 48.56
N HIS C 136 13.43 3.50 49.06
CA HIS C 136 13.82 3.41 50.45
C HIS C 136 15.15 2.68 50.54
N GLU C 137 16.01 3.17 51.43
CA GLU C 137 17.25 2.48 51.76
C GLU C 137 16.92 1.22 52.55
N PRO C 138 17.80 0.24 52.55
CA PRO C 138 17.62 -0.91 53.44
C PRO C 138 17.80 -0.48 54.88
N GLY C 139 17.47 -1.38 55.79
CA GLY C 139 17.69 -1.09 57.19
C GLY C 139 16.91 -2.02 58.09
N ARG C 140 17.39 -2.09 59.33
CA ARG C 140 16.83 -2.99 60.32
C ARG C 140 15.58 -2.37 60.93
N ARG C 141 14.52 -3.16 61.04
CA ARG C 141 13.27 -2.68 61.59
C ARG C 141 13.28 -2.76 63.12
N ALA C 142 12.30 -2.07 63.72
CA ALA C 142 11.93 -2.34 65.11
C ALA C 142 11.62 -3.81 65.30
N ASP C 143 11.10 -4.46 64.26
CA ASP C 143 10.98 -5.91 64.12
C ASP C 143 12.25 -6.62 64.55
N GLY C 144 13.39 -5.97 64.32
CA GLY C 144 14.66 -6.63 64.38
C GLY C 144 15.11 -7.22 63.06
N THR C 145 14.16 -7.49 62.15
CA THR C 145 14.46 -8.09 60.86
C THR C 145 15.06 -7.05 59.92
N TRP C 146 15.58 -7.55 58.79
CA TRP C 146 16.25 -6.70 57.80
C TRP C 146 15.31 -6.38 56.65
N ARG C 147 15.05 -5.08 56.46
CA ARG C 147 14.23 -4.58 55.36
C ARG C 147 15.05 -4.41 54.08
N ALA C 148 14.58 -5.04 53.01
CA ALA C 148 15.23 -4.97 51.72
C ALA C 148 15.06 -3.60 51.07
N GLY C 149 16.03 -3.23 50.23
CA GLY C 149 16.00 -1.95 49.57
C GLY C 149 15.26 -1.91 48.23
N SER C 150 14.90 -0.69 47.82
CA SER C 150 14.29 -0.46 46.52
C SER C 150 15.24 -0.77 45.37
N ALA C 151 16.54 -0.80 45.64
CA ALA C 151 17.53 -1.06 44.61
C ALA C 151 17.15 -2.25 43.76
N GLY C 152 17.44 -2.15 42.48
CA GLY C 152 17.20 -3.24 41.57
C GLY C 152 17.07 -2.75 40.14
N TYR C 153 16.98 -3.73 39.24
CA TYR C 153 16.67 -3.53 37.82
C TYR C 153 15.19 -3.79 37.60
N TRP C 154 14.43 -2.72 37.40
CA TRP C 154 12.97 -2.68 37.40
C TRP C 154 12.47 -2.23 36.02
N HIS C 155 11.18 -1.94 35.94
CA HIS C 155 10.57 -1.54 34.68
C HIS C 155 9.18 -0.99 34.94
N TYR C 156 8.71 -0.14 34.03
CA TYR C 156 7.35 0.37 34.04
C TYR C 156 6.64 -0.07 32.77
N HIS C 157 5.32 -0.14 32.83
CA HIS C 157 4.57 -0.55 31.65
C HIS C 157 3.10 -0.21 31.86
N ASP C 158 2.36 -0.27 30.76
CA ASP C 158 0.95 0.09 30.72
C ASP C 158 0.05 -1.05 31.21
N HIS C 159 -0.97 -0.68 32.00
CA HIS C 159 -1.86 -1.66 32.59
C HIS C 159 -3.30 -1.55 32.12
N VAL C 160 -3.61 -0.73 31.14
CA VAL C 160 -5.02 -0.51 30.89
C VAL C 160 -5.39 -0.66 29.42
N VAL C 161 -4.40 -0.68 28.53
CA VAL C 161 -4.67 -0.74 27.11
C VAL C 161 -4.84 -2.19 26.67
N GLY C 162 -5.80 -2.44 25.78
CA GLY C 162 -6.12 -3.76 25.29
C GLY C 162 -6.98 -4.56 26.24
N THR C 163 -6.44 -4.80 27.43
CA THR C 163 -7.16 -5.42 28.53
C THR C 163 -6.79 -4.67 29.79
N GLU C 164 -7.33 -5.10 30.91
CA GLU C 164 -7.04 -4.46 32.20
C GLU C 164 -5.75 -4.98 32.85
N HIS C 165 -4.91 -5.68 32.09
CA HIS C 165 -3.55 -6.00 32.48
C HIS C 165 -2.55 -5.47 31.45
N GLY C 166 -2.97 -4.50 30.65
CA GLY C 166 -2.12 -3.85 29.69
C GLY C 166 -1.59 -4.74 28.58
N THR C 167 -2.33 -5.79 28.22
CA THR C 167 -1.76 -6.74 27.27
C THR C 167 -1.57 -6.13 25.89
N GLY C 168 -2.49 -5.26 25.47
CA GLY C 168 -2.33 -4.60 24.19
C GLY C 168 -1.36 -3.44 24.22
N GLY C 169 -1.20 -2.81 25.38
CA GLY C 169 -0.31 -1.67 25.53
C GLY C 169 1.14 -2.08 25.65
N ILE C 170 1.38 -3.22 26.28
CA ILE C 170 2.71 -3.84 26.33
C ILE C 170 3.09 -4.41 24.98
N ARG C 171 2.12 -5.04 24.31
CA ARG C 171 2.37 -5.67 23.02
C ARG C 171 2.87 -4.68 21.98
N ASN C 172 2.30 -3.48 21.96
CA ASN C 172 2.72 -2.44 21.01
C ASN C 172 3.85 -1.56 21.53
N GLY C 173 4.42 -1.86 22.68
CA GLY C 173 5.67 -1.27 23.11
C GLY C 173 5.63 -0.28 24.26
N LEU C 174 4.54 -0.19 25.01
CA LEU C 174 4.48 0.75 26.12
C LEU C 174 5.16 0.09 27.33
N TYR C 175 6.49 0.15 27.32
CA TYR C 175 7.32 -0.36 28.42
C TYR C 175 8.67 0.38 28.43
N GLY C 176 9.38 0.26 29.55
CA GLY C 176 10.69 0.88 29.67
C GLY C 176 11.36 0.57 30.99
N PRO C 177 12.66 0.87 31.10
CA PRO C 177 13.44 0.46 32.27
C PRO C 177 13.45 1.43 33.45
N VAL C 178 13.80 0.88 34.61
CA VAL C 178 14.15 1.63 35.82
C VAL C 178 15.35 0.95 36.45
N ILE C 179 16.33 1.75 36.89
CA ILE C 179 17.43 1.29 37.71
C ILE C 179 17.42 2.09 38.99
N VAL C 180 17.16 1.44 40.11
CA VAL C 180 17.38 2.01 41.42
C VAL C 180 18.73 1.51 41.89
N ARG C 181 19.61 2.45 42.22
CA ARG C 181 20.97 2.17 42.62
C ARG C 181 21.09 2.35 44.12
N ARG C 182 21.86 1.46 44.76
CA ARG C 182 22.19 1.58 46.18
C ARG C 182 23.41 2.49 46.32
N LYS C 183 23.51 3.15 47.46
CA LYS C 183 24.70 3.92 47.80
C LYS C 183 25.96 3.13 47.47
N GLY C 184 26.82 3.69 46.64
CA GLY C 184 28.12 3.11 46.36
C GLY C 184 28.16 2.20 45.15
N ASP C 185 27.01 1.88 44.57
CA ASP C 185 26.95 1.00 43.41
C ASP C 185 27.96 1.43 42.35
N VAL C 186 28.53 0.46 41.65
CA VAL C 186 29.38 0.81 40.50
C VAL C 186 28.50 1.44 39.42
N LEU C 187 29.08 2.38 38.72
CA LEU C 187 28.45 3.08 37.62
C LEU C 187 29.18 2.74 36.33
N PRO C 188 28.44 2.56 35.23
CA PRO C 188 29.05 2.02 34.01
C PRO C 188 29.46 3.06 32.96
N ASP C 189 30.09 2.58 31.89
CA ASP C 189 30.28 3.44 30.74
C ASP C 189 29.06 3.49 29.82
N ALA C 190 28.20 2.47 29.88
CA ALA C 190 27.04 2.39 29.00
C ALA C 190 25.95 1.56 29.67
N THR C 191 24.69 1.84 29.31
CA THR C 191 23.55 1.02 29.71
C THR C 191 22.74 0.68 28.47
N HIS C 192 22.32 -0.57 28.36
CA HIS C 192 21.54 -1.02 27.20
C HIS C 192 20.43 -1.93 27.68
N THR C 193 19.22 -1.69 27.19
CA THR C 193 18.06 -2.49 27.55
C THR C 193 17.71 -3.45 26.42
N ILE C 194 17.60 -4.73 26.77
CA ILE C 194 17.18 -5.78 25.85
C ILE C 194 15.89 -6.36 26.41
N VAL C 195 14.76 -6.01 25.78
CA VAL C 195 13.46 -6.48 26.21
C VAL C 195 13.02 -7.61 25.30
N PHE C 196 12.76 -8.77 25.89
CA PHE C 196 12.15 -9.87 25.16
C PHE C 196 10.65 -9.71 25.27
N ASN C 197 10.07 -9.14 24.24
CA ASN C 197 8.64 -9.07 24.06
C ASN C 197 8.19 -10.03 23.00
N ASP C 198 7.28 -10.89 23.41
CA ASP C 198 6.99 -12.17 22.86
C ASP C 198 8.08 -12.71 22.06
N MET C 199 8.05 -12.50 20.75
CA MET C 199 9.14 -12.93 19.92
C MET C 199 9.89 -11.81 19.20
N THR C 200 9.86 -10.66 19.79
CA THR C 200 10.54 -9.48 19.32
C THR C 200 11.57 -9.05 20.36
N ILE C 201 12.69 -8.51 19.90
CA ILE C 201 13.59 -7.80 20.80
C ILE C 201 13.33 -6.32 20.60
N ASN C 202 12.75 -5.68 21.62
CA ASN C 202 12.41 -4.26 21.61
C ASN C 202 11.38 -3.93 20.52
N ASN C 203 10.54 -4.91 20.20
CA ASN C 203 9.51 -4.80 19.17
C ASN C 203 10.12 -4.56 17.80
N ARG C 204 11.21 -5.09 17.58
CA ARG C 204 11.87 -4.87 16.32
C ARG C 204 11.56 -6.00 15.34
N PRO C 205 11.56 -5.71 14.04
CA PRO C 205 11.29 -6.75 13.06
C PRO C 205 12.42 -7.78 13.04
N ALA C 206 12.05 -9.01 12.69
CA ALA C 206 12.91 -10.16 12.99
C ALA C 206 14.31 -9.96 12.46
N HIS C 207 15.30 -10.43 13.21
CA HIS C 207 16.67 -10.49 12.73
C HIS C 207 17.22 -9.11 12.42
N THR C 208 16.88 -8.13 13.25
CA THR C 208 17.45 -6.79 13.13
C THR C 208 17.96 -6.28 14.46
N GLY C 209 18.65 -7.13 15.21
CA GLY C 209 19.26 -6.71 16.43
C GLY C 209 18.26 -6.47 17.54
N PRO C 210 18.48 -5.41 18.34
CA PRO C 210 19.51 -4.38 18.09
C PRO C 210 20.95 -4.82 18.43
N ASN C 211 21.92 -4.29 17.68
CA ASN C 211 23.34 -4.41 18.02
C ASN C 211 23.72 -3.24 18.92
N PHE C 212 24.64 -3.49 19.85
CA PHE C 212 25.20 -2.43 20.68
C PHE C 212 26.71 -2.53 20.57
N GLU C 213 27.39 -1.38 20.51
CA GLU C 213 28.84 -1.36 20.35
C GLU C 213 29.52 -1.00 21.66
N ALA C 214 30.78 -1.40 21.77
CA ALA C 214 31.61 -1.12 22.93
C ALA C 214 33.07 -1.28 22.54
N THR C 215 33.96 -0.70 23.34
CA THR C 215 35.39 -0.91 23.19
C THR C 215 35.87 -1.87 24.26
N VAL C 216 36.86 -2.71 23.95
CA VAL C 216 37.39 -3.65 24.93
C VAL C 216 37.70 -2.94 26.25
N GLY C 217 37.27 -3.55 27.34
CA GLY C 217 37.54 -3.00 28.66
C GLY C 217 36.49 -2.08 29.21
N ASP C 218 35.62 -1.51 28.37
CA ASP C 218 34.52 -0.70 28.86
C ASP C 218 33.72 -1.47 29.91
N ARG C 219 33.07 -0.74 30.81
CA ARG C 219 32.10 -1.33 31.73
C ARG C 219 30.69 -1.07 31.21
N VAL C 220 29.99 -2.15 30.89
CA VAL C 220 28.77 -2.12 30.08
C VAL C 220 27.63 -2.70 30.90
N GLU C 221 26.58 -1.91 31.08
CA GLU C 221 25.39 -2.34 31.81
C GLU C 221 24.31 -2.82 30.84
N ILE C 222 23.69 -3.95 31.19
CA ILE C 222 22.60 -4.53 30.42
C ILE C 222 21.40 -4.70 31.33
N VAL C 223 20.28 -4.07 30.96
CA VAL C 223 18.98 -4.29 31.57
C VAL C 223 18.23 -5.27 30.68
N MET C 224 17.82 -6.39 31.24
CA MET C 224 17.11 -7.42 30.49
C MET C 224 15.73 -7.63 31.12
N ILE C 225 14.69 -7.23 30.37
CA ILE C 225 13.28 -7.37 30.72
C ILE C 225 12.62 -8.32 29.75
N THR C 226 11.63 -9.05 30.23
CA THR C 226 10.83 -9.90 29.36
C THR C 226 9.37 -9.52 29.54
N HIS C 227 8.58 -9.73 28.49
CA HIS C 227 7.20 -9.28 28.49
C HIS C 227 6.35 -10.23 27.68
N GLY C 228 5.05 -10.25 27.96
CA GLY C 228 4.15 -10.93 27.07
C GLY C 228 3.72 -12.34 27.42
N GLU C 229 4.07 -13.30 26.55
CA GLU C 229 3.45 -14.62 26.49
C GLU C 229 4.40 -15.80 26.68
N TYR C 230 5.70 -15.65 26.45
CA TYR C 230 6.60 -16.80 26.34
C TYR C 230 7.69 -16.75 27.40
N TYR C 231 8.22 -17.93 27.75
CA TYR C 231 9.46 -17.99 28.50
C TYR C 231 10.61 -17.82 27.50
N HIS C 232 11.77 -17.45 28.02
CA HIS C 232 12.96 -17.25 27.18
C HIS C 232 14.18 -17.65 27.98
N THR C 233 15.30 -17.83 27.29
CA THR C 233 16.59 -18.00 27.94
C THR C 233 17.56 -17.03 27.29
N PHE C 234 17.92 -15.98 28.01
CA PHE C 234 18.81 -14.94 27.52
C PHE C 234 20.26 -15.40 27.61
N HIS C 235 20.98 -15.34 26.49
CA HIS C 235 22.35 -15.81 26.41
C HIS C 235 23.25 -14.82 25.68
N MET C 236 24.50 -14.69 26.15
CA MET C 236 25.51 -13.85 25.53
C MET C 236 26.76 -14.65 25.24
N HIS C 237 27.28 -14.51 24.02
CA HIS C 237 28.56 -15.11 23.67
C HIS C 237 29.70 -14.33 24.29
N GLY C 238 30.68 -15.08 24.80
CA GLY C 238 31.91 -14.56 25.33
C GLY C 238 31.83 -13.90 26.67
N HIS C 239 30.69 -13.95 27.36
CA HIS C 239 30.49 -13.14 28.54
C HIS C 239 29.61 -13.88 29.55
N ARG C 240 29.84 -13.58 30.83
CA ARG C 240 29.21 -14.27 31.95
C ARG C 240 28.88 -13.24 33.02
N TRP C 241 28.02 -13.61 33.97
CA TRP C 241 27.62 -12.64 34.98
C TRP C 241 27.06 -13.34 36.22
N ALA C 242 26.96 -12.59 37.30
CA ALA C 242 26.46 -13.12 38.56
C ALA C 242 24.94 -13.04 38.61
N ASP C 243 24.32 -14.14 39.05
CA ASP C 243 22.86 -14.20 39.19
C ASP C 243 22.46 -13.66 40.56
N ASN C 244 22.66 -12.35 40.71
CA ASN C 244 22.35 -11.65 41.96
C ASN C 244 21.90 -10.24 41.61
N ARG C 245 21.86 -9.35 42.60
CA ARG C 245 21.21 -8.06 42.41
C ARG C 245 21.85 -7.27 41.26
N THR C 246 23.17 -7.14 41.31
CA THR C 246 23.95 -6.24 40.46
C THR C 246 24.61 -6.95 39.27
N GLY C 247 24.54 -8.28 39.22
CA GLY C 247 25.23 -9.04 38.21
C GLY C 247 26.72 -9.21 38.43
N MET C 248 27.22 -8.78 39.58
CA MET C 248 28.63 -8.87 39.92
C MET C 248 28.75 -9.28 41.38
N LEU C 249 29.62 -10.25 41.66
CA LEU C 249 29.84 -10.70 43.03
C LEU C 249 30.44 -9.58 43.87
N THR C 250 30.08 -9.58 45.15
CA THR C 250 30.74 -8.71 46.11
C THR C 250 32.21 -9.07 46.26
N GLY C 251 32.55 -10.34 46.08
CA GLY C 251 33.88 -10.85 46.33
C GLY C 251 33.86 -12.36 46.43
N PRO C 252 34.87 -12.93 47.09
CA PRO C 252 35.00 -14.40 47.15
C PRO C 252 34.14 -15.09 48.20
N ASP C 253 33.39 -14.38 49.02
CA ASP C 253 32.38 -14.97 49.89
C ASP C 253 30.96 -14.70 49.39
N ASP C 254 30.80 -14.18 48.18
CA ASP C 254 29.50 -14.07 47.54
C ASP C 254 29.18 -15.39 46.85
N PRO C 255 28.24 -16.20 47.35
CA PRO C 255 28.00 -17.54 46.79
C PRO C 255 27.20 -17.55 45.51
N SER C 256 27.00 -16.40 44.87
CA SER C 256 26.12 -16.28 43.71
C SER C 256 26.61 -17.15 42.56
N GLN C 257 25.67 -17.78 41.86
CA GLN C 257 25.96 -18.45 40.61
C GLN C 257 26.47 -17.46 39.59
N VAL C 258 27.32 -17.96 38.71
CA VAL C 258 27.81 -17.23 37.56
C VAL C 258 27.31 -17.95 36.32
N ILE C 259 26.69 -17.19 35.42
CA ILE C 259 25.88 -17.74 34.35
C ILE C 259 26.16 -16.95 33.09
N ASP C 260 25.66 -17.46 31.98
CA ASP C 260 25.61 -16.70 30.75
C ASP C 260 24.31 -16.99 30.02
N ASN C 261 23.35 -17.54 30.76
CA ASN C 261 22.11 -18.14 30.25
C ASN C 261 21.11 -18.09 31.39
N LYS C 262 20.04 -17.32 31.24
CA LYS C 262 19.08 -17.16 32.33
C LYS C 262 17.66 -17.23 31.80
N ILE C 263 16.83 -18.08 32.40
CA ILE C 263 15.47 -18.28 31.94
C ILE C 263 14.58 -17.19 32.52
N CYS C 264 13.75 -16.58 31.67
CA CYS C 264 12.97 -15.43 32.08
C CYS C 264 11.62 -15.42 31.39
N GLY C 265 10.58 -15.10 32.15
CA GLY C 265 9.24 -15.06 31.65
C GLY C 265 8.63 -13.68 31.83
N PRO C 266 7.41 -13.49 31.32
CA PRO C 266 6.79 -12.16 31.35
C PRO C 266 6.95 -11.43 32.67
N ALA C 267 7.51 -10.24 32.56
CA ALA C 267 7.74 -9.22 33.58
C ALA C 267 9.01 -9.48 34.39
N ASP C 268 9.77 -10.51 34.06
CA ASP C 268 11.07 -10.65 34.67
C ASP C 268 11.96 -9.47 34.27
N SER C 269 12.70 -8.96 35.23
CA SER C 269 13.69 -7.94 34.93
C SER C 269 14.92 -8.20 35.76
N PHE C 270 16.08 -8.09 35.13
CA PHE C 270 17.35 -8.22 35.83
C PHE C 270 18.38 -7.41 35.09
N GLY C 271 19.55 -7.26 35.70
CA GLY C 271 20.64 -6.56 35.06
C GLY C 271 21.98 -7.06 35.53
N PHE C 272 23.02 -6.62 34.84
CA PHE C 272 24.40 -6.92 35.22
C PHE C 272 25.32 -5.84 34.66
N GLN C 273 26.61 -5.96 34.95
CA GLN C 273 27.66 -5.16 34.33
C GLN C 273 28.82 -6.10 34.05
N ILE C 274 29.23 -6.15 32.78
CA ILE C 274 30.35 -6.93 32.29
C ILE C 274 31.41 -5.96 31.81
N ILE C 275 32.66 -6.41 31.87
CA ILE C 275 33.79 -5.68 31.30
C ILE C 275 33.95 -6.15 29.85
N ALA C 276 33.85 -5.20 28.92
CA ALA C 276 33.65 -5.56 27.52
C ALA C 276 34.89 -6.26 27.01
N GLY C 277 34.70 -7.44 26.44
CA GLY C 277 35.79 -8.23 25.92
C GLY C 277 36.72 -8.80 26.94
N GLU C 278 36.35 -8.79 28.22
CA GLU C 278 37.27 -9.16 29.30
C GLU C 278 37.70 -10.61 29.16
N GLY C 279 39.00 -10.82 28.99
CA GLY C 279 39.56 -12.14 28.81
C GLY C 279 39.19 -12.82 27.51
N VAL C 280 38.38 -12.19 26.67
CA VAL C 280 37.94 -12.80 25.42
C VAL C 280 38.29 -11.98 24.18
N GLY C 281 38.50 -10.67 24.30
CA GLY C 281 38.90 -9.84 23.17
C GLY C 281 37.74 -9.28 22.38
N ALA C 282 38.08 -8.52 21.35
CA ALA C 282 37.14 -7.85 20.46
C ALA C 282 36.49 -8.82 19.47
N GLY C 283 35.32 -8.44 18.98
CA GLY C 283 34.58 -9.28 18.07
C GLY C 283 33.13 -8.89 17.96
N ALA C 284 32.42 -9.63 17.13
CA ALA C 284 30.96 -9.60 17.06
C ALA C 284 30.47 -10.67 18.03
N TRP C 285 30.16 -10.26 19.25
CA TRP C 285 29.83 -11.19 20.33
C TRP C 285 28.32 -11.37 20.40
N MET C 286 27.85 -12.49 19.86
CA MET C 286 26.44 -12.77 19.68
C MET C 286 25.69 -12.83 21.00
N TYR C 287 24.47 -12.30 20.99
CA TYR C 287 23.54 -12.47 22.09
C TYR C 287 22.21 -12.91 21.50
N HIS C 288 21.56 -13.86 22.14
CA HIS C 288 20.30 -14.33 21.62
C HIS C 288 19.54 -15.07 22.71
N CYS C 289 18.23 -15.15 22.52
CA CYS C 289 17.47 -16.16 23.22
C CYS C 289 17.95 -17.52 22.76
N HIS C 290 17.90 -18.49 23.67
CA HIS C 290 18.49 -19.79 23.36
C HIS C 290 17.47 -20.89 23.13
N VAL C 291 16.17 -20.57 23.21
CA VAL C 291 15.19 -21.42 22.56
C VAL C 291 15.51 -21.45 21.08
N GLN C 292 15.72 -22.65 20.54
CA GLN C 292 16.29 -22.77 19.21
C GLN C 292 15.46 -22.02 18.18
N SER C 293 14.15 -22.26 18.16
CA SER C 293 13.31 -21.56 17.20
C SER C 293 13.35 -20.05 17.41
N HIS C 294 13.39 -19.60 18.66
CA HIS C 294 13.42 -18.17 18.95
C HIS C 294 14.65 -17.51 18.37
N SER C 295 15.83 -18.14 18.52
CA SER C 295 17.02 -17.63 17.86
C SER C 295 16.88 -17.72 16.33
N ASP C 296 16.48 -18.88 15.83
CA ASP C 296 16.34 -19.08 14.39
C ASP C 296 15.47 -18.01 13.73
N MET C 297 14.48 -17.50 14.43
CA MET C 297 13.48 -16.65 13.82
C MET C 297 13.71 -15.18 14.12
N GLY C 298 14.85 -14.81 14.66
CA GLY C 298 15.27 -13.43 14.66
C GLY C 298 15.42 -12.80 16.02
N MET C 299 15.23 -13.56 17.10
CA MET C 299 15.59 -13.08 18.43
C MET C 299 17.09 -13.24 18.67
N VAL C 300 17.85 -12.54 17.82
CA VAL C 300 19.31 -12.49 17.86
C VAL C 300 19.74 -11.03 17.78
N GLY C 301 20.96 -10.75 18.23
CA GLY C 301 21.59 -9.46 18.11
C GLY C 301 23.09 -9.63 18.24
N LEU C 302 23.80 -8.50 18.37
CA LEU C 302 25.25 -8.53 18.49
C LEU C 302 25.75 -7.49 19.48
N PHE C 303 26.84 -7.84 20.14
CA PHE C 303 27.56 -6.98 21.07
C PHE C 303 28.91 -6.73 20.41
N LEU C 304 29.06 -5.59 19.75
CA LEU C 304 30.19 -5.32 18.88
C LEU C 304 31.27 -4.65 19.71
N VAL C 305 32.30 -5.39 20.06
CA VAL C 305 33.36 -4.92 20.94
C VAL C 305 34.54 -4.55 20.05
N LYS C 306 34.82 -3.26 19.99
CA LYS C 306 35.86 -2.74 19.11
C LYS C 306 37.21 -2.87 19.79
N LYS C 307 38.24 -3.08 18.99
CA LYS C 307 39.56 -2.78 19.49
C LYS C 307 39.61 -1.28 19.77
N PRO C 308 40.52 -0.84 20.63
CA PRO C 308 40.57 0.60 20.95
C PRO C 308 40.69 1.49 19.74
N ASP C 309 41.32 1.01 18.67
CA ASP C 309 41.40 1.70 17.38
C ASP C 309 40.15 1.49 16.52
N GLY C 310 39.03 1.09 17.13
CA GLY C 310 37.73 1.02 16.48
C GLY C 310 37.55 -0.12 15.51
N THR C 311 38.49 -1.06 15.43
CA THR C 311 38.34 -2.20 14.54
C THR C 311 37.74 -3.39 15.29
N ILE C 312 36.85 -4.09 14.61
CA ILE C 312 36.21 -5.32 15.10
C ILE C 312 36.68 -6.42 14.16
N PRO C 313 37.53 -7.34 14.64
CA PRO C 313 38.30 -8.20 13.74
C PRO C 313 37.43 -9.26 13.06
N GLY C 314 37.63 -9.43 11.77
CA GLY C 314 36.91 -10.42 11.01
C GLY C 314 35.41 -10.21 10.90
N TYR C 315 34.87 -9.16 11.50
CA TYR C 315 33.47 -8.85 11.37
C TYR C 315 33.18 -8.35 9.96
N ASP C 316 32.26 -9.01 9.28
CA ASP C 316 31.72 -8.45 8.05
C ASP C 316 30.30 -8.96 7.89
N PRO C 317 29.30 -8.09 8.03
CA PRO C 317 27.89 -8.48 7.97
C PRO C 317 27.46 -8.96 6.58
N ALA D 40 18.30 8.87 14.01
CA ALA D 40 17.39 8.17 14.91
C ALA D 40 15.91 8.42 14.61
N GLY D 41 15.48 8.15 13.37
CA GLY D 41 14.07 8.20 13.04
C GLY D 41 13.64 9.37 12.18
N ALA D 42 12.60 10.09 12.61
CA ALA D 42 11.98 11.14 11.81
C ALA D 42 11.73 12.37 12.67
N ALA D 43 11.66 13.52 12.01
CA ALA D 43 11.45 14.75 12.76
C ALA D 43 10.03 14.78 13.31
N PRO D 44 9.84 15.26 14.52
CA PRO D 44 8.49 15.53 15.01
C PRO D 44 8.07 16.97 14.72
N ALA D 45 6.76 17.15 14.68
CA ALA D 45 6.21 18.49 14.66
C ALA D 45 6.75 19.30 15.82
N GLY D 46 7.04 20.57 15.56
CA GLY D 46 7.59 21.43 16.58
C GLY D 46 6.53 21.99 17.49
N GLY D 47 6.97 22.90 18.35
CA GLY D 47 6.05 23.42 19.34
C GLY D 47 6.63 23.70 20.72
N GLU D 48 7.79 23.15 21.09
CA GLU D 48 8.36 23.46 22.40
C GLU D 48 8.84 24.89 22.47
N VAL D 49 8.80 25.45 23.69
CA VAL D 49 9.42 26.73 23.97
C VAL D 49 10.74 26.43 24.67
N ARG D 50 11.85 26.52 23.94
CA ARG D 50 13.15 26.08 24.38
C ARG D 50 14.01 27.25 24.87
N ARG D 51 15.02 26.92 25.68
CA ARG D 51 16.00 27.88 26.17
C ARG D 51 17.38 27.27 26.09
N VAL D 52 18.39 28.13 25.94
CA VAL D 52 19.78 27.72 25.97
C VAL D 52 20.60 28.87 26.51
N THR D 53 21.81 28.56 26.94
CA THR D 53 22.84 29.58 27.18
C THR D 53 23.87 29.48 26.06
N LEU D 54 24.28 30.62 25.55
CA LEU D 54 25.38 30.72 24.60
C LEU D 54 26.34 31.76 25.14
N TYR D 55 27.63 31.58 24.86
CA TYR D 55 28.63 32.53 25.36
C TYR D 55 29.62 32.85 24.27
N ALA D 56 29.95 34.14 24.14
CA ALA D 56 30.97 34.60 23.20
C ALA D 56 32.28 34.73 23.95
N GLU D 57 33.27 33.93 23.59
CA GLU D 57 34.52 33.98 24.33
C GLU D 57 35.72 33.94 23.40
N ARG D 58 36.80 34.56 23.85
CA ARG D 58 38.11 34.33 23.26
C ARG D 58 38.53 32.88 23.47
N LEU D 59 39.03 32.27 22.42
CA LEU D 59 39.59 30.93 22.52
C LEU D 59 41.09 31.04 22.70
N ALA D 60 41.71 29.91 23.00
CA ALA D 60 43.15 29.80 22.82
C ALA D 60 43.49 29.92 21.34
N GLY D 61 44.65 30.47 21.06
CA GLY D 61 45.00 30.79 19.69
C GLY D 61 44.43 32.08 19.18
N GLY D 62 44.03 32.98 20.09
CA GLY D 62 43.55 34.29 19.70
C GLY D 62 42.22 34.32 18.97
N GLN D 63 41.54 33.17 18.84
CA GLN D 63 40.34 33.08 18.05
C GLN D 63 39.12 33.47 18.89
N LEU D 64 37.97 33.53 18.24
CA LEU D 64 36.70 33.90 18.88
C LEU D 64 35.69 32.82 18.56
N GLY D 65 34.83 32.49 19.53
CA GLY D 65 33.78 31.53 19.22
C GLY D 65 32.64 31.56 20.19
N TYR D 66 31.62 30.80 19.85
CA TYR D 66 30.46 30.59 20.72
C TYR D 66 30.55 29.22 21.38
N GLY D 67 30.01 29.12 22.60
CA GLY D 67 29.87 27.84 23.26
C GLY D 67 28.62 27.77 24.12
N LEU D 68 28.28 26.55 24.50
CA LEU D 68 27.13 26.34 25.38
C LEU D 68 27.49 26.58 26.85
N GLU D 69 28.74 26.35 27.22
CA GLU D 69 29.25 26.54 28.55
C GLU D 69 30.51 27.38 28.46
N LYS D 70 30.80 28.15 29.52
CA LYS D 70 32.05 28.90 29.57
C LYS D 70 33.25 27.97 29.44
N GLY D 71 34.21 28.39 28.61
CA GLY D 71 35.36 27.57 28.28
C GLY D 71 35.07 26.38 27.39
N LYS D 72 33.84 26.18 26.93
CA LYS D 72 33.51 25.13 25.98
C LYS D 72 33.06 25.73 24.64
N ALA D 73 33.71 26.83 24.25
CA ALA D 73 33.46 27.37 22.94
C ALA D 73 34.06 26.48 21.89
N SER D 74 33.69 26.76 20.64
CA SER D 74 34.06 25.95 19.48
C SER D 74 33.86 26.78 18.22
N ILE D 75 34.68 26.50 17.21
CA ILE D 75 34.51 27.04 15.87
C ILE D 75 34.40 25.88 14.88
N PRO D 76 33.25 25.67 14.22
CA PRO D 76 31.99 26.43 14.35
C PRO D 76 31.33 26.31 15.71
N GLY D 77 30.46 27.27 16.06
CA GLY D 77 29.62 27.20 17.24
C GLY D 77 28.84 25.91 17.35
N PRO D 78 28.22 25.66 18.50
CA PRO D 78 27.40 24.45 18.61
C PRO D 78 26.18 24.48 17.70
N LEU D 79 25.71 23.29 17.38
CA LEU D 79 24.63 23.09 16.43
C LEU D 79 23.26 23.25 17.10
N ILE D 80 22.46 24.15 16.56
CA ILE D 80 21.13 24.45 17.10
C ILE D 80 20.11 23.82 16.17
N GLU D 81 19.19 23.06 16.75
CA GLU D 81 18.45 22.07 16.00
C GLU D 81 17.00 22.13 16.48
N LEU D 82 16.16 22.86 15.76
CA LEU D 82 14.75 22.97 16.12
C LEU D 82 13.88 22.22 15.13
N ASN D 83 12.63 22.03 15.53
CA ASN D 83 11.57 21.51 14.69
C ASN D 83 10.58 22.65 14.47
N GLU D 84 10.10 22.81 13.23
CA GLU D 84 9.30 23.97 12.83
C GLU D 84 8.18 24.23 13.82
N GLY D 85 8.17 25.43 14.38
CA GLY D 85 7.19 25.79 15.38
C GLY D 85 7.84 26.06 16.72
N ASP D 86 8.87 25.27 17.03
CA ASP D 86 9.70 25.48 18.20
C ASP D 86 10.16 26.93 18.28
N THR D 87 10.23 27.42 19.52
CA THR D 87 10.88 28.67 19.89
C THR D 87 12.13 28.32 20.67
N LEU D 88 13.12 29.22 20.60
CA LEU D 88 14.34 29.11 21.38
C LEU D 88 14.70 30.48 21.90
N HIS D 89 14.69 30.66 23.22
CA HIS D 89 15.16 31.88 23.87
C HIS D 89 16.63 31.64 24.23
N VAL D 90 17.53 32.18 23.41
CA VAL D 90 18.96 32.11 23.67
C VAL D 90 19.31 33.18 24.70
N GLU D 91 19.62 32.77 25.93
CA GLU D 91 20.25 33.69 26.86
C GLU D 91 21.74 33.73 26.56
N PHE D 92 22.26 34.92 26.31
CA PHE D 92 23.56 35.07 25.68
C PHE D 92 24.41 36.03 26.50
N GLU D 93 25.65 35.64 26.80
CA GLU D 93 26.58 36.50 27.51
C GLU D 93 27.84 36.73 26.67
N ASN D 94 28.31 37.97 26.66
CA ASN D 94 29.49 38.39 25.93
C ASN D 94 30.66 38.51 26.91
N THR D 95 31.54 37.51 26.93
CA THR D 95 32.72 37.54 27.79
C THR D 95 33.91 38.24 27.14
N LEU D 96 33.68 39.08 26.14
CA LEU D 96 34.72 39.82 25.44
C LEU D 96 34.78 41.25 25.94
N ASP D 97 35.81 41.94 25.48
CA ASP D 97 36.09 43.34 25.77
C ASP D 97 35.51 44.29 24.74
N VAL D 98 34.78 43.74 23.76
CA VAL D 98 34.15 44.51 22.70
C VAL D 98 32.72 44.00 22.55
N PRO D 99 31.81 44.84 22.02
CA PRO D 99 30.45 44.37 21.77
C PRO D 99 30.43 43.25 20.74
N VAL D 100 29.70 42.20 21.07
CA VAL D 100 29.42 41.09 20.16
C VAL D 100 27.91 41.04 20.00
N SER D 101 27.41 40.10 19.20
CA SER D 101 25.99 39.94 18.99
C SER D 101 25.75 38.55 18.45
N LEU D 102 24.48 38.27 18.16
CA LEU D 102 24.05 36.98 17.64
C LEU D 102 22.92 37.23 16.64
N HIS D 103 23.28 37.11 15.36
CA HIS D 103 22.40 37.31 14.23
C HIS D 103 22.12 35.96 13.59
N VAL D 104 20.86 35.67 13.26
CA VAL D 104 20.51 34.39 12.66
C VAL D 104 19.85 34.62 11.31
N HIS D 105 20.15 33.72 10.37
CA HIS D 105 19.50 33.68 9.08
C HIS D 105 18.30 32.74 9.12
N GLY D 106 17.25 33.10 8.37
CA GLY D 106 16.14 32.22 8.06
C GLY D 106 15.07 32.09 9.12
N LEU D 107 15.38 32.36 10.38
CA LEU D 107 14.42 32.16 11.45
C LEU D 107 13.57 33.41 11.62
N ASP D 108 12.39 33.24 12.22
CA ASP D 108 11.57 34.38 12.59
C ASP D 108 12.11 34.96 13.87
N TYR D 109 12.29 36.27 13.89
CA TYR D 109 12.81 36.97 15.05
C TYR D 109 12.47 38.42 14.86
N GLU D 110 12.14 39.11 15.96
CA GLU D 110 11.81 40.52 15.87
C GLU D 110 13.08 41.34 15.68
N ILE D 111 12.92 42.65 15.52
CA ILE D 111 14.10 43.50 15.38
C ILE D 111 14.91 43.51 16.66
N SER D 112 14.23 43.42 17.82
CA SER D 112 14.90 43.38 19.11
C SER D 112 15.77 42.15 19.28
N SER D 113 15.63 41.16 18.40
CA SER D 113 16.53 40.02 18.31
C SER D 113 17.28 40.00 16.98
N ASP D 114 17.41 41.17 16.33
CA ASP D 114 18.16 41.25 15.08
C ASP D 114 19.65 41.03 15.30
N GLY D 115 20.23 41.67 16.31
CA GLY D 115 21.63 41.52 16.62
C GLY D 115 22.53 42.54 16.01
N THR D 116 22.06 43.76 15.80
CA THR D 116 22.79 44.77 15.06
C THR D 116 22.90 46.04 15.88
N LYS D 117 23.97 46.80 15.60
CA LYS D 117 24.13 48.10 16.25
C LYS D 117 23.03 49.04 15.82
N GLN D 118 22.65 48.98 14.54
CA GLN D 118 21.50 49.73 14.03
C GLN D 118 20.28 49.59 14.94
N ASN D 119 19.89 48.36 15.23
CA ASN D 119 18.73 48.05 16.07
C ASN D 119 19.06 47.96 17.56
N LYS D 120 20.24 48.43 17.97
CA LYS D 120 20.72 48.37 19.35
C LYS D 120 20.39 47.03 19.99
N SER D 121 20.76 45.97 19.29
CA SER D 121 20.42 44.62 19.71
C SER D 121 21.68 43.79 19.97
N HIS D 122 22.81 44.46 20.12
CA HIS D 122 24.10 43.83 20.45
C HIS D 122 24.34 43.86 21.96
N VAL D 123 25.48 43.32 22.37
CA VAL D 123 25.71 42.96 23.77
C VAL D 123 27.03 43.56 24.21
N GLU D 124 26.95 44.54 25.14
CA GLU D 124 28.06 45.23 25.78
C GLU D 124 29.12 44.23 26.25
N PRO D 125 30.38 44.63 26.33
CA PRO D 125 31.38 43.76 26.96
C PRO D 125 30.96 43.35 28.36
N GLY D 126 30.92 42.04 28.60
CA GLY D 126 30.53 41.54 29.90
C GLY D 126 29.05 41.65 30.20
N GLY D 127 28.20 41.72 29.18
CA GLY D 127 26.77 41.82 29.36
C GLY D 127 26.05 40.53 29.01
N THR D 128 24.73 40.66 28.86
CA THR D 128 23.87 39.49 28.70
C THR D 128 22.57 39.91 28.04
N ARG D 129 22.04 39.04 27.19
CA ARG D 129 20.77 39.33 26.51
C ARG D 129 20.13 38.01 26.11
N THR D 130 18.80 38.01 26.05
CA THR D 130 18.04 36.88 25.51
C THR D 130 17.68 37.19 24.06
N TYR D 131 18.11 36.33 23.15
CA TYR D 131 17.75 36.42 21.75
C TYR D 131 16.68 35.36 21.46
N THR D 132 15.52 35.81 21.01
CA THR D 132 14.41 34.90 20.80
C THR D 132 14.26 34.66 19.31
N TRP D 133 14.37 33.39 18.92
CA TRP D 133 14.13 32.97 17.55
C TRP D 133 12.88 32.09 17.51
N ARG D 134 11.87 32.53 16.76
CA ARG D 134 10.68 31.74 16.52
C ARG D 134 10.74 31.05 15.16
N THR D 135 9.87 30.07 14.98
CA THR D 135 9.77 29.38 13.71
C THR D 135 8.32 29.00 13.45
N HIS D 136 7.95 28.90 12.19
CA HIS D 136 6.60 28.47 11.81
C HIS D 136 6.68 27.29 10.86
N GLU D 137 5.53 26.70 10.61
CA GLU D 137 5.36 25.65 9.62
C GLU D 137 4.79 26.25 8.35
N PRO D 138 4.74 25.48 7.25
CA PRO D 138 4.10 25.99 6.05
C PRO D 138 2.58 26.02 6.20
N GLY D 139 1.95 26.75 5.30
CA GLY D 139 0.51 26.82 5.40
C GLY D 139 -0.14 27.83 4.50
N ARG D 140 -1.38 27.55 4.14
CA ARG D 140 -2.20 28.48 3.36
C ARG D 140 -2.30 29.81 4.08
N ARG D 141 -2.33 30.90 3.32
CA ARG D 141 -2.82 32.17 3.85
C ARG D 141 -4.27 32.36 3.43
N ALA D 142 -4.88 33.40 3.99
CA ALA D 142 -6.24 33.76 3.58
C ALA D 142 -6.24 34.26 2.15
N ASP D 143 -5.26 35.07 1.75
CA ASP D 143 -5.19 35.52 0.36
C ASP D 143 -5.06 34.35 -0.64
N GLY D 144 -4.85 33.13 -0.16
CA GLY D 144 -4.82 31.94 -0.99
C GLY D 144 -3.45 31.34 -1.18
N THR D 145 -2.40 32.07 -0.85
CA THR D 145 -1.03 31.68 -1.18
C THR D 145 -0.47 30.68 -0.16
N TRP D 146 0.69 30.08 -0.50
CA TRP D 146 1.35 29.08 0.35
C TRP D 146 2.54 29.70 1.06
N ARG D 147 2.41 29.88 2.39
CA ARG D 147 3.44 30.50 3.23
C ARG D 147 4.56 29.49 3.48
N ALA D 148 5.77 29.86 3.07
CA ALA D 148 6.92 28.97 3.25
C ALA D 148 7.30 28.89 4.73
N GLY D 149 7.43 27.66 5.23
CA GLY D 149 7.81 27.44 6.60
C GLY D 149 9.27 27.76 6.85
N SER D 150 9.71 27.47 8.08
CA SER D 150 11.03 27.90 8.52
C SER D 150 12.11 26.84 8.30
N ALA D 151 11.76 25.66 7.80
CA ALA D 151 12.73 24.57 7.74
C ALA D 151 13.85 24.89 6.75
N GLY D 152 15.06 24.53 7.15
CA GLY D 152 16.21 24.67 6.28
C GLY D 152 17.51 24.49 7.03
N TYR D 153 18.58 24.51 6.26
CA TYR D 153 19.94 24.54 6.78
C TYR D 153 20.35 26.00 6.86
N TRP D 154 20.36 26.54 8.06
CA TRP D 154 20.55 27.95 8.34
C TRP D 154 21.83 28.11 9.17
N HIS D 155 22.09 29.34 9.60
CA HIS D 155 23.26 29.60 10.43
C HIS D 155 23.05 30.90 11.18
N TYR D 156 23.94 31.13 12.15
CA TYR D 156 23.97 32.31 13.00
C TYR D 156 25.41 32.83 13.00
N HIS D 157 25.56 34.10 13.37
CA HIS D 157 26.90 34.69 13.39
C HIS D 157 26.84 36.06 14.04
N ASP D 158 28.02 36.64 14.22
CA ASP D 158 28.17 37.95 14.80
C ASP D 158 27.96 39.03 13.75
N HIS D 159 27.45 40.19 14.20
CA HIS D 159 27.16 41.30 13.31
C HIS D 159 27.67 42.63 13.88
N VAL D 160 28.58 42.60 14.87
CA VAL D 160 29.11 43.85 15.42
C VAL D 160 30.62 43.85 15.69
N VAL D 161 31.32 42.73 15.58
CA VAL D 161 32.74 42.72 15.93
C VAL D 161 33.57 43.16 14.73
N GLY D 162 34.38 44.18 14.93
CA GLY D 162 35.27 44.72 13.90
C GLY D 162 34.61 45.72 13.01
N THR D 163 33.46 45.38 12.45
CA THR D 163 32.62 46.31 11.73
C THR D 163 31.18 46.08 12.20
N GLU D 164 30.28 46.95 11.75
CA GLU D 164 28.87 46.75 12.03
C GLU D 164 28.23 45.77 11.06
N HIS D 165 29.04 44.93 10.44
CA HIS D 165 28.57 43.75 9.72
C HIS D 165 29.27 42.50 10.23
N GLY D 166 30.00 42.60 11.34
CA GLY D 166 30.64 41.44 11.96
C GLY D 166 31.66 40.77 11.09
N THR D 167 32.30 41.52 10.18
CA THR D 167 33.42 41.00 9.41
C THR D 167 34.53 40.46 10.32
N GLY D 168 34.76 41.14 11.45
CA GLY D 168 35.80 40.68 12.37
C GLY D 168 35.40 39.45 13.18
N GLY D 169 34.16 39.43 13.70
CA GLY D 169 33.69 38.26 14.44
C GLY D 169 33.67 37.02 13.58
N ILE D 170 33.03 37.11 12.40
CA ILE D 170 32.99 35.99 11.48
C ILE D 170 34.39 35.49 11.18
N ARG D 171 35.31 36.42 10.85
CA ARG D 171 36.66 36.03 10.43
C ARG D 171 37.38 35.20 11.50
N ASN D 172 37.20 35.56 12.77
CA ASN D 172 37.91 34.90 13.86
C ASN D 172 37.12 33.77 14.51
N GLY D 173 35.90 33.48 14.04
CA GLY D 173 35.24 32.22 14.36
C GLY D 173 33.87 32.33 15.01
N LEU D 174 33.28 33.51 15.00
CA LEU D 174 31.98 33.69 15.61
C LEU D 174 30.90 33.38 14.58
N TYR D 175 30.68 32.09 14.37
CA TYR D 175 29.64 31.62 13.47
C TYR D 175 29.26 30.22 13.90
N GLY D 176 28.05 29.80 13.56
CA GLY D 176 27.61 28.46 13.88
C GLY D 176 26.36 28.04 13.14
N PRO D 177 26.07 26.74 13.14
CA PRO D 177 24.92 26.18 12.39
C PRO D 177 23.60 26.13 13.15
N VAL D 178 22.52 26.32 12.39
CA VAL D 178 21.15 26.15 12.86
C VAL D 178 20.41 25.22 11.91
N ILE D 179 19.80 24.17 12.44
CA ILE D 179 18.98 23.26 11.66
C ILE D 179 17.54 23.35 12.16
N VAL D 180 16.61 23.56 11.23
CA VAL D 180 15.17 23.51 11.52
C VAL D 180 14.59 22.38 10.69
N ARG D 181 14.04 21.38 11.36
CA ARG D 181 13.53 20.19 10.70
C ARG D 181 12.03 20.31 10.53
N ARG D 182 11.53 19.95 9.35
CA ARG D 182 10.09 19.87 9.13
C ARG D 182 9.57 18.51 9.59
N LYS D 183 8.31 18.50 10.03
CA LYS D 183 7.69 17.28 10.53
C LYS D 183 7.68 16.21 9.46
N GLY D 184 8.26 15.05 9.78
CA GLY D 184 8.39 13.98 8.84
C GLY D 184 9.78 13.83 8.25
N ASP D 185 10.64 14.82 8.44
CA ASP D 185 12.00 14.74 7.89
C ASP D 185 12.75 13.56 8.48
N VAL D 186 13.43 12.81 7.60
CA VAL D 186 14.33 11.75 8.05
C VAL D 186 15.43 12.38 8.91
N LEU D 187 15.92 11.60 9.89
CA LEU D 187 16.87 12.08 10.88
C LEU D 187 18.22 11.38 10.71
N PRO D 188 19.32 12.12 10.70
CA PRO D 188 20.62 11.54 10.37
C PRO D 188 21.21 10.70 11.50
N ASP D 189 22.09 9.80 11.10
CA ASP D 189 22.95 9.15 12.08
C ASP D 189 23.90 10.16 12.73
N ALA D 190 24.58 10.99 11.92
CA ALA D 190 25.46 12.02 12.44
C ALA D 190 25.36 13.29 11.59
N THR D 191 25.84 14.39 12.16
CA THR D 191 25.73 15.71 11.56
C THR D 191 27.06 16.46 11.68
N HIS D 192 27.71 16.70 10.55
CA HIS D 192 28.99 17.41 10.51
C HIS D 192 28.85 18.72 9.74
N THR D 193 29.40 19.79 10.30
CA THR D 193 29.28 21.13 9.73
C THR D 193 30.60 21.59 9.14
N ILE D 194 30.56 22.07 7.90
CA ILE D 194 31.74 22.50 7.15
C ILE D 194 31.54 23.96 6.76
N VAL D 195 32.39 24.84 7.30
CA VAL D 195 32.28 26.26 7.03
C VAL D 195 33.48 26.68 6.22
N PHE D 196 33.23 27.10 4.99
CA PHE D 196 34.22 27.75 4.14
C PHE D 196 34.29 29.21 4.59
N ASN D 197 35.25 29.52 5.45
CA ASN D 197 35.47 30.88 5.97
C ASN D 197 36.78 31.40 5.40
N ASP D 198 36.64 32.10 4.28
CA ASP D 198 37.59 32.92 3.53
C ASP D 198 38.65 32.13 2.79
N MET D 199 39.34 31.24 3.47
CA MET D 199 40.35 30.45 2.77
C MET D 199 40.57 29.20 3.58
N THR D 200 39.87 29.10 4.70
CA THR D 200 40.03 28.04 5.67
C THR D 200 38.74 27.25 5.80
N ILE D 201 38.87 26.01 6.24
CA ILE D 201 37.72 25.21 6.65
C ILE D 201 37.64 25.25 8.17
N ASN D 202 36.64 25.94 8.69
CA ASN D 202 36.39 26.01 10.12
C ASN D 202 37.57 26.67 10.83
N ASN D 203 38.11 27.70 10.19
CA ASN D 203 39.18 28.51 10.74
C ASN D 203 40.40 27.68 11.10
N ARG D 204 40.50 26.47 10.56
CA ARG D 204 41.62 25.61 10.76
C ARG D 204 42.80 26.05 9.89
N PRO D 205 43.99 25.57 10.19
CA PRO D 205 45.13 25.83 9.31
C PRO D 205 45.12 24.96 8.06
N ALA D 206 45.76 25.46 7.01
CA ALA D 206 45.80 24.79 5.74
C ALA D 206 46.21 23.32 5.89
N HIS D 207 45.44 22.44 5.24
CA HIS D 207 45.66 21.00 5.09
C HIS D 207 45.48 20.21 6.36
N THR D 208 44.80 20.79 7.35
CA THR D 208 44.46 20.14 8.61
C THR D 208 42.95 19.87 8.69
N GLY D 209 42.37 19.41 7.59
CA GLY D 209 41.02 18.90 7.61
C GLY D 209 39.96 19.97 7.83
N PRO D 210 38.93 19.64 8.61
CA PRO D 210 38.87 18.42 9.43
C PRO D 210 38.48 17.20 8.63
N ASN D 211 38.89 16.04 9.13
CA ASN D 211 38.42 14.78 8.60
C ASN D 211 37.10 14.39 9.28
N PHE D 212 36.39 13.47 8.67
CA PHE D 212 35.11 13.01 9.20
C PHE D 212 35.03 11.52 8.98
N GLU D 213 34.63 10.80 10.02
CA GLU D 213 34.59 9.34 9.97
C GLU D 213 33.14 8.86 9.88
N ALA D 214 32.95 7.80 9.11
CA ALA D 214 31.67 7.09 9.11
C ALA D 214 31.94 5.68 8.62
N THR D 215 30.94 4.84 8.76
CA THR D 215 30.94 3.47 8.27
C THR D 215 29.91 3.37 7.16
N VAL D 216 30.10 2.40 6.25
CA VAL D 216 29.19 2.27 5.12
C VAL D 216 27.75 2.30 5.60
N GLY D 217 26.89 2.90 4.80
CA GLY D 217 25.47 2.91 5.07
C GLY D 217 25.03 3.91 6.10
N ASP D 218 25.96 4.52 6.83
CA ASP D 218 25.56 5.60 7.74
C ASP D 218 24.87 6.70 6.97
N ARG D 219 23.89 7.33 7.58
CA ARG D 219 23.18 8.44 6.94
C ARG D 219 23.76 9.73 7.50
N VAL D 220 24.51 10.45 6.68
CA VAL D 220 25.44 11.47 7.12
C VAL D 220 24.91 12.84 6.68
N GLU D 221 24.63 13.70 7.64
CA GLU D 221 24.17 15.04 7.34
C GLU D 221 25.37 15.98 7.25
N ILE D 222 25.56 16.61 6.08
CA ILE D 222 26.58 17.64 5.92
C ILE D 222 25.89 19.00 5.94
N VAL D 223 26.28 19.85 6.87
CA VAL D 223 25.86 21.24 6.91
C VAL D 223 26.99 22.05 6.30
N MET D 224 26.71 22.74 5.20
CA MET D 224 27.69 23.51 4.46
C MET D 224 27.36 24.99 4.62
N ILE D 225 28.21 25.71 5.33
CA ILE D 225 28.10 27.17 5.42
C ILE D 225 29.33 27.77 4.77
N THR D 226 29.15 28.94 4.15
CA THR D 226 30.24 29.70 3.58
C THR D 226 30.22 31.09 4.22
N HIS D 227 31.41 31.67 4.38
CA HIS D 227 31.53 32.99 4.99
C HIS D 227 32.67 33.74 4.34
N GLY D 228 32.63 35.05 4.47
CA GLY D 228 33.80 35.84 4.15
C GLY D 228 33.75 36.70 2.91
N GLU D 229 34.81 36.58 2.11
CA GLU D 229 35.02 37.45 0.96
C GLU D 229 34.96 36.73 -0.37
N TYR D 230 35.13 35.41 -0.37
CA TYR D 230 35.35 34.68 -1.60
C TYR D 230 34.19 33.73 -1.88
N TYR D 231 33.96 33.51 -3.17
CA TYR D 231 33.12 32.43 -3.68
C TYR D 231 33.92 31.12 -3.65
N HIS D 232 33.21 30.02 -3.42
CA HIS D 232 33.80 28.70 -3.35
C HIS D 232 32.92 27.73 -4.12
N THR D 233 33.43 26.51 -4.31
CA THR D 233 32.66 25.42 -4.92
C THR D 233 32.94 24.17 -4.10
N PHE D 234 31.99 23.81 -3.25
CA PHE D 234 32.11 22.62 -2.43
C PHE D 234 31.97 21.35 -3.28
N HIS D 235 32.89 20.41 -3.13
CA HIS D 235 32.89 19.17 -3.88
C HIS D 235 33.26 17.99 -2.98
N MET D 236 32.46 16.92 -3.00
CA MET D 236 32.82 15.64 -2.37
C MET D 236 33.14 14.57 -3.41
N HIS D 237 34.25 13.84 -3.21
CA HIS D 237 34.49 12.60 -3.94
C HIS D 237 33.52 11.51 -3.50
N GLY D 238 33.24 10.59 -4.41
CA GLY D 238 32.44 9.41 -4.12
C GLY D 238 30.93 9.59 -4.09
N HIS D 239 30.45 10.80 -3.74
CA HIS D 239 29.05 11.01 -3.40
C HIS D 239 28.43 12.18 -4.14
N ARG D 240 27.11 12.13 -4.23
CA ARG D 240 26.33 13.21 -4.78
C ARG D 240 25.14 13.45 -3.86
N TRP D 241 24.46 14.58 -4.08
CA TRP D 241 23.28 14.94 -3.33
C TRP D 241 22.39 15.78 -4.24
N ALA D 242 21.17 16.03 -3.77
CA ALA D 242 20.19 16.82 -4.50
C ALA D 242 20.21 18.28 -4.05
N ASP D 243 20.10 19.20 -5.02
CA ASP D 243 20.14 20.63 -4.72
C ASP D 243 18.73 21.09 -4.34
N ASN D 244 18.34 20.77 -3.10
CA ASN D 244 17.06 21.23 -2.57
C ASN D 244 17.18 21.38 -1.05
N ARG D 245 16.03 21.49 -0.38
CA ARG D 245 16.02 21.73 1.05
C ARG D 245 16.74 20.64 1.82
N THR D 246 16.27 19.42 1.72
CA THR D 246 16.82 18.34 2.52
C THR D 246 18.04 17.70 1.90
N GLY D 247 18.32 17.98 0.62
CA GLY D 247 19.42 17.34 -0.05
C GLY D 247 19.11 15.98 -0.58
N MET D 248 17.83 15.59 -0.58
CA MET D 248 17.35 14.34 -1.14
C MET D 248 16.17 14.64 -2.06
N LEU D 249 16.01 13.85 -3.11
CA LEU D 249 14.84 14.00 -3.97
C LEU D 249 13.62 13.44 -3.26
N THR D 250 12.51 14.19 -3.30
CA THR D 250 11.27 13.73 -2.69
C THR D 250 10.83 12.39 -3.28
N GLY D 251 11.11 12.16 -4.56
CA GLY D 251 10.82 10.91 -5.21
C GLY D 251 11.16 11.00 -6.68
N PRO D 252 10.46 10.20 -7.52
CA PRO D 252 10.71 10.27 -8.97
C PRO D 252 10.07 11.47 -9.63
N ASP D 253 9.05 12.06 -9.02
CA ASP D 253 8.48 13.28 -9.56
C ASP D 253 9.28 14.52 -9.18
N ASP D 254 10.25 14.40 -8.26
CA ASP D 254 11.00 15.59 -7.85
C ASP D 254 11.98 15.99 -8.94
N PRO D 255 11.94 17.24 -9.40
CA PRO D 255 12.88 17.70 -10.44
C PRO D 255 14.14 18.37 -9.92
N SER D 256 14.38 18.37 -8.60
CA SER D 256 15.59 18.99 -8.05
C SER D 256 16.83 18.50 -8.80
N GLN D 257 17.77 19.41 -9.01
CA GLN D 257 19.01 18.98 -9.64
C GLN D 257 19.81 18.13 -8.66
N VAL D 258 20.63 17.22 -9.21
CA VAL D 258 21.45 16.27 -8.45
C VAL D 258 22.92 16.55 -8.78
N ILE D 259 23.67 17.01 -7.78
CA ILE D 259 24.98 17.62 -7.98
C ILE D 259 26.03 17.00 -7.06
N ASP D 260 27.30 17.14 -7.46
CA ASP D 260 28.43 16.85 -6.56
C ASP D 260 29.36 18.05 -6.41
N ASN D 261 28.90 19.23 -6.82
CA ASN D 261 29.73 20.42 -6.87
C ASN D 261 28.81 21.62 -6.81
N LYS D 262 28.88 22.40 -5.72
CA LYS D 262 27.97 23.50 -5.49
C LYS D 262 28.72 24.80 -5.27
N ILE D 263 28.45 25.81 -6.11
CA ILE D 263 29.03 27.13 -5.92
C ILE D 263 28.33 27.82 -4.75
N CYS D 264 29.12 28.50 -3.91
N CYS D 264 29.13 28.49 -3.91
CA CYS D 264 28.59 29.15 -2.72
CA CYS D 264 28.62 29.17 -2.73
C CYS D 264 29.43 30.37 -2.37
C CYS D 264 29.41 30.45 -2.52
N GLY D 265 28.75 31.41 -1.90
CA GLY D 265 29.38 32.64 -1.52
C GLY D 265 29.05 32.94 -0.09
N PRO D 266 29.58 34.05 0.41
CA PRO D 266 29.40 34.44 1.81
C PRO D 266 27.95 34.46 2.28
N ALA D 267 27.67 33.66 3.32
CA ALA D 267 26.42 33.51 4.06
C ALA D 267 25.41 32.61 3.36
N ASP D 268 25.83 31.90 2.32
CA ASP D 268 25.02 30.79 1.83
C ASP D 268 25.07 29.65 2.83
N SER D 269 23.94 29.04 3.11
CA SER D 269 23.91 27.77 3.84
C SER D 269 23.10 26.76 3.05
N PHE D 270 23.55 25.52 3.04
CA PHE D 270 22.76 24.44 2.51
C PHE D 270 23.24 23.17 3.16
N GLY D 271 22.50 22.11 2.96
CA GLY D 271 22.91 20.88 3.60
C GLY D 271 22.30 19.73 2.87
N PHE D 272 22.82 18.55 3.18
CA PHE D 272 22.35 17.34 2.55
C PHE D 272 22.61 16.19 3.51
N GLN D 273 21.93 15.07 3.24
CA GLN D 273 22.23 13.81 3.89
C GLN D 273 22.62 12.80 2.82
N ILE D 274 23.71 12.10 3.05
CA ILE D 274 24.18 11.08 2.12
C ILE D 274 24.19 9.72 2.81
N ILE D 275 24.31 8.68 2.00
CA ILE D 275 24.54 7.34 2.47
C ILE D 275 26.01 7.05 2.26
N ALA D 276 26.74 6.93 3.37
CA ALA D 276 28.19 6.79 3.36
C ALA D 276 28.59 5.58 2.55
N GLY D 277 29.35 5.79 1.50
CA GLY D 277 29.78 4.68 0.72
C GLY D 277 28.74 4.08 -0.21
N GLU D 278 27.58 4.71 -0.37
CA GLU D 278 26.54 4.19 -1.25
C GLU D 278 27.01 4.07 -2.70
N GLY D 279 26.94 2.86 -3.24
CA GLY D 279 27.39 2.54 -4.58
C GLY D 279 28.87 2.75 -4.85
N VAL D 280 29.64 3.05 -3.80
CA VAL D 280 31.06 3.32 -3.96
C VAL D 280 31.89 2.44 -3.01
N GLY D 281 31.45 2.33 -1.77
CA GLY D 281 32.16 1.56 -0.77
C GLY D 281 32.95 2.42 0.19
N ALA D 282 33.86 1.76 0.87
CA ALA D 282 34.67 2.39 1.91
C ALA D 282 35.98 2.93 1.34
N GLY D 283 36.55 3.86 2.08
CA GLY D 283 37.85 4.40 1.74
C GLY D 283 37.93 5.80 2.27
N ALA D 284 39.08 6.43 2.02
CA ALA D 284 39.28 7.83 2.34
C ALA D 284 38.83 8.65 1.12
N TRP D 285 37.68 9.33 1.26
CA TRP D 285 36.95 9.97 0.17
C TRP D 285 37.19 11.46 0.28
N MET D 286 37.84 12.04 -0.71
CA MET D 286 38.25 13.45 -0.62
C MET D 286 37.06 14.38 -0.77
N TYR D 287 36.93 15.33 0.13
CA TYR D 287 36.10 16.49 -0.11
C TYR D 287 37.02 17.69 -0.17
N HIS D 288 36.62 18.71 -0.92
CA HIS D 288 37.50 19.84 -1.15
C HIS D 288 36.74 20.95 -1.86
N CYS D 289 37.21 22.16 -1.66
CA CYS D 289 36.84 23.25 -2.54
C CYS D 289 37.44 22.96 -3.92
N HIS D 290 36.72 23.30 -4.97
CA HIS D 290 37.21 22.99 -6.30
C HIS D 290 37.82 24.17 -7.05
N VAL D 291 37.86 25.37 -6.47
CA VAL D 291 38.76 26.36 -7.03
C VAL D 291 40.17 25.85 -6.84
N GLN D 292 40.92 25.76 -7.94
CA GLN D 292 42.13 24.93 -7.91
C GLN D 292 43.17 25.48 -6.95
N SER D 293 43.32 26.79 -6.85
CA SER D 293 44.29 27.30 -5.89
C SER D 293 43.76 27.19 -4.47
N HIS D 294 42.46 27.00 -4.33
CA HIS D 294 41.88 26.87 -3.00
C HIS D 294 42.16 25.50 -2.39
N SER D 295 42.02 24.43 -3.15
CA SER D 295 42.44 23.12 -2.65
C SER D 295 43.95 23.03 -2.54
N ASP D 296 44.67 23.53 -3.55
CA ASP D 296 46.13 23.51 -3.52
C ASP D 296 46.69 24.19 -2.30
N MET D 297 45.98 25.19 -1.78
CA MET D 297 46.45 25.98 -0.65
C MET D 297 45.78 25.61 0.67
N GLY D 298 45.15 24.43 0.75
CA GLY D 298 44.69 23.90 2.01
C GLY D 298 43.26 23.45 2.13
N MET D 299 42.37 23.88 1.23
CA MET D 299 40.93 23.69 1.42
C MET D 299 40.51 22.29 0.97
N VAL D 300 41.06 21.29 1.68
CA VAL D 300 40.80 19.87 1.44
C VAL D 300 40.57 19.19 2.79
N GLY D 301 39.94 18.03 2.73
CA GLY D 301 39.60 17.23 3.88
C GLY D 301 39.21 15.85 3.42
N LEU D 302 39.02 14.96 4.40
CA LEU D 302 38.70 13.55 4.15
C LEU D 302 37.38 13.16 4.77
N PHE D 303 36.59 12.40 4.02
CA PHE D 303 35.40 11.73 4.51
C PHE D 303 35.75 10.25 4.63
N LEU D 304 36.14 9.84 5.82
CA LEU D 304 36.73 8.52 6.05
C LEU D 304 35.62 7.50 6.27
N VAL D 305 35.31 6.73 5.25
CA VAL D 305 34.24 5.74 5.33
C VAL D 305 34.87 4.41 5.64
N LYS D 306 34.47 3.81 6.74
CA LYS D 306 34.97 2.51 7.16
C LYS D 306 34.09 1.40 6.61
N LYS D 307 34.68 0.21 6.52
CA LYS D 307 33.91 -1.02 6.47
C LYS D 307 33.30 -1.27 7.85
N PRO D 308 32.33 -2.19 7.95
CA PRO D 308 31.78 -2.52 9.28
C PRO D 308 32.79 -3.08 10.29
N ASP D 309 34.00 -3.44 9.87
CA ASP D 309 35.01 -3.90 10.80
C ASP D 309 35.93 -2.80 11.31
N GLY D 310 35.67 -1.54 10.96
CA GLY D 310 36.47 -0.42 11.42
C GLY D 310 37.58 0.02 10.51
N THR D 311 37.88 -0.73 9.45
CA THR D 311 39.06 -0.48 8.62
C THR D 311 38.72 0.31 7.37
N ILE D 312 39.63 1.22 7.01
CA ILE D 312 39.51 2.05 5.81
C ILE D 312 40.47 1.47 4.76
N PRO D 313 39.96 0.82 3.73
CA PRO D 313 40.86 0.13 2.79
C PRO D 313 41.84 1.09 2.14
N GLY D 314 43.12 0.72 2.16
CA GLY D 314 44.14 1.46 1.45
C GLY D 314 44.58 2.73 2.15
N TYR D 315 43.69 3.32 2.95
CA TYR D 315 43.99 4.57 3.65
C TYR D 315 44.86 4.31 4.88
N ASP D 316 46.10 4.76 4.82
CA ASP D 316 46.99 5.08 5.92
C ASP D 316 47.23 6.59 5.92
N PRO D 317 47.39 7.23 7.08
CA PRO D 317 47.74 8.65 7.06
C PRO D 317 49.13 8.88 6.47
N GLN D 318 49.26 8.58 5.17
CA GLN D 318 50.50 8.74 4.42
C GLN D 318 50.36 9.68 3.23
N GLU D 319 49.42 9.40 2.32
CA GLU D 319 49.41 10.00 0.99
C GLU D 319 48.56 11.26 0.90
N HIS D 320 47.60 11.43 1.81
CA HIS D 320 46.65 12.54 1.76
C HIS D 320 47.23 13.77 2.44
N ALA E 40 -5.75 38.34 -3.09
CA ALA E 40 -5.34 39.49 -3.88
C ALA E 40 -5.63 39.26 -5.37
N GLY E 41 -5.31 40.26 -6.20
CA GLY E 41 -5.54 40.16 -7.64
C GLY E 41 -4.52 39.27 -8.33
N ALA E 42 -4.75 39.06 -9.62
CA ALA E 42 -3.93 38.15 -10.39
C ALA E 42 -3.56 38.78 -11.74
N ALA E 43 -2.60 38.15 -12.40
CA ALA E 43 -2.16 38.66 -13.70
C ALA E 43 -3.13 38.23 -14.78
N PRO E 44 -3.52 39.13 -15.67
CA PRO E 44 -4.38 38.75 -16.80
C PRO E 44 -3.70 37.75 -17.71
N ALA E 45 -4.52 37.12 -18.55
CA ALA E 45 -3.98 36.37 -19.67
C ALA E 45 -3.39 37.32 -20.68
N GLY E 46 -2.47 36.79 -21.48
CA GLY E 46 -1.70 37.59 -22.39
C GLY E 46 -2.30 37.64 -23.79
N GLY E 47 -1.63 38.45 -24.61
CA GLY E 47 -1.96 38.56 -26.01
C GLY E 47 -2.27 39.97 -26.47
N GLU E 48 -1.87 40.97 -25.70
CA GLU E 48 -2.03 42.38 -26.08
C GLU E 48 -0.78 42.88 -26.77
N VAL E 49 -0.97 43.73 -27.79
CA VAL E 49 0.13 44.41 -28.47
C VAL E 49 0.22 45.84 -27.93
N ARG E 50 1.38 46.18 -27.38
CA ARG E 50 1.61 47.49 -26.77
C ARG E 50 2.89 48.14 -27.29
N ARG E 51 3.03 49.41 -26.97
CA ARG E 51 4.14 50.24 -27.40
C ARG E 51 4.59 51.10 -26.23
N VAL E 52 5.83 51.60 -26.33
CA VAL E 52 6.42 52.45 -25.30
C VAL E 52 7.64 53.11 -25.90
N THR E 53 7.85 54.40 -25.60
CA THR E 53 9.04 55.10 -26.05
C THR E 53 10.06 55.11 -24.92
N LEU E 54 11.30 54.76 -25.25
CA LEU E 54 12.41 54.76 -24.31
C LEU E 54 13.51 55.64 -24.86
N TYR E 55 14.00 56.57 -24.06
CA TYR E 55 15.08 57.46 -24.45
C TYR E 55 16.31 57.19 -23.60
N ALA E 56 17.47 57.30 -24.21
CA ALA E 56 18.75 57.19 -23.51
C ALA E 56 19.31 58.59 -23.34
N GLU E 57 19.67 58.95 -22.10
CA GLU E 57 19.91 60.33 -21.72
C GLU E 57 21.10 60.46 -20.78
N ARG E 58 21.71 61.65 -20.80
CA ARG E 58 22.79 62.04 -19.90
C ARG E 58 22.17 62.55 -18.60
N LEU E 59 22.35 61.78 -17.52
CA LEU E 59 21.91 62.17 -16.19
C LEU E 59 23.08 62.78 -15.43
N ALA E 60 22.76 63.41 -14.31
CA ALA E 60 23.77 64.17 -13.56
C ALA E 60 24.93 63.28 -13.16
N GLY E 61 26.11 63.89 -13.10
CA GLY E 61 27.34 63.19 -12.78
C GLY E 61 27.97 62.46 -13.95
N GLY E 62 27.44 62.63 -15.16
CA GLY E 62 27.92 61.86 -16.28
C GLY E 62 27.47 60.42 -16.29
N GLN E 63 26.40 60.11 -15.56
CA GLN E 63 25.79 58.80 -15.65
C GLN E 63 24.71 58.81 -16.75
N LEU E 64 24.35 57.62 -17.22
CA LEU E 64 23.46 57.46 -18.37
C LEU E 64 22.28 56.57 -18.00
N GLY E 65 21.10 56.83 -18.56
CA GLY E 65 19.93 56.07 -18.16
C GLY E 65 18.75 56.13 -19.10
N TYR E 66 17.92 55.09 -19.03
CA TYR E 66 16.72 55.03 -19.83
C TYR E 66 15.56 55.67 -19.11
N GLY E 67 14.68 56.28 -19.87
CA GLY E 67 13.49 56.87 -19.30
C GLY E 67 12.29 56.77 -20.22
N LEU E 68 11.12 56.98 -19.65
CA LEU E 68 9.93 56.96 -20.48
C LEU E 68 9.79 58.26 -21.26
N GLU E 69 10.09 59.38 -20.60
CA GLU E 69 10.07 60.70 -21.20
C GLU E 69 11.46 61.30 -21.14
N LYS E 70 11.73 62.24 -22.04
CA LYS E 70 12.97 62.97 -21.98
C LYS E 70 13.04 63.77 -20.69
N GLY E 71 14.22 63.80 -20.08
CA GLY E 71 14.39 64.42 -18.78
C GLY E 71 14.00 63.57 -17.61
N LYS E 72 13.40 62.40 -17.85
CA LYS E 72 12.89 61.54 -16.78
C LYS E 72 13.59 60.19 -16.79
N ALA E 73 14.82 60.14 -17.28
CA ALA E 73 15.58 58.91 -17.17
C ALA E 73 15.92 58.65 -15.71
N SER E 74 16.34 57.42 -15.43
CA SER E 74 16.49 56.95 -14.08
C SER E 74 17.49 55.80 -14.09
N ILE E 75 18.08 55.55 -12.92
CA ILE E 75 18.91 54.34 -12.75
C ILE E 75 18.43 53.66 -11.49
N PRO E 76 17.84 52.45 -11.58
CA PRO E 76 17.57 51.69 -12.81
C PRO E 76 16.51 52.29 -13.76
N GLY E 77 16.39 51.68 -14.95
CA GLY E 77 15.42 52.09 -15.93
C GLY E 77 14.00 51.84 -15.45
N PRO E 78 13.02 52.39 -16.17
CA PRO E 78 11.63 52.20 -15.76
C PRO E 78 11.24 50.73 -15.82
N LEU E 79 10.38 50.33 -14.90
CA LEU E 79 9.92 48.94 -14.83
C LEU E 79 8.95 48.65 -15.97
N ILE E 80 9.20 47.57 -16.67
CA ILE E 80 8.39 47.16 -17.82
C ILE E 80 7.77 45.84 -17.43
N GLU E 81 6.45 45.82 -17.30
CA GLU E 81 5.71 44.60 -17.06
C GLU E 81 4.92 44.25 -18.31
N LEU E 82 4.81 42.96 -18.57
CA LEU E 82 4.04 42.42 -19.67
C LEU E 82 3.46 41.10 -19.19
N ASN E 83 2.30 40.73 -19.75
CA ASN E 83 1.69 39.42 -19.52
C ASN E 83 2.17 38.46 -20.59
N GLU E 84 2.39 37.21 -20.20
CA GLU E 84 2.89 36.18 -21.12
C GLU E 84 2.02 36.08 -22.37
N GLY E 85 2.58 36.47 -23.51
CA GLY E 85 1.83 36.55 -24.76
C GLY E 85 1.77 37.93 -25.35
N ASP E 86 2.03 38.97 -24.57
CA ASP E 86 2.03 40.32 -25.10
C ASP E 86 3.18 40.52 -26.07
N THR E 87 3.03 41.51 -26.94
CA THR E 87 4.11 42.03 -27.76
C THR E 87 4.35 43.48 -27.36
N LEU E 88 5.61 43.88 -27.42
CA LEU E 88 6.04 45.22 -27.00
C LEU E 88 6.96 45.83 -28.05
N HIS E 89 6.47 46.90 -28.70
CA HIS E 89 7.24 47.71 -29.64
C HIS E 89 7.78 48.92 -28.90
N VAL E 90 9.09 48.95 -28.68
CA VAL E 90 9.73 50.01 -27.93
C VAL E 90 10.28 51.03 -28.93
N GLU E 91 9.75 52.25 -28.88
CA GLU E 91 10.19 53.31 -29.77
C GLU E 91 11.37 54.01 -29.11
N PHE E 92 12.57 53.51 -29.41
CA PHE E 92 13.79 53.95 -28.76
C PHE E 92 14.42 55.16 -29.47
N GLU E 93 15.02 56.04 -28.68
CA GLU E 93 15.69 57.20 -29.23
C GLU E 93 16.95 57.47 -28.42
N ASN E 94 18.08 57.64 -29.11
CA ASN E 94 19.37 57.81 -28.46
C ASN E 94 19.78 59.28 -28.44
N THR E 95 19.76 59.91 -27.26
CA THR E 95 20.12 61.33 -27.15
C THR E 95 21.57 61.55 -26.73
N LEU E 96 22.38 60.49 -26.71
CA LEU E 96 23.79 60.61 -26.33
C LEU E 96 24.64 60.96 -27.56
N ASP E 97 25.88 61.37 -27.30
CA ASP E 97 26.82 61.65 -28.38
C ASP E 97 27.62 60.42 -28.81
N VAL E 98 27.23 59.24 -28.35
CA VAL E 98 27.86 57.96 -28.72
C VAL E 98 26.76 56.96 -29.09
N PRO E 99 27.04 55.96 -29.95
CA PRO E 99 26.05 54.89 -30.15
C PRO E 99 25.60 54.25 -28.86
N VAL E 100 24.38 53.70 -28.87
CA VAL E 100 23.80 53.05 -27.70
C VAL E 100 22.86 52.00 -28.25
N SER E 101 22.46 51.06 -27.41
CA SER E 101 21.49 50.09 -27.84
C SER E 101 20.60 49.70 -26.66
N LEU E 102 19.70 48.78 -26.92
CA LEU E 102 18.80 48.24 -25.92
C LEU E 102 18.81 46.75 -26.14
N HIS E 103 19.16 46.00 -25.12
CA HIS E 103 19.23 44.55 -25.19
C HIS E 103 18.30 44.00 -24.10
N VAL E 104 17.68 42.85 -24.34
CA VAL E 104 16.78 42.27 -23.36
C VAL E 104 17.16 40.83 -23.15
N HIS E 105 17.15 40.41 -21.88
CA HIS E 105 17.21 39.01 -21.51
C HIS E 105 15.82 38.39 -21.51
N GLY E 106 15.77 37.10 -21.87
CA GLY E 106 14.63 36.23 -21.58
C GLY E 106 13.43 36.25 -22.50
N LEU E 107 13.00 37.42 -22.93
CA LEU E 107 11.95 37.56 -23.93
C LEU E 107 12.47 37.17 -25.33
N ASP E 108 11.53 37.06 -26.27
CA ASP E 108 11.83 36.75 -27.66
C ASP E 108 12.03 38.02 -28.46
N TYR E 109 12.76 37.89 -29.57
CA TYR E 109 13.02 38.93 -30.56
C TYR E 109 13.79 38.27 -31.69
N GLU E 110 13.61 38.77 -32.91
CA GLU E 110 14.47 38.32 -34.00
C GLU E 110 15.83 39.00 -33.90
N ILE E 111 16.71 38.68 -34.85
CA ILE E 111 18.08 39.14 -34.72
C ILE E 111 18.24 40.64 -34.97
N SER E 112 17.23 41.31 -35.49
CA SER E 112 17.30 42.74 -35.78
C SER E 112 17.01 43.61 -34.57
N SER E 113 16.39 43.04 -33.53
CA SER E 113 16.22 43.67 -32.23
C SER E 113 17.17 43.06 -31.21
N ASP E 114 18.23 42.40 -31.70
CA ASP E 114 19.23 41.81 -30.82
C ASP E 114 19.93 42.85 -29.97
N GLY E 115 20.17 44.04 -30.52
CA GLY E 115 20.79 45.10 -29.77
C GLY E 115 22.29 45.12 -29.82
N THR E 116 22.91 44.31 -30.68
CA THR E 116 24.36 44.25 -30.80
C THR E 116 24.83 44.89 -32.10
N LYS E 117 25.92 45.66 -31.99
CA LYS E 117 26.62 46.16 -33.16
C LYS E 117 26.86 45.09 -34.22
N GLN E 118 27.13 43.87 -33.80
N GLN E 118 27.16 43.87 -33.80
CA GLN E 118 27.62 42.86 -34.73
CA GLN E 118 27.62 42.85 -34.75
C GLN E 118 26.58 42.51 -35.79
C GLN E 118 26.58 42.56 -35.82
N ASN E 119 25.31 42.62 -35.47
CA ASN E 119 24.24 42.49 -36.46
C ASN E 119 23.51 43.80 -36.60
N LYS E 120 24.28 44.89 -36.57
CA LYS E 120 23.88 46.25 -36.91
C LYS E 120 22.52 46.62 -36.31
N SER E 121 22.45 46.51 -34.97
CA SER E 121 21.21 46.65 -34.23
C SER E 121 21.23 47.77 -33.21
N HIS E 122 22.27 48.57 -33.20
CA HIS E 122 22.43 49.68 -32.28
C HIS E 122 21.85 50.97 -32.87
N VAL E 123 21.95 52.05 -32.12
CA VAL E 123 21.45 53.35 -32.54
C VAL E 123 22.61 54.32 -32.56
N GLU E 124 23.00 54.77 -33.76
CA GLU E 124 23.88 55.91 -33.98
C GLU E 124 23.35 57.09 -33.17
N PRO E 125 24.22 58.00 -32.74
CA PRO E 125 23.78 59.04 -31.80
C PRO E 125 22.63 59.87 -32.38
N GLY E 126 21.73 60.29 -31.51
CA GLY E 126 20.60 61.08 -31.95
C GLY E 126 19.62 60.33 -32.81
N GLY E 127 19.82 59.04 -33.02
CA GLY E 127 19.02 58.28 -33.94
C GLY E 127 17.82 57.69 -33.26
N THR E 128 17.10 56.87 -34.01
CA THR E 128 15.98 56.15 -33.46
C THR E 128 15.96 54.74 -34.05
N ARG E 129 15.21 53.90 -33.37
CA ARG E 129 14.90 52.59 -33.89
C ARG E 129 13.68 52.15 -33.10
N THR E 130 13.01 51.12 -33.58
CA THR E 130 11.91 50.51 -32.86
C THR E 130 12.30 49.06 -32.61
N TYR E 131 12.46 48.72 -31.34
CA TYR E 131 12.75 47.35 -30.94
C TYR E 131 11.44 46.66 -30.66
N THR E 132 11.38 45.37 -31.00
CA THR E 132 10.15 44.60 -30.86
C THR E 132 10.43 43.38 -29.99
N TRP E 133 9.89 43.40 -28.77
CA TRP E 133 9.91 42.26 -27.87
C TRP E 133 8.61 41.47 -27.98
N ARG E 134 8.73 40.16 -27.85
CA ARG E 134 7.57 39.28 -27.80
C ARG E 134 7.72 38.27 -26.66
N THR E 135 6.61 37.95 -26.03
CA THR E 135 6.53 36.83 -25.11
C THR E 135 5.64 35.74 -25.69
N HIS E 136 5.59 34.63 -24.99
CA HIS E 136 4.69 33.55 -25.30
C HIS E 136 4.28 32.87 -24.00
N GLU E 137 3.41 31.93 -24.12
CA GLU E 137 2.92 31.07 -23.06
C GLU E 137 3.63 29.74 -23.08
N PRO E 138 3.61 29.00 -21.98
CA PRO E 138 4.05 27.60 -22.04
C PRO E 138 3.00 26.75 -22.72
N GLY E 139 3.43 25.60 -23.22
CA GLY E 139 2.49 24.67 -23.79
C GLY E 139 3.22 23.48 -24.33
N ARG E 140 2.43 22.51 -24.77
CA ARG E 140 2.95 21.34 -25.48
C ARG E 140 3.27 21.73 -26.90
N ARG E 141 4.45 21.32 -27.37
CA ARG E 141 4.78 21.44 -28.78
C ARG E 141 4.12 20.33 -29.57
N ALA E 142 4.45 20.26 -30.87
CA ALA E 142 3.82 19.29 -31.77
C ALA E 142 4.37 17.88 -31.59
N ASP E 143 5.65 17.77 -31.24
CA ASP E 143 6.27 16.49 -30.93
C ASP E 143 5.82 15.92 -29.60
N GLY E 144 5.17 16.73 -28.77
CA GLY E 144 4.76 16.34 -27.44
C GLY E 144 5.55 16.95 -26.30
N THR E 145 6.65 17.63 -26.58
CA THR E 145 7.47 18.18 -25.51
C THR E 145 6.83 19.43 -24.90
N TRP E 146 7.44 19.91 -23.82
CA TRP E 146 6.98 21.09 -23.11
C TRP E 146 7.91 22.25 -23.42
N ARG E 147 7.34 23.33 -23.96
CA ARG E 147 8.04 24.59 -24.19
C ARG E 147 7.71 25.53 -23.04
N ALA E 148 8.73 25.98 -22.32
CA ALA E 148 8.51 26.97 -21.27
C ALA E 148 8.27 28.33 -21.89
N GLY E 149 7.81 29.28 -21.08
CA GLY E 149 7.39 30.58 -21.57
C GLY E 149 8.20 31.73 -20.99
N SER E 150 8.03 32.90 -21.60
CA SER E 150 8.84 34.05 -21.25
C SER E 150 8.70 34.49 -19.80
N ALA E 151 7.79 33.88 -19.04
CA ALA E 151 7.59 34.21 -17.63
C ALA E 151 8.88 34.08 -16.85
N GLY E 152 9.26 35.19 -16.23
CA GLY E 152 10.41 35.25 -15.35
C GLY E 152 10.64 36.69 -14.93
N TYR E 153 11.70 36.87 -14.13
CA TYR E 153 12.19 38.20 -13.78
C TYR E 153 13.41 38.46 -14.65
N TRP E 154 13.28 39.41 -15.58
CA TRP E 154 14.32 39.64 -16.57
C TRP E 154 14.76 41.10 -16.55
N HIS E 155 15.59 41.47 -17.53
CA HIS E 155 16.19 42.80 -17.51
C HIS E 155 16.66 43.19 -18.90
N TYR E 156 16.81 44.49 -19.10
CA TYR E 156 17.36 45.05 -20.33
C TYR E 156 18.60 45.90 -20.02
N HIS E 157 19.50 46.02 -20.98
CA HIS E 157 20.68 46.84 -20.76
C HIS E 157 21.32 47.22 -22.10
N ASP E 158 22.17 48.23 -22.05
CA ASP E 158 22.96 48.61 -23.20
C ASP E 158 23.97 47.53 -23.58
N HIS E 159 24.22 47.39 -24.86
CA HIS E 159 25.17 46.40 -25.36
C HIS E 159 26.26 47.04 -26.20
N VAL E 160 26.42 48.36 -26.14
CA VAL E 160 27.29 49.01 -27.11
C VAL E 160 28.21 50.11 -26.58
N VAL E 161 27.92 50.66 -25.40
CA VAL E 161 28.69 51.78 -24.87
C VAL E 161 29.92 51.25 -24.16
N GLY E 162 31.08 51.90 -24.39
CA GLY E 162 32.34 51.54 -23.75
C GLY E 162 33.03 50.41 -24.49
N THR E 163 32.34 49.28 -24.57
CA THR E 163 32.75 48.17 -25.40
C THR E 163 31.53 47.66 -26.14
N GLU E 164 31.76 46.75 -27.10
CA GLU E 164 30.71 46.10 -27.86
C GLU E 164 29.98 45.02 -27.05
N HIS E 165 30.22 44.98 -25.73
CA HIS E 165 29.36 44.29 -24.79
C HIS E 165 28.71 45.26 -23.81
N GLY E 166 28.89 46.56 -24.04
CA GLY E 166 28.23 47.60 -23.28
C GLY E 166 28.73 47.73 -21.86
N THR E 167 30.02 47.50 -21.64
CA THR E 167 30.56 47.59 -20.29
C THR E 167 30.47 49.01 -19.75
N GLY E 168 30.69 50.01 -20.60
CA GLY E 168 30.52 51.37 -20.15
C GLY E 168 29.08 51.78 -20.00
N GLY E 169 28.18 51.17 -20.78
CA GLY E 169 26.77 51.53 -20.67
C GLY E 169 26.14 50.97 -19.42
N ILE E 170 26.42 49.70 -19.11
CA ILE E 170 25.92 49.09 -17.88
C ILE E 170 26.49 49.80 -16.66
N ARG E 171 27.79 50.10 -16.67
CA ARG E 171 28.39 50.72 -15.49
C ARG E 171 27.88 52.15 -15.30
N ASN E 172 27.56 52.86 -16.37
CA ASN E 172 27.05 54.22 -16.25
C ASN E 172 25.56 54.26 -15.93
N GLY E 173 24.85 53.16 -16.12
CA GLY E 173 23.51 53.04 -15.58
C GLY E 173 22.44 52.68 -16.58
N LEU E 174 22.85 52.17 -17.74
CA LEU E 174 21.92 51.79 -18.80
C LEU E 174 21.50 50.35 -18.55
N TYR E 175 20.55 50.19 -17.65
CA TYR E 175 20.04 48.88 -17.23
C TYR E 175 18.69 49.08 -16.54
N GLY E 176 17.87 48.05 -16.57
CA GLY E 176 16.53 48.16 -16.03
C GLY E 176 15.74 46.88 -16.02
N PRO E 177 14.65 46.86 -15.24
CA PRO E 177 13.87 45.65 -14.99
C PRO E 177 12.68 45.40 -15.91
N VAL E 178 12.53 44.15 -16.35
CA VAL E 178 11.35 43.71 -17.09
C VAL E 178 10.79 42.43 -16.47
N ILE E 179 9.50 42.47 -16.11
CA ILE E 179 8.76 41.35 -15.52
C ILE E 179 7.77 40.82 -16.55
N VAL E 180 7.86 39.54 -16.86
CA VAL E 180 6.86 38.86 -17.68
C VAL E 180 6.03 37.98 -16.73
N ARG E 181 4.81 38.43 -16.45
CA ARG E 181 3.82 37.73 -15.65
C ARG E 181 3.15 36.61 -16.42
N ARG E 182 2.87 35.52 -15.74
CA ARG E 182 2.08 34.43 -16.31
C ARG E 182 0.65 34.50 -15.77
N LYS E 183 -0.31 34.20 -16.64
CA LYS E 183 -1.72 34.17 -16.25
C LYS E 183 -1.91 33.31 -15.02
N GLY E 184 -2.56 33.88 -14.00
CA GLY E 184 -2.66 33.27 -12.69
C GLY E 184 -1.75 33.91 -11.67
N ASP E 185 -0.61 34.47 -12.10
CA ASP E 185 0.35 35.09 -11.19
C ASP E 185 -0.31 36.03 -10.20
N VAL E 186 0.23 36.06 -8.98
CA VAL E 186 -0.24 36.98 -7.96
C VAL E 186 0.42 38.33 -8.19
N LEU E 187 -0.37 39.35 -8.10
CA LEU E 187 0.15 40.70 -8.29
C LEU E 187 0.46 41.33 -6.94
N PRO E 188 1.49 42.16 -6.89
CA PRO E 188 1.94 42.76 -5.62
C PRO E 188 1.26 44.09 -5.32
N ASP E 189 1.46 44.55 -4.09
CA ASP E 189 1.09 45.92 -3.72
C ASP E 189 2.18 46.91 -4.03
N ALA E 190 3.40 46.45 -4.31
CA ALA E 190 4.53 47.27 -4.76
C ALA E 190 5.61 46.36 -5.32
N THR E 191 6.28 46.84 -6.37
CA THR E 191 7.52 46.24 -6.88
C THR E 191 8.67 47.21 -6.66
N HIS E 192 9.76 46.71 -6.12
CA HIS E 192 10.99 47.50 -5.96
C HIS E 192 12.14 46.77 -6.65
N THR E 193 12.99 47.53 -7.34
CA THR E 193 14.11 46.98 -8.11
C THR E 193 15.43 47.30 -7.43
N ILE E 194 16.28 46.29 -7.32
CA ILE E 194 17.59 46.40 -6.67
C ILE E 194 18.63 45.77 -7.60
N VAL E 195 19.67 46.53 -7.89
CA VAL E 195 20.72 46.07 -8.79
C VAL E 195 22.05 46.21 -8.08
N PHE E 196 22.71 45.08 -7.86
CA PHE E 196 24.13 45.10 -7.49
C PHE E 196 24.94 45.35 -8.76
N ASN E 197 25.31 46.60 -8.96
CA ASN E 197 26.13 46.98 -10.10
C ASN E 197 27.49 47.26 -9.61
N ASP E 198 28.49 46.55 -10.11
CA ASP E 198 29.78 46.34 -9.47
C ASP E 198 29.71 46.53 -7.99
N MET E 199 30.05 47.68 -7.49
CA MET E 199 30.12 47.90 -6.09
C MET E 199 29.01 48.82 -5.52
N THR E 200 27.97 49.02 -6.30
CA THR E 200 26.91 49.94 -5.96
C THR E 200 25.59 49.18 -5.87
N ILE E 201 24.62 49.78 -5.20
CA ILE E 201 23.22 49.47 -5.40
C ILE E 201 22.67 50.64 -6.22
N ASN E 202 22.26 50.36 -7.45
CA ASN E 202 21.55 51.32 -8.31
C ASN E 202 22.40 52.55 -8.64
N ASN E 203 23.74 52.39 -8.67
CA ASN E 203 24.73 53.42 -9.02
C ASN E 203 24.91 54.47 -7.92
N ARG E 204 24.43 54.20 -6.72
CA ARG E 204 24.31 55.22 -5.70
C ARG E 204 25.61 55.35 -4.91
N PRO E 205 25.77 56.43 -4.15
CA PRO E 205 26.90 56.51 -3.24
C PRO E 205 26.79 55.48 -2.14
N ALA E 206 27.95 55.13 -1.56
CA ALA E 206 27.97 54.11 -0.52
C ALA E 206 27.17 54.56 0.69
N HIS E 207 26.50 53.60 1.32
CA HIS E 207 25.72 53.83 2.55
C HIS E 207 24.54 54.77 2.33
N THR E 208 24.04 54.84 1.09
CA THR E 208 22.87 55.64 0.75
C THR E 208 21.68 54.78 0.35
N GLY E 209 21.71 53.50 0.69
CA GLY E 209 20.65 52.63 0.29
C GLY E 209 20.79 52.15 -1.13
N PRO E 210 19.69 52.14 -1.88
CA PRO E 210 18.38 52.75 -1.57
C PRO E 210 17.53 52.03 -0.49
N ASN E 211 16.78 52.85 0.24
CA ASN E 211 15.83 52.40 1.25
C ASN E 211 14.43 52.25 0.65
N PHE E 212 13.74 51.20 1.04
CA PHE E 212 12.41 50.92 0.51
C PHE E 212 11.42 50.77 1.64
N GLU E 213 10.24 51.38 1.49
CA GLU E 213 9.22 51.47 2.54
C GLU E 213 8.07 50.49 2.27
N ALA E 214 7.32 50.19 3.34
CA ALA E 214 6.20 49.24 3.29
C ALA E 214 5.44 49.31 4.60
N THR E 215 4.40 48.50 4.69
CA THR E 215 3.60 48.37 5.88
C THR E 215 3.43 46.89 6.18
N VAL E 216 3.36 46.54 7.47
CA VAL E 216 3.23 45.13 7.82
C VAL E 216 2.02 44.57 7.09
N GLY E 217 2.19 43.40 6.47
CA GLY E 217 1.14 42.76 5.72
C GLY E 217 1.17 43.02 4.22
N ASP E 218 1.75 44.14 3.78
CA ASP E 218 1.94 44.45 2.37
C ASP E 218 2.58 43.29 1.62
N ARG E 219 2.05 42.99 0.44
CA ARG E 219 2.70 42.10 -0.51
C ARG E 219 3.65 42.94 -1.34
N VAL E 220 4.95 42.73 -1.13
CA VAL E 220 5.99 43.57 -1.68
C VAL E 220 6.83 42.69 -2.59
N GLU E 221 6.99 43.11 -3.84
CA GLU E 221 7.76 42.37 -4.83
C GLU E 221 9.16 42.99 -4.98
N ILE E 222 10.17 42.14 -5.09
CA ILE E 222 11.55 42.59 -5.26
C ILE E 222 12.11 41.98 -6.54
N VAL E 223 12.72 42.82 -7.36
CA VAL E 223 13.44 42.41 -8.56
C VAL E 223 14.92 42.63 -8.30
N MET E 224 15.74 41.60 -8.41
CA MET E 224 17.16 41.70 -8.05
C MET E 224 18.00 41.34 -9.26
N ILE E 225 18.73 42.34 -9.77
CA ILE E 225 19.60 42.13 -10.92
C ILE E 225 21.03 42.43 -10.49
N THR E 226 21.98 41.75 -11.11
CA THR E 226 23.39 42.01 -10.85
C THR E 226 24.07 42.37 -12.17
N HIS E 227 25.03 43.29 -12.10
CA HIS E 227 25.76 43.74 -13.27
C HIS E 227 27.24 43.97 -12.97
N GLY E 228 28.07 43.71 -13.99
CA GLY E 228 29.45 44.11 -14.01
C GLY E 228 30.51 43.02 -13.90
N GLU E 229 31.45 43.22 -12.98
CA GLU E 229 32.62 42.35 -12.86
C GLU E 229 32.57 41.38 -11.69
N TYR E 230 31.79 41.67 -10.64
CA TYR E 230 31.87 40.96 -9.37
C TYR E 230 30.64 40.12 -9.08
N TYR E 231 30.88 38.95 -8.48
CA TYR E 231 29.83 38.19 -7.81
C TYR E 231 29.45 38.86 -6.49
N HIS E 232 28.24 38.57 -6.05
CA HIS E 232 27.67 39.15 -4.86
C HIS E 232 26.77 38.11 -4.23
N THR E 233 26.26 38.43 -3.05
CA THR E 233 25.30 37.56 -2.39
C THR E 233 24.28 38.45 -1.73
N PHE E 234 23.04 38.37 -2.20
CA PHE E 234 21.99 39.28 -1.75
C PHE E 234 21.29 38.69 -0.55
N HIS E 235 21.11 39.50 0.49
CA HIS E 235 20.54 38.97 1.70
C HIS E 235 19.56 39.94 2.36
N MET E 236 18.48 39.39 2.91
CA MET E 236 17.45 40.14 3.63
C MET E 236 17.34 39.68 5.08
N HIS E 237 17.59 40.57 6.04
CA HIS E 237 17.16 40.35 7.42
C HIS E 237 15.64 40.24 7.45
N GLY E 238 15.12 39.24 8.16
CA GLY E 238 13.73 39.19 8.50
C GLY E 238 12.84 38.43 7.52
N HIS E 239 13.24 38.36 6.25
CA HIS E 239 12.40 37.78 5.21
C HIS E 239 13.17 36.72 4.43
N ARG E 240 12.41 35.85 3.78
CA ARG E 240 12.96 34.69 3.11
C ARG E 240 12.03 34.37 1.95
N TRP E 241 12.60 33.80 0.89
CA TRP E 241 11.83 33.57 -0.32
C TRP E 241 12.25 32.23 -0.88
N ALA E 242 11.46 31.73 -1.82
CA ALA E 242 11.78 30.50 -2.49
C ALA E 242 12.61 30.80 -3.74
N ASP E 243 13.52 29.89 -4.05
CA ASP E 243 14.42 30.09 -5.18
C ASP E 243 13.73 29.46 -6.39
N ASN E 244 12.75 30.19 -6.91
CA ASN E 244 11.99 29.74 -8.05
C ASN E 244 11.60 30.96 -8.87
N ARG E 245 10.77 30.74 -9.90
CA ARG E 245 10.36 31.83 -10.78
C ARG E 245 9.80 33.02 -10.02
N THR E 246 9.06 32.75 -8.93
CA THR E 246 8.14 33.69 -8.31
C THR E 246 8.46 34.05 -6.87
N GLY E 247 9.36 33.33 -6.21
CA GLY E 247 9.64 33.62 -4.81
C GLY E 247 8.57 33.18 -3.84
N MET E 248 7.64 32.33 -4.30
CA MET E 248 6.68 31.67 -3.45
C MET E 248 6.53 30.25 -3.95
N LEU E 249 6.32 29.34 -3.01
CA LEU E 249 6.09 27.95 -3.37
C LEU E 249 4.68 27.77 -3.93
N THR E 250 4.58 26.92 -4.97
CA THR E 250 3.27 26.59 -5.53
C THR E 250 2.37 25.87 -4.53
N GLY E 251 2.94 25.31 -3.46
CA GLY E 251 2.19 24.60 -2.45
C GLY E 251 3.08 23.62 -1.70
N PRO E 252 2.46 22.71 -0.94
CA PRO E 252 3.24 21.75 -0.14
C PRO E 252 3.96 20.68 -0.92
N ASP E 253 3.72 20.59 -2.23
CA ASP E 253 4.46 19.66 -3.08
C ASP E 253 5.69 20.30 -3.68
N ASP E 254 5.89 21.58 -3.42
CA ASP E 254 6.97 22.35 -4.03
C ASP E 254 8.28 22.05 -3.31
N PRO E 255 9.31 21.57 -4.01
CA PRO E 255 10.61 21.30 -3.39
C PRO E 255 11.60 22.47 -3.42
N SER E 256 11.25 23.56 -4.10
CA SER E 256 12.14 24.71 -4.25
C SER E 256 12.70 25.13 -2.91
N GLN E 257 13.93 25.63 -2.93
CA GLN E 257 14.63 25.99 -1.70
C GLN E 257 14.02 27.26 -1.11
N VAL E 258 13.93 27.30 0.22
CA VAL E 258 13.57 28.49 0.97
C VAL E 258 14.85 29.05 1.59
N ILE E 259 15.15 30.32 1.28
CA ILE E 259 16.49 30.90 1.44
C ILE E 259 16.31 32.38 1.76
N ASP E 260 17.33 32.99 2.35
CA ASP E 260 17.36 34.44 2.52
C ASP E 260 18.69 35.00 2.06
N ASN E 261 19.48 34.21 1.36
CA ASN E 261 20.78 34.63 0.87
C ASN E 261 21.00 33.95 -0.46
N LYS E 262 21.32 34.74 -1.48
CA LYS E 262 21.39 34.26 -2.86
C LYS E 262 22.65 34.78 -3.51
N ILE E 263 23.45 33.88 -4.08
CA ILE E 263 24.64 34.25 -4.81
C ILE E 263 24.27 34.65 -6.23
N CYS E 264 24.84 35.75 -6.70
CA CYS E 264 24.47 36.25 -8.01
C CYS E 264 25.69 36.86 -8.70
N GLY E 265 25.77 36.63 -10.00
CA GLY E 265 26.84 37.16 -10.82
C GLY E 265 26.30 38.08 -11.89
N PRO E 266 27.21 38.65 -12.69
CA PRO E 266 26.78 39.63 -13.70
C PRO E 266 25.71 39.07 -14.64
N ALA E 267 24.56 39.79 -14.69
CA ALA E 267 23.37 39.57 -15.53
C ALA E 267 22.45 38.48 -14.99
N ASP E 268 22.61 38.10 -13.73
CA ASP E 268 21.59 37.33 -13.06
C ASP E 268 20.41 38.24 -12.73
N SER E 269 19.21 37.68 -12.84
CA SER E 269 17.99 38.40 -12.51
C SER E 269 17.07 37.40 -11.85
N PHE E 270 16.52 37.76 -10.69
CA PHE E 270 15.50 36.96 -10.05
C PHE E 270 14.58 37.91 -9.31
N GLY E 271 13.60 37.34 -8.66
CA GLY E 271 12.62 38.15 -7.98
C GLY E 271 11.78 37.27 -7.10
N PHE E 272 11.06 37.93 -6.19
CA PHE E 272 10.25 37.26 -5.19
C PHE E 272 9.23 38.25 -4.68
N GLN E 273 8.21 37.71 -4.02
CA GLN E 273 7.30 38.51 -3.21
C GLN E 273 7.29 37.99 -1.79
N ILE E 274 7.41 38.91 -0.86
CA ILE E 274 7.35 38.60 0.56
C ILE E 274 6.21 39.42 1.13
N ILE E 275 5.64 38.93 2.23
CA ILE E 275 4.70 39.71 3.03
C ILE E 275 5.52 40.48 4.06
N ALA E 276 5.51 41.80 3.96
CA ALA E 276 6.37 42.63 4.79
C ALA E 276 6.10 42.36 6.27
N GLY E 277 7.16 42.09 7.01
CA GLY E 277 7.07 41.87 8.44
C GLY E 277 6.32 40.62 8.83
N GLU E 278 6.23 39.63 7.95
CA GLU E 278 5.36 38.48 8.22
C GLU E 278 6.02 37.57 9.25
N GLY E 279 5.46 37.55 10.46
CA GLY E 279 6.00 36.79 11.57
C GLY E 279 7.16 37.45 12.27
N VAL E 280 7.59 38.64 11.84
CA VAL E 280 8.77 39.28 12.39
C VAL E 280 8.44 40.68 12.89
N GLY E 281 7.41 41.32 12.31
CA GLY E 281 6.99 42.63 12.78
C GLY E 281 7.66 43.81 12.08
N ALA E 282 7.27 45.00 12.53
CA ALA E 282 7.82 46.21 11.96
C ALA E 282 9.25 46.43 12.41
N GLY E 283 9.94 47.27 11.66
CA GLY E 283 11.33 47.57 11.92
C GLY E 283 12.00 48.07 10.66
N ALA E 284 13.29 48.34 10.79
CA ALA E 284 14.14 48.73 9.68
C ALA E 284 14.98 47.51 9.34
N TRP E 285 14.59 46.81 8.29
CA TRP E 285 15.10 45.47 8.00
C TRP E 285 16.20 45.58 6.97
N MET E 286 17.43 45.32 7.39
CA MET E 286 18.60 45.53 6.55
C MET E 286 18.61 44.53 5.41
N TYR E 287 18.88 45.02 4.20
CA TYR E 287 19.31 44.17 3.10
C TYR E 287 20.73 44.57 2.69
N HIS E 288 21.55 43.58 2.37
CA HIS E 288 22.91 43.89 1.94
C HIS E 288 23.45 42.75 1.09
N CYS E 289 24.44 43.09 0.28
CA CYS E 289 25.35 42.07 -0.20
C CYS E 289 26.04 41.47 1.01
N HIS E 290 26.04 40.16 1.13
CA HIS E 290 26.65 39.55 2.29
C HIS E 290 28.14 39.26 2.11
N VAL E 291 28.73 39.70 1.00
CA VAL E 291 30.18 39.67 0.91
C VAL E 291 30.72 40.74 1.82
N GLN E 292 31.66 40.36 2.71
CA GLN E 292 31.89 41.13 3.93
C GLN E 292 32.46 42.51 3.64
N SER E 293 33.45 42.58 2.74
CA SER E 293 33.96 43.88 2.31
C SER E 293 32.89 44.69 1.57
N HIS E 294 31.98 44.02 0.86
CA HIS E 294 30.93 44.71 0.11
C HIS E 294 29.92 45.36 1.05
N SER E 295 29.55 44.67 2.12
CA SER E 295 28.72 45.29 3.15
C SER E 295 29.46 46.42 3.85
N ASP E 296 30.73 46.22 4.18
CA ASP E 296 31.49 47.22 4.92
C ASP E 296 31.72 48.50 4.13
N MET E 297 31.70 48.41 2.80
CA MET E 297 31.99 49.56 1.97
C MET E 297 30.77 50.23 1.40
N GLY E 298 29.56 49.76 1.72
CA GLY E 298 28.39 50.50 1.31
C GLY E 298 27.24 49.75 0.68
N MET E 299 27.42 48.52 0.21
CA MET E 299 26.31 47.85 -0.45
C MET E 299 25.28 47.41 0.58
N VAL E 300 24.54 48.38 1.14
CA VAL E 300 23.63 48.19 2.27
C VAL E 300 22.47 49.17 2.11
N GLY E 301 21.26 48.70 2.41
CA GLY E 301 20.07 49.55 2.45
C GLY E 301 19.06 49.03 3.46
N LEU E 302 17.86 49.61 3.52
CA LEU E 302 16.84 49.23 4.50
C LEU E 302 15.48 48.96 3.87
N PHE E 303 14.89 47.80 4.20
CA PHE E 303 13.47 47.52 3.98
C PHE E 303 12.70 48.01 5.20
N LEU E 304 12.34 49.29 5.18
CA LEU E 304 11.61 49.89 6.30
C LEU E 304 10.19 49.36 6.30
N VAL E 305 9.88 48.47 7.25
CA VAL E 305 8.53 47.92 7.43
C VAL E 305 7.83 48.70 8.54
N LYS E 306 6.59 49.08 8.28
CA LYS E 306 5.90 50.09 9.08
C LYS E 306 4.72 49.49 9.84
N LYS E 307 4.48 50.02 11.06
CA LYS E 307 3.22 49.72 11.70
C LYS E 307 2.11 50.53 11.05
N PRO E 308 0.91 49.95 10.93
CA PRO E 308 -0.15 50.65 10.19
C PRO E 308 -0.46 52.05 10.70
N ASP E 309 0.09 52.47 11.83
CA ASP E 309 -0.06 53.86 12.22
C ASP E 309 0.92 54.75 11.46
N GLY E 310 2.11 54.23 11.19
CA GLY E 310 3.11 54.98 10.46
C GLY E 310 4.48 54.87 11.08
N THR E 311 4.52 54.43 12.35
CA THR E 311 5.76 54.43 13.10
C THR E 311 6.64 53.26 12.69
N ILE E 312 7.94 53.54 12.62
CA ILE E 312 8.98 52.52 12.49
C ILE E 312 9.61 52.32 13.87
N PRO E 313 9.44 51.15 14.51
CA PRO E 313 10.04 50.99 15.83
C PRO E 313 11.55 50.83 15.77
N GLY E 314 12.28 51.90 16.10
CA GLY E 314 13.72 51.88 16.25
C GLY E 314 14.49 52.70 15.23
N TYR E 315 13.90 53.04 14.09
CA TYR E 315 14.66 53.72 13.07
C TYR E 315 14.71 55.22 13.35
N ASP E 316 15.77 55.86 12.81
CA ASP E 316 16.11 57.26 12.99
C ASP E 316 15.92 58.06 11.71
N PRO E 317 14.68 58.48 11.40
CA PRO E 317 14.42 59.27 10.20
C PRO E 317 14.57 60.76 10.47
N GLY F 41 14.65 10.43 -31.17
CA GLY F 41 14.14 9.45 -30.23
C GLY F 41 14.42 9.80 -28.78
N ALA F 42 14.71 8.79 -27.98
CA ALA F 42 14.95 8.97 -26.55
C ALA F 42 15.90 7.88 -26.07
N ALA F 43 16.49 8.13 -24.90
CA ALA F 43 17.44 7.20 -24.32
C ALA F 43 16.74 5.91 -23.91
N PRO F 44 17.28 4.75 -24.26
CA PRO F 44 16.67 3.47 -23.84
C PRO F 44 17.06 3.13 -22.41
N ALA F 45 16.61 1.95 -22.00
CA ALA F 45 16.85 1.45 -20.65
C ALA F 45 18.30 1.00 -20.49
N GLY F 46 18.96 1.49 -19.45
CA GLY F 46 20.39 1.24 -19.31
C GLY F 46 20.73 -0.19 -18.89
N GLY F 47 22.00 -0.54 -19.05
CA GLY F 47 22.43 -1.79 -18.48
C GLY F 47 23.65 -2.46 -19.10
N GLU F 48 24.19 -1.91 -20.17
CA GLU F 48 25.29 -2.58 -20.86
C GLU F 48 26.63 -2.27 -20.23
N VAL F 49 27.55 -3.22 -20.36
CA VAL F 49 28.91 -3.09 -19.88
C VAL F 49 29.76 -2.62 -21.05
N ARG F 50 30.21 -1.38 -21.00
CA ARG F 50 30.89 -0.75 -22.13
C ARG F 50 32.36 -0.53 -21.84
N ARG F 51 33.12 -0.38 -22.93
CA ARG F 51 34.57 -0.17 -22.84
C ARG F 51 34.94 0.94 -23.79
N VAL F 52 36.10 1.55 -23.50
CA VAL F 52 36.65 2.59 -24.36
C VAL F 52 38.15 2.69 -24.10
N THR F 53 38.89 3.06 -25.13
CA THR F 53 40.29 3.42 -24.98
C THR F 53 40.38 4.93 -24.79
N LEU F 54 40.94 5.34 -23.66
CA LEU F 54 41.34 6.72 -23.46
C LEU F 54 42.86 6.78 -23.52
N TYR F 55 43.36 7.88 -24.08
CA TYR F 55 44.78 8.16 -24.16
C TYR F 55 44.98 9.56 -23.64
N ALA F 56 46.09 9.80 -22.94
CA ALA F 56 46.53 11.16 -22.66
C ALA F 56 47.82 11.35 -23.43
N GLU F 57 47.94 12.54 -24.02
CA GLU F 57 48.95 12.76 -25.03
C GLU F 57 49.14 14.26 -25.12
N ARG F 58 50.37 14.67 -25.39
CA ARG F 58 50.68 16.08 -25.44
C ARG F 58 50.17 16.67 -26.74
N LEU F 59 49.85 17.96 -26.69
CA LEU F 59 49.47 18.73 -27.86
C LEU F 59 50.49 19.84 -28.09
N ALA F 60 50.34 20.50 -29.23
CA ALA F 60 51.19 21.65 -29.50
C ALA F 60 50.75 22.82 -28.62
N GLY F 61 51.71 23.65 -28.26
CA GLY F 61 51.50 24.74 -27.34
C GLY F 61 51.83 24.43 -25.89
N GLY F 62 52.22 23.20 -25.59
CA GLY F 62 52.39 22.82 -24.21
C GLY F 62 51.11 22.37 -23.52
N GLN F 63 50.04 22.16 -24.27
CA GLN F 63 48.74 21.81 -23.70
C GLN F 63 48.55 20.29 -23.76
N LEU F 64 47.55 19.81 -23.03
CA LEU F 64 47.35 18.39 -22.82
C LEU F 64 45.88 18.07 -22.95
N GLY F 65 45.58 16.84 -23.33
CA GLY F 65 44.19 16.45 -23.47
C GLY F 65 44.05 14.98 -23.74
N TYR F 66 42.80 14.54 -23.72
CA TYR F 66 42.45 13.14 -23.90
C TYR F 66 41.97 12.87 -25.33
N GLY F 67 42.07 11.60 -25.72
CA GLY F 67 41.61 11.18 -27.03
C GLY F 67 41.33 9.69 -27.12
N LEU F 68 40.30 9.34 -27.90
CA LEU F 68 39.88 7.95 -28.09
C LEU F 68 40.93 7.11 -28.80
N GLU F 69 41.67 7.71 -29.74
CA GLU F 69 42.85 7.08 -30.31
C GLU F 69 44.01 8.07 -30.19
N LYS F 70 45.22 7.54 -30.40
CA LYS F 70 46.40 8.39 -30.30
C LYS F 70 46.52 9.27 -31.53
N GLY F 71 46.92 10.53 -31.30
CA GLY F 71 46.89 11.54 -32.32
C GLY F 71 45.54 12.19 -32.53
N LYS F 72 44.54 11.84 -31.72
CA LYS F 72 43.19 12.37 -31.81
C LYS F 72 42.77 13.10 -30.53
N ALA F 73 43.73 13.58 -29.75
CA ALA F 73 43.44 14.32 -28.53
C ALA F 73 42.83 15.69 -28.85
N SER F 74 41.94 16.13 -27.96
CA SER F 74 41.21 17.37 -28.19
C SER F 74 41.07 18.11 -26.87
N ILE F 75 40.60 19.34 -26.95
CA ILE F 75 40.18 20.07 -25.76
C ILE F 75 38.89 20.79 -26.11
N PRO F 76 37.73 20.45 -25.48
CA PRO F 76 37.40 19.40 -24.50
C PRO F 76 37.79 18.01 -24.95
N GLY F 77 37.99 17.10 -24.00
CA GLY F 77 38.20 15.72 -24.33
C GLY F 77 36.94 15.09 -24.92
N PRO F 78 37.10 13.91 -25.51
CA PRO F 78 35.97 13.22 -26.16
C PRO F 78 34.76 13.08 -25.24
N LEU F 79 33.57 13.15 -25.84
CA LEU F 79 32.33 13.06 -25.09
C LEU F 79 31.99 11.59 -24.85
N ILE F 80 31.86 11.22 -23.57
CA ILE F 80 31.37 9.91 -23.16
C ILE F 80 29.87 9.99 -22.92
N GLU F 81 29.17 8.91 -23.28
CA GLU F 81 27.72 8.90 -23.36
C GLU F 81 27.21 7.55 -22.85
N LEU F 82 26.56 7.55 -21.68
CA LEU F 82 26.03 6.34 -21.06
C LEU F 82 24.59 6.58 -20.65
N ASN F 83 23.85 5.47 -20.52
CA ASN F 83 22.51 5.50 -19.94
C ASN F 83 22.55 4.80 -18.58
N GLU F 84 21.60 5.20 -17.72
CA GLU F 84 21.48 4.75 -16.34
C GLU F 84 21.37 3.25 -16.19
N GLY F 85 22.40 2.62 -15.64
CA GLY F 85 22.42 1.19 -15.45
C GLY F 85 23.69 0.59 -16.02
N ASP F 86 24.33 1.34 -16.89
CA ASP F 86 25.50 0.84 -17.57
C ASP F 86 26.68 0.81 -16.61
N THR F 87 27.79 0.22 -17.09
CA THR F 87 29.07 0.33 -16.42
C THR F 87 30.06 0.63 -17.55
N LEU F 88 31.13 1.36 -17.25
CA LEU F 88 32.07 1.69 -18.30
C LEU F 88 33.49 1.41 -17.85
N HIS F 89 34.28 0.79 -18.73
CA HIS F 89 35.65 0.40 -18.44
C HIS F 89 36.56 1.19 -19.37
N VAL F 90 37.44 2.00 -18.80
CA VAL F 90 38.25 2.92 -19.59
C VAL F 90 39.70 2.44 -19.59
N GLU F 91 40.06 1.79 -20.69
CA GLU F 91 41.41 1.37 -21.02
C GLU F 91 42.26 2.61 -21.29
N PHE F 92 42.97 3.08 -20.26
CA PHE F 92 43.59 4.40 -20.27
C PHE F 92 45.11 4.29 -20.36
N GLU F 93 45.70 4.92 -21.38
CA GLU F 93 47.14 4.98 -21.56
C GLU F 93 47.66 6.40 -21.31
N ASN F 94 48.78 6.52 -20.59
CA ASN F 94 49.39 7.82 -20.32
C ASN F 94 50.69 7.92 -21.08
N THR F 95 50.66 8.62 -22.22
CA THR F 95 51.83 8.82 -23.05
C THR F 95 52.72 9.95 -22.53
N LEU F 96 52.25 10.74 -21.57
CA LEU F 96 53.00 11.90 -21.08
C LEU F 96 54.31 11.48 -20.42
N ASP F 97 55.11 12.50 -20.13
CA ASP F 97 56.37 12.43 -19.41
C ASP F 97 56.17 12.56 -17.91
N VAL F 98 54.90 12.60 -17.50
CA VAL F 98 54.48 12.90 -16.13
C VAL F 98 53.36 11.96 -15.76
N PRO F 99 53.25 11.60 -14.47
CA PRO F 99 52.06 10.87 -14.04
C PRO F 99 50.78 11.64 -14.36
N VAL F 100 49.71 10.89 -14.63
CA VAL F 100 48.41 11.47 -14.97
C VAL F 100 47.32 10.57 -14.38
N SER F 101 46.13 11.12 -14.25
CA SER F 101 45.03 10.39 -13.67
C SER F 101 43.73 10.67 -14.41
N LEU F 102 42.69 9.94 -14.00
CA LEU F 102 41.36 10.08 -14.55
C LEU F 102 40.37 10.08 -13.39
N HIS F 103 39.68 11.19 -13.24
CA HIS F 103 38.79 11.45 -12.13
C HIS F 103 37.46 11.87 -12.72
N VAL F 104 36.35 11.29 -12.25
CA VAL F 104 35.03 11.57 -12.81
C VAL F 104 34.05 12.04 -11.74
N HIS F 105 33.14 12.92 -12.15
CA HIS F 105 32.13 13.48 -11.28
C HIS F 105 30.82 12.74 -11.50
N GLY F 106 30.02 12.66 -10.44
CA GLY F 106 28.65 12.19 -10.56
C GLY F 106 28.43 10.70 -10.56
N LEU F 107 29.30 9.96 -11.23
CA LEU F 107 29.12 8.53 -11.35
C LEU F 107 29.69 7.79 -10.14
N ASP F 108 29.36 6.51 -10.04
CA ASP F 108 29.88 5.64 -8.99
C ASP F 108 31.19 5.02 -9.47
N TYR F 109 32.22 5.13 -8.64
CA TYR F 109 33.45 4.38 -8.81
C TYR F 109 33.84 3.88 -7.42
N GLU F 110 34.57 2.78 -7.38
CA GLU F 110 35.16 2.40 -6.12
C GLU F 110 36.49 3.14 -5.94
N ILE F 111 37.00 3.10 -4.71
CA ILE F 111 38.15 3.90 -4.32
C ILE F 111 39.35 3.65 -5.24
N SER F 112 39.37 2.49 -5.90
CA SER F 112 40.48 2.10 -6.78
C SER F 112 40.52 2.90 -8.06
N SER F 113 39.37 3.33 -8.58
CA SER F 113 39.34 4.19 -9.75
C SER F 113 39.00 5.62 -9.36
N ASP F 114 39.22 5.96 -8.08
CA ASP F 114 39.19 7.34 -7.62
C ASP F 114 39.93 8.26 -8.58
N GLY F 115 41.17 7.90 -8.94
CA GLY F 115 41.98 8.70 -9.81
C GLY F 115 42.93 9.63 -9.10
N THR F 116 43.28 9.37 -7.84
CA THR F 116 44.10 10.29 -7.08
C THR F 116 45.39 9.62 -6.62
N LYS F 117 46.44 10.41 -6.46
CA LYS F 117 47.69 9.88 -5.93
C LYS F 117 47.49 9.38 -4.51
N GLN F 118 46.62 10.06 -3.75
CA GLN F 118 46.34 9.68 -2.38
C GLN F 118 45.71 8.29 -2.29
N ASN F 119 44.90 7.91 -3.26
CA ASN F 119 44.44 6.54 -3.41
C ASN F 119 45.11 5.84 -4.59
N LYS F 120 46.39 6.14 -4.80
CA LYS F 120 47.29 5.39 -5.67
C LYS F 120 46.63 4.88 -6.95
N SER F 121 45.80 5.73 -7.57
CA SER F 121 45.12 5.39 -8.80
C SER F 121 45.56 6.26 -9.97
N HIS F 122 46.70 6.94 -9.84
CA HIS F 122 47.28 7.69 -10.94
C HIS F 122 47.95 6.73 -11.91
N VAL F 123 48.23 7.22 -13.11
CA VAL F 123 49.00 6.50 -14.12
C VAL F 123 50.34 7.19 -14.30
N GLU F 124 51.43 6.43 -14.13
CA GLU F 124 52.80 6.89 -14.36
C GLU F 124 53.07 6.95 -15.85
N PRO F 125 54.11 7.70 -16.25
CA PRO F 125 54.39 7.84 -17.68
C PRO F 125 54.46 6.49 -18.38
N GLY F 126 53.80 6.41 -19.53
CA GLY F 126 53.75 5.17 -20.27
C GLY F 126 52.90 4.11 -19.66
N GLY F 127 52.38 4.34 -18.46
CA GLY F 127 51.57 3.33 -17.81
C GLY F 127 50.19 3.22 -18.42
N THR F 128 49.54 2.11 -18.11
N THR F 128 49.54 2.10 -18.10
CA THR F 128 48.17 1.87 -18.53
CA THR F 128 48.17 1.81 -18.52
C THR F 128 47.37 1.51 -17.28
C THR F 128 47.35 1.44 -17.28
N ARG F 129 46.05 1.71 -17.34
CA ARG F 129 45.16 1.46 -16.22
C ARG F 129 43.73 1.43 -16.71
N THR F 130 42.97 0.43 -16.29
CA THR F 130 41.54 0.37 -16.59
C THR F 130 40.78 0.95 -15.40
N TYR F 131 40.14 2.09 -15.63
CA TYR F 131 39.22 2.68 -14.70
C TYR F 131 37.83 2.13 -14.95
N THR F 132 37.07 1.92 -13.87
CA THR F 132 35.68 1.48 -13.94
C THR F 132 34.77 2.56 -13.38
N TRP F 133 33.65 2.78 -14.08
CA TRP F 133 32.63 3.75 -13.72
C TRP F 133 31.27 3.12 -13.88
N ARG F 134 30.45 3.17 -12.84
CA ARG F 134 29.15 2.52 -12.86
C ARG F 134 28.06 3.57 -12.83
N THR F 135 26.86 3.17 -13.21
CA THR F 135 25.68 4.04 -13.11
C THR F 135 24.51 3.20 -12.61
N HIS F 136 23.53 3.89 -12.03
CA HIS F 136 22.36 3.22 -11.49
C HIS F 136 21.13 4.02 -11.89
N GLU F 137 19.97 3.35 -11.85
CA GLU F 137 18.68 4.01 -12.00
C GLU F 137 18.28 4.70 -10.70
N PRO F 138 17.32 5.63 -10.73
CA PRO F 138 16.80 6.15 -9.46
C PRO F 138 15.88 5.12 -8.84
N GLY F 139 16.29 4.56 -7.70
CA GLY F 139 15.56 3.49 -7.08
C GLY F 139 15.19 3.83 -5.65
N ARG F 140 14.17 3.14 -5.16
CA ARG F 140 13.78 3.17 -3.76
C ARG F 140 14.72 2.30 -2.91
N ARG F 141 14.91 2.73 -1.67
CA ARG F 141 15.74 2.02 -0.69
C ARG F 141 14.87 1.31 0.34
N ALA F 142 15.52 0.69 1.34
CA ALA F 142 14.76 0.02 2.40
C ALA F 142 14.32 0.99 3.48
N ASP F 143 15.19 1.93 3.87
CA ASP F 143 14.81 2.86 4.92
C ASP F 143 13.72 3.82 4.49
N GLY F 144 13.11 3.54 3.36
CA GLY F 144 11.93 4.26 2.91
C GLY F 144 12.19 5.36 1.91
N THR F 145 13.42 5.48 1.42
CA THR F 145 13.88 6.71 0.78
C THR F 145 14.12 6.50 -0.72
N TRP F 146 14.17 7.62 -1.42
CA TRP F 146 14.43 7.64 -2.85
C TRP F 146 15.91 7.88 -3.12
N ARG F 147 16.54 6.98 -3.86
CA ARG F 147 17.92 7.15 -4.30
C ARG F 147 17.96 7.79 -5.70
N ALA F 148 18.76 8.83 -5.85
CA ALA F 148 18.87 9.52 -7.14
C ALA F 148 19.83 8.77 -8.07
N GLY F 149 19.47 8.74 -9.34
CA GLY F 149 20.28 8.05 -10.32
C GLY F 149 21.58 8.77 -10.64
N SER F 150 22.32 8.19 -11.57
CA SER F 150 23.53 8.84 -12.04
C SER F 150 23.26 9.87 -13.12
N ALA F 151 22.03 9.95 -13.59
CA ALA F 151 21.69 10.83 -14.71
C ALA F 151 22.16 12.24 -14.45
N GLY F 152 22.58 12.91 -15.51
CA GLY F 152 23.02 14.29 -15.43
C GLY F 152 24.09 14.59 -16.46
N TYR F 153 24.38 15.87 -16.60
CA TYR F 153 25.51 16.36 -17.38
C TYR F 153 26.72 16.44 -16.45
N TRP F 154 27.69 15.56 -16.65
CA TRP F 154 28.86 15.42 -15.78
C TRP F 154 30.14 15.71 -16.56
N HIS F 155 31.27 15.45 -15.92
CA HIS F 155 32.56 15.63 -16.58
C HIS F 155 33.60 14.72 -15.97
N TYR F 156 34.69 14.52 -16.71
CA TYR F 156 35.89 13.88 -16.22
C TYR F 156 37.09 14.81 -16.42
N HIS F 157 38.13 14.56 -15.62
CA HIS F 157 39.29 15.42 -15.64
C HIS F 157 40.41 14.75 -14.86
N ASP F 158 41.59 15.32 -14.99
CA ASP F 158 42.79 14.83 -14.33
C ASP F 158 42.87 15.34 -12.88
N HIS F 159 43.60 14.60 -12.04
CA HIS F 159 43.68 14.93 -10.62
C HIS F 159 45.11 14.93 -10.09
N VAL F 160 46.13 14.86 -10.94
CA VAL F 160 47.49 14.71 -10.45
C VAL F 160 48.53 15.58 -11.15
N VAL F 161 48.19 16.15 -12.31
CA VAL F 161 49.19 16.90 -13.09
C VAL F 161 49.43 18.26 -12.45
N GLY F 162 50.70 18.58 -12.23
CA GLY F 162 51.07 19.85 -11.62
C GLY F 162 50.91 19.88 -10.14
N THR F 163 49.71 19.58 -9.66
CA THR F 163 49.46 19.41 -8.23
C THR F 163 48.65 18.14 -8.03
N GLU F 164 48.54 17.74 -6.76
CA GLU F 164 47.74 16.58 -6.38
C GLU F 164 46.25 16.82 -6.60
N HIS F 165 45.86 17.98 -7.10
CA HIS F 165 44.50 18.28 -7.52
C HIS F 165 44.39 18.50 -9.01
N GLY F 166 45.44 18.19 -9.76
CA GLY F 166 45.46 18.32 -11.20
C GLY F 166 45.29 19.74 -11.67
N THR F 167 45.66 20.73 -10.83
CA THR F 167 45.59 22.13 -11.23
C THR F 167 46.32 22.38 -12.55
N GLY F 168 47.39 21.64 -12.81
CA GLY F 168 48.11 21.77 -14.05
C GLY F 168 47.45 21.12 -15.24
N GLY F 169 46.97 19.89 -15.09
CA GLY F 169 46.36 19.21 -16.23
C GLY F 169 45.05 19.84 -16.65
N ILE F 170 44.24 20.28 -15.69
CA ILE F 170 43.01 21.00 -15.99
C ILE F 170 43.32 22.28 -16.75
N ARG F 171 44.36 22.99 -16.30
CA ARG F 171 44.82 24.23 -16.94
C ARG F 171 45.22 24.01 -18.40
N ASN F 172 45.80 22.86 -18.71
CA ASN F 172 46.32 22.59 -20.05
C ASN F 172 45.38 21.74 -20.89
N GLY F 173 44.27 21.28 -20.33
CA GLY F 173 43.16 20.83 -21.16
C GLY F 173 42.66 19.43 -20.90
N LEU F 174 43.13 18.82 -19.81
CA LEU F 174 42.77 17.45 -19.46
C LEU F 174 41.41 17.47 -18.77
N TYR F 175 40.36 17.53 -19.60
CA TYR F 175 38.99 17.64 -19.16
C TYR F 175 38.05 17.30 -20.31
N GLY F 176 36.89 16.74 -19.99
CA GLY F 176 35.92 16.33 -20.99
C GLY F 176 34.56 15.96 -20.42
N PRO F 177 33.51 16.00 -21.27
CA PRO F 177 32.15 15.78 -20.77
C PRO F 177 31.69 14.34 -20.79
N VAL F 178 31.03 13.94 -19.69
CA VAL F 178 30.23 12.73 -19.60
C VAL F 178 28.78 13.14 -19.52
N ILE F 179 27.91 12.43 -20.24
CA ILE F 179 26.46 12.53 -20.07
C ILE F 179 25.96 11.16 -19.71
N VAL F 180 25.20 11.09 -18.62
CA VAL F 180 24.43 9.90 -18.26
C VAL F 180 22.98 10.25 -18.45
N ARG F 181 22.31 9.52 -19.34
CA ARG F 181 20.93 9.84 -19.71
C ARG F 181 19.98 8.86 -19.03
N ARG F 182 18.81 9.37 -18.65
CA ARG F 182 17.73 8.59 -18.08
C ARG F 182 16.84 8.02 -19.17
N LYS F 183 16.26 6.85 -18.91
CA LYS F 183 15.25 6.28 -19.79
C LYS F 183 14.06 7.22 -19.94
N GLY F 184 13.89 7.82 -21.12
CA GLY F 184 12.84 8.79 -21.37
C GLY F 184 13.33 10.21 -21.69
N ASP F 185 14.65 10.44 -21.70
CA ASP F 185 15.19 11.74 -22.05
C ASP F 185 15.12 11.97 -23.55
N VAL F 186 14.64 13.15 -23.95
CA VAL F 186 14.67 13.49 -25.37
C VAL F 186 16.11 13.54 -25.84
N LEU F 187 16.30 13.18 -27.03
CA LEU F 187 17.64 13.28 -27.59
C LEU F 187 17.73 14.48 -28.52
N PRO F 188 18.95 15.02 -28.70
CA PRO F 188 19.12 16.17 -29.60
C PRO F 188 19.55 15.74 -31.00
N ASP F 189 19.66 16.67 -31.94
CA ASP F 189 20.35 16.39 -33.19
C ASP F 189 21.84 16.63 -33.10
N ALA F 190 22.26 17.37 -32.07
CA ALA F 190 23.64 17.81 -31.95
C ALA F 190 23.92 18.22 -30.51
N THR F 191 25.12 17.92 -30.04
CA THR F 191 25.57 18.32 -28.71
C THR F 191 26.85 19.15 -28.86
N HIS F 192 26.96 20.22 -28.07
CA HIS F 192 28.12 21.11 -28.08
C HIS F 192 28.65 21.29 -26.66
N THR F 193 29.95 21.07 -26.48
CA THR F 193 30.56 21.19 -25.16
C THR F 193 31.26 22.55 -25.07
N ILE F 194 30.90 23.32 -24.05
CA ILE F 194 31.48 24.63 -23.79
C ILE F 194 32.11 24.60 -22.40
N VAL F 195 33.42 24.75 -22.35
CA VAL F 195 34.16 24.72 -21.09
C VAL F 195 34.74 26.10 -20.87
N PHE F 196 34.31 26.78 -19.82
CA PHE F 196 35.00 28.00 -19.37
C PHE F 196 36.20 27.58 -18.52
N ASN F 197 37.37 27.48 -19.13
CA ASN F 197 38.56 27.07 -18.40
C ASN F 197 39.29 28.34 -18.03
N ASP F 198 38.95 28.86 -16.86
CA ASP F 198 39.51 30.03 -16.21
C ASP F 198 39.20 31.36 -16.89
N MET F 199 39.51 31.45 -18.18
CA MET F 199 39.50 32.73 -18.86
C MET F 199 39.27 32.49 -20.34
N THR F 200 39.16 31.24 -20.69
CA THR F 200 39.12 30.79 -22.05
C THR F 200 37.90 29.92 -22.20
N ILE F 201 37.61 29.57 -23.44
CA ILE F 201 36.61 28.56 -23.74
C ILE F 201 37.32 27.47 -24.52
N ASN F 202 37.37 26.27 -23.92
CA ASN F 202 38.05 25.11 -24.49
C ASN F 202 39.53 25.40 -24.75
N ASN F 203 40.13 26.23 -23.89
CA ASN F 203 41.53 26.63 -23.91
C ASN F 203 41.91 27.46 -25.13
N ARG F 204 40.94 27.82 -25.96
CA ARG F 204 41.22 28.54 -27.19
C ARG F 204 41.71 29.96 -26.91
N PRO F 205 42.43 30.55 -27.86
CA PRO F 205 42.84 31.95 -27.71
C PRO F 205 41.61 32.85 -27.63
N ALA F 206 41.82 34.05 -27.12
CA ALA F 206 40.69 34.96 -26.96
C ALA F 206 40.05 35.28 -28.31
N HIS F 207 38.75 35.52 -28.28
CA HIS F 207 38.00 35.95 -29.46
C HIS F 207 38.05 34.91 -30.59
N THR F 208 38.10 33.62 -30.28
CA THR F 208 38.10 32.61 -31.33
C THR F 208 36.89 31.68 -31.23
N GLY F 209 35.86 32.10 -30.52
CA GLY F 209 34.73 31.25 -30.24
C GLY F 209 35.03 30.23 -29.14
N PRO F 210 34.69 28.94 -29.36
CA PRO F 210 34.21 28.35 -30.63
C PRO F 210 32.86 28.84 -31.11
N ASN F 211 32.57 28.63 -32.40
CA ASN F 211 31.26 28.88 -32.97
C ASN F 211 30.56 27.55 -33.22
N PHE F 212 29.23 27.58 -33.23
CA PHE F 212 28.41 26.37 -33.34
C PHE F 212 27.23 26.64 -34.27
N GLU F 213 27.00 25.72 -35.21
CA GLU F 213 25.99 25.91 -36.26
C GLU F 213 24.75 25.06 -36.02
N ALA F 214 23.61 25.62 -36.34
CA ALA F 214 22.37 24.85 -36.32
C ALA F 214 21.45 25.39 -37.41
N THR F 215 20.52 24.53 -37.84
CA THR F 215 19.38 24.96 -38.62
C THR F 215 18.28 25.33 -37.63
N VAL F 216 17.51 26.36 -37.99
CA VAL F 216 16.34 26.71 -37.19
C VAL F 216 15.55 25.45 -36.87
N GLY F 217 15.20 25.29 -35.58
CA GLY F 217 14.33 24.24 -35.15
C GLY F 217 15.00 22.96 -34.73
N ASP F 218 16.32 22.85 -34.90
CA ASP F 218 17.02 21.67 -34.41
C ASP F 218 16.97 21.64 -32.90
N ARG F 219 16.96 20.42 -32.34
CA ARG F 219 17.16 20.19 -30.91
C ARG F 219 18.66 20.20 -30.63
N VAL F 220 19.14 21.24 -29.95
CA VAL F 220 20.57 21.47 -29.75
C VAL F 220 20.89 21.35 -28.27
N GLU F 221 21.76 20.40 -27.93
CA GLU F 221 22.19 20.16 -26.56
C GLU F 221 23.54 20.82 -26.25
N ILE F 222 23.61 21.52 -25.13
CA ILE F 222 24.81 22.25 -24.71
C ILE F 222 25.30 21.63 -23.40
N VAL F 223 26.58 21.26 -23.37
CA VAL F 223 27.25 20.80 -22.16
C VAL F 223 28.20 21.89 -21.71
N MET F 224 27.98 22.41 -20.50
CA MET F 224 28.68 23.59 -20.01
C MET F 224 29.43 23.23 -18.73
N ILE F 225 30.75 23.17 -18.83
CA ILE F 225 31.66 22.91 -17.71
C ILE F 225 32.43 24.19 -17.40
N THR F 226 32.74 24.38 -16.13
CA THR F 226 33.64 25.44 -15.69
C THR F 226 34.79 24.83 -14.91
N HIS F 227 35.98 25.40 -15.07
CA HIS F 227 37.19 24.86 -14.48
C HIS F 227 38.09 26.01 -14.03
N GLY F 228 38.96 25.72 -13.07
CA GLY F 228 40.08 26.60 -12.75
C GLY F 228 39.81 27.50 -11.56
N GLU F 229 40.05 28.79 -11.73
CA GLU F 229 40.06 29.75 -10.63
C GLU F 229 38.79 30.60 -10.52
N TYR F 230 38.10 30.89 -11.63
CA TYR F 230 37.19 32.03 -11.75
C TYR F 230 35.73 31.58 -11.75
N TYR F 231 34.88 32.36 -11.08
CA TYR F 231 33.45 32.21 -11.31
C TYR F 231 33.14 32.90 -12.64
N HIS F 232 32.19 32.33 -13.35
CA HIS F 232 31.69 32.86 -14.61
C HIS F 232 30.17 33.01 -14.56
N THR F 233 29.62 33.65 -15.60
CA THR F 233 28.20 33.53 -15.93
C THR F 233 28.08 33.15 -17.40
N PHE F 234 27.38 32.03 -17.66
CA PHE F 234 27.03 31.62 -19.01
C PHE F 234 25.75 32.31 -19.48
N HIS F 235 25.73 32.76 -20.72
CA HIS F 235 24.55 33.43 -21.22
C HIS F 235 24.45 33.25 -22.72
N MET F 236 23.22 33.04 -23.20
CA MET F 236 22.91 32.89 -24.63
C MET F 236 21.87 33.90 -25.05
N HIS F 237 22.19 34.64 -26.12
CA HIS F 237 21.22 35.50 -26.76
C HIS F 237 20.08 34.66 -27.33
N GLY F 238 18.87 35.19 -27.24
CA GLY F 238 17.74 34.66 -27.97
C GLY F 238 17.29 33.28 -27.58
N HIS F 239 17.84 32.70 -26.52
CA HIS F 239 17.54 31.35 -26.10
C HIS F 239 17.63 31.29 -24.58
N ARG F 240 16.96 30.30 -24.01
CA ARG F 240 16.82 30.16 -22.56
C ARG F 240 16.49 28.71 -22.26
N TRP F 241 16.73 28.31 -21.01
CA TRP F 241 16.58 26.93 -20.58
C TRP F 241 16.05 26.93 -19.15
N ALA F 242 15.73 25.74 -18.65
CA ALA F 242 15.28 25.55 -17.28
C ALA F 242 16.45 25.04 -16.44
N ASP F 243 16.64 25.63 -15.26
CA ASP F 243 17.70 25.22 -14.34
C ASP F 243 17.27 23.93 -13.63
N ASN F 244 17.21 22.85 -14.40
CA ASN F 244 16.92 21.55 -13.83
C ASN F 244 17.88 20.57 -14.47
N ARG F 245 17.65 19.29 -14.21
CA ARG F 245 18.55 18.25 -14.69
C ARG F 245 18.67 18.27 -16.21
N THR F 246 17.55 18.33 -16.94
CA THR F 246 17.59 18.23 -18.39
C THR F 246 17.65 19.58 -19.10
N GLY F 247 17.33 20.67 -18.43
CA GLY F 247 17.25 21.94 -19.14
C GLY F 247 15.91 22.21 -19.78
N MET F 248 14.91 21.36 -19.52
CA MET F 248 13.55 21.45 -20.04
C MET F 248 12.58 21.20 -18.91
N LEU F 249 11.53 22.00 -18.81
CA LEU F 249 10.47 21.69 -17.86
C LEU F 249 9.89 20.31 -18.18
N THR F 250 9.56 19.56 -17.12
CA THR F 250 8.85 18.29 -17.30
C THR F 250 7.43 18.52 -17.80
N GLY F 251 6.75 19.53 -17.27
CA GLY F 251 5.45 19.94 -17.75
C GLY F 251 5.06 21.25 -17.10
N PRO F 252 3.75 21.52 -17.04
CA PRO F 252 3.28 22.72 -16.34
C PRO F 252 3.47 22.63 -14.85
N ASP F 253 3.92 21.48 -14.38
CA ASP F 253 4.12 21.18 -12.98
C ASP F 253 5.54 21.43 -12.50
N ASP F 254 6.50 21.58 -13.42
CA ASP F 254 7.89 21.80 -13.06
C ASP F 254 8.12 23.25 -12.63
N PRO F 255 8.51 23.50 -11.38
CA PRO F 255 8.76 24.89 -10.95
C PRO F 255 10.21 25.35 -11.08
N SER F 256 11.06 24.61 -11.78
CA SER F 256 12.40 25.09 -12.08
C SER F 256 12.34 26.46 -12.73
N GLN F 257 13.22 27.36 -12.28
CA GLN F 257 13.26 28.69 -12.86
C GLN F 257 13.77 28.62 -14.29
N VAL F 258 13.25 29.51 -15.13
CA VAL F 258 13.62 29.61 -16.54
C VAL F 258 14.63 30.74 -16.67
N ILE F 259 15.79 30.43 -17.27
CA ILE F 259 16.92 31.35 -17.26
C ILE F 259 17.60 31.37 -18.63
N ASP F 260 18.39 32.40 -18.85
CA ASP F 260 19.31 32.45 -19.98
C ASP F 260 20.70 32.85 -19.51
N ASN F 261 20.92 32.89 -18.19
CA ASN F 261 22.11 33.45 -17.58
C ASN F 261 22.43 32.62 -16.35
N LYS F 262 23.53 31.88 -16.35
CA LYS F 262 23.77 30.98 -15.23
C LYS F 262 25.16 31.19 -14.62
N ILE F 263 25.17 31.48 -13.31
CA ILE F 263 26.38 31.60 -12.51
C ILE F 263 27.02 30.22 -12.33
N CYS F 264 28.34 30.17 -12.39
CA CYS F 264 29.03 28.90 -12.33
C CYS F 264 30.46 29.17 -11.89
N GLY F 265 31.10 28.14 -11.35
CA GLY F 265 32.46 28.24 -10.88
C GLY F 265 33.18 26.92 -11.11
N PRO F 266 34.43 26.84 -10.67
CA PRO F 266 35.24 25.64 -10.90
C PRO F 266 34.57 24.29 -10.60
N ALA F 267 34.53 23.45 -11.63
CA ALA F 267 33.98 22.09 -11.65
C ALA F 267 32.45 22.04 -11.63
N ASP F 268 31.77 23.16 -11.69
CA ASP F 268 30.37 23.13 -12.08
C ASP F 268 30.24 22.52 -13.47
N SER F 269 29.14 21.80 -13.69
CA SER F 269 28.79 21.30 -15.00
C SER F 269 27.28 21.28 -15.07
N PHE F 270 26.73 21.67 -16.21
CA PHE F 270 25.30 21.57 -16.42
C PHE F 270 25.05 21.46 -17.92
N GLY F 271 23.79 21.34 -18.29
CA GLY F 271 23.47 21.31 -19.70
C GLY F 271 21.99 21.56 -19.96
N PHE F 272 21.69 21.65 -21.24
CA PHE F 272 20.32 21.88 -21.67
C PHE F 272 20.18 21.45 -23.12
N GLN F 273 18.92 21.31 -23.53
CA GLN F 273 18.55 21.23 -24.94
C GLN F 273 17.63 22.38 -25.27
N ILE F 274 17.93 23.04 -26.37
CA ILE F 274 17.15 24.16 -26.88
C ILE F 274 16.75 23.85 -28.31
N ILE F 275 15.58 24.32 -28.70
CA ILE F 275 15.22 24.33 -30.11
C ILE F 275 15.92 25.53 -30.75
N ALA F 276 16.81 25.27 -31.68
CA ALA F 276 17.49 26.36 -32.38
C ALA F 276 16.47 27.26 -33.08
N GLY F 277 16.45 28.53 -32.68
CA GLY F 277 15.62 29.52 -33.33
C GLY F 277 14.21 29.68 -32.81
N GLU F 278 13.78 28.87 -31.85
CA GLU F 278 12.37 28.85 -31.48
C GLU F 278 11.91 30.24 -31.04
N GLY F 279 10.91 30.76 -31.76
CA GLY F 279 10.31 32.06 -31.48
C GLY F 279 11.19 33.25 -31.77
N VAL F 280 12.43 33.03 -32.18
CA VAL F 280 13.36 34.13 -32.44
C VAL F 280 13.78 34.09 -33.89
N GLY F 281 13.82 32.90 -34.47
CA GLY F 281 14.27 32.74 -35.83
C GLY F 281 15.78 32.74 -36.00
N ALA F 282 16.18 32.89 -37.25
CA ALA F 282 17.56 32.75 -37.69
C ALA F 282 18.37 33.99 -37.33
N GLY F 283 19.69 33.84 -37.44
CA GLY F 283 20.64 34.89 -37.11
C GLY F 283 21.82 34.37 -36.34
N ALA F 284 22.88 35.17 -36.26
CA ALA F 284 24.08 34.84 -35.50
C ALA F 284 23.84 35.27 -34.06
N TRP F 285 23.58 34.29 -33.20
CA TRP F 285 23.19 34.52 -31.83
C TRP F 285 24.42 34.44 -30.95
N MET F 286 24.72 35.52 -30.24
CA MET F 286 25.84 35.50 -29.33
C MET F 286 25.57 34.56 -28.15
N TYR F 287 26.58 33.77 -27.81
CA TYR F 287 26.74 33.27 -26.45
C TYR F 287 28.04 33.87 -25.92
N HIS F 288 28.07 34.12 -24.62
CA HIS F 288 29.29 34.67 -24.04
C HIS F 288 29.21 34.55 -22.53
N CYS F 289 30.36 34.77 -21.88
CA CYS F 289 30.36 35.05 -20.46
C CYS F 289 29.96 36.49 -20.24
N HIS F 290 29.17 36.71 -19.21
CA HIS F 290 28.57 38.02 -18.99
C HIS F 290 29.29 38.84 -17.92
N VAL F 291 30.22 38.25 -17.17
CA VAL F 291 31.21 39.00 -16.41
C VAL F 291 31.91 39.89 -17.42
N GLN F 292 31.82 41.20 -17.22
CA GLN F 292 31.97 42.12 -18.34
C GLN F 292 33.36 42.02 -18.96
N SER F 293 34.41 42.07 -18.14
CA SER F 293 35.75 41.98 -18.73
C SER F 293 35.98 40.60 -19.36
N HIS F 294 35.22 39.59 -18.93
CA HIS F 294 35.39 38.26 -19.50
C HIS F 294 34.94 38.21 -20.94
N SER F 295 33.75 38.76 -21.23
CA SER F 295 33.33 38.88 -22.63
C SER F 295 34.23 39.86 -23.37
N ASP F 296 34.47 41.03 -22.78
CA ASP F 296 35.26 42.05 -23.45
C ASP F 296 36.61 41.51 -23.89
N MET F 297 37.21 40.60 -23.13
CA MET F 297 38.51 40.09 -23.50
C MET F 297 38.46 38.75 -24.22
N GLY F 298 37.28 38.26 -24.59
CA GLY F 298 37.24 37.20 -25.58
C GLY F 298 36.38 36.00 -25.29
N MET F 299 35.80 35.93 -24.10
CA MET F 299 34.96 34.77 -23.70
C MET F 299 33.59 34.83 -24.36
N VAL F 300 33.60 34.79 -25.71
CA VAL F 300 32.43 34.98 -26.56
C VAL F 300 32.48 34.03 -27.75
N GLY F 301 31.30 33.68 -28.27
CA GLY F 301 31.16 32.86 -29.45
C GLY F 301 29.77 33.06 -29.99
N LEU F 302 29.45 32.32 -31.06
CA LEU F 302 28.18 32.51 -31.76
C LEU F 302 27.47 31.18 -31.97
N PHE F 303 26.18 31.17 -31.65
CA PHE F 303 25.25 30.12 -32.11
C PHE F 303 24.83 30.54 -33.51
N LEU F 304 25.34 29.88 -34.52
CA LEU F 304 25.04 30.33 -35.88
C LEU F 304 23.82 29.57 -36.38
N VAL F 305 22.65 30.15 -36.21
CA VAL F 305 21.38 29.48 -36.51
C VAL F 305 20.96 29.86 -37.94
N LYS F 306 20.95 28.85 -38.81
CA LYS F 306 20.70 28.97 -40.25
C LYS F 306 19.22 28.71 -40.58
N LYS F 307 18.79 29.24 -41.72
CA LYS F 307 17.47 28.96 -42.24
C LYS F 307 17.47 27.60 -42.92
N PRO F 308 16.29 27.13 -43.37
CA PRO F 308 16.27 25.93 -44.23
C PRO F 308 17.04 26.08 -45.52
N ASP F 309 17.25 27.30 -45.98
CA ASP F 309 18.09 27.49 -47.15
C ASP F 309 19.56 27.61 -46.77
N GLY F 310 19.88 27.52 -45.48
CA GLY F 310 21.25 27.53 -44.99
C GLY F 310 21.89 28.89 -44.91
N THR F 311 21.12 29.95 -44.74
CA THR F 311 21.65 31.31 -44.71
C THR F 311 21.48 31.92 -43.32
N ILE F 312 22.45 32.76 -42.94
CA ILE F 312 22.48 33.43 -41.65
C ILE F 312 22.38 34.93 -41.87
N PRO F 313 21.18 35.51 -41.81
CA PRO F 313 21.03 36.92 -42.18
C PRO F 313 21.81 37.85 -41.26
N GLY F 314 22.47 38.84 -41.86
CA GLY F 314 23.13 39.92 -41.15
C GLY F 314 24.53 39.62 -40.67
N TYR F 315 24.98 38.39 -40.81
CA TYR F 315 26.21 37.90 -40.23
C TYR F 315 27.40 38.28 -41.10
N ASP F 316 28.42 38.89 -40.49
CA ASP F 316 29.67 39.19 -41.17
C ASP F 316 30.88 38.70 -40.40
N ALA G 40 -45.59 -28.54 16.40
CA ALA G 40 -46.76 -27.70 16.59
C ALA G 40 -46.99 -26.81 15.38
N GLY G 41 -47.24 -27.43 14.24
CA GLY G 41 -47.50 -26.72 13.00
C GLY G 41 -46.23 -26.49 12.19
N ALA G 42 -46.34 -25.57 11.23
CA ALA G 42 -45.20 -25.12 10.45
C ALA G 42 -45.29 -23.61 10.34
N ALA G 43 -44.13 -22.96 10.27
CA ALA G 43 -44.08 -21.51 10.34
C ALA G 43 -44.94 -20.88 9.24
N PRO G 44 -45.72 -19.85 9.56
CA PRO G 44 -46.42 -19.10 8.51
C PRO G 44 -45.42 -18.38 7.62
N ALA G 45 -45.94 -17.79 6.56
CA ALA G 45 -45.13 -16.93 5.71
C ALA G 45 -45.16 -15.52 6.28
N GLY G 46 -44.00 -14.98 6.58
CA GLY G 46 -43.96 -13.76 7.35
C GLY G 46 -44.39 -12.56 6.54
N GLY G 47 -44.28 -11.40 7.18
CA GLY G 47 -44.57 -10.17 6.49
C GLY G 47 -45.10 -9.10 7.40
N GLU G 48 -45.29 -9.42 8.68
CA GLU G 48 -45.98 -8.54 9.61
C GLU G 48 -45.02 -7.64 10.35
N VAL G 49 -45.55 -6.51 10.82
CA VAL G 49 -44.77 -5.47 11.47
C VAL G 49 -44.98 -5.60 12.96
N ARG G 50 -43.91 -5.93 13.69
CA ARG G 50 -44.00 -6.33 15.09
C ARG G 50 -43.32 -5.32 16.00
N ARG G 51 -43.90 -5.14 17.17
CA ARG G 51 -43.37 -4.26 18.20
C ARG G 51 -42.96 -5.08 19.40
N VAL G 52 -41.84 -4.73 20.00
CA VAL G 52 -41.45 -5.23 21.31
C VAL G 52 -40.75 -4.12 22.06
N THR G 53 -40.78 -4.24 23.38
CA THR G 53 -40.08 -3.34 24.27
C THR G 53 -38.95 -4.11 24.91
N LEU G 54 -37.80 -3.48 25.05
CA LEU G 54 -36.63 -4.11 25.61
C LEU G 54 -35.95 -3.16 26.59
N TYR G 55 -35.49 -3.71 27.71
CA TYR G 55 -34.82 -2.97 28.75
C TYR G 55 -33.45 -3.56 29.01
N ALA G 56 -32.56 -2.70 29.48
CA ALA G 56 -31.25 -3.07 29.98
C ALA G 56 -31.24 -2.69 31.44
N GLU G 57 -31.30 -3.69 32.30
CA GLU G 57 -31.32 -3.52 33.73
C GLU G 57 -30.14 -4.29 34.32
N ARG G 58 -29.72 -3.87 35.52
CA ARG G 58 -28.72 -4.63 36.25
C ARG G 58 -29.37 -5.81 36.96
N LEU G 59 -28.55 -6.79 37.32
CA LEU G 59 -29.03 -7.98 38.00
C LEU G 59 -28.17 -8.28 39.22
N ALA G 60 -28.35 -9.46 39.80
CA ALA G 60 -27.67 -9.78 41.05
C ALA G 60 -26.18 -9.96 40.81
N GLY G 61 -25.37 -9.27 41.62
CA GLY G 61 -23.92 -9.38 41.61
C GLY G 61 -23.16 -8.80 40.43
N GLY G 62 -23.52 -7.59 40.01
CA GLY G 62 -22.82 -7.00 38.87
C GLY G 62 -23.07 -7.69 37.56
N GLN G 63 -24.27 -8.25 37.39
CA GLN G 63 -24.72 -8.98 36.20
C GLN G 63 -25.68 -8.11 35.42
N LEU G 64 -25.61 -8.17 34.08
CA LEU G 64 -26.43 -7.35 33.22
C LEU G 64 -27.19 -8.20 32.22
N GLY G 65 -28.42 -7.80 31.92
CA GLY G 65 -29.23 -8.60 31.03
C GLY G 65 -30.37 -7.81 30.41
N TYR G 66 -31.04 -8.43 29.44
CA TYR G 66 -32.17 -7.82 28.76
C TYR G 66 -33.47 -8.43 29.30
N GLY G 67 -34.51 -7.59 29.39
CA GLY G 67 -35.82 -8.05 29.81
C GLY G 67 -36.91 -7.38 28.99
N LEU G 68 -37.98 -8.15 28.76
CA LEU G 68 -39.14 -7.61 28.05
C LEU G 68 -39.76 -6.44 28.80
N GLU G 69 -39.93 -6.59 30.11
CA GLU G 69 -40.38 -5.49 30.96
C GLU G 69 -39.48 -5.41 32.18
N LYS G 70 -39.68 -4.38 32.98
CA LYS G 70 -38.73 -4.06 34.02
C LYS G 70 -38.85 -5.04 35.19
N GLY G 71 -37.72 -5.22 35.91
CA GLY G 71 -37.55 -6.31 36.83
C GLY G 71 -37.43 -7.69 36.21
N LYS G 72 -37.72 -7.83 34.91
CA LYS G 72 -37.83 -9.15 34.29
C LYS G 72 -36.62 -9.50 33.40
N ALA G 73 -35.52 -8.77 33.54
CA ALA G 73 -34.30 -9.10 32.81
C ALA G 73 -33.81 -10.52 33.14
N SER G 74 -33.11 -11.12 32.20
CA SER G 74 -32.68 -12.50 32.28
C SER G 74 -31.41 -12.68 31.46
N ILE G 75 -30.72 -13.79 31.75
CA ILE G 75 -29.59 -14.23 30.94
C ILE G 75 -29.80 -15.70 30.59
N PRO G 76 -29.90 -16.08 29.30
CA PRO G 76 -29.85 -15.13 28.19
C PRO G 76 -31.09 -14.27 28.14
N GLY G 77 -31.08 -13.25 27.29
CA GLY G 77 -32.23 -12.39 27.15
C GLY G 77 -33.38 -13.08 26.42
N PRO G 78 -34.54 -12.42 26.39
CA PRO G 78 -35.74 -13.01 25.77
C PRO G 78 -35.53 -13.54 24.36
N LEU G 79 -36.14 -14.71 24.09
CA LEU G 79 -36.13 -15.27 22.76
C LEU G 79 -37.03 -14.45 21.84
N ILE G 80 -36.50 -14.13 20.66
CA ILE G 80 -37.19 -13.33 19.66
C ILE G 80 -37.48 -14.24 18.47
N GLU G 81 -38.76 -14.36 18.11
CA GLU G 81 -39.17 -15.26 17.05
C GLU G 81 -39.70 -14.47 15.84
N LEU G 82 -39.09 -14.69 14.67
CA LEU G 82 -39.44 -14.01 13.44
C LEU G 82 -39.67 -15.00 12.31
N ASN G 83 -40.55 -14.63 11.40
CA ASN G 83 -40.70 -15.31 10.11
C ASN G 83 -40.23 -14.38 9.00
N GLU G 84 -39.48 -14.93 8.05
CA GLU G 84 -38.86 -14.16 6.98
C GLU G 84 -39.82 -13.18 6.32
N GLY G 85 -39.52 -11.89 6.45
CA GLY G 85 -40.39 -10.86 5.93
C GLY G 85 -40.77 -9.91 7.04
N ASP G 86 -40.92 -10.47 8.25
CA ASP G 86 -41.30 -9.67 9.40
C ASP G 86 -40.32 -8.52 9.63
N THR G 87 -40.88 -7.33 9.74
CA THR G 87 -40.18 -6.18 10.31
C THR G 87 -40.45 -6.13 11.80
N LEU G 88 -39.41 -5.94 12.59
CA LEU G 88 -39.51 -5.92 14.05
C LEU G 88 -39.00 -4.59 14.58
N HIS G 89 -39.88 -3.84 15.23
CA HIS G 89 -39.51 -2.57 15.83
C HIS G 89 -39.29 -2.81 17.31
N VAL G 90 -38.14 -2.39 17.81
CA VAL G 90 -37.73 -2.72 19.18
C VAL G 90 -37.57 -1.41 19.94
N GLU G 91 -38.54 -1.11 20.80
CA GLU G 91 -38.39 0.00 21.72
C GLU G 91 -37.46 -0.43 22.86
N PHE G 92 -36.28 0.19 22.95
CA PHE G 92 -35.24 -0.25 23.87
C PHE G 92 -34.89 0.87 24.84
N GLU G 93 -35.03 0.61 26.14
CA GLU G 93 -34.75 1.56 27.21
C GLU G 93 -33.56 1.10 28.05
N ASN G 94 -32.57 1.96 28.20
CA ASN G 94 -31.37 1.64 28.97
C ASN G 94 -31.49 2.23 30.37
N THR G 95 -31.77 1.38 31.35
CA THR G 95 -31.85 1.82 32.73
C THR G 95 -30.51 1.74 33.44
N LEU G 96 -29.46 1.31 32.76
CA LEU G 96 -28.13 1.25 33.32
C LEU G 96 -27.54 2.65 33.45
N ASP G 97 -26.48 2.74 34.25
CA ASP G 97 -25.76 3.99 34.46
C ASP G 97 -24.65 4.20 33.46
N VAL G 98 -24.55 3.33 32.46
CA VAL G 98 -23.58 3.50 31.37
C VAL G 98 -24.32 3.29 30.06
N PRO G 99 -23.77 3.82 28.96
CA PRO G 99 -24.42 3.59 27.67
C PRO G 99 -24.51 2.12 27.33
N VAL G 100 -25.54 1.80 26.55
CA VAL G 100 -25.88 0.43 26.16
C VAL G 100 -26.37 0.50 24.73
N SER G 101 -26.27 -0.62 24.02
CA SER G 101 -26.78 -0.67 22.67
C SER G 101 -27.31 -2.06 22.39
N LEU G 102 -27.96 -2.17 21.25
CA LEU G 102 -28.53 -3.42 20.79
C LEU G 102 -27.95 -3.70 19.42
N HIS G 103 -27.22 -4.79 19.32
CA HIS G 103 -26.61 -5.25 18.09
C HIS G 103 -27.21 -6.61 17.80
N VAL G 104 -27.49 -6.90 16.53
CA VAL G 104 -28.08 -8.17 16.15
C VAL G 104 -27.30 -8.77 14.99
N HIS G 105 -27.12 -10.09 15.01
CA HIS G 105 -26.50 -10.81 13.91
C HIS G 105 -27.58 -11.30 12.94
N GLY G 106 -27.24 -11.33 11.65
CA GLY G 106 -27.96 -12.11 10.67
C GLY G 106 -29.07 -11.40 9.94
N LEU G 107 -29.70 -10.43 10.59
CA LEU G 107 -30.89 -9.78 10.04
C LEU G 107 -30.50 -8.54 9.23
N ASP G 108 -31.47 -8.01 8.49
CA ASP G 108 -31.32 -6.74 7.79
C ASP G 108 -31.46 -5.59 8.77
N TYR G 109 -30.60 -4.59 8.64
CA TYR G 109 -30.74 -3.38 9.44
C TYR G 109 -29.95 -2.30 8.75
N GLU G 110 -30.38 -1.06 8.91
CA GLU G 110 -29.66 0.09 8.39
C GLU G 110 -28.69 0.60 9.43
N ILE G 111 -27.66 1.29 8.94
CA ILE G 111 -26.53 1.72 9.75
C ILE G 111 -26.95 2.39 11.05
N SER G 112 -28.12 3.06 11.06
CA SER G 112 -28.52 3.83 12.23
C SER G 112 -28.88 2.93 13.42
N SER G 113 -29.27 1.69 13.16
CA SER G 113 -29.57 0.71 14.20
C SER G 113 -28.47 -0.35 14.29
N ASP G 114 -27.26 0.04 13.89
CA ASP G 114 -26.05 -0.76 14.12
C ASP G 114 -25.92 -1.14 15.60
N GLY G 115 -26.31 -0.23 16.49
CA GLY G 115 -26.04 -0.41 17.91
C GLY G 115 -24.60 -0.22 18.29
N THR G 116 -23.86 0.63 17.60
CA THR G 116 -22.44 0.81 17.87
C THR G 116 -22.14 2.28 18.11
N LYS G 117 -21.06 2.52 18.87
CA LYS G 117 -20.53 3.86 19.07
C LYS G 117 -20.22 4.54 17.74
N GLN G 118 -19.56 3.80 16.84
CA GLN G 118 -19.11 4.34 15.56
C GLN G 118 -20.23 5.01 14.79
N ASN G 119 -21.43 4.45 14.85
CA ASN G 119 -22.53 4.97 14.07
C ASN G 119 -23.64 5.52 14.97
N LYS G 120 -23.24 6.14 16.09
CA LYS G 120 -24.14 6.91 16.93
C LYS G 120 -25.35 6.12 17.38
N SER G 121 -25.25 4.80 17.37
CA SER G 121 -26.41 3.94 17.53
C SER G 121 -26.50 3.32 18.93
N HIS G 122 -25.82 3.89 19.91
CA HIS G 122 -25.83 3.45 21.30
C HIS G 122 -26.81 4.29 22.08
N VAL G 123 -27.20 3.80 23.25
CA VAL G 123 -28.21 4.44 24.07
C VAL G 123 -27.54 5.04 25.30
N GLU G 124 -27.79 6.33 25.53
CA GLU G 124 -27.31 7.01 26.72
C GLU G 124 -27.94 6.38 27.96
N PRO G 125 -27.28 6.50 29.12
CA PRO G 125 -27.88 5.99 30.35
C PRO G 125 -29.18 6.70 30.65
N GLY G 126 -30.25 5.93 30.77
CA GLY G 126 -31.58 6.47 30.90
C GLY G 126 -32.31 6.53 29.57
N GLY G 127 -31.58 6.72 28.48
CA GLY G 127 -32.15 6.84 27.16
C GLY G 127 -33.15 5.77 26.74
N THR G 128 -34.07 6.15 25.86
CA THR G 128 -34.84 5.21 25.07
C THR G 128 -34.36 5.28 23.62
N ARG G 129 -34.66 4.25 22.84
CA ARG G 129 -34.27 4.23 21.44
C ARG G 129 -34.97 3.07 20.75
N THR G 130 -35.28 3.28 19.48
CA THR G 130 -35.95 2.25 18.68
C THR G 130 -34.96 1.75 17.63
N TYR G 131 -34.75 0.45 17.64
CA TYR G 131 -33.99 -0.23 16.62
C TYR G 131 -34.97 -0.95 15.71
N THR G 132 -34.75 -0.84 14.40
CA THR G 132 -35.54 -1.58 13.43
C THR G 132 -34.66 -2.61 12.76
N TRP G 133 -35.08 -3.86 12.84
CA TRP G 133 -34.53 -4.96 12.07
C TRP G 133 -35.63 -5.49 11.17
N ARG G 134 -35.36 -5.57 9.87
CA ARG G 134 -36.27 -6.11 8.87
C ARG G 134 -35.76 -7.47 8.46
N THR G 135 -36.60 -8.24 7.75
CA THR G 135 -36.21 -9.57 7.28
C THR G 135 -36.78 -9.81 5.89
N HIS G 136 -36.27 -10.84 5.21
CA HIS G 136 -36.65 -11.07 3.82
C HIS G 136 -36.62 -12.56 3.51
N GLU G 137 -37.49 -12.96 2.57
CA GLU G 137 -37.50 -14.29 2.01
C GLU G 137 -36.42 -14.42 0.94
N PRO G 138 -35.99 -15.63 0.62
CA PRO G 138 -34.92 -15.78 -0.37
C PRO G 138 -35.46 -15.64 -1.79
N GLY G 139 -34.98 -14.60 -2.49
CA GLY G 139 -35.42 -14.40 -3.86
C GLY G 139 -34.31 -14.63 -4.87
N ARG G 140 -34.65 -14.82 -6.15
CA ARG G 140 -33.64 -14.89 -7.20
C ARG G 140 -33.45 -13.51 -7.80
N ARG G 141 -32.21 -13.20 -8.14
CA ARG G 141 -31.85 -11.88 -8.63
C ARG G 141 -31.73 -11.87 -10.16
N ALA G 142 -31.60 -10.66 -10.72
CA ALA G 142 -31.43 -10.50 -12.17
C ALA G 142 -30.14 -11.12 -12.67
N ASP G 143 -29.10 -11.09 -11.86
CA ASP G 143 -27.84 -11.71 -12.26
C ASP G 143 -27.93 -13.26 -12.37
N GLY G 144 -29.10 -13.85 -12.18
CA GLY G 144 -29.21 -15.29 -12.19
C GLY G 144 -28.79 -15.95 -10.91
N THR G 145 -28.41 -15.17 -9.90
CA THR G 145 -27.93 -15.72 -8.64
C THR G 145 -29.02 -15.59 -7.59
N TRP G 146 -28.93 -16.45 -6.59
CA TRP G 146 -29.97 -16.62 -5.60
C TRP G 146 -29.66 -15.78 -4.37
N ARG G 147 -30.62 -14.97 -3.93
CA ARG G 147 -30.47 -14.21 -2.70
C ARG G 147 -30.96 -15.04 -1.51
N ALA G 148 -30.24 -14.91 -0.40
CA ALA G 148 -30.49 -15.71 0.77
C ALA G 148 -31.41 -14.97 1.71
N GLY G 149 -32.32 -15.69 2.30
CA GLY G 149 -33.22 -15.11 3.27
C GLY G 149 -32.57 -14.88 4.61
N SER G 150 -33.35 -14.24 5.48
CA SER G 150 -32.91 -13.93 6.82
C SER G 150 -32.96 -15.14 7.76
N ALA G 151 -33.55 -16.25 7.33
CA ALA G 151 -33.86 -17.34 8.25
C ALA G 151 -32.59 -17.96 8.83
N GLY G 152 -32.65 -18.30 10.10
CA GLY G 152 -31.63 -19.08 10.74
C GLY G 152 -31.65 -18.90 12.24
N TYR G 153 -30.55 -19.30 12.87
CA TYR G 153 -30.40 -19.17 14.32
C TYR G 153 -29.40 -18.05 14.56
N TRP G 154 -29.86 -16.97 15.17
CA TRP G 154 -29.10 -15.73 15.28
C TRP G 154 -29.11 -15.22 16.72
N HIS G 155 -28.62 -14.01 16.97
CA HIS G 155 -28.60 -13.53 18.36
C HIS G 155 -28.49 -12.03 18.40
N TYR G 156 -28.60 -11.51 19.62
CA TYR G 156 -28.38 -10.10 19.88
C TYR G 156 -27.58 -9.95 21.17
N HIS G 157 -26.78 -8.90 21.23
CA HIS G 157 -25.86 -8.69 22.34
C HIS G 157 -25.51 -7.22 22.39
N ASP G 158 -24.86 -6.82 23.47
CA ASP G 158 -24.40 -5.46 23.58
C ASP G 158 -23.14 -5.24 22.76
N HIS G 159 -22.92 -4.00 22.33
CA HIS G 159 -21.76 -3.62 21.54
C HIS G 159 -21.02 -2.39 22.07
N VAL G 160 -21.34 -1.90 23.27
CA VAL G 160 -20.75 -0.64 23.74
C VAL G 160 -20.23 -0.67 25.18
N VAL G 161 -20.57 -1.71 25.95
CA VAL G 161 -20.29 -1.75 27.40
C VAL G 161 -18.88 -2.28 27.65
N GLY G 162 -18.15 -1.60 28.50
CA GLY G 162 -16.77 -2.01 28.77
C GLY G 162 -15.80 -1.64 27.70
N THR G 163 -16.12 -1.97 26.44
CA THR G 163 -15.38 -1.59 25.25
C THR G 163 -16.37 -1.27 24.15
N GLU G 164 -15.85 -0.81 23.01
CA GLU G 164 -16.55 -0.55 21.76
C GLU G 164 -16.91 -1.80 21.05
N HIS G 165 -16.81 -2.93 21.73
CA HIS G 165 -17.23 -4.19 21.14
C HIS G 165 -18.19 -4.96 22.03
N GLY G 166 -18.63 -4.35 23.13
CA GLY G 166 -19.50 -5.00 24.09
C GLY G 166 -18.82 -6.06 24.92
N THR G 167 -17.50 -5.98 25.09
CA THR G 167 -16.78 -7.01 25.82
C THR G 167 -17.30 -7.13 27.25
N GLY G 168 -17.42 -6.01 27.96
CA GLY G 168 -18.00 -6.03 29.28
C GLY G 168 -19.50 -6.31 29.26
N GLY G 169 -20.20 -5.74 28.28
CA GLY G 169 -21.62 -6.04 28.17
C GLY G 169 -21.86 -7.52 28.01
N ILE G 170 -21.21 -8.13 27.03
CA ILE G 170 -21.43 -9.55 26.73
C ILE G 170 -21.04 -10.42 27.90
N ARG G 171 -19.92 -10.08 28.58
CA ARG G 171 -19.38 -10.94 29.63
C ARG G 171 -20.32 -11.01 30.84
N ASN G 172 -21.14 -10.00 31.07
CA ASN G 172 -22.02 -9.99 32.23
C ASN G 172 -23.46 -10.35 31.90
N GLY G 173 -23.70 -10.95 30.75
CA GLY G 173 -25.01 -11.50 30.40
C GLY G 173 -25.86 -10.74 29.39
N LEU G 174 -25.34 -9.67 28.79
CA LEU G 174 -26.14 -8.87 27.84
C LEU G 174 -26.14 -9.56 26.48
N TYR G 175 -27.03 -10.53 26.33
CA TYR G 175 -27.17 -11.26 25.08
C TYR G 175 -28.45 -12.06 25.08
N GLY G 176 -28.97 -12.34 23.88
CA GLY G 176 -30.08 -13.24 23.75
C GLY G 176 -30.31 -13.76 22.35
N PRO G 177 -31.10 -14.81 22.23
CA PRO G 177 -31.28 -15.47 20.93
C PRO G 177 -32.38 -14.86 20.05
N VAL G 178 -32.14 -14.88 18.73
CA VAL G 178 -33.15 -14.56 17.71
C VAL G 178 -33.33 -15.78 16.82
N ILE G 179 -34.58 -16.16 16.56
CA ILE G 179 -34.91 -17.17 15.57
C ILE G 179 -35.64 -16.48 14.43
N VAL G 180 -35.20 -16.72 13.19
CA VAL G 180 -35.93 -16.30 12.01
C VAL G 180 -36.35 -17.54 11.24
N ARG G 181 -37.66 -17.75 11.11
CA ARG G 181 -38.19 -18.96 10.51
C ARG G 181 -38.59 -18.71 9.08
N ARG G 182 -38.37 -19.72 8.24
CA ARG G 182 -38.80 -19.77 6.85
C ARG G 182 -40.16 -20.45 6.76
N LYS G 183 -41.04 -19.93 5.90
CA LYS G 183 -42.32 -20.56 5.64
C LYS G 183 -42.15 -22.05 5.40
N GLY G 184 -42.91 -22.85 6.13
CA GLY G 184 -42.78 -24.29 6.05
C GLY G 184 -41.75 -24.88 6.97
N ASP G 185 -41.19 -24.10 7.89
CA ASP G 185 -40.33 -24.63 8.94
C ASP G 185 -41.17 -25.32 9.99
N VAL G 186 -40.82 -26.58 10.28
CA VAL G 186 -41.43 -27.29 11.40
C VAL G 186 -41.20 -26.48 12.67
N LEU G 187 -42.29 -26.33 13.49
CA LEU G 187 -42.18 -25.69 14.78
C LEU G 187 -41.97 -26.73 15.87
N PRO G 188 -41.29 -26.39 16.96
CA PRO G 188 -41.03 -27.35 18.02
C PRO G 188 -42.09 -27.31 19.11
N ASP G 189 -42.08 -28.35 19.95
CA ASP G 189 -42.81 -28.30 21.19
C ASP G 189 -42.13 -27.41 22.24
N ALA G 190 -40.82 -27.21 22.13
CA ALA G 190 -40.04 -26.46 23.12
C ALA G 190 -38.72 -25.97 22.52
N THR G 191 -38.36 -24.73 22.81
CA THR G 191 -37.06 -24.13 22.46
C THR G 191 -36.25 -23.85 23.74
N HIS G 192 -34.96 -24.17 23.74
CA HIS G 192 -34.10 -23.88 24.88
C HIS G 192 -32.80 -23.23 24.43
N THR G 193 -32.29 -22.29 25.21
CA THR G 193 -31.09 -21.54 24.82
C THR G 193 -29.89 -21.87 25.71
N ILE G 194 -28.86 -22.44 25.09
CA ILE G 194 -27.55 -22.70 25.70
C ILE G 194 -26.56 -21.73 25.09
N VAL G 195 -26.02 -20.83 25.92
CA VAL G 195 -24.96 -19.92 25.52
C VAL G 195 -23.72 -20.28 26.34
N PHE G 196 -22.66 -20.69 25.67
CA PHE G 196 -21.35 -20.86 26.31
C PHE G 196 -20.68 -19.50 26.39
N ASN G 197 -20.69 -18.88 27.56
CA ASN G 197 -20.14 -17.54 27.69
C ASN G 197 -18.84 -17.65 28.45
N ASP G 198 -17.77 -17.78 27.70
CA ASP G 198 -16.36 -17.88 28.08
C ASP G 198 -15.98 -19.14 28.85
N MET G 199 -16.72 -19.45 29.90
CA MET G 199 -16.38 -20.58 30.76
C MET G 199 -17.64 -21.02 31.49
N THR G 200 -18.76 -20.39 31.15
CA THR G 200 -20.00 -20.55 31.86
C THR G 200 -21.09 -20.86 30.86
N ILE G 201 -22.12 -21.57 31.29
CA ILE G 201 -23.29 -21.73 30.45
C ILE G 201 -24.35 -20.76 30.94
N ASN G 202 -24.73 -19.85 30.06
CA ASN G 202 -25.71 -18.81 30.39
C ASN G 202 -25.27 -18.00 31.60
N ASN G 203 -23.96 -17.81 31.76
CA ASN G 203 -23.35 -17.10 32.88
C ASN G 203 -23.56 -17.79 34.23
N ARG G 204 -24.04 -19.02 34.22
CA ARG G 204 -24.34 -19.69 35.46
C ARG G 204 -23.05 -20.01 36.22
N PRO G 205 -23.13 -20.15 37.56
CA PRO G 205 -22.03 -20.74 38.31
C PRO G 205 -21.69 -22.11 37.78
N ALA G 206 -20.49 -22.59 38.09
CA ALA G 206 -20.08 -23.88 37.55
C ALA G 206 -20.97 -24.98 38.11
N HIS G 207 -21.19 -26.00 37.29
CA HIS G 207 -21.87 -27.23 37.74
C HIS G 207 -23.27 -26.92 38.25
N THR G 208 -23.95 -26.00 37.59
CA THR G 208 -25.36 -25.74 37.89
C THR G 208 -26.21 -25.83 36.63
N GLY G 209 -25.72 -26.54 35.60
CA GLY G 209 -26.45 -26.68 34.36
C GLY G 209 -26.35 -25.52 33.38
N PRO G 210 -27.49 -25.12 32.78
CA PRO G 210 -28.85 -25.51 33.16
C PRO G 210 -29.27 -26.91 32.77
N ASN G 211 -30.43 -27.31 33.25
CA ASN G 211 -31.02 -28.60 32.95
C ASN G 211 -32.39 -28.37 32.31
N PHE G 212 -32.70 -29.17 31.31
CA PHE G 212 -33.92 -29.07 30.53
C PHE G 212 -34.60 -30.43 30.54
N GLU G 213 -35.93 -30.44 30.58
CA GLU G 213 -36.68 -31.71 30.58
C GLU G 213 -37.50 -31.88 29.31
N ALA G 214 -37.74 -33.13 28.96
CA ALA G 214 -38.60 -33.46 27.84
C ALA G 214 -39.22 -34.81 28.11
N THR G 215 -40.12 -35.21 27.21
CA THR G 215 -40.73 -36.51 27.22
C THR G 215 -40.29 -37.25 25.97
N VAL G 216 -40.05 -38.55 26.10
CA VAL G 216 -39.63 -39.32 24.94
C VAL G 216 -40.62 -39.06 23.81
N GLY G 217 -40.12 -38.48 22.72
CA GLY G 217 -40.91 -38.20 21.54
C GLY G 217 -40.99 -36.73 21.19
N ASP G 218 -40.88 -35.85 22.21
CA ASP G 218 -40.96 -34.41 22.00
C ASP G 218 -39.97 -33.94 20.93
N ARG G 219 -40.37 -32.94 20.19
CA ARG G 219 -39.48 -32.20 19.28
C ARG G 219 -38.91 -31.00 20.05
N VAL G 220 -37.63 -31.08 20.40
CA VAL G 220 -36.97 -30.07 21.22
C VAL G 220 -35.96 -29.31 20.37
N GLU G 221 -36.11 -28.00 20.34
CA GLU G 221 -35.22 -27.11 19.61
C GLU G 221 -34.23 -26.44 20.56
N ILE G 222 -32.95 -26.45 20.18
CA ILE G 222 -31.87 -25.86 20.97
C ILE G 222 -31.23 -24.73 20.19
N VAL G 223 -30.89 -23.68 20.90
CA VAL G 223 -30.29 -22.47 20.38
C VAL G 223 -28.90 -22.35 21.03
N MET G 224 -27.85 -22.70 20.28
CA MET G 224 -26.49 -22.80 20.81
C MET G 224 -25.64 -21.60 20.36
N ILE G 225 -25.36 -20.70 21.30
CA ILE G 225 -24.57 -19.51 21.08
C ILE G 225 -23.26 -19.61 21.85
N THR G 226 -22.19 -19.01 21.30
CA THR G 226 -20.92 -18.87 22.00
C THR G 226 -20.46 -17.42 22.01
N HIS G 227 -19.99 -16.99 23.18
CA HIS G 227 -19.52 -15.62 23.41
C HIS G 227 -18.23 -15.68 24.19
N GLY G 228 -17.47 -14.60 24.11
CA GLY G 228 -16.30 -14.42 24.95
C GLY G 228 -14.98 -14.64 24.21
N GLU G 229 -14.09 -15.42 24.83
CA GLU G 229 -12.73 -15.62 24.33
C GLU G 229 -12.47 -17.02 23.82
N TYR G 230 -13.34 -17.99 24.11
CA TYR G 230 -12.96 -19.39 24.04
C TYR G 230 -13.71 -20.12 22.95
N TYR G 231 -13.00 -20.96 22.23
CA TYR G 231 -13.68 -21.92 21.40
C TYR G 231 -14.18 -23.05 22.29
N HIS G 232 -15.25 -23.69 21.83
CA HIS G 232 -15.83 -24.78 22.55
C HIS G 232 -16.13 -25.88 21.55
N THR G 233 -16.50 -27.05 22.09
CA THR G 233 -17.13 -28.16 21.38
C THR G 233 -18.43 -28.51 22.12
N PHE G 234 -19.57 -28.09 21.58
CA PHE G 234 -20.86 -28.48 22.15
C PHE G 234 -21.18 -29.95 21.87
N HIS G 235 -21.69 -30.65 22.88
CA HIS G 235 -21.92 -32.08 22.73
C HIS G 235 -23.19 -32.50 23.43
N MET G 236 -23.85 -33.51 22.87
CA MET G 236 -24.99 -34.13 23.56
C MET G 236 -24.94 -35.63 23.45
N HIS G 237 -24.88 -36.30 24.59
CA HIS G 237 -25.05 -37.75 24.63
C HIS G 237 -26.43 -38.13 24.08
N GLY G 238 -26.48 -39.23 23.33
CA GLY G 238 -27.73 -39.84 22.96
C GLY G 238 -28.47 -39.21 21.81
N HIS G 239 -28.06 -38.03 21.33
CA HIS G 239 -28.84 -37.30 20.35
C HIS G 239 -27.91 -36.50 19.44
N ARG G 240 -28.29 -36.41 18.16
CA ARG G 240 -27.48 -35.78 17.13
C ARG G 240 -28.38 -34.96 16.20
N TRP G 241 -27.73 -34.12 15.39
CA TRP G 241 -28.42 -33.20 14.50
C TRP G 241 -27.56 -33.05 13.25
N ALA G 242 -28.09 -32.35 12.26
CA ALA G 242 -27.37 -32.13 11.01
C ALA G 242 -26.80 -30.72 11.00
N ASP G 243 -25.56 -30.60 10.52
CA ASP G 243 -24.87 -29.33 10.55
C ASP G 243 -25.33 -28.46 9.38
N ASN G 244 -26.61 -28.12 9.41
CA ASN G 244 -27.16 -27.24 8.39
C ASN G 244 -28.00 -26.20 9.08
N ARG G 245 -28.81 -25.46 8.30
CA ARG G 245 -29.60 -24.36 8.85
C ARG G 245 -30.55 -24.84 9.95
N THR G 246 -31.37 -25.84 9.64
CA THR G 246 -32.46 -26.28 10.49
C THR G 246 -32.03 -27.27 11.57
N GLY G 247 -30.99 -28.05 11.30
CA GLY G 247 -30.65 -29.18 12.12
C GLY G 247 -31.13 -30.51 11.60
N MET G 248 -31.75 -30.54 10.42
CA MET G 248 -32.36 -31.73 9.88
C MET G 248 -32.03 -31.81 8.40
N LEU G 249 -31.87 -33.03 7.89
CA LEU G 249 -31.68 -33.21 6.46
C LEU G 249 -32.96 -32.86 5.71
N THR G 250 -32.78 -32.22 4.55
CA THR G 250 -33.90 -31.93 3.67
C THR G 250 -34.65 -33.22 3.31
N GLY G 251 -33.96 -34.13 2.62
CA GLY G 251 -34.46 -35.45 2.39
C GLY G 251 -33.28 -36.38 2.30
N PRO G 252 -33.40 -37.46 1.51
CA PRO G 252 -32.26 -38.37 1.30
C PRO G 252 -31.16 -37.81 0.43
N ASP G 253 -31.30 -36.59 -0.07
CA ASP G 253 -30.27 -36.02 -0.92
C ASP G 253 -29.73 -34.73 -0.31
N ASP G 254 -29.78 -34.63 1.03
CA ASP G 254 -29.02 -33.62 1.73
C ASP G 254 -27.70 -34.26 2.15
N PRO G 255 -26.55 -33.82 1.61
CA PRO G 255 -25.27 -34.36 2.07
C PRO G 255 -24.73 -33.69 3.32
N SER G 256 -25.51 -32.82 3.95
CA SER G 256 -25.10 -32.17 5.17
C SER G 256 -24.67 -33.21 6.20
N GLN G 257 -23.62 -32.87 6.94
CA GLN G 257 -23.00 -33.80 7.86
C GLN G 257 -23.81 -33.89 9.15
N VAL G 258 -24.11 -35.13 9.55
CA VAL G 258 -24.84 -35.44 10.78
C VAL G 258 -23.82 -35.58 11.89
N ILE G 259 -23.98 -34.80 12.96
CA ILE G 259 -22.98 -34.65 14.00
C ILE G 259 -23.67 -34.64 15.37
N ASP G 260 -22.87 -34.89 16.41
CA ASP G 260 -23.32 -34.64 17.79
C ASP G 260 -22.31 -33.81 18.58
N ASN G 261 -21.32 -33.24 17.90
CA ASN G 261 -20.23 -32.50 18.51
C ASN G 261 -19.87 -31.39 17.55
N LYS G 262 -19.94 -30.13 17.99
CA LYS G 262 -19.70 -29.03 17.05
C LYS G 262 -18.78 -27.98 17.65
N ILE G 263 -17.70 -27.68 16.95
CA ILE G 263 -16.78 -26.65 17.39
C ILE G 263 -17.41 -25.29 17.17
N CYS G 264 -17.22 -24.38 18.13
N CYS G 264 -17.25 -24.39 18.15
CA CYS G 264 -17.80 -23.06 18.05
CA CYS G 264 -17.85 -23.06 18.05
C CYS G 264 -16.81 -22.05 18.59
C CYS G 264 -16.90 -22.05 18.68
N GLY G 265 -17.12 -20.77 18.36
CA GLY G 265 -16.29 -19.71 18.84
C GLY G 265 -17.16 -18.50 19.16
N PRO G 266 -16.56 -17.45 19.73
CA PRO G 266 -17.31 -16.23 20.03
C PRO G 266 -18.20 -15.73 18.90
N ALA G 267 -19.50 -15.62 19.22
CA ALA G 267 -20.59 -15.12 18.38
C ALA G 267 -21.00 -16.07 17.27
N ASP G 268 -20.51 -17.31 17.28
CA ASP G 268 -21.18 -18.37 16.55
C ASP G 268 -22.57 -18.61 17.14
N SER G 269 -23.49 -19.00 16.26
CA SER G 269 -24.83 -19.39 16.65
C SER G 269 -25.32 -20.44 15.66
N PHE G 270 -25.91 -21.50 16.18
CA PHE G 270 -26.57 -22.45 15.32
C PHE G 270 -27.77 -23.00 16.09
N GLY G 271 -28.39 -24.04 15.54
CA GLY G 271 -29.59 -24.56 16.15
C GLY G 271 -29.98 -25.84 15.47
N PHE G 272 -30.97 -26.49 16.06
CA PHE G 272 -31.46 -27.78 15.61
C PHE G 272 -32.72 -28.13 16.40
N GLN G 273 -33.43 -29.12 15.90
CA GLN G 273 -34.51 -29.77 16.61
C GLN G 273 -34.23 -31.25 16.60
N ILE G 274 -34.53 -31.90 17.71
CA ILE G 274 -34.37 -33.33 17.84
C ILE G 274 -35.65 -33.89 18.42
N ILE G 275 -35.82 -35.19 18.23
CA ILE G 275 -36.86 -35.95 18.89
C ILE G 275 -36.24 -36.48 20.18
N ALA G 276 -36.62 -35.89 21.32
CA ALA G 276 -36.20 -36.40 22.62
C ALA G 276 -36.48 -37.89 22.74
N GLY G 277 -35.44 -38.66 23.06
CA GLY G 277 -35.58 -40.07 23.32
C GLY G 277 -35.64 -40.98 22.11
N GLU G 278 -35.45 -40.45 20.90
CA GLU G 278 -35.67 -41.24 19.69
C GLU G 278 -34.57 -42.26 19.50
N GLY G 279 -34.98 -43.53 19.39
CA GLY G 279 -34.04 -44.62 19.18
C GLY G 279 -33.12 -44.90 20.34
N VAL G 280 -33.19 -44.10 21.40
CA VAL G 280 -32.33 -44.27 22.57
C VAL G 280 -33.13 -44.40 23.87
N GLY G 281 -34.14 -43.57 24.06
CA GLY G 281 -35.01 -43.72 25.21
C GLY G 281 -34.82 -42.63 26.26
N ALA G 282 -35.47 -42.84 27.40
CA ALA G 282 -35.53 -41.88 28.51
C ALA G 282 -34.30 -41.96 29.40
N GLY G 283 -34.03 -40.86 30.10
CA GLY G 283 -32.90 -40.81 31.00
C GLY G 283 -32.39 -39.39 31.16
N ALA G 284 -31.42 -39.24 32.06
CA ALA G 284 -30.66 -38.01 32.21
C ALA G 284 -29.50 -38.07 31.22
N TRP G 285 -29.65 -37.38 30.09
CA TRP G 285 -28.64 -37.35 29.03
C TRP G 285 -27.81 -36.08 29.16
N MET G 286 -26.49 -36.25 29.20
CA MET G 286 -25.65 -35.09 29.41
C MET G 286 -25.38 -34.37 28.09
N TYR G 287 -25.47 -33.07 28.12
CA TYR G 287 -24.76 -32.23 27.20
C TYR G 287 -23.62 -31.56 27.96
N HIS G 288 -22.55 -31.26 27.25
CA HIS G 288 -21.46 -30.56 27.89
C HIS G 288 -20.56 -30.01 26.81
N CYS G 289 -19.71 -29.06 27.18
CA CYS G 289 -18.56 -28.81 26.34
C CYS G 289 -17.68 -30.05 26.40
N HIS G 290 -17.00 -30.32 25.30
CA HIS G 290 -16.14 -31.48 25.25
C HIS G 290 -14.66 -31.11 25.38
N VAL G 291 -14.34 -29.83 25.46
CA VAL G 291 -13.00 -29.44 25.89
C VAL G 291 -12.88 -29.90 27.34
N GLN G 292 -11.92 -30.79 27.61
CA GLN G 292 -11.99 -31.62 28.81
C GLN G 292 -11.99 -30.81 30.10
N SER G 293 -11.06 -29.86 30.25
CA SER G 293 -11.09 -29.01 31.43
C SER G 293 -12.38 -28.21 31.50
N HIS G 294 -12.97 -27.90 30.34
CA HIS G 294 -14.21 -27.13 30.34
C HIS G 294 -15.32 -27.90 31.01
N SER G 295 -15.56 -29.14 30.54
CA SER G 295 -16.55 -30.02 31.17
C SER G 295 -16.19 -30.36 32.61
N ASP G 296 -14.92 -30.69 32.86
CA ASP G 296 -14.50 -31.04 34.20
C ASP G 296 -14.84 -29.93 35.20
N MET G 297 -14.71 -28.68 34.77
CA MET G 297 -14.78 -27.56 35.68
C MET G 297 -16.08 -26.78 35.58
N GLY G 298 -17.13 -27.37 35.00
CA GLY G 298 -18.46 -26.78 35.08
C GLY G 298 -19.39 -26.85 33.88
N MET G 299 -18.84 -26.87 32.66
CA MET G 299 -19.64 -26.72 31.43
C MET G 299 -20.38 -28.02 31.08
N VAL G 300 -21.27 -28.40 31.98
CA VAL G 300 -22.11 -29.58 31.86
C VAL G 300 -23.55 -29.21 32.23
N GLY G 301 -24.49 -30.00 31.73
CA GLY G 301 -25.90 -29.91 32.11
C GLY G 301 -26.59 -31.14 31.59
N LEU G 302 -27.85 -31.31 31.98
CA LEU G 302 -28.60 -32.53 31.71
C LEU G 302 -29.85 -32.25 30.90
N PHE G 303 -30.08 -33.08 29.89
CA PHE G 303 -31.32 -33.07 29.12
C PHE G 303 -32.12 -34.27 29.64
N LEU G 304 -33.07 -34.00 30.54
CA LEU G 304 -33.77 -35.06 31.26
C LEU G 304 -35.00 -35.49 30.46
N VAL G 305 -34.94 -36.66 29.86
CA VAL G 305 -36.04 -37.18 29.05
C VAL G 305 -36.88 -38.11 29.92
N LYS G 306 -38.09 -37.65 30.24
CA LYS G 306 -39.03 -38.40 31.05
C LYS G 306 -39.79 -39.39 30.19
N LYS G 307 -40.16 -40.52 30.78
CA LYS G 307 -41.09 -41.41 30.12
C LYS G 307 -42.42 -40.69 30.12
N PRO G 308 -43.47 -41.23 29.52
CA PRO G 308 -44.78 -40.58 29.67
C PRO G 308 -45.35 -40.70 31.09
N ASP G 309 -44.93 -41.69 31.88
CA ASP G 309 -45.32 -41.74 33.28
C ASP G 309 -44.51 -40.78 34.14
N GLY G 310 -43.69 -39.92 33.53
CA GLY G 310 -42.95 -38.90 34.21
C GLY G 310 -41.61 -39.29 34.79
N THR G 311 -41.14 -40.52 34.55
CA THR G 311 -39.97 -41.00 35.25
C THR G 311 -38.72 -40.96 34.38
N ILE G 312 -37.60 -40.67 35.03
CA ILE G 312 -36.28 -40.57 34.41
C ILE G 312 -35.43 -41.68 34.98
N PRO G 313 -35.41 -42.87 34.37
CA PRO G 313 -34.75 -44.00 35.02
C PRO G 313 -33.26 -43.76 35.21
N GLY G 314 -32.72 -44.35 36.27
CA GLY G 314 -31.30 -44.30 36.54
C GLY G 314 -30.86 -42.99 37.16
N TYR G 315 -31.60 -41.94 36.86
CA TYR G 315 -31.23 -40.60 37.30
C TYR G 315 -31.24 -40.49 38.81
N ASP G 316 -30.18 -39.93 39.34
CA ASP G 316 -29.95 -39.84 40.77
C ASP G 316 -28.98 -38.69 41.01
N PRO G 317 -29.48 -37.46 41.19
CA PRO G 317 -28.58 -36.32 41.34
C PRO G 317 -27.69 -36.43 42.56
N GLN G 318 -27.88 -37.53 43.31
CA GLN G 318 -26.88 -37.97 44.28
C GLN G 318 -25.53 -38.21 43.60
N GLU G 319 -25.52 -38.87 42.43
CA GLU G 319 -24.30 -39.18 41.71
C GLU G 319 -23.95 -38.14 40.65
N HIS G 320 -24.86 -37.25 40.30
CA HIS G 320 -24.60 -36.26 39.30
C HIS G 320 -23.99 -35.04 39.94
N ALA H 40 -23.97 -11.08 -15.18
CA ALA H 40 -22.64 -10.77 -14.65
C ALA H 40 -21.54 -11.42 -15.48
N GLY H 41 -20.31 -10.95 -15.33
CA GLY H 41 -19.18 -11.67 -15.90
C GLY H 41 -19.08 -13.05 -15.29
N ALA H 42 -18.77 -14.05 -16.12
CA ALA H 42 -18.67 -15.43 -15.67
C ALA H 42 -17.34 -16.02 -16.10
N ALA H 43 -16.91 -17.02 -15.36
CA ALA H 43 -15.62 -17.63 -15.59
C ALA H 43 -15.70 -18.63 -16.74
N PRO H 44 -14.82 -18.55 -17.72
CA PRO H 44 -14.80 -19.56 -18.78
C PRO H 44 -14.11 -20.83 -18.31
N ALA H 45 -14.34 -21.90 -19.05
CA ALA H 45 -13.61 -23.13 -18.80
C ALA H 45 -12.13 -22.85 -18.94
N GLY H 46 -11.34 -23.56 -18.15
CA GLY H 46 -9.92 -23.31 -18.12
C GLY H 46 -9.20 -23.93 -19.29
N GLY H 47 -7.90 -24.08 -19.09
CA GLY H 47 -7.11 -24.75 -20.09
C GLY H 47 -5.85 -24.01 -20.47
N GLU H 48 -5.77 -22.70 -20.30
CA GLU H 48 -4.62 -21.99 -20.82
C GLU H 48 -3.40 -22.30 -19.96
N VAL H 49 -2.23 -22.29 -20.58
CA VAL H 49 -0.97 -22.39 -19.87
C VAL H 49 -0.52 -20.97 -19.56
N ARG H 50 -0.56 -20.60 -18.28
CA ARG H 50 -0.12 -19.29 -17.85
C ARG H 50 1.31 -19.38 -17.32
N ARG H 51 1.96 -18.22 -17.27
CA ARG H 51 3.24 -18.08 -16.59
C ARG H 51 3.17 -16.78 -15.79
N VAL H 52 4.09 -16.63 -14.83
CA VAL H 52 4.15 -15.45 -13.97
C VAL H 52 5.47 -15.42 -13.22
N THR H 53 5.93 -14.22 -12.86
CA THR H 53 7.14 -14.02 -12.06
C THR H 53 6.74 -13.68 -10.62
N LEU H 54 7.33 -14.40 -9.66
CA LEU H 54 7.15 -14.11 -8.24
C LEU H 54 8.52 -13.97 -7.57
N TYR H 55 8.65 -12.94 -6.74
CA TYR H 55 9.91 -12.64 -6.05
C TYR H 55 9.62 -12.47 -4.57
N ALA H 56 10.33 -13.24 -3.73
CA ALA H 56 10.29 -13.04 -2.29
C ALA H 56 11.28 -11.94 -1.90
N GLU H 57 10.81 -10.97 -1.10
CA GLU H 57 11.62 -9.79 -0.83
C GLU H 57 11.57 -9.43 0.65
N ARG H 58 12.71 -8.97 1.18
CA ARG H 58 12.69 -8.16 2.39
C ARG H 58 12.07 -6.81 2.03
N LEU H 59 11.25 -6.28 2.94
CA LEU H 59 10.47 -5.09 2.72
C LEU H 59 10.81 -4.05 3.77
N ALA H 60 10.40 -2.82 3.52
CA ALA H 60 10.38 -1.82 4.57
C ALA H 60 9.48 -2.29 5.72
N GLY H 61 9.70 -1.73 6.90
CA GLY H 61 9.04 -2.18 8.10
C GLY H 61 9.55 -3.50 8.64
N GLY H 62 10.47 -4.17 7.93
CA GLY H 62 11.01 -5.45 8.34
C GLY H 62 10.19 -6.67 7.94
N GLN H 63 9.01 -6.49 7.40
CA GLN H 63 8.16 -7.62 7.04
C GLN H 63 8.72 -8.32 5.82
N LEU H 64 8.13 -9.47 5.48
CA LEU H 64 8.57 -10.30 4.36
C LEU H 64 7.39 -10.58 3.44
N GLY H 65 7.54 -10.32 2.15
CA GLY H 65 6.44 -10.50 1.23
C GLY H 65 6.87 -11.08 -0.10
N TYR H 66 5.87 -11.59 -0.82
CA TYR H 66 6.04 -12.04 -2.20
C TYR H 66 5.66 -10.92 -3.17
N GLY H 67 6.38 -10.84 -4.28
CA GLY H 67 6.19 -9.74 -5.23
C GLY H 67 6.03 -10.23 -6.65
N LEU H 68 5.08 -9.61 -7.36
CA LEU H 68 4.97 -9.83 -8.81
C LEU H 68 6.21 -9.31 -9.52
N GLU H 69 6.71 -8.15 -9.11
CA GLU H 69 7.93 -7.58 -9.66
C GLU H 69 8.84 -7.16 -8.52
N LYS H 70 10.15 -7.25 -8.76
CA LYS H 70 11.13 -6.84 -7.75
C LYS H 70 10.91 -5.38 -7.38
N GLY H 71 10.77 -5.13 -6.08
CA GLY H 71 10.43 -3.84 -5.56
C GLY H 71 8.97 -3.70 -5.14
N LYS H 72 8.07 -4.49 -5.70
CA LYS H 72 6.65 -4.33 -5.45
C LYS H 72 6.03 -5.54 -4.75
N ALA H 73 6.74 -6.08 -3.75
CA ALA H 73 6.13 -7.13 -2.95
C ALA H 73 5.10 -6.53 -2.02
N SER H 74 4.11 -7.34 -1.62
CA SER H 74 3.00 -6.84 -0.81
C SER H 74 2.64 -7.87 0.26
N ILE H 75 1.89 -7.41 1.26
CA ILE H 75 1.29 -8.27 2.28
C ILE H 75 -0.20 -7.98 2.41
N PRO H 76 -1.10 -8.91 2.04
CA PRO H 76 -0.84 -10.22 1.45
C PRO H 76 -0.21 -10.17 0.06
N GLY H 77 0.21 -11.32 -0.45
CA GLY H 77 0.83 -11.42 -1.75
C GLY H 77 -0.16 -11.21 -2.88
N PRO H 78 0.35 -11.17 -4.11
CA PRO H 78 -0.52 -10.93 -5.26
C PRO H 78 -1.52 -12.06 -5.49
N LEU H 79 -2.70 -11.67 -5.98
CA LEU H 79 -3.80 -12.61 -6.16
C LEU H 79 -3.57 -13.44 -7.43
N ILE H 80 -3.57 -14.76 -7.25
CA ILE H 80 -3.49 -15.73 -8.34
C ILE H 80 -4.88 -16.24 -8.63
N GLU H 81 -5.32 -16.12 -9.88
CA GLU H 81 -6.72 -16.27 -10.23
C GLU H 81 -6.79 -17.10 -11.50
N LEU H 82 -7.05 -18.39 -11.36
CA LEU H 82 -7.10 -19.33 -12.47
C LEU H 82 -8.54 -19.79 -12.69
N ASN H 83 -8.73 -20.55 -13.75
CA ASN H 83 -9.97 -21.25 -14.04
C ASN H 83 -9.66 -22.72 -14.09
N GLU H 84 -10.62 -23.55 -13.68
CA GLU H 84 -10.41 -24.99 -13.64
C GLU H 84 -9.97 -25.54 -15.01
N GLY H 85 -8.83 -26.21 -15.03
CA GLY H 85 -8.18 -26.66 -16.25
C GLY H 85 -6.88 -25.91 -16.55
N ASP H 86 -6.78 -24.66 -16.10
CA ASP H 86 -5.58 -23.87 -16.31
C ASP H 86 -4.37 -24.58 -15.69
N THR H 87 -3.19 -24.06 -16.02
CA THR H 87 -1.91 -24.51 -15.50
C THR H 87 -1.05 -23.26 -15.33
N LEU H 88 -0.27 -23.19 -14.26
CA LEU H 88 0.52 -22.00 -13.98
C LEU H 88 1.94 -22.37 -13.62
N HIS H 89 2.91 -21.84 -14.37
CA HIS H 89 4.32 -21.93 -14.04
C HIS H 89 4.72 -20.62 -13.37
N VAL H 90 5.01 -20.67 -12.08
CA VAL H 90 5.51 -19.52 -11.34
C VAL H 90 7.03 -19.59 -11.35
N GLU H 91 7.70 -18.60 -11.93
CA GLU H 91 9.15 -18.62 -12.01
C GLU H 91 9.68 -17.82 -10.82
N PHE H 92 9.99 -18.54 -9.73
CA PHE H 92 10.21 -17.97 -8.41
C PHE H 92 11.68 -17.71 -8.17
N GLU H 93 12.02 -16.47 -7.80
CA GLU H 93 13.38 -16.09 -7.42
C GLU H 93 13.40 -15.67 -5.95
N ASN H 94 14.14 -16.43 -5.14
CA ASN H 94 14.39 -16.02 -3.76
C ASN H 94 15.52 -15.01 -3.78
N THR H 95 15.18 -13.76 -3.51
CA THR H 95 16.20 -12.74 -3.32
C THR H 95 16.62 -12.64 -1.87
N LEU H 96 16.08 -13.48 -0.99
CA LEU H 96 16.44 -13.38 0.41
C LEU H 96 17.82 -13.98 0.63
N ASP H 97 18.27 -13.88 1.88
CA ASP H 97 19.54 -14.43 2.32
C ASP H 97 19.38 -15.77 3.01
N VAL H 98 18.14 -16.24 3.14
CA VAL H 98 17.84 -17.56 3.69
C VAL H 98 16.95 -18.27 2.69
N PRO H 99 16.78 -19.60 2.81
CA PRO H 99 15.84 -20.29 1.94
C PRO H 99 14.43 -19.76 2.13
N VAL H 100 13.66 -19.82 1.05
CA VAL H 100 12.23 -19.55 1.07
C VAL H 100 11.61 -20.61 0.17
N SER H 101 10.28 -20.69 0.18
CA SER H 101 9.60 -21.61 -0.72
C SER H 101 8.24 -21.04 -1.10
N LEU H 102 7.62 -21.71 -2.07
CA LEU H 102 6.26 -21.42 -2.52
C LEU H 102 5.48 -22.72 -2.43
N HIS H 103 4.67 -22.80 -1.38
CA HIS H 103 3.75 -23.88 -1.11
C HIS H 103 2.33 -23.39 -1.41
N VAL H 104 1.52 -24.22 -2.05
CA VAL H 104 0.12 -23.86 -2.28
C VAL H 104 -0.78 -24.94 -1.73
N HIS H 105 -1.93 -24.51 -1.21
CA HIS H 105 -3.01 -25.41 -0.85
C HIS H 105 -3.98 -25.57 -2.03
N GLY H 106 -4.51 -26.78 -2.22
CA GLY H 106 -5.69 -27.02 -3.02
C GLY H 106 -5.45 -27.28 -4.49
N LEU H 107 -4.43 -26.67 -5.07
CA LEU H 107 -4.16 -26.88 -6.48
C LEU H 107 -3.47 -28.22 -6.67
N ASP H 108 -3.50 -28.72 -7.90
CA ASP H 108 -2.70 -29.89 -8.22
C ASP H 108 -1.25 -29.48 -8.41
N TYR H 109 -0.35 -30.30 -7.89
CA TYR H 109 1.09 -30.07 -7.92
C TYR H 109 1.77 -31.35 -7.47
N GLU H 110 2.91 -31.65 -8.09
CA GLU H 110 3.63 -32.89 -7.85
C GLU H 110 4.60 -32.73 -6.67
N ILE H 111 5.30 -33.81 -6.35
CA ILE H 111 6.25 -33.83 -5.23
C ILE H 111 7.32 -32.76 -5.40
N SER H 112 7.64 -32.42 -6.65
CA SER H 112 8.72 -31.48 -6.97
C SER H 112 8.29 -30.03 -6.90
N SER H 113 6.99 -29.76 -6.95
CA SER H 113 6.43 -28.45 -6.68
C SER H 113 5.88 -28.37 -5.25
N ASP H 114 6.39 -29.22 -4.36
CA ASP H 114 5.84 -29.30 -3.01
C ASP H 114 6.18 -28.08 -2.18
N GLY H 115 7.31 -27.43 -2.47
CA GLY H 115 7.75 -26.30 -1.68
C GLY H 115 8.30 -26.63 -0.32
N THR H 116 8.75 -27.88 -0.10
CA THR H 116 9.19 -28.35 1.20
C THR H 116 10.63 -28.83 1.15
N LYS H 117 11.37 -28.53 2.22
CA LYS H 117 12.79 -28.89 2.30
C LYS H 117 12.99 -30.40 2.30
N GLN H 118 12.11 -31.14 2.96
N GLN H 118 12.09 -31.16 2.91
CA GLN H 118 12.20 -32.59 3.12
CA GLN H 118 12.37 -32.59 3.13
C GLN H 118 12.60 -33.28 1.82
C GLN H 118 12.59 -33.33 1.82
N ASN H 119 11.94 -32.92 0.72
CA ASN H 119 12.22 -33.46 -0.60
C ASN H 119 12.87 -32.41 -1.51
N LYS H 120 13.57 -31.45 -0.91
CA LYS H 120 14.46 -30.56 -1.62
C LYS H 120 13.71 -29.72 -2.64
N SER H 121 12.64 -29.06 -2.19
CA SER H 121 11.77 -28.31 -3.07
C SER H 121 11.79 -26.83 -2.74
N HIS H 122 12.78 -26.39 -1.98
CA HIS H 122 12.88 -25.00 -1.57
C HIS H 122 13.89 -24.28 -2.48
N VAL H 123 14.17 -23.02 -2.15
CA VAL H 123 14.92 -22.13 -3.02
C VAL H 123 15.99 -21.39 -2.22
N GLU H 124 17.23 -21.84 -2.32
CA GLU H 124 18.32 -21.26 -1.55
C GLU H 124 18.60 -19.83 -2.03
N PRO H 125 19.12 -18.96 -1.16
CA PRO H 125 19.27 -17.54 -1.50
C PRO H 125 19.85 -17.26 -2.89
N GLY H 126 19.27 -16.30 -3.60
CA GLY H 126 19.66 -16.00 -4.95
C GLY H 126 19.22 -16.99 -6.00
N GLY H 127 18.72 -18.17 -5.59
CA GLY H 127 18.33 -19.19 -6.54
C GLY H 127 16.99 -18.93 -7.20
N THR H 128 16.77 -19.64 -8.30
CA THR H 128 15.52 -19.56 -9.04
C THR H 128 14.98 -20.96 -9.29
N ARG H 129 13.66 -21.04 -9.40
CA ARG H 129 12.96 -22.30 -9.54
C ARG H 129 11.55 -22.01 -9.99
N THR H 130 11.10 -22.77 -10.98
CA THR H 130 9.74 -22.68 -11.48
C THR H 130 8.93 -23.75 -10.76
N TYR H 131 7.89 -23.32 -10.03
CA TYR H 131 6.87 -24.21 -9.52
C TYR H 131 5.73 -24.25 -10.53
N THR H 132 5.24 -25.45 -10.84
CA THR H 132 4.12 -25.61 -11.76
C THR H 132 2.92 -26.08 -10.96
N TRP H 133 1.83 -25.32 -11.03
CA TRP H 133 0.54 -25.73 -10.49
C TRP H 133 -0.38 -26.09 -11.64
N ARG H 134 -1.08 -27.19 -11.51
CA ARG H 134 -2.12 -27.56 -12.44
C ARG H 134 -3.46 -27.48 -11.75
N THR H 135 -4.51 -27.38 -12.55
CA THR H 135 -5.87 -27.46 -12.04
C THR H 135 -6.62 -28.50 -12.84
N HIS H 136 -7.84 -28.78 -12.39
CA HIS H 136 -8.70 -29.71 -13.12
C HIS H 136 -10.15 -29.35 -12.82
N GLU H 137 -11.04 -29.97 -13.56
CA GLU H 137 -12.47 -29.82 -13.38
C GLU H 137 -13.06 -31.16 -12.95
N PRO H 138 -14.23 -31.15 -12.33
CA PRO H 138 -14.83 -32.41 -11.87
C PRO H 138 -15.20 -33.36 -13.00
N GLY H 139 -15.66 -34.54 -12.66
CA GLY H 139 -16.05 -35.53 -13.64
C GLY H 139 -16.31 -36.87 -12.97
N ARG H 140 -16.79 -37.80 -13.78
CA ARG H 140 -17.06 -39.16 -13.33
C ARG H 140 -15.84 -40.05 -13.54
N ARG H 141 -15.40 -40.74 -12.50
CA ARG H 141 -14.29 -41.67 -12.68
C ARG H 141 -14.78 -42.96 -13.33
N ALA H 142 -13.84 -43.84 -13.64
CA ALA H 142 -14.18 -45.13 -14.23
C ALA H 142 -14.69 -46.13 -13.20
N ASP H 143 -15.13 -45.67 -12.03
CA ASP H 143 -15.70 -46.55 -11.03
C ASP H 143 -17.12 -46.12 -10.64
N GLY H 144 -17.65 -45.08 -11.27
CA GLY H 144 -18.91 -44.49 -10.91
C GLY H 144 -18.76 -43.23 -10.10
N THR H 145 -17.68 -43.12 -9.33
CA THR H 145 -17.48 -42.00 -8.43
C THR H 145 -17.30 -40.69 -9.20
N TRP H 146 -17.50 -39.59 -8.47
CA TRP H 146 -17.42 -38.24 -9.01
C TRP H 146 -16.19 -37.53 -8.45
N ARG H 147 -15.29 -37.09 -9.35
CA ARG H 147 -14.03 -36.48 -8.94
C ARG H 147 -14.20 -34.99 -8.69
N ALA H 148 -13.52 -34.50 -7.65
CA ALA H 148 -13.66 -33.13 -7.22
C ALA H 148 -12.82 -32.23 -8.10
N GLY H 149 -13.41 -31.14 -8.56
CA GLY H 149 -12.64 -30.13 -9.23
C GLY H 149 -11.68 -29.43 -8.28
N SER H 150 -10.78 -28.68 -8.88
CA SER H 150 -9.79 -27.94 -8.12
C SER H 150 -10.26 -26.52 -7.79
N ALA H 151 -11.51 -26.20 -8.07
CA ALA H 151 -12.04 -24.87 -7.80
C ALA H 151 -12.27 -24.66 -6.31
N GLY H 152 -12.08 -23.42 -5.89
CA GLY H 152 -12.16 -23.07 -4.49
C GLY H 152 -11.36 -21.83 -4.20
N TYR H 153 -11.37 -21.48 -2.92
CA TYR H 153 -10.63 -20.34 -2.40
C TYR H 153 -9.40 -20.88 -1.67
N TRP H 154 -8.22 -20.64 -2.23
CA TRP H 154 -6.99 -21.29 -1.82
C TRP H 154 -5.95 -20.26 -1.39
N HIS H 155 -4.72 -20.72 -1.11
CA HIS H 155 -3.69 -19.78 -0.70
C HIS H 155 -2.31 -20.43 -0.85
N TYR H 156 -1.29 -19.58 -0.85
CA TYR H 156 0.10 -19.98 -1.03
C TYR H 156 0.94 -19.35 0.06
N HIS H 157 1.96 -20.07 0.52
CA HIS H 157 2.78 -19.49 1.57
C HIS H 157 4.16 -20.14 1.58
N ASP H 158 5.02 -19.53 2.39
CA ASP H 158 6.35 -20.06 2.61
C ASP H 158 6.29 -21.29 3.51
N HIS H 159 7.16 -22.26 3.24
CA HIS H 159 7.26 -23.43 4.08
C HIS H 159 8.60 -23.55 4.80
N VAL H 160 9.60 -22.73 4.44
CA VAL H 160 10.95 -23.03 4.92
C VAL H 160 11.69 -21.84 5.55
N VAL H 161 10.97 -20.77 5.88
CA VAL H 161 11.56 -19.67 6.64
C VAL H 161 11.21 -19.84 8.11
N GLY H 162 12.21 -19.72 8.98
CA GLY H 162 12.02 -19.88 10.40
C GLY H 162 12.07 -21.31 10.87
N THR H 163 11.09 -22.11 10.47
CA THR H 163 11.10 -23.55 10.65
C THR H 163 10.81 -24.17 9.30
N GLU H 164 10.79 -25.50 9.25
CA GLU H 164 10.33 -26.18 8.04
C GLU H 164 8.82 -26.37 8.05
N HIS H 165 8.08 -25.43 8.62
CA HIS H 165 6.68 -25.26 8.31
C HIS H 165 6.35 -23.81 8.03
N GLY H 166 7.37 -23.03 7.67
CA GLY H 166 7.18 -21.66 7.25
C GLY H 166 6.74 -20.75 8.35
N THR H 167 7.00 -21.11 9.61
CA THR H 167 6.48 -20.35 10.74
C THR H 167 7.05 -18.94 10.80
N GLY H 168 8.29 -18.75 10.35
CA GLY H 168 8.87 -17.43 10.34
C GLY H 168 8.55 -16.69 9.05
N GLY H 169 8.43 -17.43 7.96
CA GLY H 169 7.94 -16.82 6.73
C GLY H 169 6.52 -16.33 6.85
N ILE H 170 5.62 -17.20 7.31
CA ILE H 170 4.22 -16.83 7.52
C ILE H 170 4.09 -15.65 8.48
N ARG H 171 4.74 -15.76 9.65
CA ARG H 171 4.58 -14.73 10.68
C ARG H 171 4.89 -13.34 10.15
N ASN H 172 5.75 -13.22 9.13
CA ASN H 172 6.25 -11.94 8.63
C ASN H 172 5.55 -11.44 7.37
N GLY H 173 4.82 -12.30 6.66
CA GLY H 173 3.99 -11.83 5.56
C GLY H 173 4.07 -12.63 4.29
N LEU H 174 4.90 -13.68 4.27
CA LEU H 174 5.02 -14.52 3.08
C LEU H 174 3.80 -15.44 2.95
N TYR H 175 2.67 -14.82 2.62
CA TYR H 175 1.45 -15.53 2.24
C TYR H 175 0.67 -14.67 1.24
N GLY H 176 -0.23 -15.31 0.49
CA GLY H 176 -1.11 -14.64 -0.44
C GLY H 176 -2.17 -15.53 -1.08
N PRO H 177 -3.10 -14.92 -1.82
CA PRO H 177 -4.29 -15.65 -2.29
C PRO H 177 -4.23 -16.32 -3.66
N VAL H 178 -4.83 -17.51 -3.75
CA VAL H 178 -5.09 -18.18 -5.02
C VAL H 178 -6.59 -18.41 -5.16
N ILE H 179 -7.18 -17.92 -6.25
CA ILE H 179 -8.54 -18.28 -6.64
C ILE H 179 -8.48 -19.18 -7.87
N VAL H 180 -9.18 -20.29 -7.81
CA VAL H 180 -9.36 -21.15 -8.97
C VAL H 180 -10.86 -21.22 -9.24
N ARG H 181 -11.33 -20.50 -10.25
CA ARG H 181 -12.74 -20.46 -10.53
C ARG H 181 -13.19 -21.63 -11.39
N ARG H 182 -14.40 -22.10 -11.12
CA ARG H 182 -15.08 -23.06 -11.95
C ARG H 182 -15.82 -22.32 -13.06
N LYS H 183 -15.97 -22.99 -14.21
CA LYS H 183 -16.56 -22.33 -15.36
C LYS H 183 -18.04 -22.03 -15.10
N GLY H 184 -18.38 -20.75 -15.11
CA GLY H 184 -19.73 -20.31 -14.89
C GLY H 184 -19.93 -19.48 -13.64
N ASP H 185 -18.99 -19.53 -12.70
CA ASP H 185 -19.14 -18.75 -11.47
C ASP H 185 -19.21 -17.27 -11.78
N VAL H 186 -20.18 -16.61 -11.16
CA VAL H 186 -20.27 -15.16 -11.19
C VAL H 186 -18.92 -14.55 -10.92
N LEU H 187 -18.55 -13.58 -11.73
CA LEU H 187 -17.33 -12.85 -11.45
C LEU H 187 -17.67 -11.56 -10.70
N PRO H 188 -16.82 -11.10 -9.80
CA PRO H 188 -17.16 -9.93 -8.99
C PRO H 188 -16.71 -8.63 -9.63
N ASP H 189 -17.16 -7.53 -9.04
CA ASP H 189 -16.61 -6.23 -9.41
C ASP H 189 -15.21 -6.06 -8.83
N ALA H 190 -15.08 -6.26 -7.51
CA ALA H 190 -13.83 -6.13 -6.78
C ALA H 190 -13.61 -7.35 -5.89
N THR H 191 -12.34 -7.67 -5.67
CA THR H 191 -11.88 -8.72 -4.77
C THR H 191 -11.01 -8.14 -3.67
N HIS H 192 -11.32 -8.46 -2.42
CA HIS H 192 -10.51 -8.04 -1.28
C HIS H 192 -10.10 -9.26 -0.47
N THR H 193 -8.84 -9.28 -0.06
CA THR H 193 -8.22 -10.40 0.64
C THR H 193 -8.01 -10.01 2.09
N ILE H 194 -8.48 -10.85 3.01
CA ILE H 194 -8.40 -10.58 4.44
C ILE H 194 -7.71 -11.78 5.09
N VAL H 195 -6.57 -11.52 5.71
CA VAL H 195 -5.82 -12.56 6.40
C VAL H 195 -5.78 -12.24 7.87
N PHE H 196 -6.25 -13.14 8.68
CA PHE H 196 -6.03 -13.18 10.10
C PHE H 196 -4.71 -13.97 10.35
N ASN H 197 -3.64 -13.21 10.45
CA ASN H 197 -2.33 -13.61 10.92
C ASN H 197 -2.18 -13.28 12.37
N ASP H 198 -2.00 -14.34 13.14
CA ASP H 198 -2.22 -14.40 14.57
C ASP H 198 -3.10 -13.28 15.08
N MET H 199 -2.48 -12.18 15.39
CA MET H 199 -3.19 -11.09 16.05
C MET H 199 -3.30 -9.86 15.18
N THR H 200 -2.86 -9.93 13.94
CA THR H 200 -2.94 -8.84 13.00
C THR H 200 -3.89 -9.20 11.87
N ILE H 201 -4.51 -8.18 11.29
CA ILE H 201 -5.12 -8.30 9.97
C ILE H 201 -4.07 -7.85 8.96
N ASN H 202 -3.56 -8.80 8.18
CA ASN H 202 -2.62 -8.52 7.08
C ASN H 202 -1.28 -7.99 7.56
N ASN H 203 -0.81 -8.45 8.72
CA ASN H 203 0.45 -7.98 9.31
C ASN H 203 0.45 -6.47 9.48
N ARG H 204 -0.69 -5.90 9.72
CA ARG H 204 -0.77 -4.47 9.94
C ARG H 204 -0.80 -4.17 11.42
N PRO H 205 -0.48 -2.93 11.81
CA PRO H 205 -0.66 -2.51 13.19
C PRO H 205 -2.11 -2.67 13.65
N ALA H 206 -2.29 -2.75 14.97
CA ALA H 206 -3.61 -2.90 15.56
C ALA H 206 -4.41 -1.61 15.44
N HIS H 207 -5.67 -1.75 15.02
CA HIS H 207 -6.60 -0.63 14.83
C HIS H 207 -6.23 0.24 13.64
N THR H 208 -5.70 -0.39 12.59
CA THR H 208 -5.36 0.30 11.35
C THR H 208 -5.95 -0.43 10.16
N GLY H 209 -7.15 -0.96 10.31
CA GLY H 209 -7.90 -1.49 9.19
C GLY H 209 -7.43 -2.87 8.80
N PRO H 210 -7.29 -3.12 7.49
CA PRO H 210 -7.58 -2.16 6.43
C PRO H 210 -9.06 -2.01 6.09
N ASN H 211 -9.41 -0.81 5.68
CA ASN H 211 -10.75 -0.55 5.18
C ASN H 211 -10.85 -0.93 3.71
N PHE H 212 -12.07 -1.21 3.30
CA PHE H 212 -12.41 -1.55 1.94
C PHE H 212 -13.62 -0.71 1.54
N GLU H 213 -13.57 -0.16 0.33
CA GLU H 213 -14.61 0.72 -0.16
C GLU H 213 -15.47 -0.01 -1.19
N ALA H 214 -16.77 0.29 -1.18
CA ALA H 214 -17.67 -0.20 -2.21
C ALA H 214 -18.83 0.77 -2.37
N THR H 215 -19.56 0.59 -3.46
CA THR H 215 -20.75 1.36 -3.73
C THR H 215 -21.94 0.41 -3.65
N VAL H 216 -23.04 0.87 -3.03
CA VAL H 216 -24.22 0.02 -2.93
C VAL H 216 -24.45 -0.63 -4.29
N GLY H 217 -24.67 -1.93 -4.30
CA GLY H 217 -24.88 -2.68 -5.52
C GLY H 217 -23.69 -3.47 -5.99
N ASP H 218 -22.48 -3.08 -5.60
CA ASP H 218 -21.26 -3.75 -6.03
C ASP H 218 -21.19 -5.17 -5.51
N ARG H 219 -21.11 -6.15 -6.40
CA ARG H 219 -20.82 -7.51 -5.99
C ARG H 219 -19.34 -7.56 -5.60
N VAL H 220 -19.08 -7.92 -4.36
CA VAL H 220 -17.75 -7.83 -3.76
C VAL H 220 -17.33 -9.21 -3.29
N GLU H 221 -16.12 -9.61 -3.68
CA GLU H 221 -15.55 -10.89 -3.33
C GLU H 221 -14.63 -10.70 -2.14
N ILE H 222 -14.82 -11.51 -1.11
CA ILE H 222 -13.95 -11.49 0.07
C ILE H 222 -13.19 -12.80 0.10
N VAL H 223 -11.86 -12.72 0.16
CA VAL H 223 -11.00 -13.90 0.34
C VAL H 223 -10.48 -13.85 1.77
N MET H 224 -10.94 -14.76 2.60
CA MET H 224 -10.52 -14.79 3.98
C MET H 224 -9.57 -15.95 4.17
N ILE H 225 -8.38 -15.66 4.70
CA ILE H 225 -7.38 -16.67 5.04
C ILE H 225 -6.95 -16.45 6.48
N THR H 226 -6.64 -17.54 7.17
CA THR H 226 -6.17 -17.47 8.54
C THR H 226 -4.82 -18.15 8.63
N HIS H 227 -3.94 -17.61 9.47
CA HIS H 227 -2.62 -18.19 9.69
C HIS H 227 -2.25 -18.02 11.15
N GLY H 228 -1.24 -18.76 11.56
CA GLY H 228 -0.62 -18.45 12.83
C GLY H 228 -0.77 -19.47 13.93
N GLU H 229 -0.99 -18.97 15.14
CA GLU H 229 -1.14 -19.81 16.32
C GLU H 229 -2.57 -19.92 16.82
N TYR H 230 -3.46 -19.00 16.41
CA TYR H 230 -4.75 -18.79 17.05
C TYR H 230 -5.93 -19.19 16.17
N TYR H 231 -7.04 -19.57 16.83
CA TYR H 231 -8.37 -19.67 16.22
C TYR H 231 -9.03 -18.29 16.25
N HIS H 232 -9.97 -18.09 15.32
CA HIS H 232 -10.59 -16.79 15.14
C HIS H 232 -12.06 -16.99 14.78
N THR H 233 -12.77 -15.88 14.67
CA THR H 233 -14.18 -15.89 14.31
C THR H 233 -14.44 -14.62 13.52
N PHE H 234 -14.67 -14.76 12.23
CA PHE H 234 -14.72 -13.65 11.29
C PHE H 234 -16.17 -13.23 11.03
N HIS H 235 -16.46 -11.94 11.20
CA HIS H 235 -17.83 -11.43 11.25
C HIS H 235 -17.96 -10.11 10.52
N MET H 236 -19.03 -9.97 9.73
CA MET H 236 -19.35 -8.75 8.99
C MET H 236 -20.67 -8.20 9.48
N HIS H 237 -20.65 -6.93 9.93
CA HIS H 237 -21.87 -6.19 10.20
C HIS H 237 -22.65 -5.92 8.92
N GLY H 238 -23.97 -6.13 8.98
CA GLY H 238 -24.87 -5.76 7.90
C GLY H 238 -24.93 -6.72 6.72
N HIS H 239 -24.14 -7.79 6.72
CA HIS H 239 -24.09 -8.68 5.57
C HIS H 239 -23.92 -10.12 6.05
N ARG H 240 -24.34 -11.04 5.18
CA ARG H 240 -24.26 -12.48 5.46
C ARG H 240 -23.90 -13.18 4.17
N TRP H 241 -23.56 -14.47 4.28
CA TRP H 241 -23.05 -15.23 3.16
C TRP H 241 -23.26 -16.71 3.47
N ALA H 242 -23.13 -17.54 2.45
CA ALA H 242 -23.36 -18.97 2.60
C ALA H 242 -22.05 -19.68 2.84
N ASP H 243 -22.05 -20.67 3.74
CA ASP H 243 -20.83 -21.42 4.01
C ASP H 243 -20.79 -22.59 3.03
N ASN H 244 -20.41 -22.24 1.81
CA ASN H 244 -20.20 -23.21 0.75
C ASN H 244 -18.98 -22.74 -0.05
N ARG H 245 -18.82 -23.27 -1.26
CA ARG H 245 -17.65 -22.92 -2.04
C ARG H 245 -17.68 -21.47 -2.47
N THR H 246 -18.83 -20.99 -2.93
CA THR H 246 -18.91 -19.71 -3.62
C THR H 246 -19.34 -18.57 -2.71
N GLY H 247 -19.98 -18.86 -1.59
CA GLY H 247 -20.53 -17.84 -0.73
C GLY H 247 -21.95 -17.47 -1.05
N MET H 248 -22.51 -18.08 -2.08
CA MET H 248 -23.87 -17.84 -2.52
C MET H 248 -24.56 -19.19 -2.62
N LEU H 249 -25.81 -19.26 -2.18
CA LEU H 249 -26.59 -20.46 -2.44
C LEU H 249 -26.80 -20.59 -3.94
N THR H 250 -26.78 -21.85 -4.42
CA THR H 250 -27.00 -22.12 -5.84
C THR H 250 -28.46 -22.08 -6.24
N GLY H 251 -29.39 -22.24 -5.29
CA GLY H 251 -30.80 -22.31 -5.60
C GLY H 251 -31.65 -22.42 -4.36
N PRO H 252 -32.98 -22.40 -4.54
CA PRO H 252 -33.88 -22.45 -3.39
C PRO H 252 -33.75 -23.70 -2.54
N ASP H 253 -33.23 -24.78 -3.10
CA ASP H 253 -32.92 -25.96 -2.31
C ASP H 253 -31.42 -26.21 -2.25
N ASP H 254 -30.60 -25.15 -2.15
CA ASP H 254 -29.22 -25.31 -1.72
C ASP H 254 -29.19 -25.28 -0.20
N PRO H 255 -28.75 -26.33 0.48
CA PRO H 255 -28.85 -26.38 1.95
C PRO H 255 -27.69 -25.77 2.72
N SER H 256 -26.72 -25.13 2.06
CA SER H 256 -25.61 -24.51 2.77
C SER H 256 -26.11 -23.48 3.76
N GLN H 257 -25.58 -23.53 4.99
CA GLN H 257 -25.95 -22.54 5.99
C GLN H 257 -25.62 -21.15 5.49
N VAL H 258 -26.36 -20.16 5.99
CA VAL H 258 -26.09 -18.76 5.71
C VAL H 258 -25.69 -18.11 7.03
N ILE H 259 -24.44 -17.67 7.10
CA ILE H 259 -23.86 -17.20 8.34
C ILE H 259 -23.32 -15.79 8.13
N ASP H 260 -22.97 -15.16 9.25
CA ASP H 260 -22.36 -13.84 9.27
C ASP H 260 -21.21 -13.82 10.27
N ASN H 261 -20.74 -15.01 10.65
CA ASN H 261 -19.76 -15.21 11.70
C ASN H 261 -19.18 -16.61 11.56
N LYS H 262 -17.89 -16.75 11.26
CA LYS H 262 -17.34 -18.06 10.95
C LYS H 262 -16.03 -18.30 11.71
N ILE H 263 -15.91 -19.46 12.38
CA ILE H 263 -14.71 -19.82 13.13
C ILE H 263 -13.62 -20.31 12.16
N CYS H 264 -12.40 -19.86 12.40
CA CYS H 264 -11.31 -20.19 11.50
C CYS H 264 -10.01 -20.29 12.30
N GLY H 265 -9.16 -21.24 11.90
CA GLY H 265 -7.84 -21.35 12.42
C GLY H 265 -6.81 -21.42 11.31
N PRO H 266 -5.57 -21.69 11.69
CA PRO H 266 -4.46 -21.58 10.74
C PRO H 266 -4.61 -22.42 9.48
N ALA H 267 -4.35 -21.78 8.33
CA ALA H 267 -4.45 -22.29 6.96
C ALA H 267 -5.88 -22.54 6.48
N ASP H 268 -6.88 -22.08 7.21
CA ASP H 268 -8.22 -22.07 6.68
C ASP H 268 -8.30 -21.00 5.61
N SER H 269 -8.76 -21.37 4.43
CA SER H 269 -9.01 -20.41 3.36
C SER H 269 -10.44 -20.63 2.91
N PHE H 270 -11.24 -19.58 2.96
CA PHE H 270 -12.58 -19.62 2.43
C PHE H 270 -12.83 -18.27 1.80
N GLY H 271 -13.96 -18.15 1.09
CA GLY H 271 -14.31 -16.86 0.53
C GLY H 271 -15.76 -16.82 0.06
N PHE H 272 -16.23 -15.61 -0.19
CA PHE H 272 -17.61 -15.38 -0.57
C PHE H 272 -17.67 -14.14 -1.43
N GLN H 273 -18.80 -13.99 -2.15
CA GLN H 273 -19.20 -12.73 -2.76
C GLN H 273 -20.54 -12.26 -2.21
N ILE H 274 -20.60 -10.99 -1.82
CA ILE H 274 -21.80 -10.35 -1.32
C ILE H 274 -22.13 -9.16 -2.23
N ILE H 275 -23.33 -8.60 -2.04
CA ILE H 275 -23.74 -7.36 -2.69
C ILE H 275 -23.66 -6.27 -1.64
N ALA H 276 -22.89 -5.22 -1.92
CA ALA H 276 -22.60 -4.22 -0.91
C ALA H 276 -23.85 -3.41 -0.59
N GLY H 277 -24.22 -3.36 0.69
CA GLY H 277 -25.39 -2.61 1.07
C GLY H 277 -26.72 -3.27 0.82
N GLU H 278 -26.73 -4.54 0.41
CA GLU H 278 -27.97 -5.21 0.01
C GLU H 278 -28.93 -5.38 1.19
N GLY H 279 -30.11 -4.76 1.09
CA GLY H 279 -31.06 -4.81 2.17
C GLY H 279 -30.65 -4.02 3.39
N VAL H 280 -29.48 -3.40 3.37
CA VAL H 280 -29.03 -2.58 4.50
C VAL H 280 -28.59 -1.20 4.02
N GLY H 281 -28.09 -1.09 2.80
CA GLY H 281 -27.73 0.20 2.26
C GLY H 281 -26.30 0.63 2.56
N ALA H 282 -26.08 1.93 2.38
CA ALA H 282 -24.76 2.50 2.56
C ALA H 282 -24.41 2.66 4.04
N GLY H 283 -23.11 2.70 4.29
CA GLY H 283 -22.60 3.10 5.59
C GLY H 283 -21.24 2.50 5.86
N ALA H 284 -20.67 2.93 6.99
CA ALA H 284 -19.47 2.33 7.57
C ALA H 284 -19.85 1.03 8.27
N TRP H 285 -19.53 -0.10 7.65
CA TRP H 285 -19.96 -1.42 8.11
C TRP H 285 -18.76 -2.13 8.72
N MET H 286 -18.83 -2.43 10.01
CA MET H 286 -17.70 -3.03 10.71
C MET H 286 -17.53 -4.50 10.35
N TYR H 287 -16.31 -4.89 10.01
CA TYR H 287 -15.92 -6.29 10.02
C TYR H 287 -14.85 -6.46 11.09
N HIS H 288 -14.91 -7.58 11.83
CA HIS H 288 -13.93 -7.84 12.86
C HIS H 288 -13.96 -9.32 13.25
N CYS H 289 -12.82 -9.78 13.78
CA CYS H 289 -12.80 -10.99 14.58
C CYS H 289 -13.74 -10.84 15.76
N HIS H 290 -14.42 -11.92 16.13
CA HIS H 290 -15.37 -11.72 17.20
C HIS H 290 -14.90 -12.18 18.57
N VAL H 291 -13.81 -12.98 18.65
CA VAL H 291 -13.17 -13.13 19.95
C VAL H 291 -12.93 -11.74 20.52
N GLN H 292 -13.43 -11.52 21.75
CA GLN H 292 -13.63 -10.14 22.20
C GLN H 292 -12.32 -9.40 22.42
N SER H 293 -11.31 -10.09 22.96
CA SER H 293 -10.03 -9.42 23.17
C SER H 293 -9.35 -9.13 21.85
N HIS H 294 -9.60 -9.97 20.84
CA HIS H 294 -9.02 -9.75 19.52
C HIS H 294 -9.54 -8.47 18.89
N SER H 295 -10.86 -8.27 18.90
CA SER H 295 -11.36 -6.99 18.43
C SER H 295 -10.87 -5.86 19.32
N ASP H 296 -10.88 -6.06 20.63
CA ASP H 296 -10.49 -4.99 21.53
C ASP H 296 -9.05 -4.58 21.31
N MET H 297 -8.26 -5.42 20.68
CA MET H 297 -6.83 -5.19 20.50
C MET H 297 -6.45 -5.02 19.03
N GLY H 298 -7.39 -4.52 18.20
CA GLY H 298 -7.06 -4.05 16.88
C GLY H 298 -7.59 -4.87 15.72
N MET H 299 -8.09 -6.09 15.93
CA MET H 299 -8.54 -6.92 14.80
C MET H 299 -9.93 -6.48 14.34
N VAL H 300 -9.99 -5.25 13.82
CA VAL H 300 -11.21 -4.60 13.32
C VAL H 300 -10.88 -3.78 12.06
N GLY H 301 -11.86 -3.72 11.15
CA GLY H 301 -11.78 -2.88 9.97
C GLY H 301 -13.17 -2.41 9.56
N LEU H 302 -13.21 -1.61 8.50
CA LEU H 302 -14.44 -1.03 7.96
C LEU H 302 -14.68 -1.45 6.52
N PHE H 303 -15.90 -1.85 6.22
CA PHE H 303 -16.34 -2.07 4.84
C PHE H 303 -17.19 -0.88 4.42
N LEU H 304 -16.55 0.16 3.87
CA LEU H 304 -17.20 1.45 3.58
C LEU H 304 -18.03 1.37 2.30
N VAL H 305 -19.34 1.33 2.44
CA VAL H 305 -20.24 1.29 1.29
C VAL H 305 -20.80 2.70 1.08
N LYS H 306 -20.46 3.27 -0.07
CA LYS H 306 -20.92 4.60 -0.44
C LYS H 306 -22.31 4.54 -1.07
N LYS H 307 -22.98 5.67 -1.05
CA LYS H 307 -24.16 5.84 -1.86
C LYS H 307 -23.73 5.94 -3.31
N PRO H 308 -24.68 5.95 -4.25
CA PRO H 308 -24.33 6.34 -5.62
C PRO H 308 -23.48 7.60 -5.71
N ASP H 309 -23.76 8.61 -4.89
CA ASP H 309 -23.05 9.87 -4.98
C ASP H 309 -21.71 9.87 -4.24
N GLY H 310 -21.12 8.70 -3.96
CA GLY H 310 -19.81 8.61 -3.36
C GLY H 310 -19.71 9.03 -1.90
N THR H 311 -20.84 9.18 -1.21
CA THR H 311 -20.84 9.61 0.18
C THR H 311 -21.22 8.46 1.09
N ILE H 312 -20.77 8.55 2.33
CA ILE H 312 -20.94 7.47 3.29
C ILE H 312 -21.73 8.05 4.43
N PRO H 313 -23.00 7.66 4.57
CA PRO H 313 -23.82 8.10 5.70
C PRO H 313 -23.16 7.97 7.06
N GLY H 314 -23.03 9.10 7.76
CA GLY H 314 -22.54 9.13 9.12
C GLY H 314 -21.14 8.56 9.25
N TYR H 315 -20.17 9.26 8.68
CA TYR H 315 -18.82 8.71 8.64
C TYR H 315 -17.84 9.83 8.37
N ASP H 316 -16.94 10.08 9.34
CA ASP H 316 -15.90 11.11 9.24
C ASP H 316 -14.73 10.58 8.42
N PRO H 317 -14.53 11.11 7.19
CA PRO H 317 -13.47 10.76 6.25
C PRO H 317 -12.12 10.49 6.91
N GLY I 41 -16.13 -53.30 -2.42
CA GLY I 41 -16.79 -52.42 -3.37
C GLY I 41 -17.84 -51.47 -2.80
N ALA I 42 -19.01 -52.01 -2.50
CA ALA I 42 -20.12 -51.24 -1.93
C ALA I 42 -20.50 -51.83 -0.59
N ALA I 43 -21.21 -51.01 0.22
CA ALA I 43 -21.64 -51.39 1.55
C ALA I 43 -23.08 -51.88 1.49
N PRO I 44 -23.32 -53.08 2.01
CA PRO I 44 -24.66 -53.61 2.05
C PRO I 44 -25.43 -53.08 3.25
N ALA I 45 -26.74 -53.00 3.08
CA ALA I 45 -27.64 -52.70 4.17
C ALA I 45 -27.39 -53.66 5.31
N GLY I 46 -27.43 -53.14 6.51
CA GLY I 46 -27.16 -53.91 7.70
C GLY I 46 -28.36 -54.67 8.17
N GLY I 47 -28.39 -54.92 9.47
CA GLY I 47 -29.45 -55.65 10.11
C GLY I 47 -28.88 -56.82 10.89
N GLU I 48 -27.56 -56.92 10.95
CA GLU I 48 -26.89 -58.02 11.62
C GLU I 48 -26.66 -57.71 13.09
N VAL I 49 -26.82 -58.73 13.93
CA VAL I 49 -26.58 -58.58 15.35
C VAL I 49 -25.21 -59.18 15.62
N ARG I 50 -24.22 -58.33 15.86
CA ARG I 50 -22.85 -58.76 16.06
C ARG I 50 -22.39 -58.49 17.47
N ARG I 51 -21.34 -59.22 17.86
CA ARG I 51 -20.72 -59.17 19.17
C ARG I 51 -19.21 -59.04 19.00
N VAL I 52 -18.54 -58.60 20.07
CA VAL I 52 -17.08 -58.47 20.09
C VAL I 52 -16.65 -58.24 21.54
N THR I 53 -15.54 -58.86 21.95
CA THR I 53 -14.89 -58.54 23.22
C THR I 53 -14.08 -57.28 23.07
N LEU I 54 -14.31 -56.32 23.95
CA LEU I 54 -13.38 -55.22 24.19
C LEU I 54 -12.77 -55.37 25.57
N TYR I 55 -11.52 -54.93 25.70
CA TYR I 55 -10.81 -54.91 26.98
C TYR I 55 -10.17 -53.55 27.21
N ALA I 56 -9.76 -53.31 28.44
CA ALA I 56 -9.04 -52.10 28.82
C ALA I 56 -7.80 -52.53 29.59
N GLU I 57 -6.63 -52.00 29.25
CA GLU I 57 -5.42 -52.52 29.89
C GLU I 57 -4.24 -51.56 29.80
N ARG I 58 -3.23 -51.84 30.63
CA ARG I 58 -1.99 -51.08 30.67
C ARG I 58 -1.09 -51.42 29.49
N LEU I 59 -0.57 -50.39 28.85
CA LEU I 59 0.39 -50.52 27.75
C LEU I 59 1.69 -49.86 28.15
N ALA I 60 2.66 -49.92 27.24
CA ALA I 60 4.00 -49.44 27.52
C ALA I 60 4.00 -47.99 27.98
N GLY I 61 4.76 -47.72 29.05
CA GLY I 61 4.93 -46.37 29.55
C GLY I 61 3.68 -45.72 30.11
N GLY I 62 2.94 -46.47 30.93
CA GLY I 62 1.78 -45.96 31.61
C GLY I 62 0.57 -45.66 30.76
N GLN I 63 0.62 -45.90 29.46
CA GLN I 63 -0.51 -45.63 28.57
C GLN I 63 -1.67 -46.57 28.89
N LEU I 64 -2.84 -46.21 28.34
CA LEU I 64 -4.04 -47.02 28.44
C LEU I 64 -4.60 -47.27 27.04
N GLY I 65 -5.09 -48.47 26.80
CA GLY I 65 -5.63 -48.78 25.49
C GLY I 65 -6.75 -49.80 25.54
N TYR I 66 -7.58 -49.80 24.49
CA TYR I 66 -8.55 -50.85 24.30
C TYR I 66 -7.99 -51.91 23.34
N GLY I 67 -8.44 -53.14 23.55
CA GLY I 67 -8.05 -54.23 22.71
C GLY I 67 -9.24 -55.13 22.40
N LEU I 68 -9.06 -55.94 21.38
CA LEU I 68 -10.03 -56.98 21.08
C LEU I 68 -9.77 -58.22 21.91
N GLU I 69 -8.52 -58.43 22.31
CA GLU I 69 -8.17 -59.47 23.25
C GLU I 69 -7.21 -58.91 24.29
N LYS I 70 -7.03 -59.66 25.37
CA LYS I 70 -6.07 -59.26 26.38
C LYS I 70 -4.69 -59.24 25.78
N GLY I 71 -3.97 -58.13 25.95
CA GLY I 71 -2.63 -57.99 25.42
C GLY I 71 -2.54 -57.49 23.98
N LYS I 72 -3.67 -57.27 23.32
CA LYS I 72 -3.66 -56.73 21.97
C LYS I 72 -4.06 -55.25 21.93
N ALA I 73 -3.94 -54.54 23.06
CA ALA I 73 -4.39 -53.17 23.15
C ALA I 73 -3.60 -52.26 22.20
N SER I 74 -4.16 -51.09 21.95
CA SER I 74 -3.58 -50.18 20.96
C SER I 74 -4.14 -48.78 21.16
N ILE I 75 -3.34 -47.81 20.73
CA ILE I 75 -3.76 -46.42 20.69
C ILE I 75 -3.49 -45.94 19.27
N PRO I 76 -4.53 -45.57 18.51
CA PRO I 76 -5.92 -45.69 18.97
C PRO I 76 -6.38 -47.17 19.01
N GLY I 77 -7.51 -47.44 19.65
CA GLY I 77 -8.00 -48.80 19.80
C GLY I 77 -8.44 -49.43 18.48
N PRO I 78 -9.18 -50.53 18.57
CA PRO I 78 -9.55 -51.25 17.34
C PRO I 78 -10.61 -50.51 16.53
N LEU I 79 -10.40 -50.52 15.22
CA LEU I 79 -11.38 -50.01 14.27
C LEU I 79 -12.64 -50.88 14.27
N ILE I 80 -13.78 -50.25 14.51
CA ILE I 80 -15.08 -50.91 14.60
C ILE I 80 -15.91 -50.46 13.42
N GLU I 81 -16.34 -51.42 12.60
CA GLU I 81 -17.13 -51.16 11.41
C GLU I 81 -18.51 -51.77 11.56
N LEU I 82 -19.53 -50.99 11.24
CA LEU I 82 -20.91 -51.45 11.26
C LEU I 82 -21.62 -50.84 10.06
N ASN I 83 -22.64 -51.54 9.57
CA ASN I 83 -23.54 -50.98 8.57
C ASN I 83 -24.80 -50.52 9.28
N GLU I 84 -25.33 -49.38 8.86
CA GLU I 84 -26.56 -48.85 9.47
C GLU I 84 -27.63 -49.94 9.57
N GLY I 85 -28.20 -50.08 10.76
CA GLY I 85 -29.15 -51.12 11.06
C GLY I 85 -28.55 -52.29 11.83
N ASP I 86 -27.24 -52.44 11.80
CA ASP I 86 -26.59 -53.45 12.62
C ASP I 86 -26.68 -53.08 14.09
N THR I 87 -26.60 -54.10 14.95
CA THR I 87 -26.53 -53.92 16.39
C THR I 87 -25.25 -54.58 16.90
N LEU I 88 -24.55 -53.88 17.80
CA LEU I 88 -23.28 -54.34 18.31
C LEU I 88 -23.38 -54.53 19.81
N HIS I 89 -23.11 -55.75 20.27
CA HIS I 89 -22.93 -56.07 21.68
C HIS I 89 -21.44 -56.15 21.96
N VAL I 90 -20.91 -55.14 22.67
CA VAL I 90 -19.49 -55.06 23.01
C VAL I 90 -19.34 -55.60 24.43
N GLU I 91 -18.57 -56.67 24.60
CA GLU I 91 -18.45 -57.29 25.92
C GLU I 91 -17.13 -56.82 26.52
N PHE I 92 -17.26 -55.77 27.32
CA PHE I 92 -16.13 -55.00 27.82
C PHE I 92 -15.61 -55.62 29.09
N GLU I 93 -14.29 -55.75 29.19
CA GLU I 93 -13.64 -56.17 30.41
C GLU I 93 -12.56 -55.18 30.75
N ASN I 94 -12.58 -54.69 31.98
CA ASN I 94 -11.60 -53.75 32.48
C ASN I 94 -10.54 -54.52 33.26
N THR I 95 -9.28 -54.35 32.90
CA THR I 95 -8.20 -55.04 33.59
C THR I 95 -7.37 -54.09 34.44
N LEU I 96 -7.87 -52.90 34.72
CA LEU I 96 -7.12 -51.88 35.43
C LEU I 96 -7.33 -52.00 36.94
N ASP I 97 -6.83 -51.02 37.69
CA ASP I 97 -7.11 -50.91 39.12
C ASP I 97 -8.07 -49.77 39.44
N VAL I 98 -8.49 -49.00 38.45
CA VAL I 98 -9.45 -47.93 38.67
C VAL I 98 -10.70 -48.25 37.83
N PRO I 99 -11.85 -47.69 38.18
CA PRO I 99 -12.99 -47.72 37.27
C PRO I 99 -12.63 -47.18 35.89
N VAL I 100 -13.27 -47.73 34.87
CA VAL I 100 -13.09 -47.30 33.48
C VAL I 100 -14.45 -47.45 32.82
N SER I 101 -14.60 -46.95 31.59
CA SER I 101 -15.85 -47.12 30.89
C SER I 101 -15.62 -47.00 29.38
N LEU I 102 -16.70 -47.18 28.61
CA LEU I 102 -16.66 -47.18 27.17
C LEU I 102 -17.83 -46.33 26.67
N HIS I 103 -17.52 -45.23 25.98
CA HIS I 103 -18.53 -44.27 25.58
C HIS I 103 -18.41 -44.02 24.08
N VAL I 104 -19.53 -44.12 23.36
CA VAL I 104 -19.55 -43.98 21.91
C VAL I 104 -20.28 -42.71 21.52
N HIS I 105 -19.76 -42.03 20.50
CA HIS I 105 -20.43 -40.97 19.77
C HIS I 105 -21.29 -41.56 18.64
N GLY I 106 -22.31 -40.81 18.25
CA GLY I 106 -23.13 -41.16 17.07
C GLY I 106 -24.12 -42.30 17.06
N LEU I 107 -23.73 -43.47 17.55
CA LEU I 107 -24.61 -44.63 17.58
C LEU I 107 -25.73 -44.44 18.58
N ASP I 108 -26.80 -45.20 18.40
CA ASP I 108 -27.85 -45.21 19.39
C ASP I 108 -27.41 -46.10 20.55
N TYR I 109 -27.89 -45.79 21.73
CA TYR I 109 -27.69 -46.65 22.88
C TYR I 109 -28.67 -46.17 23.94
N GLU I 110 -29.07 -47.09 24.81
CA GLU I 110 -29.92 -46.68 25.91
C GLU I 110 -29.05 -46.18 27.05
N ILE I 111 -29.70 -45.55 28.03
CA ILE I 111 -28.95 -44.85 29.05
C ILE I 111 -28.09 -45.80 29.88
N SER I 112 -28.40 -47.09 29.83
CA SER I 112 -27.64 -48.08 30.57
C SER I 112 -26.26 -48.30 29.99
N SER I 113 -26.06 -47.95 28.72
CA SER I 113 -24.80 -48.07 28.01
C SER I 113 -24.14 -46.70 27.85
N ASP I 114 -24.39 -45.81 28.80
CA ASP I 114 -23.96 -44.43 28.71
C ASP I 114 -22.45 -44.29 28.85
N GLY I 115 -21.81 -45.21 29.60
CA GLY I 115 -20.39 -45.09 29.90
C GLY I 115 -20.06 -44.11 30.99
N THR I 116 -21.05 -43.55 31.67
CA THR I 116 -20.88 -42.54 32.68
C THR I 116 -21.17 -43.12 34.06
N LYS I 117 -20.34 -42.75 35.04
CA LYS I 117 -20.59 -43.14 36.41
C LYS I 117 -21.88 -42.53 36.95
N GLN I 118 -22.17 -41.27 36.60
CA GLN I 118 -23.40 -40.61 37.02
C GLN I 118 -24.62 -41.51 36.84
N ASN I 119 -24.73 -42.17 35.69
CA ASN I 119 -25.82 -43.12 35.43
C ASN I 119 -25.37 -44.55 35.62
N LYS I 120 -24.39 -44.77 36.50
CA LYS I 120 -23.99 -46.09 36.97
C LYS I 120 -23.73 -47.08 35.82
N SER I 121 -23.08 -46.60 34.76
CA SER I 121 -22.74 -47.45 33.62
C SER I 121 -21.23 -47.51 33.35
N HIS I 122 -20.41 -47.22 34.35
CA HIS I 122 -18.98 -47.50 34.32
C HIS I 122 -18.70 -48.93 34.81
N VAL I 123 -17.43 -49.31 34.79
CA VAL I 123 -17.02 -50.68 35.08
C VAL I 123 -15.94 -50.65 36.14
N GLU I 124 -16.25 -51.22 37.31
CA GLU I 124 -15.31 -51.33 38.41
C GLU I 124 -14.12 -52.20 38.00
N PRO I 125 -12.97 -52.05 38.68
CA PRO I 125 -11.74 -52.69 38.22
C PRO I 125 -11.84 -54.21 38.19
N GLY I 126 -11.41 -54.80 37.07
CA GLY I 126 -11.61 -56.21 36.87
C GLY I 126 -13.01 -56.58 36.46
N GLY I 127 -13.88 -55.60 36.28
CA GLY I 127 -15.28 -55.88 36.00
C GLY I 127 -15.55 -56.20 34.56
N THR I 128 -16.73 -56.74 34.31
N THR I 128 -16.70 -56.81 34.33
CA THR I 128 -17.23 -57.04 32.97
CA THR I 128 -17.26 -56.99 33.01
C THR I 128 -18.63 -56.47 32.80
C THR I 128 -18.54 -56.20 32.89
N ARG I 129 -18.87 -55.82 31.66
CA ARG I 129 -20.16 -55.24 31.35
C ARG I 129 -20.30 -55.22 29.83
N THR I 130 -21.48 -55.62 29.36
CA THR I 130 -21.74 -55.67 27.93
C THR I 130 -22.42 -54.37 27.52
N TYR I 131 -21.78 -53.62 26.65
CA TYR I 131 -22.32 -52.40 26.09
C TYR I 131 -22.95 -52.73 24.75
N THR I 132 -24.18 -52.27 24.54
CA THR I 132 -24.95 -52.55 23.33
C THR I 132 -25.07 -51.26 22.53
N TRP I 133 -24.58 -51.29 21.29
CA TRP I 133 -24.70 -50.18 20.35
C TRP I 133 -25.61 -50.57 19.19
N ARG I 134 -26.61 -49.74 18.90
CA ARG I 134 -27.47 -49.95 17.74
C ARG I 134 -27.25 -48.84 16.73
N THR I 135 -27.54 -49.17 15.47
CA THR I 135 -27.53 -48.24 14.36
C THR I 135 -28.92 -48.25 13.73
N HIS I 136 -29.14 -47.33 12.79
CA HIS I 136 -30.42 -47.29 12.11
C HIS I 136 -30.30 -46.53 10.81
N GLU I 137 -30.77 -47.15 9.73
CA GLU I 137 -30.99 -46.56 8.41
C GLU I 137 -31.67 -45.20 8.51
N PRO I 138 -31.44 -44.31 7.56
CA PRO I 138 -32.23 -43.09 7.51
C PRO I 138 -33.62 -43.37 6.92
N GLY I 139 -34.55 -42.49 7.23
CA GLY I 139 -35.89 -42.79 6.78
C GLY I 139 -36.81 -41.62 7.05
N ARG I 140 -38.05 -41.77 6.58
CA ARG I 140 -39.08 -40.76 6.75
C ARG I 140 -40.04 -41.17 7.87
N ARG I 141 -40.38 -40.21 8.73
CA ARG I 141 -41.21 -40.44 9.88
C ARG I 141 -42.69 -40.43 9.51
N ALA I 142 -43.52 -40.85 10.48
CA ALA I 142 -44.96 -40.83 10.31
C ALA I 142 -45.48 -39.42 10.03
N ASP I 143 -44.79 -38.39 10.52
CA ASP I 143 -45.21 -37.02 10.33
C ASP I 143 -44.85 -36.49 8.96
N GLY I 144 -43.93 -37.14 8.26
CA GLY I 144 -43.41 -36.62 7.03
C GLY I 144 -42.03 -36.01 7.11
N THR I 145 -41.47 -35.85 8.32
CA THR I 145 -40.13 -35.31 8.46
C THR I 145 -39.11 -36.38 8.16
N TRP I 146 -37.86 -35.95 7.99
CA TRP I 146 -36.78 -36.87 7.71
C TRP I 146 -36.02 -37.15 9.01
N ARG I 147 -35.79 -38.44 9.28
CA ARG I 147 -34.89 -38.86 10.34
C ARG I 147 -33.59 -39.34 9.69
N ALA I 148 -32.49 -38.66 10.01
CA ALA I 148 -31.22 -39.07 9.43
C ALA I 148 -30.73 -40.36 10.08
N GLY I 149 -29.86 -41.05 9.37
CA GLY I 149 -29.35 -42.31 9.85
C GLY I 149 -28.30 -42.15 10.91
N SER I 150 -27.69 -43.27 11.25
CA SER I 150 -26.57 -43.24 12.18
C SER I 150 -25.26 -42.96 11.44
N ALA I 151 -25.26 -43.13 10.13
CA ALA I 151 -24.07 -43.06 9.30
C ALA I 151 -23.21 -41.85 9.64
N GLY I 152 -21.90 -42.09 9.68
CA GLY I 152 -20.92 -41.05 9.94
C GLY I 152 -19.60 -41.64 10.36
N TYR I 153 -18.61 -40.77 10.53
CA TYR I 153 -17.34 -41.12 11.13
C TYR I 153 -17.36 -40.71 12.60
N TRP I 154 -17.33 -41.70 13.50
CA TRP I 154 -17.52 -41.45 14.92
C TRP I 154 -16.41 -42.07 15.73
N HIS I 155 -16.58 -42.11 17.05
CA HIS I 155 -15.53 -42.63 17.91
C HIS I 155 -16.10 -43.03 19.25
N TYR I 156 -15.35 -43.89 19.94
CA TYR I 156 -15.63 -44.27 21.31
C TYR I 156 -14.47 -43.85 22.20
N HIS I 157 -14.77 -43.54 23.46
CA HIS I 157 -13.71 -43.26 24.41
C HIS I 157 -14.20 -43.51 25.83
N ASP I 158 -13.28 -43.32 26.77
CA ASP I 158 -13.53 -43.47 28.18
C ASP I 158 -14.13 -42.20 28.77
N HIS I 159 -15.04 -42.39 29.73
CA HIS I 159 -15.73 -41.30 30.38
C HIS I 159 -15.48 -41.25 31.88
N VAL I 160 -14.56 -42.05 32.42
CA VAL I 160 -14.45 -42.06 33.88
C VAL I 160 -13.03 -42.11 34.45
N VAL I 161 -12.00 -42.08 33.59
CA VAL I 161 -10.63 -42.10 34.12
C VAL I 161 -10.13 -40.69 34.31
N GLY I 162 -9.39 -40.48 35.40
CA GLY I 162 -8.90 -39.17 35.79
C GLY I 162 -10.00 -38.32 36.38
N THR I 163 -11.07 -38.14 35.60
CA THR I 163 -12.24 -37.38 36.04
C THR I 163 -13.47 -38.16 35.58
N GLU I 164 -14.65 -37.57 35.79
CA GLU I 164 -15.88 -38.18 35.31
C GLU I 164 -16.22 -37.76 33.88
N HIS I 165 -15.29 -37.12 33.18
CA HIS I 165 -15.41 -36.97 31.73
C HIS I 165 -14.37 -37.78 30.98
N GLY I 166 -13.49 -38.47 31.67
CA GLY I 166 -12.52 -39.33 31.04
C GLY I 166 -11.27 -38.63 30.61
N THR I 167 -11.08 -37.39 31.08
CA THR I 167 -9.90 -36.60 30.75
C THR I 167 -8.62 -37.42 30.78
N GLY I 168 -8.41 -38.19 31.86
CA GLY I 168 -7.20 -38.98 31.97
C GLY I 168 -7.22 -40.27 31.18
N GLY I 169 -8.40 -40.76 30.85
CA GLY I 169 -8.54 -41.99 30.09
C GLY I 169 -8.36 -41.73 28.62
N ILE I 170 -8.82 -40.56 28.18
CA ILE I 170 -8.52 -40.10 26.82
C ILE I 170 -7.03 -39.82 26.69
N ARG I 171 -6.53 -38.94 27.55
CA ARG I 171 -5.15 -38.48 27.52
C ARG I 171 -4.16 -39.64 27.47
N ASN I 172 -4.44 -40.71 28.21
CA ASN I 172 -3.58 -41.90 28.19
C ASN I 172 -3.94 -42.90 27.11
N GLY I 173 -4.98 -42.65 26.32
CA GLY I 173 -5.18 -43.34 25.06
C GLY I 173 -6.37 -44.26 24.95
N LEU I 174 -7.39 -44.09 25.77
CA LEU I 174 -8.54 -44.97 25.74
C LEU I 174 -9.56 -44.37 24.80
N TYR I 175 -9.32 -44.59 23.51
CA TYR I 175 -10.11 -44.04 22.42
C TYR I 175 -9.86 -44.84 21.17
N GLY I 176 -10.80 -44.75 20.22
CA GLY I 176 -10.73 -45.45 18.96
C GLY I 176 -11.84 -45.03 18.03
N PRO I 177 -11.79 -45.45 16.77
CA PRO I 177 -12.76 -45.01 15.78
C PRO I 177 -13.99 -45.92 15.63
N VAL I 178 -15.10 -45.33 15.15
CA VAL I 178 -16.30 -46.08 14.75
C VAL I 178 -16.85 -45.51 13.44
N ILE I 179 -16.91 -46.35 12.39
CA ILE I 179 -17.47 -46.00 11.08
C ILE I 179 -18.80 -46.71 10.89
N VAL I 180 -19.84 -45.96 10.57
CA VAL I 180 -21.17 -46.50 10.30
C VAL I 180 -21.50 -46.28 8.83
N ARG I 181 -21.50 -47.37 8.06
CA ARG I 181 -21.62 -47.34 6.61
C ARG I 181 -23.08 -47.37 6.20
N ARG I 182 -23.50 -46.38 5.42
CA ARG I 182 -24.79 -46.44 4.77
C ARG I 182 -24.75 -47.46 3.62
N LYS I 183 -25.92 -47.85 3.14
CA LYS I 183 -25.97 -48.72 1.98
C LYS I 183 -25.45 -48.02 0.73
N GLY I 184 -24.73 -48.76 -0.10
CA GLY I 184 -24.16 -48.20 -1.32
C GLY I 184 -22.86 -47.45 -1.11
N ASP I 185 -22.48 -47.21 0.13
CA ASP I 185 -21.22 -46.53 0.40
C ASP I 185 -20.07 -47.27 -0.27
N VAL I 186 -19.01 -46.53 -0.56
CA VAL I 186 -17.84 -47.07 -1.23
C VAL I 186 -16.87 -47.58 -0.16
N LEU I 187 -16.42 -48.78 -0.35
CA LEU I 187 -15.43 -49.36 0.53
C LEU I 187 -14.03 -48.94 0.07
N PRO I 188 -13.14 -48.60 0.98
CA PRO I 188 -11.78 -48.26 0.60
C PRO I 188 -10.87 -49.49 0.63
N ASP I 189 -9.78 -49.39 -0.11
CA ASP I 189 -8.73 -50.41 -0.02
C ASP I 189 -8.00 -50.33 1.31
N ALA I 190 -8.10 -49.21 2.02
CA ALA I 190 -7.37 -49.01 3.27
C ALA I 190 -8.07 -47.99 4.15
N THR I 191 -8.01 -48.22 5.46
CA THR I 191 -8.49 -47.28 6.47
C THR I 191 -7.36 -46.98 7.45
N HIS I 192 -7.09 -45.69 7.66
CA HIS I 192 -6.03 -45.23 8.54
C HIS I 192 -6.61 -44.21 9.49
N THR I 193 -6.41 -44.39 10.78
CA THR I 193 -6.95 -43.48 11.78
C THR I 193 -5.84 -42.56 12.30
N ILE I 194 -6.18 -41.29 12.44
CA ILE I 194 -5.29 -40.26 12.98
C ILE I 194 -6.05 -39.53 14.07
N VAL I 195 -5.43 -39.39 15.24
CA VAL I 195 -6.05 -38.71 16.37
C VAL I 195 -5.12 -37.61 16.84
N PHE I 196 -5.63 -36.38 16.87
CA PHE I 196 -5.00 -35.26 17.55
C PHE I 196 -5.50 -35.26 19.01
N ASN I 197 -4.72 -35.88 19.87
CA ASN I 197 -5.05 -35.90 21.27
C ASN I 197 -4.10 -34.98 21.97
N ASP I 198 -4.59 -33.80 22.25
CA ASP I 198 -3.74 -32.76 22.76
C ASP I 198 -2.65 -32.52 21.72
N MET I 199 -1.41 -32.55 22.14
CA MET I 199 -0.34 -32.24 21.26
C MET I 199 0.33 -33.42 20.58
N THR I 200 -0.32 -34.57 20.59
CA THR I 200 0.20 -35.80 20.03
C THR I 200 -0.57 -36.16 18.77
N ILE I 201 0.00 -37.10 18.02
CA ILE I 201 -0.73 -37.83 17.00
C ILE I 201 -0.72 -39.30 17.40
N ASN I 202 -1.89 -39.79 17.84
CA ASN I 202 -2.09 -41.17 18.31
C ASN I 202 -1.23 -41.51 19.54
N ASN I 203 -0.95 -40.52 20.38
CA ASN I 203 -0.22 -40.61 21.66
C ASN I 203 1.27 -40.86 21.48
N ARG I 204 1.78 -40.70 20.28
CA ARG I 204 3.16 -41.02 19.98
C ARG I 204 4.07 -39.90 20.44
N PRO I 205 5.37 -40.14 20.49
CA PRO I 205 6.31 -39.05 20.78
C PRO I 205 6.32 -38.05 19.62
N ALA I 206 6.71 -36.82 19.95
CA ALA I 206 6.80 -35.79 18.93
C ALA I 206 7.76 -36.23 17.84
N HIS I 207 7.40 -35.92 16.59
CA HIS I 207 8.21 -36.21 15.40
C HIS I 207 8.25 -37.69 15.05
N THR I 208 7.20 -38.43 15.41
CA THR I 208 7.15 -39.88 15.18
C THR I 208 5.86 -40.25 14.45
N GLY I 209 5.58 -39.56 13.35
CA GLY I 209 4.44 -39.88 12.52
C GLY I 209 3.15 -39.93 13.31
N PRO I 210 2.29 -40.92 13.03
CA PRO I 210 2.55 -42.05 12.12
C PRO I 210 2.51 -41.74 10.62
N ASN I 211 3.23 -42.57 9.86
CA ASN I 211 3.18 -42.51 8.41
C ASN I 211 2.25 -43.59 7.88
N PHE I 212 1.72 -43.36 6.68
CA PHE I 212 0.81 -44.29 6.04
C PHE I 212 1.21 -44.52 4.59
N GLU I 213 1.17 -45.78 4.17
CA GLU I 213 1.64 -46.18 2.84
C GLU I 213 0.49 -46.51 1.89
N ALA I 214 0.67 -46.15 0.62
CA ALA I 214 -0.32 -46.45 -0.41
C ALA I 214 0.36 -46.45 -1.77
N THR I 215 -0.17 -47.26 -2.67
CA THR I 215 0.21 -47.21 -4.08
C THR I 215 -0.64 -46.15 -4.76
N VAL I 216 -0.06 -45.46 -5.74
CA VAL I 216 -0.85 -44.53 -6.55
C VAL I 216 -2.09 -45.26 -7.06
N GLY I 217 -3.25 -44.61 -6.97
CA GLY I 217 -4.49 -45.18 -7.45
C GLY I 217 -5.30 -45.92 -6.41
N ASP I 218 -4.72 -46.20 -5.24
CA ASP I 218 -5.47 -46.73 -4.11
C ASP I 218 -6.65 -45.82 -3.77
N ARG I 219 -7.70 -46.42 -3.22
CA ARG I 219 -8.78 -45.67 -2.56
C ARG I 219 -8.52 -45.74 -1.06
N VAL I 220 -8.14 -44.61 -0.48
CA VAL I 220 -7.64 -44.58 0.89
C VAL I 220 -8.63 -43.83 1.75
N GLU I 221 -8.82 -44.29 2.97
CA GLU I 221 -9.74 -43.70 3.93
C GLU I 221 -8.99 -43.26 5.19
N ILE I 222 -9.29 -42.05 5.66
CA ILE I 222 -8.74 -41.51 6.90
C ILE I 222 -9.89 -41.25 7.85
N VAL I 223 -9.74 -41.71 9.09
CA VAL I 223 -10.64 -41.40 10.21
C VAL I 223 -9.87 -40.43 11.10
N MET I 224 -10.34 -39.21 11.17
CA MET I 224 -9.64 -38.13 11.83
C MET I 224 -10.45 -37.66 13.03
N ILE I 225 -9.89 -37.84 14.25
CA ILE I 225 -10.53 -37.57 15.52
C ILE I 225 -9.63 -36.66 16.36
N THR I 226 -10.21 -35.67 17.02
CA THR I 226 -9.48 -34.77 17.91
C THR I 226 -9.91 -34.99 19.36
N HIS I 227 -8.99 -34.76 20.29
CA HIS I 227 -9.25 -35.07 21.69
C HIS I 227 -8.49 -34.14 22.61
N GLY I 228 -9.05 -33.94 23.80
CA GLY I 228 -8.36 -33.23 24.86
C GLY I 228 -8.77 -31.80 25.12
N GLU I 229 -7.80 -30.88 24.98
CA GLU I 229 -7.94 -29.50 25.41
C GLU I 229 -7.87 -28.46 24.30
N TYR I 230 -7.23 -28.76 23.18
CA TYR I 230 -6.84 -27.76 22.20
C TYR I 230 -7.56 -28.03 20.89
N TYR I 231 -7.75 -26.94 20.12
CA TYR I 231 -8.23 -26.98 18.74
C TYR I 231 -7.05 -27.15 17.81
N HIS I 232 -7.31 -27.71 16.65
CA HIS I 232 -6.28 -28.02 15.67
C HIS I 232 -6.82 -27.74 14.28
N THR I 233 -5.94 -27.81 13.28
CA THR I 233 -6.34 -27.72 11.88
C THR I 233 -5.64 -28.84 11.13
N PHE I 234 -6.34 -29.95 10.90
CA PHE I 234 -5.80 -31.05 10.11
C PHE I 234 -5.55 -30.61 8.68
N HIS I 235 -4.38 -30.95 8.14
CA HIS I 235 -4.05 -30.55 6.78
C HIS I 235 -3.41 -31.70 6.01
N MET I 236 -3.75 -31.82 4.73
CA MET I 236 -3.12 -32.79 3.85
C MET I 236 -2.44 -32.09 2.67
N HIS I 237 -1.11 -32.19 2.61
CA HIS I 237 -0.39 -31.86 1.38
C HIS I 237 -0.86 -32.75 0.25
N GLY I 238 -1.02 -32.16 -0.93
CA GLY I 238 -1.19 -32.93 -2.14
C GLY I 238 -2.55 -33.54 -2.37
N HIS I 239 -3.51 -33.32 -1.47
CA HIS I 239 -4.81 -33.96 -1.56
C HIS I 239 -5.87 -33.03 -1.02
N ARG I 240 -7.11 -33.33 -1.39
CA ARG I 240 -8.26 -32.58 -0.88
C ARG I 240 -9.46 -33.50 -0.87
N TRP I 241 -10.37 -33.22 0.04
CA TRP I 241 -11.58 -34.00 0.22
C TRP I 241 -12.76 -33.04 0.40
N ALA I 242 -13.97 -33.56 0.23
CA ALA I 242 -15.16 -32.77 0.46
C ALA I 242 -15.50 -32.74 1.95
N ASP I 243 -15.98 -31.61 2.43
CA ASP I 243 -16.26 -31.52 3.85
C ASP I 243 -17.68 -32.01 4.14
N ASN I 244 -17.90 -33.28 3.82
CA ASN I 244 -19.20 -33.89 4.08
C ASN I 244 -19.03 -35.26 4.69
N ARG I 245 -20.13 -36.04 4.78
CA ARG I 245 -20.11 -37.31 5.50
C ARG I 245 -19.06 -38.27 4.97
N THR I 246 -18.95 -38.37 3.64
CA THR I 246 -18.09 -39.35 2.98
C THR I 246 -16.75 -38.79 2.54
N GLY I 247 -16.59 -37.46 2.51
CA GLY I 247 -15.43 -36.84 1.91
C GLY I 247 -15.43 -36.88 0.40
N MET I 248 -16.34 -37.62 -0.20
CA MET I 248 -16.48 -37.71 -1.64
C MET I 248 -17.69 -36.89 -2.04
N LEU I 249 -17.52 -36.06 -3.06
CA LEU I 249 -18.65 -35.33 -3.61
C LEU I 249 -19.61 -36.30 -4.28
N THR I 250 -20.91 -36.11 -4.01
CA THR I 250 -21.89 -37.13 -4.32
C THR I 250 -22.49 -36.97 -5.71
N GLY I 251 -21.95 -36.07 -6.53
CA GLY I 251 -22.40 -35.85 -7.87
C GLY I 251 -21.98 -34.46 -8.31
N PRO I 252 -22.43 -34.03 -9.49
CA PRO I 252 -22.24 -32.62 -9.87
C PRO I 252 -23.05 -31.66 -9.03
N ASP I 253 -24.10 -32.15 -8.38
CA ASP I 253 -25.04 -31.35 -7.62
C ASP I 253 -24.62 -31.14 -6.18
N ASP I 254 -23.48 -31.70 -5.78
CA ASP I 254 -23.03 -31.58 -4.40
C ASP I 254 -22.33 -30.25 -4.18
N PRO I 255 -22.96 -29.34 -3.41
CA PRO I 255 -22.35 -28.03 -3.15
C PRO I 255 -21.37 -28.00 -1.99
N SER I 256 -21.08 -29.17 -1.39
CA SER I 256 -20.15 -29.26 -0.28
C SER I 256 -18.84 -28.57 -0.60
N GLN I 257 -18.20 -28.05 0.44
CA GLN I 257 -16.91 -27.42 0.29
C GLN I 257 -15.83 -28.46 0.07
N VAL I 258 -14.90 -28.15 -0.82
CA VAL I 258 -13.73 -28.96 -1.13
C VAL I 258 -12.53 -28.25 -0.52
N ILE I 259 -11.85 -28.94 0.40
CA ILE I 259 -10.85 -28.35 1.30
C ILE I 259 -9.64 -29.29 1.39
N ASP I 260 -8.59 -28.77 2.02
CA ASP I 260 -7.48 -29.61 2.44
C ASP I 260 -7.04 -29.29 3.87
N ASN I 261 -7.83 -28.51 4.60
CA ASN I 261 -7.49 -28.05 5.94
C ASN I 261 -8.77 -27.87 6.73
N LYS I 262 -8.91 -28.56 7.88
CA LYS I 262 -10.14 -28.53 8.66
C LYS I 262 -9.86 -28.28 10.14
N ILE I 263 -10.50 -27.26 10.69
CA ILE I 263 -10.43 -26.98 12.12
C ILE I 263 -11.17 -28.08 12.91
N CYS I 264 -10.70 -28.35 14.12
CA CYS I 264 -11.28 -29.44 14.89
C CYS I 264 -11.07 -29.18 16.37
N GLY I 265 -12.10 -29.47 17.15
CA GLY I 265 -12.03 -29.28 18.57
C GLY I 265 -11.99 -30.65 19.21
N PRO I 266 -11.81 -30.69 20.53
CA PRO I 266 -11.88 -31.98 21.22
C PRO I 266 -13.21 -32.67 20.92
N ALA I 267 -13.09 -33.94 20.48
CA ALA I 267 -14.19 -34.89 20.21
C ALA I 267 -14.88 -34.64 18.89
N ASP I 268 -14.26 -33.89 17.98
CA ASP I 268 -14.66 -33.91 16.58
C ASP I 268 -14.24 -35.22 15.92
N SER I 269 -15.06 -35.68 15.00
CA SER I 269 -14.69 -36.79 14.14
C SER I 269 -15.27 -36.56 12.74
N PHE I 270 -14.42 -36.71 11.73
CA PHE I 270 -14.86 -36.75 10.34
C PHE I 270 -13.96 -37.73 9.62
N GLY I 271 -14.33 -38.06 8.39
CA GLY I 271 -13.49 -38.94 7.60
C GLY I 271 -13.62 -38.62 6.13
N PHE I 272 -12.72 -39.21 5.34
CA PHE I 272 -12.78 -39.01 3.90
C PHE I 272 -12.10 -40.14 3.18
N GLN I 273 -12.39 -40.25 1.88
CA GLN I 273 -11.69 -41.14 0.98
C GLN I 273 -11.06 -40.32 -0.13
N ILE I 274 -9.77 -40.51 -0.34
CA ILE I 274 -9.02 -39.82 -1.37
C ILE I 274 -8.33 -40.87 -2.23
N ILE I 275 -8.33 -40.63 -3.54
CA ILE I 275 -7.54 -41.45 -4.44
C ILE I 275 -6.10 -40.96 -4.34
N ALA I 276 -5.20 -41.85 -3.93
CA ALA I 276 -3.83 -41.48 -3.59
C ALA I 276 -3.06 -41.09 -4.83
N GLY I 277 -2.41 -39.92 -4.79
CA GLY I 277 -1.65 -39.42 -5.91
C GLY I 277 -2.49 -38.93 -7.08
N GLU I 278 -3.81 -38.84 -6.93
CA GLU I 278 -4.71 -38.51 -8.04
C GLU I 278 -4.44 -37.11 -8.54
N GLY I 279 -3.87 -37.02 -9.74
CA GLY I 279 -3.48 -35.75 -10.32
C GLY I 279 -2.24 -35.15 -9.72
N VAL I 280 -1.58 -35.82 -8.79
CA VAL I 280 -0.40 -35.28 -8.13
C VAL I 280 0.81 -36.21 -8.16
N GLY I 281 0.65 -37.50 -8.37
CA GLY I 281 1.78 -38.38 -8.60
C GLY I 281 2.40 -38.92 -7.33
N ALA I 282 3.21 -39.96 -7.50
CA ALA I 282 3.84 -40.65 -6.38
C ALA I 282 4.71 -39.70 -5.56
N GLY I 283 4.99 -40.12 -4.34
CA GLY I 283 5.94 -39.42 -3.49
C GLY I 283 5.54 -39.47 -2.03
N ALA I 284 6.30 -38.73 -1.24
CA ALA I 284 6.11 -38.67 0.21
C ALA I 284 5.31 -37.40 0.52
N TRP I 285 4.00 -37.57 0.65
CA TRP I 285 3.14 -36.44 0.99
C TRP I 285 3.10 -36.25 2.51
N MET I 286 2.92 -35.01 2.91
CA MET I 286 2.98 -34.59 4.31
C MET I 286 1.59 -34.27 4.80
N TYR I 287 1.27 -34.65 6.02
CA TYR I 287 0.10 -34.15 6.72
C TYR I 287 0.50 -33.58 8.07
N HIS I 288 -0.25 -32.58 8.53
CA HIS I 288 0.09 -31.97 9.80
C HIS I 288 -1.06 -31.11 10.31
N CYS I 289 -1.13 -30.98 11.62
CA CYS I 289 -1.88 -29.87 12.16
C CYS I 289 -1.28 -28.59 11.62
N HIS I 290 -2.10 -27.74 11.02
CA HIS I 290 -1.55 -26.52 10.45
C HIS I 290 -1.42 -25.40 11.45
N VAL I 291 -1.65 -25.66 12.72
CA VAL I 291 -1.24 -24.70 13.72
C VAL I 291 0.28 -24.67 13.73
N GLN I 292 0.86 -23.47 13.61
CA GLN I 292 2.29 -23.37 13.31
C GLN I 292 3.13 -24.09 14.35
N SER I 293 2.94 -23.76 15.64
CA SER I 293 3.74 -24.38 16.69
C SER I 293 3.47 -25.87 16.82
N HIS I 294 2.28 -26.32 16.43
CA HIS I 294 1.94 -27.74 16.48
C HIS I 294 2.64 -28.53 15.40
N SER I 295 2.73 -27.96 14.20
CA SER I 295 3.61 -28.51 13.16
C SER I 295 5.07 -28.53 13.61
N ASP I 296 5.57 -27.41 14.16
CA ASP I 296 6.94 -27.36 14.69
C ASP I 296 7.17 -28.40 15.78
N MET I 297 6.24 -28.56 16.72
CA MET I 297 6.49 -29.33 17.93
C MET I 297 6.00 -30.76 17.84
N GLY I 298 6.06 -31.36 16.65
CA GLY I 298 5.95 -32.79 16.49
C GLY I 298 4.71 -33.29 15.76
N MET I 299 3.61 -32.54 15.77
CA MET I 299 2.36 -33.00 15.17
C MET I 299 2.49 -33.01 13.65
N VAL I 300 3.23 -34.00 13.13
CA VAL I 300 3.49 -34.15 11.71
C VAL I 300 3.48 -35.63 11.39
N GLY I 301 3.07 -35.95 10.16
CA GLY I 301 3.08 -37.32 9.72
C GLY I 301 3.33 -37.34 8.23
N LEU I 302 3.44 -38.54 7.67
CA LEU I 302 3.61 -38.72 6.23
C LEU I 302 2.55 -39.63 5.65
N PHE I 303 2.01 -39.23 4.52
CA PHE I 303 1.24 -40.10 3.65
C PHE I 303 2.20 -40.58 2.57
N LEU I 304 2.78 -41.75 2.78
CA LEU I 304 3.75 -42.30 1.86
C LEU I 304 3.01 -42.95 0.69
N VAL I 305 3.15 -42.38 -0.49
CA VAL I 305 2.48 -42.84 -1.70
C VAL I 305 3.54 -43.44 -2.62
N LYS I 306 3.30 -44.65 -3.09
CA LYS I 306 4.29 -45.41 -3.84
C LYS I 306 3.87 -45.59 -5.28
N LYS I 307 4.87 -45.70 -6.17
CA LYS I 307 4.61 -46.16 -7.52
C LYS I 307 4.18 -47.62 -7.46
N PRO I 308 3.42 -48.09 -8.46
CA PRO I 308 3.08 -49.52 -8.50
C PRO I 308 4.27 -50.44 -8.73
N ASP I 309 5.48 -49.89 -8.88
CA ASP I 309 6.67 -50.71 -8.75
C ASP I 309 7.18 -50.79 -7.32
N GLY I 310 6.74 -49.88 -6.45
CA GLY I 310 7.03 -49.93 -5.03
C GLY I 310 7.77 -48.74 -4.47
N THR I 311 8.43 -47.93 -5.33
CA THR I 311 9.32 -46.88 -4.87
C THR I 311 8.57 -45.59 -4.54
N ILE I 312 9.24 -44.73 -3.76
CA ILE I 312 8.70 -43.45 -3.30
C ILE I 312 9.69 -42.35 -3.61
N PRO I 313 9.47 -41.55 -4.65
CA PRO I 313 10.47 -40.56 -5.06
C PRO I 313 10.77 -39.53 -3.98
N GLY I 314 11.95 -38.91 -4.09
CA GLY I 314 12.38 -37.85 -3.20
C GLY I 314 12.58 -38.29 -1.77
N TYR I 315 12.55 -39.60 -1.57
CA TYR I 315 12.45 -40.17 -0.24
C TYR I 315 13.18 -41.50 -0.21
N ALA J 40 -3.76 14.83 -64.87
CA ALA J 40 -3.06 15.00 -66.14
C ALA J 40 -2.70 16.47 -66.35
N GLY J 41 -2.78 17.25 -65.28
CA GLY J 41 -2.33 18.64 -65.31
C GLY J 41 -2.59 19.30 -63.98
N ALA J 42 -2.70 20.64 -64.02
CA ALA J 42 -3.34 21.43 -62.98
C ALA J 42 -4.30 22.40 -63.64
N ALA J 43 -5.30 22.84 -62.88
CA ALA J 43 -6.27 23.76 -63.43
C ALA J 43 -5.62 25.09 -63.83
N PRO J 44 -6.19 25.79 -64.79
CA PRO J 44 -5.86 27.21 -64.97
C PRO J 44 -6.88 28.13 -64.32
N ALA J 45 -6.50 29.39 -64.12
CA ALA J 45 -7.49 30.42 -63.87
C ALA J 45 -8.45 30.51 -65.05
N GLY J 46 -9.71 30.85 -64.76
CA GLY J 46 -10.73 30.85 -65.74
C GLY J 46 -11.19 32.24 -66.13
N GLY J 47 -12.35 32.28 -66.75
CA GLY J 47 -12.97 33.54 -67.12
C GLY J 47 -13.60 33.40 -68.49
N GLU J 48 -13.36 32.28 -69.12
CA GLU J 48 -13.83 32.09 -70.47
C GLU J 48 -15.36 31.99 -70.50
N VAL J 49 -15.98 32.76 -71.38
CA VAL J 49 -17.41 32.63 -71.61
C VAL J 49 -17.63 31.42 -72.48
N ARG J 50 -18.41 30.47 -71.99
CA ARG J 50 -18.63 29.21 -72.70
C ARG J 50 -20.11 29.01 -72.99
N ARG J 51 -20.36 28.14 -73.95
CA ARG J 51 -21.69 27.65 -74.26
C ARG J 51 -21.61 26.13 -74.28
N VAL J 52 -22.78 25.50 -74.10
CA VAL J 52 -22.96 24.08 -74.33
C VAL J 52 -24.40 23.89 -74.78
N THR J 53 -24.67 22.71 -75.34
CA THR J 53 -26.00 22.34 -75.81
C THR J 53 -26.51 21.16 -74.99
N LEU J 54 -27.69 21.33 -74.38
CA LEU J 54 -28.27 20.34 -73.48
C LEU J 54 -29.70 20.02 -73.89
N TYR J 55 -30.05 18.72 -73.92
CA TYR J 55 -31.42 18.25 -74.10
C TYR J 55 -31.81 17.27 -72.98
N ALA J 56 -33.08 17.31 -72.57
CA ALA J 56 -33.66 16.30 -71.67
C ALA J 56 -34.54 15.36 -72.49
N GLU J 57 -34.15 14.09 -72.55
CA GLU J 57 -34.85 13.10 -73.36
C GLU J 57 -35.15 11.83 -72.58
N ARG J 58 -36.16 11.12 -73.04
CA ARG J 58 -36.58 9.89 -72.40
C ARG J 58 -35.71 8.73 -72.84
N LEU J 59 -35.50 7.80 -71.91
CA LEU J 59 -34.79 6.57 -72.18
C LEU J 59 -35.73 5.40 -72.03
N ALA J 60 -35.18 4.21 -72.27
CA ALA J 60 -35.93 2.96 -72.08
C ALA J 60 -36.39 2.83 -70.63
N GLY J 61 -37.65 2.44 -70.46
CA GLY J 61 -38.17 2.22 -69.14
C GLY J 61 -38.71 3.44 -68.44
N GLY J 62 -38.84 4.56 -69.13
CA GLY J 62 -39.35 5.75 -68.50
C GLY J 62 -38.32 6.56 -67.78
N GLN J 63 -37.05 6.16 -67.83
CA GLN J 63 -35.98 7.00 -67.33
C GLN J 63 -35.91 8.26 -68.18
N LEU J 64 -35.39 9.34 -67.58
CA LEU J 64 -35.22 10.63 -68.24
C LEU J 64 -33.80 11.09 -68.00
N GLY J 65 -33.11 11.52 -69.05
CA GLY J 65 -31.73 11.93 -68.90
C GLY J 65 -31.47 13.25 -69.59
N TYR J 66 -30.39 13.89 -69.18
CA TYR J 66 -29.78 14.95 -69.97
C TYR J 66 -28.73 14.37 -70.90
N GLY J 67 -28.60 15.00 -72.07
CA GLY J 67 -27.58 14.63 -73.01
C GLY J 67 -26.91 15.86 -73.57
N LEU J 68 -25.75 15.64 -74.20
CA LEU J 68 -25.06 16.68 -74.95
C LEU J 68 -25.56 16.78 -76.37
N GLU J 69 -26.13 15.71 -76.88
CA GLU J 69 -26.67 15.63 -78.23
C GLU J 69 -27.94 14.81 -78.16
N LYS J 70 -28.87 15.10 -79.06
CA LYS J 70 -30.07 14.28 -79.15
C LYS J 70 -29.66 12.84 -79.41
N GLY J 71 -30.05 11.94 -78.52
CA GLY J 71 -29.70 10.54 -78.64
C GLY J 71 -28.61 10.03 -77.72
N LYS J 72 -27.99 10.88 -76.91
CA LYS J 72 -27.00 10.42 -75.93
C LYS J 72 -27.28 11.05 -74.57
N ALA J 73 -28.55 10.96 -74.16
CA ALA J 73 -28.91 11.26 -72.78
C ALA J 73 -28.31 10.19 -71.88
N SER J 74 -27.81 10.62 -70.73
CA SER J 74 -27.13 9.74 -69.80
C SER J 74 -27.71 9.93 -68.40
N ILE J 75 -27.64 8.87 -67.60
CA ILE J 75 -27.97 8.99 -66.17
C ILE J 75 -26.77 8.54 -65.35
N PRO J 76 -26.08 9.43 -64.61
CA PRO J 76 -26.25 10.87 -64.45
C PRO J 76 -26.06 11.66 -65.74
N GLY J 77 -26.47 12.91 -65.76
CA GLY J 77 -26.23 13.78 -66.89
C GLY J 77 -24.75 13.87 -67.24
N PRO J 78 -24.44 14.55 -68.34
CA PRO J 78 -23.03 14.83 -68.65
C PRO J 78 -22.33 15.57 -67.52
N LEU J 79 -21.06 15.26 -67.33
CA LEU J 79 -20.21 16.03 -66.44
C LEU J 79 -19.90 17.39 -67.07
N ILE J 80 -20.29 18.44 -66.38
CA ILE J 80 -19.94 19.78 -66.79
C ILE J 80 -18.77 20.23 -65.94
N GLU J 81 -17.77 20.85 -66.57
CA GLU J 81 -16.57 21.24 -65.84
C GLU J 81 -16.22 22.68 -66.16
N LEU J 82 -15.99 23.47 -65.11
CA LEU J 82 -15.62 24.87 -65.26
C LEU J 82 -14.41 25.18 -64.38
N ASN J 83 -13.77 26.28 -64.72
CA ASN J 83 -12.72 26.94 -63.96
C ASN J 83 -13.31 28.22 -63.38
N GLU J 84 -12.65 28.76 -62.36
CA GLU J 84 -13.26 29.84 -61.57
C GLU J 84 -13.18 31.17 -62.30
N GLY J 85 -14.34 31.71 -62.64
CA GLY J 85 -14.47 32.84 -63.54
C GLY J 85 -15.24 32.51 -64.82
N ASP J 86 -15.28 31.24 -65.21
CA ASP J 86 -15.92 30.86 -66.45
C ASP J 86 -17.40 31.17 -66.43
N THR J 87 -17.95 31.35 -67.63
CA THR J 87 -19.37 31.62 -67.84
C THR J 87 -19.91 30.58 -68.80
N LEU J 88 -21.14 30.16 -68.59
CA LEU J 88 -21.66 29.01 -69.32
C LEU J 88 -23.11 29.23 -69.71
N HIS J 89 -23.38 29.16 -71.00
CA HIS J 89 -24.72 29.32 -71.52
C HIS J 89 -25.17 27.95 -71.95
N VAL J 90 -26.16 27.41 -71.26
CA VAL J 90 -26.69 26.10 -71.54
C VAL J 90 -27.88 26.32 -72.45
N GLU J 91 -27.73 25.96 -73.70
CA GLU J 91 -28.80 26.07 -74.69
C GLU J 91 -29.64 24.79 -74.51
N PHE J 92 -30.70 24.90 -73.72
CA PHE J 92 -31.45 23.74 -73.23
C PHE J 92 -32.76 23.56 -73.97
N GLU J 93 -32.94 22.38 -74.58
CA GLU J 93 -34.21 22.06 -75.22
C GLU J 93 -34.87 20.91 -74.45
N ASN J 94 -36.09 21.15 -74.01
CA ASN J 94 -36.91 20.13 -73.40
C ASN J 94 -37.64 19.40 -74.53
N THR J 95 -37.45 18.08 -74.62
CA THR J 95 -38.12 17.28 -75.64
C THR J 95 -39.22 16.41 -75.07
N LEU J 96 -39.66 16.66 -73.85
CA LEU J 96 -40.54 15.75 -73.12
C LEU J 96 -42.00 16.18 -73.29
N ASP J 97 -42.91 15.28 -72.88
CA ASP J 97 -44.32 15.57 -72.87
C ASP J 97 -44.75 16.38 -71.66
N VAL J 98 -43.81 16.71 -70.77
CA VAL J 98 -44.07 17.57 -69.62
C VAL J 98 -43.02 18.67 -69.62
N PRO J 99 -43.30 19.79 -68.95
CA PRO J 99 -42.26 20.79 -68.76
C PRO J 99 -41.10 20.26 -67.92
N VAL J 100 -39.92 20.83 -68.17
CA VAL J 100 -38.66 20.44 -67.53
C VAL J 100 -37.94 21.75 -67.20
N SER J 101 -36.97 21.67 -66.30
CA SER J 101 -36.10 22.80 -65.98
C SER J 101 -34.70 22.28 -65.71
N LEU J 102 -33.82 23.20 -65.28
CA LEU J 102 -32.42 22.86 -65.07
C LEU J 102 -31.87 23.81 -64.00
N HIS J 103 -31.89 23.34 -62.74
CA HIS J 103 -31.44 24.06 -61.56
C HIS J 103 -30.03 23.61 -61.19
N VAL J 104 -29.14 24.57 -60.88
CA VAL J 104 -27.74 24.27 -60.56
C VAL J 104 -27.43 24.70 -59.13
N HIS J 105 -26.88 23.77 -58.34
CA HIS J 105 -26.43 24.07 -56.99
C HIS J 105 -25.11 24.85 -57.01
N GLY J 106 -24.98 25.85 -56.14
CA GLY J 106 -23.69 26.47 -55.84
C GLY J 106 -23.14 27.50 -56.81
N LEU J 107 -23.45 27.34 -58.09
CA LEU J 107 -23.02 28.29 -59.11
C LEU J 107 -23.94 29.50 -59.10
N ASP J 108 -23.40 30.64 -59.58
CA ASP J 108 -24.16 31.89 -59.62
C ASP J 108 -25.07 31.93 -60.84
N TYR J 109 -26.31 32.39 -60.62
CA TYR J 109 -27.29 32.52 -61.67
C TYR J 109 -28.28 33.60 -61.25
N GLU J 110 -29.08 34.06 -62.20
CA GLU J 110 -30.07 35.05 -61.83
C GLU J 110 -31.39 34.36 -61.51
N ILE J 111 -32.33 35.13 -60.96
CA ILE J 111 -33.68 34.57 -60.81
C ILE J 111 -34.21 34.13 -62.18
N SER J 112 -33.67 34.71 -63.25
CA SER J 112 -34.00 34.36 -64.63
C SER J 112 -33.56 32.95 -64.98
N SER J 113 -32.48 32.47 -64.36
CA SER J 113 -31.99 31.12 -64.61
C SER J 113 -32.15 30.24 -63.39
N ASP J 114 -33.13 30.56 -62.55
CA ASP J 114 -33.40 29.78 -61.34
C ASP J 114 -33.76 28.34 -61.67
N GLY J 115 -34.65 28.15 -62.65
CA GLY J 115 -35.06 26.82 -63.05
C GLY J 115 -36.27 26.29 -62.32
N THR J 116 -37.10 27.16 -61.75
CA THR J 116 -38.31 26.75 -61.07
C THR J 116 -39.52 27.27 -61.84
N LYS J 117 -40.70 26.79 -61.46
CA LYS J 117 -41.92 27.47 -61.87
C LYS J 117 -42.15 28.75 -61.08
N GLN J 118 -41.51 28.90 -59.92
CA GLN J 118 -41.81 30.05 -59.08
C GLN J 118 -41.21 31.35 -59.62
N ASN J 119 -40.19 31.27 -60.46
CA ASN J 119 -39.73 32.41 -61.21
C ASN J 119 -39.67 32.10 -62.71
N LYS J 120 -40.56 31.22 -63.17
CA LYS J 120 -40.86 31.05 -64.60
C LYS J 120 -39.61 30.71 -65.41
N SER J 121 -38.87 29.71 -64.95
CA SER J 121 -37.65 29.30 -65.63
C SER J 121 -37.66 27.81 -65.97
N HIS J 122 -38.85 27.23 -66.07
CA HIS J 122 -39.06 25.89 -66.61
C HIS J 122 -39.37 25.97 -68.09
N VAL J 123 -38.91 24.96 -68.83
CA VAL J 123 -39.05 24.89 -70.27
C VAL J 123 -40.25 24.01 -70.61
N GLU J 124 -41.17 24.53 -71.41
CA GLU J 124 -42.41 23.84 -71.73
C GLU J 124 -42.13 22.70 -72.71
N PRO J 125 -43.04 21.74 -72.83
CA PRO J 125 -42.76 20.54 -73.63
C PRO J 125 -42.49 20.90 -75.08
N GLY J 126 -41.26 20.61 -75.54
CA GLY J 126 -40.84 20.98 -76.87
C GLY J 126 -40.11 22.31 -76.94
N GLY J 127 -40.23 23.14 -75.91
CA GLY J 127 -39.58 24.41 -75.87
C GLY J 127 -38.08 24.35 -75.82
N THR J 128 -37.46 25.53 -75.85
CA THR J 128 -36.03 25.70 -75.76
C THR J 128 -35.80 26.89 -74.85
N ARG J 129 -34.62 26.95 -74.25
CA ARG J 129 -34.26 28.05 -73.35
C ARG J 129 -32.76 28.04 -73.15
N THR J 130 -32.21 29.22 -72.85
CA THR J 130 -30.79 29.41 -72.59
C THR J 130 -30.64 29.74 -71.10
N TYR J 131 -29.97 28.87 -70.36
CA TYR J 131 -29.56 29.15 -68.98
C TYR J 131 -28.13 29.65 -68.96
N THR J 132 -27.84 30.57 -68.05
CA THR J 132 -26.51 31.14 -67.89
C THR J 132 -26.02 30.87 -66.48
N TRP J 133 -24.97 30.05 -66.35
CA TRP J 133 -24.23 29.90 -65.09
C TRP J 133 -22.96 30.74 -65.13
N ARG J 134 -22.61 31.31 -63.99
CA ARG J 134 -21.35 32.02 -63.81
C ARG J 134 -20.64 31.47 -62.59
N THR J 135 -19.36 31.82 -62.48
CA THR J 135 -18.53 31.47 -61.35
C THR J 135 -17.65 32.66 -61.02
N HIS J 136 -17.15 32.70 -59.79
CA HIS J 136 -16.24 33.77 -59.41
C HIS J 136 -15.13 33.18 -58.56
N GLU J 137 -13.99 33.85 -58.62
CA GLU J 137 -12.83 33.54 -57.84
C GLU J 137 -13.00 34.08 -56.43
N PRO J 138 -12.25 33.57 -55.46
CA PRO J 138 -12.23 34.21 -54.15
C PRO J 138 -11.42 35.49 -54.18
N GLY J 139 -11.66 36.34 -53.16
CA GLY J 139 -10.98 37.60 -53.00
C GLY J 139 -11.62 38.46 -51.94
N ARG J 140 -10.88 39.41 -51.34
CA ARG J 140 -11.43 40.21 -50.25
C ARG J 140 -12.39 41.27 -50.76
N ARG J 141 -13.48 41.47 -50.02
CA ARG J 141 -14.42 42.54 -50.30
C ARG J 141 -13.97 43.84 -49.66
N ALA J 142 -14.59 44.93 -50.08
CA ALA J 142 -14.30 46.23 -49.50
C ALA J 142 -14.82 46.37 -48.07
N ASP J 143 -15.47 45.34 -47.50
CA ASP J 143 -15.75 45.30 -46.08
C ASP J 143 -14.72 44.46 -45.32
N GLY J 144 -13.57 44.18 -45.94
CA GLY J 144 -12.50 43.44 -45.31
C GLY J 144 -12.66 41.94 -45.32
N THR J 145 -13.87 41.43 -45.56
CA THR J 145 -14.10 40.01 -45.44
C THR J 145 -13.48 39.27 -46.63
N TRP J 146 -13.70 37.96 -46.67
CA TRP J 146 -13.18 37.10 -47.72
C TRP J 146 -14.36 36.38 -48.37
N ARG J 147 -14.55 36.61 -49.67
CA ARG J 147 -15.63 36.03 -50.46
C ARG J 147 -15.12 34.76 -51.14
N ALA J 148 -15.52 33.61 -50.60
CA ALA J 148 -15.14 32.34 -51.20
C ALA J 148 -15.63 32.28 -52.64
N GLY J 149 -14.86 31.59 -53.47
CA GLY J 149 -15.22 31.46 -54.86
C GLY J 149 -16.40 30.55 -55.08
N SER J 150 -16.45 29.92 -56.25
CA SER J 150 -17.49 28.98 -56.57
C SER J 150 -16.98 27.56 -56.68
N ALA J 151 -15.67 27.36 -56.52
CA ALA J 151 -15.08 26.06 -56.76
C ALA J 151 -15.70 25.02 -55.84
N GLY J 152 -16.03 23.87 -56.41
CA GLY J 152 -16.63 22.81 -55.64
C GLY J 152 -17.16 21.72 -56.56
N TYR J 153 -17.41 20.57 -55.96
CA TYR J 153 -18.19 19.51 -56.57
C TYR J 153 -19.66 19.84 -56.34
N TRP J 154 -20.37 20.20 -57.41
CA TRP J 154 -21.79 20.50 -57.34
C TRP J 154 -22.54 19.70 -58.41
N HIS J 155 -23.79 20.06 -58.66
CA HIS J 155 -24.65 19.26 -59.52
C HIS J 155 -25.81 20.12 -60.03
N TYR J 156 -26.52 19.57 -61.03
CA TYR J 156 -27.72 20.19 -61.60
C TYR J 156 -28.83 19.16 -61.66
N HIS J 157 -30.08 19.64 -61.61
CA HIS J 157 -31.18 18.69 -61.65
C HIS J 157 -32.47 19.40 -62.01
N ASP J 158 -33.47 18.58 -62.35
CA ASP J 158 -34.78 19.08 -62.68
C ASP J 158 -35.49 19.57 -61.44
N HIS J 159 -36.32 20.59 -61.63
CA HIS J 159 -37.06 21.21 -60.54
C HIS J 159 -38.55 21.29 -60.84
N VAL J 160 -39.03 20.68 -61.92
CA VAL J 160 -40.46 20.79 -62.23
C VAL J 160 -41.13 19.46 -62.60
N VAL J 161 -40.41 18.40 -62.94
CA VAL J 161 -41.07 17.14 -63.27
C VAL J 161 -41.60 16.50 -61.99
N GLY J 162 -42.76 15.84 -62.09
CA GLY J 162 -43.42 15.31 -60.91
C GLY J 162 -44.03 16.39 -60.05
N THR J 163 -43.18 17.20 -59.41
CA THR J 163 -43.58 18.29 -58.52
C THR J 163 -42.80 19.56 -58.88
N GLU J 164 -43.05 20.63 -58.12
CA GLU J 164 -42.33 21.89 -58.25
C GLU J 164 -40.94 21.83 -57.64
N HIS J 165 -40.57 20.73 -56.99
CA HIS J 165 -39.22 20.50 -56.54
C HIS J 165 -38.56 19.34 -57.26
N GLY J 166 -39.13 18.92 -58.38
CA GLY J 166 -38.48 17.98 -59.26
C GLY J 166 -38.30 16.60 -58.70
N THR J 167 -39.19 16.17 -57.80
CA THR J 167 -39.12 14.84 -57.20
C THR J 167 -39.21 13.76 -58.28
N GLY J 168 -40.06 13.94 -59.28
CA GLY J 168 -40.25 12.91 -60.28
C GLY J 168 -39.15 12.87 -61.33
N GLY J 169 -38.60 14.03 -61.70
CA GLY J 169 -37.52 14.03 -62.67
C GLY J 169 -36.20 13.57 -62.08
N ILE J 170 -35.87 14.04 -60.86
CA ILE J 170 -34.73 13.52 -60.10
C ILE J 170 -34.80 12.00 -59.98
N ARG J 171 -35.96 11.49 -59.55
CA ARG J 171 -36.15 10.07 -59.36
C ARG J 171 -35.95 9.30 -60.66
N ASN J 172 -36.38 9.87 -61.79
CA ASN J 172 -36.27 9.20 -63.09
C ASN J 172 -34.94 9.46 -63.79
N GLY J 173 -34.10 10.34 -63.24
CA GLY J 173 -32.72 10.36 -63.69
C GLY J 173 -32.25 11.68 -64.23
N LEU J 174 -32.95 12.75 -63.89
CA LEU J 174 -32.60 14.07 -64.37
C LEU J 174 -31.72 14.74 -63.32
N TYR J 175 -30.47 14.28 -63.27
CA TYR J 175 -29.42 14.86 -62.45
C TYR J 175 -28.09 14.69 -63.16
N GLY J 176 -27.08 15.42 -62.69
CA GLY J 176 -25.72 15.22 -63.15
C GLY J 176 -24.72 16.08 -62.40
N PRO J 177 -23.45 15.78 -62.56
CA PRO J 177 -22.40 16.54 -61.88
C PRO J 177 -21.92 17.76 -62.63
N VAL J 178 -21.40 18.72 -61.85
CA VAL J 178 -20.75 19.93 -62.33
C VAL J 178 -19.57 20.21 -61.43
N ILE J 179 -18.37 20.27 -61.99
CA ILE J 179 -17.15 20.54 -61.22
C ILE J 179 -16.62 21.92 -61.59
N VAL J 180 -16.41 22.76 -60.59
CA VAL J 180 -15.73 24.05 -60.76
C VAL J 180 -14.37 23.96 -60.10
N ARG J 181 -13.32 24.28 -60.84
CA ARG J 181 -11.96 24.13 -60.37
C ARG J 181 -11.38 25.47 -59.92
N ARG J 182 -10.69 25.45 -58.78
CA ARG J 182 -9.87 26.57 -58.36
C ARG J 182 -8.61 26.65 -59.22
N LYS J 183 -8.11 27.87 -59.38
CA LYS J 183 -6.83 28.08 -60.02
C LYS J 183 -5.80 27.12 -59.42
N GLY J 184 -5.32 26.18 -60.23
CA GLY J 184 -4.26 25.29 -59.81
C GLY J 184 -4.72 24.04 -59.10
N ASP J 185 -5.96 23.62 -59.30
CA ASP J 185 -6.40 22.34 -58.76
C ASP J 185 -5.68 21.21 -59.48
N VAL J 186 -5.35 20.15 -58.74
CA VAL J 186 -4.84 18.96 -59.39
C VAL J 186 -5.92 18.43 -60.30
N LEU J 187 -5.51 17.88 -61.42
CA LEU J 187 -6.31 17.25 -62.44
C LEU J 187 -6.10 15.75 -62.40
N PRO J 188 -7.19 15.00 -62.46
CA PRO J 188 -7.11 13.55 -62.35
C PRO J 188 -6.98 12.86 -63.69
N ASP J 189 -6.48 11.64 -63.64
CA ASP J 189 -6.50 10.82 -64.85
C ASP J 189 -7.89 10.35 -65.20
N ALA J 190 -8.87 10.52 -64.30
CA ALA J 190 -10.20 9.93 -64.44
C ALA J 190 -11.14 10.66 -63.51
N THR J 191 -12.43 10.61 -63.85
CA THR J 191 -13.48 11.24 -63.06
C THR J 191 -14.72 10.36 -63.12
N HIS J 192 -15.12 9.79 -62.00
CA HIS J 192 -16.29 8.91 -61.93
C HIS J 192 -17.34 9.51 -60.99
N THR J 193 -18.57 9.62 -61.46
CA THR J 193 -19.66 10.18 -60.66
C THR J 193 -20.55 9.05 -60.14
N ILE J 194 -20.91 9.14 -58.86
CA ILE J 194 -21.57 8.07 -58.12
C ILE J 194 -22.76 8.66 -57.39
N VAL J 195 -23.96 8.40 -57.87
CA VAL J 195 -25.15 9.04 -57.33
C VAL J 195 -25.98 8.02 -56.59
N PHE J 196 -26.16 8.24 -55.30
CA PHE J 196 -27.14 7.56 -54.47
C PHE J 196 -28.48 8.25 -54.70
N ASN J 197 -29.21 7.80 -55.74
CA ASN J 197 -30.59 8.25 -56.01
C ASN J 197 -31.51 7.20 -55.39
N ASP J 198 -32.30 7.67 -54.43
CA ASP J 198 -33.14 6.84 -53.57
C ASP J 198 -32.40 5.61 -53.01
N MET J 199 -32.72 4.46 -53.58
CA MET J 199 -32.17 3.19 -53.19
C MET J 199 -31.35 2.55 -54.30
N THR J 200 -30.92 3.36 -55.24
CA THR J 200 -30.12 2.92 -56.37
C THR J 200 -28.80 3.68 -56.36
N ILE J 201 -27.91 3.26 -57.25
CA ILE J 201 -26.76 4.04 -57.65
C ILE J 201 -26.94 4.33 -59.14
N ASN J 202 -27.03 5.62 -59.48
CA ASN J 202 -27.16 6.10 -60.86
C ASN J 202 -28.38 5.52 -61.55
N ASN J 203 -29.41 5.19 -60.77
CA ASN J 203 -30.65 4.57 -61.22
C ASN J 203 -30.46 3.16 -61.73
N ARG J 204 -29.42 2.49 -61.35
CA ARG J 204 -29.22 1.16 -61.88
C ARG J 204 -29.95 0.10 -61.07
N PRO J 205 -30.32 -1.00 -61.72
CA PRO J 205 -30.78 -2.18 -60.97
C PRO J 205 -29.80 -2.62 -59.88
N ALA J 206 -30.36 -3.11 -58.79
CA ALA J 206 -29.62 -3.54 -57.62
C ALA J 206 -28.50 -4.50 -57.99
N HIS J 207 -27.33 -4.29 -57.39
CA HIS J 207 -26.16 -5.17 -57.58
C HIS J 207 -25.74 -5.22 -59.05
N THR J 208 -25.99 -4.14 -59.78
CA THR J 208 -25.44 -3.91 -61.11
C THR J 208 -24.51 -2.71 -61.10
N GLY J 209 -23.89 -2.44 -59.95
CA GLY J 209 -22.88 -1.43 -59.84
C GLY J 209 -23.39 0.00 -59.88
N PRO J 210 -22.72 0.86 -60.64
CA PRO J 210 -21.72 0.46 -61.63
C PRO J 210 -20.38 0.07 -61.04
N ASN J 211 -19.52 -0.46 -61.90
CA ASN J 211 -18.12 -0.66 -61.60
C ASN J 211 -17.29 0.37 -62.35
N PHE J 212 -16.10 0.62 -61.81
CA PHE J 212 -15.18 1.63 -62.31
C PHE J 212 -13.79 1.03 -62.31
N GLU J 213 -13.07 1.11 -63.42
CA GLU J 213 -11.75 0.50 -63.52
C GLU J 213 -10.65 1.54 -63.63
N ALA J 214 -9.66 1.41 -62.77
CA ALA J 214 -8.44 2.18 -62.92
C ALA J 214 -7.27 1.27 -62.63
N THR J 215 -6.09 1.84 -62.64
CA THR J 215 -4.84 1.10 -62.55
C THR J 215 -4.15 1.51 -61.25
N VAL J 216 -3.36 0.60 -60.68
CA VAL J 216 -2.65 0.99 -59.47
C VAL J 216 -1.81 2.22 -59.79
N GLY J 217 -2.10 3.35 -59.14
CA GLY J 217 -1.29 4.54 -59.24
C GLY J 217 -2.02 5.74 -59.83
N ASP J 218 -3.03 5.49 -60.66
CA ASP J 218 -3.80 6.56 -61.26
C ASP J 218 -4.33 7.52 -60.21
N ARG J 219 -4.54 8.76 -60.63
CA ARG J 219 -5.20 9.76 -59.80
C ARG J 219 -6.66 9.78 -60.17
N VAL J 220 -7.51 9.19 -59.33
CA VAL J 220 -8.89 8.92 -59.69
C VAL J 220 -9.77 9.90 -58.94
N GLU J 221 -10.60 10.64 -59.67
CA GLU J 221 -11.51 11.61 -59.09
C GLU J 221 -12.90 11.00 -59.04
N ILE J 222 -13.46 10.94 -57.85
CA ILE J 222 -14.80 10.43 -57.62
C ILE J 222 -15.70 11.62 -57.35
N VAL J 223 -16.88 11.65 -57.97
CA VAL J 223 -17.91 12.62 -57.64
C VAL J 223 -19.09 11.86 -57.03
N MET J 224 -19.51 12.24 -55.83
CA MET J 224 -20.54 11.50 -55.13
C MET J 224 -21.69 12.46 -54.85
N ILE J 225 -22.85 12.19 -55.44
CA ILE J 225 -24.06 12.99 -55.25
C ILE J 225 -25.16 12.11 -54.67
N THR J 226 -26.01 12.71 -53.82
CA THR J 226 -27.12 12.00 -53.20
C THR J 226 -28.44 12.70 -53.55
N HIS J 227 -29.49 11.90 -53.75
CA HIS J 227 -30.79 12.43 -54.12
C HIS J 227 -31.89 11.55 -53.56
N GLY J 228 -32.96 12.18 -53.08
CA GLY J 228 -34.21 11.48 -52.86
C GLY J 228 -34.88 11.71 -51.52
N GLU J 229 -35.25 10.60 -50.87
CA GLU J 229 -35.80 10.60 -49.52
C GLU J 229 -34.78 10.29 -48.45
N TYR J 230 -33.77 9.50 -48.79
CA TYR J 230 -33.02 8.71 -47.82
C TYR J 230 -31.64 9.28 -47.55
N TYR J 231 -31.22 9.20 -46.29
CA TYR J 231 -29.84 9.44 -45.92
C TYR J 231 -29.04 8.19 -46.26
N HIS J 232 -27.74 8.38 -46.48
CA HIS J 232 -26.86 7.30 -46.87
C HIS J 232 -25.54 7.51 -46.17
N THR J 233 -24.66 6.52 -46.33
CA THR J 233 -23.27 6.64 -45.91
C THR J 233 -22.46 5.99 -47.01
N PHE J 234 -21.68 6.81 -47.75
CA PHE J 234 -20.83 6.33 -48.82
C PHE J 234 -19.53 5.79 -48.24
N HIS J 235 -19.19 4.54 -48.58
CA HIS J 235 -17.99 3.85 -48.07
C HIS J 235 -17.16 3.27 -49.22
N MET J 236 -15.84 3.26 -49.04
CA MET J 236 -14.89 2.69 -50.00
C MET J 236 -13.84 1.83 -49.30
N HIS J 237 -13.67 0.59 -49.76
CA HIS J 237 -12.60 -0.25 -49.23
C HIS J 237 -11.25 0.15 -49.82
N GLY J 238 -10.24 0.20 -48.96
CA GLY J 238 -8.86 0.40 -49.36
C GLY J 238 -8.44 1.84 -49.47
N HIS J 239 -9.38 2.77 -49.35
CA HIS J 239 -9.17 4.14 -49.80
C HIS J 239 -9.87 5.11 -48.85
N ARG J 240 -9.24 6.28 -48.69
CA ARG J 240 -9.64 7.32 -47.76
C ARG J 240 -9.46 8.70 -48.43
N TRP J 241 -10.05 9.73 -47.83
CA TRP J 241 -10.01 11.07 -48.40
C TRP J 241 -10.33 12.09 -47.31
N ALA J 242 -9.84 13.31 -47.50
CA ALA J 242 -10.06 14.38 -46.54
C ALA J 242 -11.39 15.09 -46.83
N ASP J 243 -12.19 15.27 -45.79
CA ASP J 243 -13.53 15.83 -45.90
C ASP J 243 -13.44 17.34 -46.11
N ASN J 244 -13.05 17.73 -47.32
CA ASN J 244 -13.00 19.14 -47.72
C ASN J 244 -13.33 19.25 -49.22
N ARG J 245 -13.09 20.45 -49.75
CA ARG J 245 -13.40 20.76 -51.14
C ARG J 245 -12.72 19.78 -52.09
N THR J 246 -11.40 19.70 -52.03
CA THR J 246 -10.69 18.88 -52.99
C THR J 246 -10.76 17.40 -52.64
N GLY J 247 -10.84 17.05 -51.36
CA GLY J 247 -10.65 15.66 -50.97
C GLY J 247 -9.22 15.22 -50.82
N MET J 248 -8.29 16.17 -50.84
CA MET J 248 -6.90 15.94 -50.49
C MET J 248 -6.52 16.97 -49.44
N LEU J 249 -5.66 16.58 -48.50
CA LEU J 249 -5.10 17.58 -47.59
C LEU J 249 -4.11 18.47 -48.33
N THR J 250 -4.04 19.73 -47.91
CA THR J 250 -3.11 20.66 -48.54
C THR J 250 -1.67 20.44 -48.06
N GLY J 251 -1.50 20.04 -46.82
CA GLY J 251 -0.20 19.78 -46.26
C GLY J 251 -0.31 19.36 -44.81
N PRO J 252 0.75 19.61 -44.03
CA PRO J 252 0.75 19.13 -42.65
C PRO J 252 -0.23 19.85 -41.75
N ASP J 253 -0.43 21.14 -41.95
CA ASP J 253 -1.35 21.95 -41.15
C ASP J 253 -2.82 21.88 -41.64
N ASP J 254 -3.25 20.86 -42.40
CA ASP J 254 -4.62 20.81 -42.90
C ASP J 254 -5.48 20.10 -41.86
N PRO J 255 -6.39 20.79 -41.18
CA PRO J 255 -7.14 20.16 -40.09
C PRO J 255 -8.41 19.46 -40.55
N SER J 256 -8.49 19.21 -41.87
CA SER J 256 -9.60 18.45 -42.43
C SER J 256 -9.43 16.97 -42.14
N GLN J 257 -10.51 16.34 -41.69
CA GLN J 257 -10.43 14.98 -41.18
C GLN J 257 -10.47 13.95 -42.31
N VAL J 258 -9.70 12.88 -42.12
CA VAL J 258 -9.55 11.79 -43.07
C VAL J 258 -10.57 10.71 -42.73
N ILE J 259 -11.34 10.30 -43.74
CA ILE J 259 -12.45 9.38 -43.58
C ILE J 259 -12.50 8.42 -44.75
N ASP J 260 -13.21 7.31 -44.55
CA ASP J 260 -13.59 6.43 -45.65
C ASP J 260 -15.10 6.22 -45.74
N ASN J 261 -15.87 6.86 -44.87
CA ASN J 261 -17.31 6.68 -44.72
C ASN J 261 -17.91 8.07 -44.66
N LYS J 262 -18.91 8.35 -45.50
CA LYS J 262 -19.49 9.70 -45.54
C LYS J 262 -21.00 9.63 -45.48
N ILE J 263 -21.58 10.14 -44.40
CA ILE J 263 -23.01 10.36 -44.35
C ILE J 263 -23.37 11.46 -45.33
N CYS J 264 -24.54 11.36 -45.94
N CYS J 264 -24.55 11.36 -45.93
CA CYS J 264 -24.99 12.39 -46.86
CA CYS J 264 -24.99 12.33 -46.93
C CYS J 264 -26.49 12.22 -47.09
C CYS J 264 -26.50 12.21 -47.07
N GLY J 265 -27.15 13.33 -47.41
CA GLY J 265 -28.57 13.33 -47.68
C GLY J 265 -28.89 13.85 -49.07
N PRO J 266 -30.19 14.01 -49.36
CA PRO J 266 -30.60 14.57 -50.65
C PRO J 266 -29.93 15.89 -51.02
N ALA J 267 -29.38 15.94 -52.24
CA ALA J 267 -28.72 17.08 -52.87
C ALA J 267 -27.34 17.38 -52.29
N ASP J 268 -26.85 16.53 -51.41
CA ASP J 268 -25.48 16.66 -50.92
C ASP J 268 -24.54 16.25 -52.04
N SER J 269 -23.49 17.03 -52.27
CA SER J 269 -22.50 16.67 -53.28
C SER J 269 -21.10 16.85 -52.72
N PHE J 270 -20.23 15.88 -52.95
CA PHE J 270 -18.82 16.06 -52.65
C PHE J 270 -18.04 15.22 -53.65
N GLY J 271 -16.74 15.34 -53.56
CA GLY J 271 -15.87 14.53 -54.39
C GLY J 271 -14.50 14.55 -53.75
N PHE J 272 -13.65 13.71 -54.32
CA PHE J 272 -12.29 13.56 -53.84
C PHE J 272 -11.47 12.96 -54.95
N GLN J 273 -10.16 13.08 -54.82
CA GLN J 273 -9.24 12.34 -55.65
C GLN J 273 -8.44 11.38 -54.78
N ILE J 274 -8.29 10.15 -55.27
CA ILE J 274 -7.55 9.09 -54.61
C ILE J 274 -6.49 8.57 -55.59
N ILE J 275 -5.46 7.94 -55.06
CA ILE J 275 -4.49 7.25 -55.90
C ILE J 275 -4.84 5.77 -55.85
N ALA J 276 -5.12 5.20 -57.03
CA ALA J 276 -5.75 3.89 -57.08
C ALA J 276 -4.83 2.85 -56.46
N GLY J 277 -5.30 2.22 -55.39
CA GLY J 277 -4.54 1.18 -54.73
C GLY J 277 -3.44 1.67 -53.82
N GLU J 278 -3.38 2.98 -53.55
CA GLU J 278 -2.24 3.55 -52.85
C GLU J 278 -2.07 2.97 -51.45
N GLY J 279 -0.93 2.32 -51.23
CA GLY J 279 -0.61 1.72 -49.95
C GLY J 279 -1.37 0.46 -49.64
N VAL J 280 -2.26 0.01 -50.52
CA VAL J 280 -3.12 -1.11 -50.22
C VAL J 280 -3.05 -2.14 -51.35
N GLY J 281 -2.75 -1.72 -52.55
CA GLY J 281 -2.58 -2.65 -53.66
C GLY J 281 -3.77 -2.73 -54.61
N ALA J 282 -3.66 -3.69 -55.52
CA ALA J 282 -4.63 -3.88 -56.58
C ALA J 282 -5.77 -4.79 -56.11
N GLY J 283 -6.89 -4.71 -56.81
CA GLY J 283 -7.99 -5.62 -56.56
C GLY J 283 -9.33 -5.01 -56.93
N ALA J 284 -10.36 -5.81 -56.67
CA ALA J 284 -11.77 -5.41 -56.73
C ALA J 284 -12.14 -4.81 -55.38
N TRP J 285 -11.99 -3.50 -55.27
CA TRP J 285 -12.24 -2.78 -54.03
C TRP J 285 -13.69 -2.31 -54.01
N MET J 286 -14.51 -2.91 -53.20
CA MET J 286 -15.89 -2.49 -53.01
C MET J 286 -16.05 -1.10 -52.55
N TYR J 287 -16.85 -0.33 -53.22
CA TYR J 287 -17.53 0.74 -52.59
C TYR J 287 -18.96 0.26 -52.35
N HIS J 288 -19.68 0.95 -51.50
CA HIS J 288 -21.04 0.68 -51.11
C HIS J 288 -21.63 1.69 -50.23
N CYS J 289 -22.92 1.56 -49.97
CA CYS J 289 -23.59 2.24 -48.86
C CYS J 289 -23.54 1.36 -47.63
N HIS J 290 -23.27 1.99 -46.49
CA HIS J 290 -23.04 1.31 -45.24
C HIS J 290 -24.25 1.28 -44.32
N VAL J 291 -25.37 1.90 -44.71
CA VAL J 291 -26.63 1.48 -44.15
C VAL J 291 -26.87 0.04 -44.55
N GLN J 292 -27.14 -0.82 -43.56
CA GLN J 292 -26.95 -2.25 -43.80
C GLN J 292 -28.00 -2.80 -44.75
N SER J 293 -29.25 -2.33 -44.66
CA SER J 293 -30.22 -2.81 -45.63
C SER J 293 -29.87 -2.33 -47.03
N HIS J 294 -29.21 -1.17 -47.14
CA HIS J 294 -28.91 -0.57 -48.44
C HIS J 294 -27.86 -1.38 -49.20
N SER J 295 -26.78 -1.78 -48.53
CA SER J 295 -25.80 -2.66 -49.17
C SER J 295 -26.40 -4.01 -49.51
N ASP J 296 -27.12 -4.61 -48.56
CA ASP J 296 -27.86 -5.85 -48.78
C ASP J 296 -28.70 -5.81 -50.05
N MET J 297 -29.39 -4.70 -50.28
CA MET J 297 -30.41 -4.60 -51.31
C MET J 297 -29.91 -3.88 -52.55
N GLY J 298 -28.61 -3.86 -52.76
CA GLY J 298 -28.04 -3.54 -54.06
C GLY J 298 -27.31 -2.23 -54.19
N MET J 299 -27.14 -1.46 -53.11
CA MET J 299 -26.40 -0.20 -53.19
C MET J 299 -24.91 -0.49 -53.00
N VAL J 300 -24.38 -1.29 -53.94
CA VAL J 300 -23.02 -1.80 -53.92
C VAL J 300 -22.45 -1.72 -55.34
N GLY J 301 -21.12 -1.54 -55.41
CA GLY J 301 -20.38 -1.51 -56.66
C GLY J 301 -18.92 -1.78 -56.39
N LEU J 302 -18.13 -1.88 -57.47
CA LEU J 302 -16.72 -2.24 -57.41
C LEU J 302 -15.84 -1.16 -58.00
N PHE J 303 -14.75 -0.89 -57.31
CA PHE J 303 -13.66 -0.03 -57.79
C PHE J 303 -12.57 -1.00 -58.19
N LEU J 304 -12.42 -1.22 -59.49
CA LEU J 304 -11.50 -2.25 -59.98
C LEU J 304 -10.14 -1.62 -60.28
N VAL J 305 -9.18 -1.88 -59.39
CA VAL J 305 -7.86 -1.28 -59.46
C VAL J 305 -6.92 -2.32 -60.04
N LYS J 306 -6.43 -2.06 -61.25
CA LYS J 306 -5.64 -3.03 -61.97
C LYS J 306 -4.15 -2.87 -61.66
N LYS J 307 -3.44 -4.00 -61.75
CA LYS J 307 -2.00 -4.04 -61.87
C LYS J 307 -1.58 -3.38 -63.18
N PRO J 308 -0.29 -3.16 -63.39
CA PRO J 308 0.19 -2.70 -64.69
C PRO J 308 -0.06 -3.66 -65.84
N ASP J 309 -0.21 -4.96 -65.59
CA ASP J 309 -0.47 -5.87 -66.69
C ASP J 309 -1.96 -6.10 -66.93
N GLY J 310 -2.81 -5.26 -66.36
CA GLY J 310 -4.23 -5.32 -66.60
C GLY J 310 -4.99 -6.34 -65.79
N THR J 311 -4.30 -7.22 -65.07
CA THR J 311 -5.01 -8.25 -64.34
C THR J 311 -5.53 -7.71 -63.01
N ILE J 312 -6.38 -8.52 -62.39
CA ILE J 312 -6.85 -8.28 -61.03
C ILE J 312 -6.88 -9.63 -60.32
N PRO J 313 -5.78 -10.09 -59.73
CA PRO J 313 -5.84 -11.33 -58.97
C PRO J 313 -6.90 -11.27 -57.88
N GLY J 314 -7.60 -12.39 -57.69
CA GLY J 314 -8.62 -12.48 -56.67
C GLY J 314 -9.97 -11.99 -57.11
N TYR J 315 -10.11 -11.51 -58.35
CA TYR J 315 -11.37 -10.96 -58.86
C TYR J 315 -12.06 -12.02 -59.69
N ASP J 316 -12.93 -12.77 -59.04
CA ASP J 316 -13.93 -13.56 -59.72
C ASP J 316 -15.14 -12.68 -60.00
N PRO J 317 -15.58 -12.56 -61.25
CA PRO J 317 -16.88 -11.89 -61.50
C PRO J 317 -18.00 -12.45 -60.65
N GLN J 318 -18.05 -13.79 -60.50
CA GLN J 318 -19.15 -14.45 -59.80
C GLN J 318 -19.31 -13.94 -58.38
N GLU J 319 -18.27 -14.11 -57.55
CA GLU J 319 -18.26 -13.78 -56.12
C GLU J 319 -18.97 -12.48 -55.81
N HIS J 320 -18.79 -11.49 -56.69
CA HIS J 320 -19.46 -10.21 -56.58
C HIS J 320 -20.73 -10.23 -57.43
N ALA K 40 -18.64 47.93 -42.40
CA ALA K 40 -19.16 47.05 -41.33
C ALA K 40 -18.37 47.19 -39.99
N GLY K 41 -18.86 46.51 -38.95
CA GLY K 41 -18.21 46.50 -37.66
C GLY K 41 -18.14 45.09 -37.07
N ALA K 42 -17.46 45.00 -35.92
CA ALA K 42 -17.10 43.72 -35.32
C ALA K 42 -17.81 43.52 -33.98
N ALA K 43 -17.65 42.29 -33.43
CA ALA K 43 -18.15 41.93 -32.11
C ALA K 43 -17.18 42.37 -31.03
N PRO K 44 -17.68 42.73 -29.86
CA PRO K 44 -16.81 43.18 -28.77
C PRO K 44 -16.20 41.98 -28.05
N ALA K 45 -15.47 42.30 -27.00
CA ALA K 45 -14.98 41.29 -26.10
C ALA K 45 -16.02 41.12 -25.01
N GLY K 46 -16.31 39.84 -24.67
CA GLY K 46 -17.38 39.54 -23.76
C GLY K 46 -16.85 39.45 -22.35
N GLY K 47 -17.57 40.04 -21.41
CA GLY K 47 -17.17 39.91 -20.02
C GLY K 47 -18.23 40.30 -19.01
N GLU K 48 -19.44 40.59 -19.48
CA GLU K 48 -20.48 41.17 -18.65
C GLU K 48 -21.08 40.15 -17.70
N VAL K 49 -22.01 40.62 -16.87
CA VAL K 49 -22.95 39.77 -16.17
C VAL K 49 -24.33 40.37 -16.40
N ARG K 50 -25.23 39.59 -17.00
CA ARG K 50 -26.52 40.10 -17.44
C ARG K 50 -27.61 39.15 -16.97
N ARG K 51 -28.83 39.65 -16.95
CA ARG K 51 -29.97 38.84 -16.52
C ARG K 51 -31.11 39.01 -17.52
N VAL K 52 -32.04 38.08 -17.51
CA VAL K 52 -33.20 38.14 -18.39
C VAL K 52 -34.31 37.31 -17.78
N THR K 53 -35.52 37.86 -17.79
CA THR K 53 -36.69 37.07 -17.40
C THR K 53 -37.16 36.27 -18.60
N LEU K 54 -37.33 34.96 -18.41
CA LEU K 54 -37.80 34.06 -19.45
C LEU K 54 -38.97 33.26 -18.88
N TYR K 55 -40.06 33.19 -19.62
CA TYR K 55 -41.25 32.50 -19.16
C TYR K 55 -41.65 31.44 -20.17
N ALA K 56 -42.10 30.31 -19.66
CA ALA K 56 -42.77 29.29 -20.46
C ALA K 56 -44.28 29.48 -20.33
N GLU K 57 -44.95 29.62 -21.46
CA GLU K 57 -46.38 29.85 -21.47
C GLU K 57 -47.02 28.99 -22.54
N ARG K 58 -48.33 28.86 -22.43
CA ARG K 58 -49.11 28.24 -23.50
C ARG K 58 -49.37 29.24 -24.59
N LEU K 59 -49.40 28.75 -25.81
CA LEU K 59 -49.79 29.53 -26.96
C LEU K 59 -51.08 28.94 -27.51
N ALA K 60 -51.50 29.42 -28.67
CA ALA K 60 -52.75 28.96 -29.27
C ALA K 60 -52.52 27.69 -30.08
N GLY K 61 -53.52 26.81 -30.08
CA GLY K 61 -53.44 25.56 -30.82
C GLY K 61 -52.67 24.44 -30.14
N GLY K 62 -52.51 24.50 -28.81
CA GLY K 62 -51.72 23.51 -28.12
C GLY K 62 -50.23 23.73 -28.15
N GLN K 63 -49.79 24.95 -28.43
CA GLN K 63 -48.38 25.26 -28.59
C GLN K 63 -47.84 25.93 -27.34
N LEU K 64 -46.54 25.76 -27.09
CA LEU K 64 -45.86 26.28 -25.92
C LEU K 64 -44.62 27.03 -26.36
N GLY K 65 -44.36 28.20 -25.76
CA GLY K 65 -43.19 28.97 -26.13
C GLY K 65 -42.52 29.62 -24.93
N TYR K 66 -41.28 30.06 -25.15
CA TYR K 66 -40.60 30.96 -24.25
C TYR K 66 -40.76 32.37 -24.77
N GLY K 67 -40.88 33.33 -23.84
CA GLY K 67 -40.82 34.73 -24.19
C GLY K 67 -40.16 35.49 -23.07
N LEU K 68 -39.70 36.71 -23.39
CA LEU K 68 -39.07 37.55 -22.38
C LEU K 68 -40.07 38.23 -21.45
N GLU K 69 -41.35 38.27 -21.80
CA GLU K 69 -42.39 38.72 -20.89
C GLU K 69 -43.66 37.93 -21.16
N LYS K 70 -44.56 37.95 -20.18
CA LYS K 70 -45.79 37.18 -20.28
C LYS K 70 -46.67 37.71 -21.42
N GLY K 71 -47.52 36.81 -21.93
CA GLY K 71 -48.30 37.09 -23.09
C GLY K 71 -47.53 37.22 -24.38
N LYS K 72 -46.20 37.34 -24.31
CA LYS K 72 -45.36 37.54 -25.48
C LYS K 72 -44.58 36.29 -25.86
N ALA K 73 -45.16 35.11 -25.62
CA ALA K 73 -44.50 33.86 -25.97
C ALA K 73 -44.29 33.72 -27.48
N SER K 74 -43.07 33.40 -27.88
CA SER K 74 -42.72 33.27 -29.28
C SER K 74 -42.23 31.85 -29.58
N ILE K 75 -42.47 31.42 -30.82
CA ILE K 75 -41.89 30.17 -31.33
C ILE K 75 -41.26 30.47 -32.68
N PRO K 76 -39.92 30.42 -32.82
CA PRO K 76 -38.97 30.06 -31.75
C PRO K 76 -38.86 31.13 -30.63
N GLY K 77 -38.28 30.75 -29.50
CA GLY K 77 -38.15 31.63 -28.37
C GLY K 77 -37.20 32.79 -28.61
N PRO K 78 -37.13 33.70 -27.65
CA PRO K 78 -36.26 34.88 -27.80
C PRO K 78 -34.84 34.50 -28.21
N LEU K 79 -34.26 35.35 -29.05
CA LEU K 79 -32.87 35.26 -29.47
C LEU K 79 -32.01 35.79 -28.32
N ILE K 80 -31.22 34.90 -27.73
CA ILE K 80 -30.28 35.25 -26.69
C ILE K 80 -28.92 35.40 -27.35
N GLU K 81 -28.28 36.56 -27.13
CA GLU K 81 -27.00 36.87 -27.72
C GLU K 81 -25.97 37.13 -26.62
N LEU K 82 -24.71 36.71 -26.87
CA LEU K 82 -23.62 36.88 -25.92
C LEU K 82 -22.30 37.05 -26.69
N ASN K 83 -21.28 37.49 -25.96
CA ASN K 83 -19.90 37.45 -26.44
C ASN K 83 -19.09 36.65 -25.45
N GLU K 84 -18.14 35.85 -25.95
CA GLU K 84 -17.44 34.91 -25.08
C GLU K 84 -16.87 35.60 -23.85
N GLY K 85 -17.20 35.06 -22.69
CA GLY K 85 -16.90 35.67 -21.41
C GLY K 85 -18.13 36.15 -20.65
N ASP K 86 -19.26 36.27 -21.33
CA ASP K 86 -20.48 36.73 -20.70
C ASP K 86 -21.15 35.62 -19.89
N THR K 87 -21.45 35.95 -18.64
CA THR K 87 -22.36 35.20 -17.80
C THR K 87 -23.77 35.76 -17.96
N LEU K 88 -24.76 34.88 -17.91
CA LEU K 88 -26.15 35.26 -18.07
C LEU K 88 -27.02 34.50 -17.08
N HIS K 89 -27.87 35.25 -16.35
CA HIS K 89 -28.76 34.69 -15.33
C HIS K 89 -30.19 34.74 -15.84
N VAL K 90 -30.71 33.58 -16.21
CA VAL K 90 -32.07 33.44 -16.73
C VAL K 90 -32.99 33.18 -15.55
N GLU K 91 -33.65 34.24 -15.06
CA GLU K 91 -34.66 34.14 -14.02
C GLU K 91 -35.96 33.61 -14.63
N PHE K 92 -36.10 32.28 -14.65
CA PHE K 92 -37.15 31.60 -15.41
C PHE K 92 -38.36 31.27 -14.54
N GLU K 93 -39.55 31.63 -15.03
CA GLU K 93 -40.80 31.23 -14.40
C GLU K 93 -41.54 30.25 -15.29
N ASN K 94 -42.05 29.18 -14.70
CA ASN K 94 -42.87 28.23 -15.43
C ASN K 94 -44.33 28.56 -15.20
N THR K 95 -44.97 29.14 -16.21
CA THR K 95 -46.39 29.50 -16.18
C THR K 95 -47.28 28.44 -16.84
N LEU K 96 -46.84 27.19 -16.89
CA LEU K 96 -47.67 26.09 -17.40
C LEU K 96 -48.15 25.21 -16.25
N ASP K 97 -48.97 24.22 -16.60
CA ASP K 97 -49.60 23.31 -15.65
C ASP K 97 -48.89 21.96 -15.54
N VAL K 98 -47.77 21.80 -16.24
CA VAL K 98 -46.87 20.67 -16.04
C VAL K 98 -45.48 21.24 -15.81
N PRO K 99 -44.55 20.45 -15.31
CA PRO K 99 -43.19 20.99 -15.13
C PRO K 99 -42.46 21.09 -16.47
N VAL K 100 -41.64 22.14 -16.58
CA VAL K 100 -40.85 22.42 -17.75
C VAL K 100 -39.42 22.58 -17.27
N SER K 101 -38.51 22.86 -18.20
CA SER K 101 -37.13 23.16 -17.84
C SER K 101 -36.52 24.08 -18.91
N LEU K 102 -35.29 24.50 -18.66
CA LEU K 102 -34.51 25.18 -19.67
C LEU K 102 -33.12 24.57 -19.68
N HIS K 103 -32.74 24.02 -20.82
CA HIS K 103 -31.46 23.38 -20.98
C HIS K 103 -30.81 23.97 -22.23
N VAL K 104 -29.49 23.98 -22.27
CA VAL K 104 -28.78 24.73 -23.27
C VAL K 104 -27.59 23.93 -23.79
N HIS K 105 -27.41 23.93 -25.10
CA HIS K 105 -26.23 23.36 -25.73
C HIS K 105 -25.06 24.34 -25.68
N GLY K 106 -23.84 23.79 -25.57
CA GLY K 106 -22.61 24.48 -25.88
C GLY K 106 -22.07 25.48 -24.86
N LEU K 107 -22.88 25.95 -23.94
CA LEU K 107 -22.44 26.90 -22.94
C LEU K 107 -22.04 26.18 -21.65
N ASP K 108 -21.32 26.89 -20.79
CA ASP K 108 -20.90 26.33 -19.51
C ASP K 108 -22.03 26.49 -18.49
N TYR K 109 -22.44 25.38 -17.88
CA TYR K 109 -23.42 25.43 -16.81
C TYR K 109 -23.10 24.30 -15.85
N GLU K 110 -23.23 24.59 -14.55
CA GLU K 110 -23.13 23.55 -13.52
C GLU K 110 -24.37 22.66 -13.53
N ILE K 111 -24.22 21.49 -12.90
CA ILE K 111 -25.26 20.46 -12.93
C ILE K 111 -26.55 20.92 -12.27
N SER K 112 -26.50 21.93 -11.41
CA SER K 112 -27.75 22.44 -10.83
C SER K 112 -28.54 23.25 -11.84
N SER K 113 -27.89 23.75 -12.90
CA SER K 113 -28.55 24.44 -14.00
C SER K 113 -28.56 23.60 -15.27
N ASP K 114 -28.60 22.28 -15.08
CA ASP K 114 -28.69 21.33 -16.16
C ASP K 114 -30.08 21.28 -16.80
N GLY K 115 -31.10 21.79 -16.11
CA GLY K 115 -32.45 21.75 -16.61
C GLY K 115 -32.95 20.36 -16.96
N THR K 116 -32.92 19.42 -16.01
CA THR K 116 -33.50 18.10 -16.20
C THR K 116 -34.23 17.68 -14.93
N LYS K 117 -35.16 16.73 -15.10
CA LYS K 117 -35.80 16.11 -13.95
C LYS K 117 -34.81 15.24 -13.19
N GLN K 118 -33.88 14.60 -13.92
N GLN K 118 -33.87 14.59 -13.88
CA GLN K 118 -32.92 13.68 -13.35
CA GLN K 118 -33.02 13.63 -13.19
C GLN K 118 -32.08 14.30 -12.24
C GLN K 118 -32.06 14.30 -12.21
N ASN K 119 -31.97 15.62 -12.17
CA ASN K 119 -31.25 16.29 -11.08
C ASN K 119 -32.01 17.49 -10.57
N LYS K 120 -33.34 17.37 -10.51
CA LYS K 120 -34.19 18.35 -9.83
C LYS K 120 -33.96 19.76 -10.35
N SER K 121 -33.59 19.86 -11.63
CA SER K 121 -33.27 21.14 -12.24
C SER K 121 -34.43 21.67 -13.07
N HIS K 122 -35.57 20.98 -13.01
CA HIS K 122 -36.79 21.37 -13.70
C HIS K 122 -37.64 22.24 -12.80
N VAL K 123 -38.54 23.01 -13.40
CA VAL K 123 -39.36 23.97 -12.65
C VAL K 123 -40.78 23.43 -12.56
N GLU K 124 -41.38 23.55 -11.39
CA GLU K 124 -42.71 23.05 -11.11
C GLU K 124 -43.75 24.05 -11.61
N PRO K 125 -44.97 23.58 -11.90
CA PRO K 125 -46.01 24.50 -12.37
C PRO K 125 -46.13 25.72 -11.48
N GLY K 126 -46.13 26.91 -12.09
CA GLY K 126 -46.21 28.14 -11.35
C GLY K 126 -44.93 28.58 -10.66
N GLY K 127 -43.93 27.72 -10.56
CA GLY K 127 -42.71 28.06 -9.83
C GLY K 127 -41.68 28.74 -10.70
N THR K 128 -40.72 29.40 -10.04
CA THR K 128 -39.63 30.06 -10.74
C THR K 128 -38.28 29.51 -10.27
N ARG K 129 -37.30 29.62 -11.16
CA ARG K 129 -35.96 29.12 -10.95
C ARG K 129 -35.01 29.97 -11.79
N THR K 130 -33.81 30.17 -11.29
CA THR K 130 -32.82 31.01 -11.95
C THR K 130 -31.74 30.10 -12.51
N TYR K 131 -31.73 29.97 -13.83
CA TYR K 131 -30.64 29.26 -14.49
C TYR K 131 -29.50 30.24 -14.73
N THR K 132 -28.27 29.74 -14.71
CA THR K 132 -27.09 30.55 -14.91
C THR K 132 -26.22 29.90 -15.98
N TRP K 133 -25.91 30.68 -17.02
CA TRP K 133 -25.05 30.27 -18.12
C TRP K 133 -23.75 31.06 -18.06
N ARG K 134 -22.68 30.43 -18.50
CA ARG K 134 -21.39 31.08 -18.63
C ARG K 134 -20.81 30.79 -19.99
N THR K 135 -20.02 31.73 -20.47
CA THR K 135 -19.24 31.60 -21.68
C THR K 135 -17.77 31.77 -21.34
N HIS K 136 -16.92 31.22 -22.19
CA HIS K 136 -15.50 31.38 -22.02
C HIS K 136 -14.85 31.65 -23.36
N GLU K 137 -13.73 32.35 -23.30
CA GLU K 137 -12.88 32.60 -24.44
C GLU K 137 -12.04 31.38 -24.73
N PRO K 138 -11.48 31.27 -25.93
CA PRO K 138 -10.50 30.22 -26.17
C PRO K 138 -9.20 30.59 -25.49
N GLY K 139 -8.47 29.57 -25.08
CA GLY K 139 -7.16 29.82 -24.50
C GLY K 139 -6.38 28.54 -24.35
N ARG K 140 -5.12 28.69 -23.99
CA ARG K 140 -4.31 27.53 -23.65
C ARG K 140 -4.60 27.08 -22.22
N ARG K 141 -4.61 25.77 -22.02
CA ARG K 141 -4.81 25.16 -20.72
C ARG K 141 -3.49 25.04 -19.98
N ALA K 142 -3.58 24.65 -18.71
CA ALA K 142 -2.37 24.27 -17.98
C ALA K 142 -1.67 23.10 -18.65
N ASP K 143 -2.42 22.11 -19.08
CA ASP K 143 -1.78 20.97 -19.71
C ASP K 143 -1.24 21.29 -21.10
N GLY K 144 -1.33 22.54 -21.54
CA GLY K 144 -0.62 22.99 -22.71
C GLY K 144 -1.43 23.04 -23.99
N THR K 145 -2.60 22.41 -24.02
CA THR K 145 -3.40 22.32 -25.23
C THR K 145 -4.32 23.55 -25.33
N TRP K 146 -4.94 23.68 -26.51
CA TRP K 146 -5.87 24.77 -26.77
C TRP K 146 -7.25 24.41 -26.26
N ARG K 147 -7.83 25.28 -25.41
CA ARG K 147 -9.18 25.09 -24.91
C ARG K 147 -10.15 25.90 -25.76
N ALA K 148 -11.14 25.23 -26.34
CA ALA K 148 -12.06 25.87 -27.27
C ALA K 148 -12.96 26.90 -26.58
N GLY K 149 -13.35 27.92 -27.34
CA GLY K 149 -14.21 28.96 -26.82
C GLY K 149 -15.69 28.63 -26.86
N SER K 150 -16.48 29.47 -26.19
CA SER K 150 -17.91 29.23 -26.17
C SER K 150 -18.62 29.74 -27.42
N ALA K 151 -17.92 30.42 -28.32
CA ALA K 151 -18.53 30.98 -29.51
C ALA K 151 -19.08 29.91 -30.45
N GLY K 152 -20.32 30.13 -30.89
CA GLY K 152 -20.92 29.29 -31.90
C GLY K 152 -22.38 29.69 -32.05
N TYR K 153 -23.06 28.96 -32.91
CA TYR K 153 -24.51 29.05 -33.00
C TYR K 153 -25.11 27.91 -32.19
N TRP K 154 -25.76 28.25 -31.09
CA TRP K 154 -26.26 27.31 -30.10
C TRP K 154 -27.77 27.49 -29.92
N HIS K 155 -28.34 26.71 -29.02
CA HIS K 155 -29.80 26.65 -28.91
C HIS K 155 -30.17 26.19 -27.50
N TYR K 156 -31.45 26.41 -27.14
CA TYR K 156 -31.99 25.98 -25.86
C TYR K 156 -33.38 25.40 -26.09
N HIS K 157 -33.78 24.51 -25.19
CA HIS K 157 -35.07 23.81 -25.29
C HIS K 157 -35.45 23.21 -23.94
N ASP K 158 -36.73 22.89 -23.81
CA ASP K 158 -37.25 22.16 -22.67
C ASP K 158 -36.72 20.73 -22.66
N HIS K 159 -36.64 20.15 -21.46
CA HIS K 159 -36.07 18.83 -21.27
C HIS K 159 -36.97 17.89 -20.48
N VAL K 160 -38.18 18.29 -20.08
CA VAL K 160 -38.98 17.44 -19.19
C VAL K 160 -40.46 17.33 -19.56
N VAL K 161 -40.94 18.14 -20.52
CA VAL K 161 -42.34 18.00 -20.94
C VAL K 161 -42.48 16.79 -21.85
N GLY K 162 -43.63 16.15 -21.77
CA GLY K 162 -43.88 14.95 -22.54
C GLY K 162 -43.08 13.79 -21.97
N THR K 163 -41.76 13.89 -22.09
CA THR K 163 -40.84 12.91 -21.55
C THR K 163 -39.75 13.64 -20.79
N GLU K 164 -38.90 12.86 -20.11
CA GLU K 164 -37.72 13.40 -19.46
C GLU K 164 -36.62 13.79 -20.45
N HIS K 165 -36.95 13.82 -21.75
CA HIS K 165 -36.06 14.39 -22.75
C HIS K 165 -36.72 15.50 -23.56
N GLY K 166 -37.81 16.05 -23.03
CA GLY K 166 -38.49 17.21 -23.58
C GLY K 166 -39.29 16.94 -24.82
N THR K 167 -39.76 15.71 -25.02
CA THR K 167 -40.27 15.32 -26.33
C THR K 167 -41.60 15.98 -26.64
N GLY K 168 -42.51 16.02 -25.67
CA GLY K 168 -43.70 16.84 -25.88
C GLY K 168 -43.45 18.33 -25.77
N GLY K 169 -42.26 18.73 -25.32
CA GLY K 169 -41.94 20.13 -25.14
C GLY K 169 -41.29 20.74 -26.37
N ILE K 170 -40.36 20.01 -26.94
CA ILE K 170 -39.79 20.39 -28.23
C ILE K 170 -40.88 20.37 -29.30
N ARG K 171 -41.65 19.28 -29.34
CA ARG K 171 -42.76 19.13 -30.25
C ARG K 171 -43.61 20.40 -30.37
N ASN K 172 -44.17 20.85 -29.25
CA ASN K 172 -45.11 21.97 -29.25
C ASN K 172 -44.43 23.36 -29.35
N GLY K 173 -43.10 23.44 -29.32
CA GLY K 173 -42.43 24.68 -29.64
C GLY K 173 -41.61 25.35 -28.57
N LEU K 174 -41.10 24.57 -27.61
CA LEU K 174 -40.29 25.10 -26.51
C LEU K 174 -38.82 24.98 -26.89
N TYR K 175 -38.36 25.97 -27.65
CA TYR K 175 -36.99 25.98 -28.13
C TYR K 175 -36.65 27.40 -28.59
N GLY K 176 -35.36 27.67 -28.74
CA GLY K 176 -34.90 28.98 -29.13
C GLY K 176 -33.41 29.04 -29.46
N PRO K 177 -32.98 30.10 -30.14
CA PRO K 177 -31.56 30.25 -30.52
C PRO K 177 -30.69 31.06 -29.55
N VAL K 178 -29.45 30.60 -29.38
CA VAL K 178 -28.41 31.34 -28.66
C VAL K 178 -27.24 31.55 -29.61
N ILE K 179 -26.72 32.79 -29.69
CA ILE K 179 -25.49 33.07 -30.41
C ILE K 179 -24.43 33.51 -29.41
N VAL K 180 -23.27 32.88 -29.47
CA VAL K 180 -22.10 33.33 -28.72
C VAL K 180 -21.06 33.77 -29.75
N ARG K 181 -20.70 35.07 -29.69
CA ARG K 181 -19.78 35.70 -30.61
C ARG K 181 -18.38 35.73 -30.01
N ARG K 182 -17.39 35.52 -30.88
CA ARG K 182 -15.98 35.68 -30.57
C ARG K 182 -15.54 37.11 -30.84
N LYS K 183 -14.52 37.55 -30.11
CA LYS K 183 -14.01 38.91 -30.28
C LYS K 183 -13.65 39.19 -31.73
N GLY K 184 -14.29 40.20 -32.30
CA GLY K 184 -14.03 40.64 -33.66
C GLY K 184 -14.97 40.08 -34.71
N ASP K 185 -15.85 39.15 -34.34
CA ASP K 185 -16.70 38.51 -35.34
C ASP K 185 -17.54 39.54 -36.07
N VAL K 186 -17.72 39.34 -37.37
CA VAL K 186 -18.47 40.31 -38.16
C VAL K 186 -19.92 40.29 -37.72
N LEU K 187 -20.45 41.44 -37.48
CA LEU K 187 -21.81 41.53 -37.00
C LEU K 187 -22.78 41.60 -38.17
N PRO K 188 -24.07 41.26 -37.92
CA PRO K 188 -25.03 41.13 -39.02
C PRO K 188 -25.89 42.36 -39.27
N ASP K 189 -26.35 42.53 -40.52
CA ASP K 189 -27.46 43.44 -40.80
C ASP K 189 -28.76 42.91 -40.22
N ALA K 190 -29.00 41.60 -40.34
CA ALA K 190 -30.20 40.95 -39.83
C ALA K 190 -29.88 39.53 -39.38
N THR K 191 -30.72 38.98 -38.50
CA THR K 191 -30.57 37.61 -37.98
C THR K 191 -31.93 36.91 -37.92
N HIS K 192 -32.12 35.88 -38.76
CA HIS K 192 -33.35 35.07 -38.76
C HIS K 192 -33.07 33.65 -38.29
N THR K 193 -34.01 33.09 -37.53
CA THR K 193 -33.90 31.74 -36.99
C THR K 193 -34.84 30.81 -37.74
N ILE K 194 -34.29 29.74 -38.31
CA ILE K 194 -35.03 28.76 -39.09
C ILE K 194 -34.85 27.41 -38.40
N VAL K 195 -35.92 26.92 -37.77
CA VAL K 195 -35.87 25.67 -37.02
C VAL K 195 -36.71 24.63 -37.74
N PHE K 196 -36.04 23.56 -38.21
CA PHE K 196 -36.70 22.42 -38.84
C PHE K 196 -37.16 21.45 -37.76
N ASN K 197 -38.16 21.84 -36.98
CA ASN K 197 -38.82 20.98 -35.99
C ASN K 197 -39.74 19.99 -36.63
N ASP K 198 -39.38 18.74 -36.48
CA ASP K 198 -39.78 17.62 -37.31
C ASP K 198 -40.08 17.98 -38.79
N MET K 199 -41.34 17.94 -39.18
CA MET K 199 -41.75 18.20 -40.51
C MET K 199 -42.21 19.64 -40.78
N THR K 200 -41.88 20.55 -39.91
CA THR K 200 -42.34 21.94 -40.00
C THR K 200 -41.13 22.88 -40.03
N ILE K 201 -41.41 24.15 -40.26
CA ILE K 201 -40.45 25.22 -40.05
C ILE K 201 -41.04 26.11 -38.96
N ASN K 202 -40.39 26.15 -37.80
CA ASN K 202 -40.81 26.99 -36.68
C ASN K 202 -42.23 26.68 -36.24
N ASN K 203 -42.62 25.39 -36.34
CA ASN K 203 -43.95 24.87 -35.98
C ASN K 203 -45.10 25.52 -36.75
N ARG K 204 -44.85 25.99 -37.97
CA ARG K 204 -45.88 26.65 -38.73
C ARG K 204 -46.70 25.65 -39.54
N PRO K 205 -47.91 26.01 -39.95
CA PRO K 205 -48.64 25.18 -40.91
C PRO K 205 -47.86 24.96 -42.20
N ALA K 206 -48.14 23.83 -42.84
CA ALA K 206 -47.40 23.45 -44.05
C ALA K 206 -47.53 24.53 -45.12
N HIS K 207 -46.45 24.76 -45.84
CA HIS K 207 -46.41 25.66 -47.00
C HIS K 207 -46.68 27.10 -46.63
N THR K 208 -46.21 27.53 -45.46
CA THR K 208 -46.45 28.89 -44.98
C THR K 208 -45.14 29.58 -44.63
N GLY K 209 -44.06 29.17 -45.26
CA GLY K 209 -42.78 29.76 -44.98
C GLY K 209 -42.19 29.28 -43.67
N PRO K 210 -41.57 30.19 -42.91
CA PRO K 210 -41.51 31.64 -43.09
C PRO K 210 -40.82 32.15 -44.36
N ASN K 211 -41.15 33.38 -44.73
CA ASN K 211 -40.36 34.13 -45.70
C ASN K 211 -39.66 35.27 -44.96
N PHE K 212 -38.55 35.70 -45.51
CA PHE K 212 -37.75 36.76 -44.91
C PHE K 212 -37.38 37.75 -45.99
N GLU K 213 -37.17 39.00 -45.60
CA GLU K 213 -36.86 40.04 -46.55
C GLU K 213 -35.49 40.65 -46.31
N ALA K 214 -34.80 40.96 -47.39
CA ALA K 214 -33.53 41.67 -47.33
C ALA K 214 -33.35 42.49 -48.60
N THR K 215 -32.38 43.41 -48.55
CA THR K 215 -32.05 44.26 -49.67
C THR K 215 -30.73 43.82 -50.25
N VAL K 216 -30.64 43.83 -51.58
CA VAL K 216 -29.44 43.40 -52.29
C VAL K 216 -28.22 43.97 -51.59
N GLY K 217 -27.27 43.11 -51.23
CA GLY K 217 -26.02 43.52 -50.62
C GLY K 217 -26.01 43.48 -49.11
N ASP K 218 -27.19 43.40 -48.46
CA ASP K 218 -27.26 43.40 -47.01
C ASP K 218 -26.83 42.06 -46.42
N ARG K 219 -26.15 42.12 -45.27
CA ARG K 219 -25.50 40.95 -44.67
C ARG K 219 -26.46 40.25 -43.72
N VAL K 220 -26.88 39.05 -44.10
CA VAL K 220 -27.95 38.34 -43.40
C VAL K 220 -27.33 37.19 -42.63
N GLU K 221 -27.75 37.04 -41.38
CA GLU K 221 -27.35 35.94 -40.51
C GLU K 221 -28.49 34.93 -40.41
N ILE K 222 -28.19 33.68 -40.70
CA ILE K 222 -29.13 32.58 -40.57
C ILE K 222 -28.66 31.72 -39.39
N VAL K 223 -29.55 31.51 -38.42
CA VAL K 223 -29.36 30.51 -37.38
C VAL K 223 -30.27 29.33 -37.73
N MET K 224 -29.70 28.14 -37.88
CA MET K 224 -30.45 26.99 -38.41
C MET K 224 -30.35 25.83 -37.42
N ILE K 225 -31.44 25.58 -36.68
CA ILE K 225 -31.50 24.53 -35.66
C ILE K 225 -32.50 23.46 -36.09
N THR K 226 -32.13 22.20 -35.90
CA THR K 226 -33.00 21.06 -36.21
C THR K 226 -33.48 20.43 -34.92
N HIS K 227 -34.69 19.86 -34.95
CA HIS K 227 -35.23 19.24 -33.74
C HIS K 227 -36.20 18.13 -34.10
N GLY K 228 -36.12 17.05 -33.33
CA GLY K 228 -37.16 16.05 -33.32
C GLY K 228 -36.73 14.67 -33.74
N GLU K 229 -37.26 14.22 -34.87
CA GLU K 229 -37.17 12.84 -35.28
C GLU K 229 -36.43 12.64 -36.60
N TYR K 230 -36.18 13.70 -37.37
CA TYR K 230 -35.77 13.53 -38.76
C TYR K 230 -34.49 14.27 -39.04
N TYR K 231 -33.65 13.64 -39.85
CA TYR K 231 -32.60 14.33 -40.56
C TYR K 231 -33.23 15.19 -41.65
N HIS K 232 -32.68 16.37 -41.81
CA HIS K 232 -33.05 17.25 -42.88
C HIS K 232 -31.81 17.58 -43.68
N THR K 233 -32.03 18.39 -44.71
CA THR K 233 -31.00 18.86 -45.62
C THR K 233 -31.35 20.30 -45.97
N PHE K 234 -30.58 21.25 -45.46
CA PHE K 234 -30.89 22.66 -45.64
C PHE K 234 -30.26 23.19 -46.92
N HIS K 235 -31.05 23.84 -47.76
CA HIS K 235 -30.59 24.31 -49.06
C HIS K 235 -31.12 25.72 -49.32
N MET K 236 -30.25 26.59 -49.84
CA MET K 236 -30.65 27.93 -50.26
C MET K 236 -30.25 28.14 -51.71
N HIS K 237 -31.24 28.50 -52.54
CA HIS K 237 -30.98 28.87 -53.94
C HIS K 237 -30.18 30.17 -53.97
N GLY K 238 -29.16 30.20 -54.82
CA GLY K 238 -28.44 31.41 -55.12
C GLY K 238 -27.29 31.76 -54.20
N HIS K 239 -27.29 31.24 -52.96
CA HIS K 239 -26.29 31.61 -51.96
C HIS K 239 -25.60 30.38 -51.38
N ARG K 240 -24.40 30.62 -50.83
CA ARG K 240 -23.53 29.58 -50.33
C ARG K 240 -22.82 30.09 -49.11
N TRP K 241 -22.28 29.16 -48.33
CA TRP K 241 -21.62 29.51 -47.08
C TRP K 241 -20.53 28.49 -46.81
N ALA K 242 -19.61 28.86 -45.92
CA ALA K 242 -18.61 27.92 -45.45
C ALA K 242 -19.22 27.03 -44.38
N ASP K 243 -18.77 25.78 -44.34
CA ASP K 243 -19.21 24.83 -43.31
C ASP K 243 -18.23 24.88 -42.13
N ASN K 244 -18.41 25.90 -41.29
CA ASN K 244 -17.58 26.11 -40.12
C ASN K 244 -18.38 26.91 -39.10
N ARG K 245 -17.69 27.44 -38.09
CA ARG K 245 -18.35 28.20 -37.03
C ARG K 245 -19.01 29.46 -37.58
N THR K 246 -18.22 30.28 -38.27
CA THR K 246 -18.65 31.61 -38.74
C THR K 246 -19.56 31.52 -39.96
N GLY K 247 -19.41 30.49 -40.78
CA GLY K 247 -20.10 30.40 -42.05
C GLY K 247 -19.35 31.05 -43.20
N MET K 248 -18.14 31.54 -42.95
CA MET K 248 -17.36 32.28 -43.94
C MET K 248 -15.90 31.99 -43.69
N LEU K 249 -15.14 31.86 -44.78
CA LEU K 249 -13.71 31.61 -44.64
C LEU K 249 -13.03 32.82 -44.00
N THR K 250 -11.79 32.59 -43.57
CA THR K 250 -10.94 33.67 -43.09
C THR K 250 -10.14 34.31 -44.22
N GLY K 251 -9.84 33.53 -45.25
CA GLY K 251 -8.92 33.93 -46.28
C GLY K 251 -8.51 32.69 -47.03
N PRO K 252 -7.59 32.84 -47.98
CA PRO K 252 -7.32 31.77 -48.95
C PRO K 252 -6.51 30.61 -48.40
N ASP K 253 -6.23 30.59 -47.11
CA ASP K 253 -5.62 29.45 -46.45
C ASP K 253 -6.65 28.60 -45.70
N ASP K 254 -7.91 29.02 -45.68
CA ASP K 254 -8.98 28.34 -44.93
C ASP K 254 -9.51 27.14 -45.71
N PRO K 255 -9.56 25.95 -45.11
CA PRO K 255 -10.03 24.75 -45.81
C PRO K 255 -11.50 24.39 -45.61
N SER K 256 -12.27 25.20 -44.88
CA SER K 256 -13.71 24.99 -44.75
C SER K 256 -14.39 24.86 -46.12
N GLN K 257 -15.17 23.80 -46.26
CA GLN K 257 -15.98 23.61 -47.45
C GLN K 257 -16.90 24.79 -47.66
N VAL K 258 -17.11 25.15 -48.92
CA VAL K 258 -18.16 26.07 -49.33
C VAL K 258 -19.34 25.22 -49.84
N ILE K 259 -20.50 25.39 -49.22
CA ILE K 259 -21.62 24.50 -49.49
C ILE K 259 -22.89 25.32 -49.68
N ASP K 260 -23.86 24.70 -50.35
CA ASP K 260 -25.21 25.24 -50.41
C ASP K 260 -26.21 24.35 -49.72
N ASN K 261 -25.79 23.18 -49.24
CA ASN K 261 -26.66 22.09 -48.83
C ASN K 261 -26.07 21.49 -47.55
N LYS K 262 -26.87 21.37 -46.49
CA LYS K 262 -26.36 20.86 -45.22
C LYS K 262 -27.30 19.85 -44.60
N ILE K 263 -26.79 18.63 -44.42
CA ILE K 263 -27.50 17.60 -43.65
C ILE K 263 -27.56 18.00 -42.18
N CYS K 264 -28.67 17.69 -41.52
CA CYS K 264 -28.74 17.98 -40.09
C CYS K 264 -29.84 17.17 -39.42
N GLY K 265 -29.53 16.61 -38.25
CA GLY K 265 -30.49 15.85 -37.48
C GLY K 265 -30.86 16.59 -36.20
N PRO K 266 -31.65 15.96 -35.34
CA PRO K 266 -32.12 16.63 -34.14
C PRO K 266 -30.99 17.11 -33.23
N ALA K 267 -31.19 18.32 -32.70
CA ALA K 267 -30.31 19.12 -31.83
C ALA K 267 -29.10 19.73 -32.55
N ASP K 268 -28.92 19.48 -33.84
CA ASP K 268 -27.91 20.19 -34.61
C ASP K 268 -28.24 21.68 -34.62
N SER K 269 -27.20 22.51 -34.59
CA SER K 269 -27.42 23.95 -34.76
C SER K 269 -26.21 24.48 -35.48
N PHE K 270 -26.43 25.47 -36.35
CA PHE K 270 -25.31 26.14 -36.99
C PHE K 270 -25.77 27.52 -37.47
N GLY K 271 -24.87 28.20 -38.14
CA GLY K 271 -25.22 29.49 -38.70
C GLY K 271 -24.14 29.95 -39.65
N PHE K 272 -24.42 31.08 -40.28
CA PHE K 272 -23.56 31.61 -41.31
C PHE K 272 -24.04 33.02 -41.63
N GLN K 273 -23.24 33.73 -42.43
CA GLN K 273 -23.58 35.07 -42.87
C GLN K 273 -23.32 35.14 -44.36
N ILE K 274 -24.35 35.51 -45.10
CA ILE K 274 -24.26 35.67 -46.54
C ILE K 274 -24.47 37.14 -46.87
N ILE K 275 -23.93 37.56 -48.01
CA ILE K 275 -24.27 38.84 -48.58
C ILE K 275 -25.40 38.60 -49.56
N ALA K 276 -26.57 39.17 -49.29
CA ALA K 276 -27.76 38.85 -50.06
C ALA K 276 -27.53 39.11 -51.55
N GLY K 277 -28.09 38.22 -52.38
CA GLY K 277 -27.98 38.33 -53.82
C GLY K 277 -26.62 38.66 -54.40
N GLU K 278 -25.54 38.15 -53.79
CA GLU K 278 -24.17 38.43 -54.22
C GLU K 278 -23.87 37.70 -55.52
N GLY K 279 -23.64 38.45 -56.59
CA GLY K 279 -23.36 37.83 -57.87
C GLY K 279 -24.54 37.18 -58.54
N VAL K 280 -25.72 37.23 -57.92
CA VAL K 280 -26.93 36.61 -58.44
C VAL K 280 -28.06 37.62 -58.62
N GLY K 281 -28.19 38.58 -57.71
CA GLY K 281 -29.12 39.68 -57.87
C GLY K 281 -30.34 39.57 -56.98
N ALA K 282 -31.29 40.45 -57.25
CA ALA K 282 -32.56 40.49 -56.56
C ALA K 282 -33.52 39.43 -57.11
N GLY K 283 -34.53 39.11 -56.31
CA GLY K 283 -35.51 38.11 -56.68
C GLY K 283 -36.06 37.41 -55.45
N ALA K 284 -36.90 36.42 -55.71
CA ALA K 284 -37.47 35.58 -54.66
C ALA K 284 -36.67 34.28 -54.66
N TRP K 285 -35.74 34.17 -53.73
CA TRP K 285 -34.82 33.05 -53.67
C TRP K 285 -35.39 31.98 -52.73
N MET K 286 -35.58 30.78 -53.27
CA MET K 286 -36.15 29.66 -52.53
C MET K 286 -35.15 29.08 -51.55
N TYR K 287 -35.56 28.91 -50.29
CA TYR K 287 -34.87 28.08 -49.32
C TYR K 287 -35.79 26.91 -48.95
N HIS K 288 -35.21 25.72 -48.76
CA HIS K 288 -36.08 24.58 -48.53
C HIS K 288 -35.26 23.38 -48.05
N CYS K 289 -35.89 22.55 -47.24
CA CYS K 289 -35.35 21.24 -46.98
C CYS K 289 -35.31 20.45 -48.27
N HIS K 290 -34.18 19.84 -48.56
CA HIS K 290 -34.05 19.22 -49.86
C HIS K 290 -34.50 17.78 -49.90
N VAL K 291 -34.91 17.22 -48.78
CA VAL K 291 -35.54 15.91 -48.81
C VAL K 291 -36.85 16.06 -49.56
N GLN K 292 -37.08 15.20 -50.55
CA GLN K 292 -38.04 15.55 -51.60
C GLN K 292 -39.48 15.56 -51.08
N SER K 293 -39.87 14.59 -50.25
CA SER K 293 -41.18 14.68 -49.59
C SER K 293 -41.28 15.91 -48.69
N HIS K 294 -40.15 16.36 -48.12
CA HIS K 294 -40.20 17.44 -47.13
C HIS K 294 -40.52 18.77 -47.81
N SER K 295 -39.80 19.09 -48.88
CA SER K 295 -40.13 20.26 -49.71
C SER K 295 -41.54 20.16 -50.28
N ASP K 296 -41.91 18.98 -50.81
CA ASP K 296 -43.20 18.76 -51.45
C ASP K 296 -44.36 18.92 -50.48
N MET K 297 -44.16 18.58 -49.20
CA MET K 297 -45.21 18.80 -48.23
C MET K 297 -45.00 20.08 -47.44
N GLY K 298 -44.24 21.01 -47.97
CA GLY K 298 -44.24 22.38 -47.50
C GLY K 298 -43.08 22.85 -46.68
N MET K 299 -41.96 22.15 -46.72
CA MET K 299 -40.76 22.57 -45.99
C MET K 299 -39.95 23.52 -46.86
N VAL K 300 -40.64 24.59 -47.29
CA VAL K 300 -40.11 25.58 -48.22
C VAL K 300 -40.42 26.97 -47.68
N GLY K 301 -39.59 27.93 -48.06
CA GLY K 301 -39.85 29.33 -47.77
C GLY K 301 -39.25 30.18 -48.87
N LEU K 302 -39.26 31.50 -48.69
CA LEU K 302 -38.70 32.41 -49.69
C LEU K 302 -37.78 33.38 -48.99
N PHE K 303 -36.55 33.48 -49.47
CA PHE K 303 -35.68 34.58 -49.11
C PHE K 303 -35.97 35.66 -50.13
N LEU K 304 -36.47 36.80 -49.66
CA LEU K 304 -37.04 37.84 -50.52
C LEU K 304 -36.08 39.02 -50.57
N VAL K 305 -35.21 39.03 -51.57
CA VAL K 305 -34.19 40.06 -51.73
C VAL K 305 -34.72 41.14 -52.68
N LYS K 306 -34.88 42.36 -52.17
CA LYS K 306 -35.45 43.47 -52.93
C LYS K 306 -34.36 44.41 -53.45
N LYS K 307 -34.49 44.83 -54.71
CA LYS K 307 -33.63 45.84 -55.30
C LYS K 307 -33.73 47.13 -54.48
N PRO K 308 -32.67 47.97 -54.46
CA PRO K 308 -32.75 49.22 -53.69
C PRO K 308 -34.08 49.96 -53.79
N ASP K 309 -34.65 50.01 -55.00
CA ASP K 309 -35.96 50.60 -55.23
C ASP K 309 -37.09 49.81 -54.61
N GLY K 310 -36.77 48.80 -53.80
CA GLY K 310 -37.75 48.10 -53.00
C GLY K 310 -38.44 46.95 -53.69
N THR K 311 -38.20 46.73 -54.97
CA THR K 311 -39.02 45.77 -55.70
C THR K 311 -38.31 44.42 -55.85
N ILE K 312 -39.15 43.39 -56.03
CA ILE K 312 -38.74 42.05 -56.41
C ILE K 312 -38.83 41.90 -57.93
N PRO K 313 -37.77 41.47 -58.61
CA PRO K 313 -37.92 41.09 -60.01
C PRO K 313 -38.92 39.96 -60.14
N GLY K 314 -40.01 40.24 -60.85
CA GLY K 314 -41.01 39.26 -61.23
C GLY K 314 -41.50 38.29 -60.17
N TYR K 315 -41.92 38.80 -59.01
CA TYR K 315 -42.46 37.99 -57.94
C TYR K 315 -43.83 38.56 -57.58
N ASP K 316 -44.73 37.69 -57.16
CA ASP K 316 -46.07 38.14 -56.78
C ASP K 316 -46.13 38.37 -55.26
N PRO K 317 -46.11 39.64 -54.79
CA PRO K 317 -46.27 39.90 -53.36
C PRO K 317 -47.74 39.99 -52.95
N GLY L 41 1.05 11.47 -21.70
CA GLY L 41 2.07 11.99 -22.61
C GLY L 41 1.61 12.23 -24.03
N ALA L 42 2.52 12.01 -24.97
CA ALA L 42 2.20 12.06 -26.39
C ALA L 42 2.47 10.69 -27.00
N ALA L 43 1.91 10.47 -28.17
CA ALA L 43 2.20 9.19 -28.78
C ALA L 43 3.62 9.18 -29.36
N PRO L 44 4.23 8.02 -29.49
CA PRO L 44 5.49 7.91 -30.22
C PRO L 44 5.25 7.75 -31.71
N ALA L 45 6.33 7.91 -32.49
CA ALA L 45 6.27 7.52 -33.89
C ALA L 45 6.18 6.02 -34.00
N GLY L 46 5.31 5.55 -34.89
CA GLY L 46 5.10 4.14 -35.06
C GLY L 46 6.12 3.54 -35.99
N GLY L 47 6.06 2.22 -36.09
CA GLY L 47 6.93 1.52 -36.98
C GLY L 47 7.15 0.10 -36.52
N GLU L 48 6.70 -0.23 -35.31
CA GLU L 48 6.82 -1.61 -34.83
C GLU L 48 5.84 -2.52 -35.53
N VAL L 49 6.28 -3.75 -35.78
CA VAL L 49 5.40 -4.80 -36.28
C VAL L 49 4.80 -5.50 -35.07
N ARG L 50 3.48 -5.41 -34.94
CA ARG L 50 2.80 -6.06 -33.82
C ARG L 50 1.96 -7.22 -34.32
N ARG L 51 1.74 -8.16 -33.41
CA ARG L 51 0.93 -9.36 -33.59
C ARG L 51 -0.10 -9.37 -32.47
N VAL L 52 -1.11 -10.24 -32.63
CA VAL L 52 -2.19 -10.35 -31.65
C VAL L 52 -3.02 -11.58 -32.00
N THR L 53 -3.69 -12.13 -30.99
CA THR L 53 -4.67 -13.19 -31.17
C THR L 53 -6.07 -12.64 -30.91
N LEU L 54 -7.03 -13.01 -31.78
CA LEU L 54 -8.39 -12.51 -31.70
C LEU L 54 -9.37 -13.59 -32.11
N TYR L 55 -10.39 -13.81 -31.28
CA TYR L 55 -11.33 -14.91 -31.48
C TYR L 55 -12.75 -14.37 -31.63
N ALA L 56 -13.56 -15.08 -32.41
CA ALA L 56 -14.96 -14.73 -32.59
C ALA L 56 -15.82 -15.84 -31.99
N GLU L 57 -16.64 -15.51 -31.01
CA GLU L 57 -17.35 -16.53 -30.24
C GLU L 57 -18.68 -16.00 -29.77
N ARG L 58 -19.57 -16.95 -29.48
CA ARG L 58 -20.88 -16.65 -28.93
C ARG L 58 -20.79 -16.27 -27.46
N LEU L 59 -21.59 -15.31 -27.06
CA LEU L 59 -21.68 -14.84 -25.69
C LEU L 59 -23.00 -15.27 -25.07
N ALA L 60 -23.01 -15.41 -23.75
CA ALA L 60 -24.22 -15.78 -23.04
C ALA L 60 -25.30 -14.75 -23.30
N GLY L 61 -26.34 -15.15 -24.02
CA GLY L 61 -27.41 -14.25 -24.40
C GLY L 61 -27.46 -13.96 -25.88
N GLY L 62 -26.97 -14.90 -26.69
CA GLY L 62 -27.14 -14.90 -28.13
C GLY L 62 -26.35 -13.87 -28.91
N GLN L 63 -25.51 -13.11 -28.25
CA GLN L 63 -24.70 -12.14 -28.97
C GLN L 63 -23.44 -12.82 -29.47
N LEU L 64 -22.67 -12.08 -30.27
CA LEU L 64 -21.43 -12.54 -30.87
C LEU L 64 -20.39 -11.44 -30.68
N GLY L 65 -19.14 -11.84 -30.46
CA GLY L 65 -18.13 -10.85 -30.17
C GLY L 65 -16.71 -11.32 -30.39
N TYR L 66 -15.82 -10.35 -30.51
CA TYR L 66 -14.39 -10.55 -30.66
C TYR L 66 -13.72 -10.45 -29.30
N GLY L 67 -12.72 -11.31 -29.05
CA GLY L 67 -11.95 -11.23 -27.82
C GLY L 67 -10.46 -11.40 -28.06
N LEU L 68 -9.68 -11.02 -27.05
CA LEU L 68 -8.23 -11.22 -27.12
C LEU L 68 -7.84 -12.63 -26.71
N GLU L 69 -8.60 -13.23 -25.79
CA GLU L 69 -8.41 -14.60 -25.36
C GLU L 69 -9.74 -15.33 -25.51
N LYS L 70 -9.68 -16.63 -25.79
CA LYS L 70 -10.90 -17.38 -26.00
C LYS L 70 -11.69 -17.51 -24.69
N GLY L 71 -12.90 -16.96 -24.66
CA GLY L 71 -13.70 -16.88 -23.45
C GLY L 71 -13.84 -15.48 -22.92
N LYS L 72 -13.15 -14.52 -23.52
CA LYS L 72 -13.17 -13.13 -23.09
C LYS L 72 -13.68 -12.21 -24.21
N ALA L 73 -14.76 -12.60 -24.88
CA ALA L 73 -15.36 -11.74 -25.88
C ALA L 73 -16.05 -10.55 -25.21
N SER L 74 -16.13 -9.45 -25.96
CA SER L 74 -16.75 -8.22 -25.49
C SER L 74 -17.50 -7.57 -26.64
N ILE L 75 -18.43 -6.68 -26.28
CA ILE L 75 -19.17 -5.87 -27.24
C ILE L 75 -19.12 -4.43 -26.76
N PRO L 76 -18.41 -3.53 -27.44
CA PRO L 76 -17.66 -3.69 -28.69
C PRO L 76 -16.46 -4.57 -28.50
N GLY L 77 -15.70 -4.83 -29.55
CA GLY L 77 -14.51 -5.61 -29.41
C GLY L 77 -13.53 -4.98 -28.44
N PRO L 78 -12.38 -5.63 -28.28
CA PRO L 78 -11.26 -4.98 -27.60
C PRO L 78 -10.78 -3.77 -28.39
N LEU L 79 -10.28 -2.76 -27.66
CA LEU L 79 -9.74 -1.58 -28.32
C LEU L 79 -8.35 -1.90 -28.81
N ILE L 80 -8.13 -1.73 -30.10
CA ILE L 80 -6.82 -1.87 -30.75
C ILE L 80 -6.25 -0.48 -30.98
N GLU L 81 -4.96 -0.30 -30.66
CA GLU L 81 -4.38 1.04 -30.58
C GLU L 81 -2.96 1.00 -31.13
N LEU L 82 -2.76 1.68 -32.24
CA LEU L 82 -1.51 1.69 -32.98
C LEU L 82 -0.96 3.11 -33.08
N ASN L 83 0.27 3.18 -33.54
CA ASN L 83 0.89 4.42 -33.96
C ASN L 83 1.17 4.34 -35.46
N GLU L 84 1.11 5.50 -36.13
CA GLU L 84 1.32 5.60 -37.59
C GLU L 84 2.61 4.94 -38.05
N GLY L 85 2.48 3.92 -38.88
CA GLY L 85 3.59 3.14 -39.34
C GLY L 85 3.66 1.76 -38.76
N ASP L 86 2.95 1.51 -37.67
CA ASP L 86 2.87 0.16 -37.15
C ASP L 86 2.26 -0.76 -38.19
N THR L 87 2.66 -2.02 -38.17
CA THR L 87 1.92 -3.10 -38.80
C THR L 87 1.28 -3.91 -37.67
N LEU L 88 0.10 -4.45 -37.93
CA LEU L 88 -0.53 -5.35 -36.98
C LEU L 88 -0.90 -6.64 -37.69
N HIS L 89 -0.34 -7.76 -37.23
CA HIS L 89 -0.73 -9.09 -37.68
C HIS L 89 -1.74 -9.66 -36.71
N VAL L 90 -2.87 -10.12 -37.24
CA VAL L 90 -4.06 -10.38 -36.43
C VAL L 90 -4.39 -11.85 -36.57
N GLU L 91 -3.80 -12.66 -35.69
CA GLU L 91 -4.22 -14.05 -35.60
C GLU L 91 -5.70 -14.10 -35.19
N PHE L 92 -6.51 -14.65 -36.07
CA PHE L 92 -7.97 -14.60 -35.96
C PHE L 92 -8.51 -16.02 -35.97
N GLU L 93 -9.21 -16.42 -34.91
CA GLU L 93 -9.89 -17.72 -34.91
C GLU L 93 -11.40 -17.57 -34.88
N ASN L 94 -12.06 -18.24 -35.82
CA ASN L 94 -13.52 -18.36 -35.89
C ASN L 94 -13.94 -19.58 -35.08
N THR L 95 -14.57 -19.34 -33.94
CA THR L 95 -15.07 -20.43 -33.11
C THR L 95 -16.57 -20.67 -33.31
N LEU L 96 -17.20 -19.97 -34.25
CA LEU L 96 -18.59 -20.19 -34.57
C LEU L 96 -18.70 -21.36 -35.52
N ASP L 97 -19.92 -21.90 -35.66
CA ASP L 97 -20.15 -22.90 -36.70
C ASP L 97 -20.58 -22.27 -38.02
N VAL L 98 -20.52 -20.96 -38.13
CA VAL L 98 -20.80 -20.26 -39.38
C VAL L 98 -19.57 -19.45 -39.74
N PRO L 99 -19.37 -19.14 -41.03
CA PRO L 99 -18.23 -18.30 -41.40
C PRO L 99 -18.35 -16.91 -40.79
N VAL L 100 -17.20 -16.35 -40.45
CA VAL L 100 -17.07 -15.02 -39.86
C VAL L 100 -15.80 -14.42 -40.43
N SER L 101 -15.59 -13.12 -40.21
CA SER L 101 -14.44 -12.45 -40.78
C SER L 101 -14.17 -11.15 -40.03
N LEU L 102 -13.14 -10.44 -40.48
CA LEU L 102 -12.66 -9.20 -39.87
C LEU L 102 -12.30 -8.23 -40.99
N HIS L 103 -13.09 -7.16 -41.13
CA HIS L 103 -12.84 -6.10 -42.09
C HIS L 103 -12.68 -4.79 -41.35
N VAL L 104 -11.63 -4.03 -41.68
CA VAL L 104 -11.34 -2.80 -40.95
C VAL L 104 -11.52 -1.58 -41.85
N HIS L 105 -11.73 -0.45 -41.22
CA HIS L 105 -11.82 0.86 -41.85
C HIS L 105 -10.53 1.65 -41.63
N GLY L 106 -10.31 2.63 -42.49
CA GLY L 106 -9.18 3.54 -42.28
C GLY L 106 -7.81 3.04 -42.52
N LEU L 107 -7.52 1.82 -42.09
CA LEU L 107 -6.16 1.29 -42.14
C LEU L 107 -5.78 0.91 -43.57
N ASP L 108 -4.50 0.57 -43.76
CA ASP L 108 -4.01 0.05 -45.03
C ASP L 108 -4.08 -1.47 -45.00
N TYR L 109 -4.61 -2.08 -46.05
CA TYR L 109 -4.60 -3.53 -46.08
C TYR L 109 -4.70 -3.99 -47.52
N GLU L 110 -4.04 -5.10 -47.82
CA GLU L 110 -4.09 -5.66 -49.14
C GLU L 110 -5.49 -6.23 -49.41
N ILE L 111 -5.71 -6.62 -50.66
CA ILE L 111 -6.96 -7.28 -51.00
C ILE L 111 -7.05 -8.64 -50.31
N SER L 112 -5.92 -9.18 -49.89
CA SER L 112 -5.89 -10.48 -49.22
C SER L 112 -6.41 -10.41 -47.79
N SER L 113 -6.31 -9.26 -47.13
CA SER L 113 -6.89 -9.03 -45.82
C SER L 113 -8.18 -8.24 -45.90
N ASP L 114 -8.92 -8.40 -47.00
CA ASP L 114 -10.14 -7.62 -47.24
C ASP L 114 -11.21 -7.96 -46.20
N GLY L 115 -11.36 -9.24 -45.88
CA GLY L 115 -12.33 -9.66 -44.89
C GLY L 115 -13.70 -9.92 -45.45
N THR L 116 -13.81 -10.23 -46.73
CA THR L 116 -15.06 -10.36 -47.45
C THR L 116 -15.13 -11.72 -48.14
N LYS L 117 -16.33 -12.33 -48.12
CA LYS L 117 -16.72 -13.46 -48.97
C LYS L 117 -16.33 -13.26 -50.43
N GLN L 118 -16.19 -12.00 -50.85
CA GLN L 118 -16.11 -11.67 -52.26
C GLN L 118 -14.69 -11.83 -52.79
N ASN L 119 -13.70 -11.60 -51.94
CA ASN L 119 -12.31 -11.80 -52.28
C ASN L 119 -11.69 -12.92 -51.45
N LYS L 120 -12.54 -13.85 -50.95
CA LYS L 120 -12.16 -15.10 -50.29
C LYS L 120 -11.30 -14.90 -49.03
N SER L 121 -11.63 -13.90 -48.22
CA SER L 121 -10.87 -13.58 -47.01
C SER L 121 -11.70 -13.73 -45.73
N HIS L 122 -12.85 -14.37 -45.83
CA HIS L 122 -13.59 -14.76 -44.65
C HIS L 122 -12.95 -16.00 -44.03
N VAL L 123 -13.33 -16.29 -42.80
CA VAL L 123 -12.80 -17.44 -42.09
C VAL L 123 -13.92 -18.45 -41.85
N GLU L 124 -13.68 -19.68 -42.25
CA GLU L 124 -14.67 -20.73 -42.24
C GLU L 124 -14.87 -21.24 -40.82
N PRO L 125 -15.97 -21.96 -40.56
CA PRO L 125 -16.29 -22.35 -39.18
C PRO L 125 -15.16 -23.17 -38.59
N GLY L 126 -14.63 -22.69 -37.47
CA GLY L 126 -13.55 -23.37 -36.77
C GLY L 126 -12.15 -23.01 -37.21
N GLY L 127 -11.99 -22.24 -38.28
CA GLY L 127 -10.69 -21.98 -38.85
C GLY L 127 -10.04 -20.73 -38.30
N THR L 128 -8.83 -20.48 -38.84
CA THR L 128 -7.96 -19.40 -38.40
C THR L 128 -7.40 -18.69 -39.62
N ARG L 129 -7.03 -17.42 -39.41
CA ARG L 129 -6.50 -16.57 -40.46
C ARG L 129 -5.75 -15.42 -39.81
N THR L 130 -4.71 -14.95 -40.47
CA THR L 130 -3.95 -13.81 -39.98
C THR L 130 -4.18 -12.65 -40.93
N TYR L 131 -4.97 -11.68 -40.47
CA TYR L 131 -5.08 -10.41 -41.16
C TYR L 131 -3.85 -9.57 -40.87
N THR L 132 -3.45 -8.78 -41.87
CA THR L 132 -2.35 -7.85 -41.74
C THR L 132 -2.90 -6.43 -41.94
N TRP L 133 -2.79 -5.60 -40.91
CA TRP L 133 -3.16 -4.20 -41.00
C TRP L 133 -1.92 -3.34 -40.99
N ARG L 134 -1.93 -2.28 -41.81
CA ARG L 134 -0.80 -1.39 -41.94
C ARG L 134 -1.28 0.04 -41.82
N THR L 135 -0.39 0.92 -41.37
CA THR L 135 -0.68 2.35 -41.29
C THR L 135 0.54 3.09 -41.82
N HIS L 136 0.39 4.39 -42.09
CA HIS L 136 1.48 5.11 -42.73
C HIS L 136 1.57 6.51 -42.14
N GLU L 137 2.74 7.06 -42.25
CA GLU L 137 3.02 8.43 -41.91
C GLU L 137 2.60 9.34 -43.07
N PRO L 138 1.96 10.47 -42.79
CA PRO L 138 1.81 11.49 -43.83
C PRO L 138 3.17 11.80 -44.42
N GLY L 139 3.17 12.17 -45.70
CA GLY L 139 4.39 12.43 -46.41
C GLY L 139 4.09 12.92 -47.80
N ARG L 140 4.84 13.92 -48.27
CA ARG L 140 4.60 14.48 -49.58
C ARG L 140 4.87 13.44 -50.66
N ARG L 141 4.16 13.56 -51.77
CA ARG L 141 4.20 12.59 -52.85
C ARG L 141 5.28 12.95 -53.90
N ALA L 142 5.58 11.96 -54.75
CA ALA L 142 6.34 12.22 -55.97
C ALA L 142 5.75 13.41 -56.72
N ASP L 143 4.46 13.31 -57.07
CA ASP L 143 3.82 14.42 -57.74
C ASP L 143 3.62 15.64 -56.82
N GLY L 144 4.18 15.61 -55.63
CA GLY L 144 4.22 16.79 -54.78
C GLY L 144 2.96 17.14 -54.05
N THR L 145 2.00 16.23 -53.97
CA THR L 145 0.78 16.44 -53.21
C THR L 145 0.93 15.78 -51.83
N TRP L 146 0.02 16.13 -50.93
CA TRP L 146 0.12 15.65 -49.55
C TRP L 146 -0.65 14.35 -49.39
N ARG L 147 0.06 13.30 -48.95
CA ARG L 147 -0.53 12.00 -48.65
C ARG L 147 -1.08 12.01 -47.23
N ALA L 148 -2.41 11.94 -47.11
CA ALA L 148 -3.06 11.91 -45.80
C ALA L 148 -2.60 10.72 -44.97
N GLY L 149 -2.50 10.92 -43.66
CA GLY L 149 -2.04 9.88 -42.76
C GLY L 149 -3.06 8.78 -42.54
N SER L 150 -2.63 7.78 -41.77
CA SER L 150 -3.53 6.75 -41.28
C SER L 150 -4.19 7.10 -39.94
N ALA L 151 -3.78 8.20 -39.31
CA ALA L 151 -4.35 8.59 -38.03
C ALA L 151 -5.86 8.79 -38.14
N GLY L 152 -6.56 8.49 -37.05
CA GLY L 152 -7.99 8.66 -36.93
C GLY L 152 -8.60 7.64 -35.99
N TYR L 153 -9.85 7.91 -35.59
CA TYR L 153 -10.64 6.94 -34.84
C TYR L 153 -11.40 6.04 -35.82
N TRP L 154 -11.12 4.75 -35.78
CA TRP L 154 -11.53 3.78 -36.79
C TRP L 154 -12.20 2.59 -36.12
N HIS L 155 -12.42 1.51 -36.86
CA HIS L 155 -13.19 0.42 -36.31
C HIS L 155 -13.13 -0.80 -37.21
N TYR L 156 -13.27 -1.95 -36.60
CA TYR L 156 -13.35 -3.20 -37.32
C TYR L 156 -14.72 -3.81 -37.07
N HIS L 157 -15.12 -4.68 -37.98
CA HIS L 157 -16.34 -5.42 -37.79
C HIS L 157 -16.35 -6.58 -38.77
N ASP L 158 -17.25 -7.51 -38.52
CA ASP L 158 -17.46 -8.63 -39.40
C ASP L 158 -18.14 -8.18 -40.70
N HIS L 159 -17.86 -8.90 -41.77
CA HIS L 159 -18.42 -8.60 -43.07
C HIS L 159 -19.20 -9.75 -43.64
N VAL L 160 -19.37 -10.85 -42.91
CA VAL L 160 -19.85 -12.05 -43.59
C VAL L 160 -20.92 -12.83 -42.80
N VAL L 161 -21.27 -12.39 -41.60
CA VAL L 161 -22.32 -13.11 -40.87
C VAL L 161 -23.69 -12.57 -41.26
N GLY L 162 -24.61 -13.45 -41.59
CA GLY L 162 -25.95 -13.03 -41.93
C GLY L 162 -26.19 -12.67 -43.39
N THR L 163 -25.40 -11.73 -43.91
CA THR L 163 -25.34 -11.37 -45.33
C THR L 163 -23.88 -11.22 -45.70
N GLU L 164 -23.60 -10.80 -46.93
CA GLU L 164 -22.20 -10.57 -47.29
C GLU L 164 -21.77 -9.14 -46.98
N HIS L 165 -22.51 -8.40 -46.21
CA HIS L 165 -22.11 -7.14 -45.62
C HIS L 165 -22.03 -7.13 -44.10
N GLY L 166 -21.99 -8.31 -43.50
CA GLY L 166 -21.88 -8.43 -42.06
C GLY L 166 -23.09 -7.98 -41.29
N THR L 167 -24.25 -7.84 -41.96
CA THR L 167 -25.44 -7.30 -41.32
C THR L 167 -25.81 -8.09 -40.07
N GLY L 168 -25.64 -9.41 -40.13
CA GLY L 168 -26.02 -10.24 -39.00
C GLY L 168 -24.98 -10.23 -37.89
N GLY L 169 -23.70 -10.19 -38.26
CA GLY L 169 -22.67 -10.13 -37.24
C GLY L 169 -22.64 -8.79 -36.54
N ILE L 170 -22.82 -7.70 -37.31
CA ILE L 170 -22.79 -6.35 -36.75
C ILE L 170 -23.93 -6.18 -35.76
N ARG L 171 -25.13 -6.58 -36.16
CA ARG L 171 -26.29 -6.51 -35.29
C ARG L 171 -26.10 -7.36 -34.04
N ASN L 172 -25.52 -8.55 -34.18
CA ASN L 172 -25.31 -9.39 -33.01
C ASN L 172 -24.04 -9.08 -32.23
N GLY L 173 -23.14 -8.22 -32.73
CA GLY L 173 -22.15 -7.61 -31.85
C GLY L 173 -20.72 -7.57 -32.37
N LEU L 174 -20.50 -8.11 -33.57
CA LEU L 174 -19.15 -8.23 -34.13
C LEU L 174 -18.69 -6.86 -34.64
N TYR L 175 -18.15 -6.08 -33.72
CA TYR L 175 -17.61 -4.77 -34.02
C TYR L 175 -16.73 -4.32 -32.86
N GLY L 176 -15.78 -3.44 -33.15
CA GLY L 176 -14.97 -2.82 -32.10
C GLY L 176 -14.07 -1.73 -32.63
N PRO L 177 -13.41 -1.01 -31.75
CA PRO L 177 -12.66 0.19 -32.14
C PRO L 177 -11.20 -0.09 -32.53
N VAL L 178 -10.66 0.85 -33.33
CA VAL L 178 -9.23 0.99 -33.58
C VAL L 178 -8.87 2.47 -33.49
N ILE L 179 -7.74 2.77 -32.87
CA ILE L 179 -7.23 4.13 -32.77
C ILE L 179 -5.80 4.12 -33.27
N VAL L 180 -5.57 4.70 -34.46
CA VAL L 180 -4.21 5.01 -34.92
C VAL L 180 -3.92 6.46 -34.54
N ARG L 181 -2.86 6.65 -33.76
CA ARG L 181 -2.47 7.96 -33.29
C ARG L 181 -1.28 8.47 -34.10
N ARG L 182 -1.27 9.78 -34.33
CA ARG L 182 -0.14 10.43 -34.95
C ARG L 182 0.93 10.72 -33.90
N LYS L 183 2.20 10.66 -34.32
CA LYS L 183 3.30 11.06 -33.46
C LYS L 183 3.03 12.43 -32.87
N GLY L 184 3.08 12.52 -31.54
CA GLY L 184 2.81 13.75 -30.84
C GLY L 184 1.40 13.88 -30.32
N ASP L 185 0.50 12.96 -30.70
CA ASP L 185 -0.90 13.03 -30.29
C ASP L 185 -1.03 12.96 -28.77
N VAL L 186 -1.86 13.84 -28.22
CA VAL L 186 -2.13 13.88 -26.79
C VAL L 186 -2.83 12.60 -26.37
N LEU L 187 -2.31 11.97 -25.31
CA LEU L 187 -2.80 10.73 -24.73
C LEU L 187 -3.71 11.02 -23.55
N PRO L 188 -4.77 10.21 -23.38
CA PRO L 188 -5.79 10.52 -22.37
C PRO L 188 -5.55 9.77 -21.08
N ASP L 189 -6.33 10.09 -20.05
CA ASP L 189 -6.33 9.25 -18.87
C ASP L 189 -7.19 8.02 -19.07
N ALA L 190 -8.08 8.05 -20.07
CA ALA L 190 -9.07 7.00 -20.25
C ALA L 190 -9.73 7.15 -21.61
N THR L 191 -10.12 6.02 -22.18
CA THR L 191 -10.88 5.97 -23.42
C THR L 191 -12.15 5.19 -23.16
N HIS L 192 -13.26 5.63 -23.75
CA HIS L 192 -14.56 4.97 -23.60
C HIS L 192 -15.26 4.91 -24.96
N THR L 193 -15.55 3.71 -25.44
CA THR L 193 -16.19 3.50 -26.73
C THR L 193 -17.71 3.40 -26.56
N ILE L 194 -18.43 4.29 -27.23
CA ILE L 194 -19.89 4.27 -27.30
C ILE L 194 -20.26 4.00 -28.74
N VAL L 195 -21.01 2.92 -28.98
CA VAL L 195 -21.45 2.52 -30.32
C VAL L 195 -22.97 2.59 -30.37
N PHE L 196 -23.51 3.36 -31.27
CA PHE L 196 -24.92 3.43 -31.48
C PHE L 196 -25.20 2.41 -32.59
N ASN L 197 -25.44 1.18 -32.15
CA ASN L 197 -25.78 0.11 -33.04
C ASN L 197 -27.32 -0.06 -33.08
N ASP L 198 -27.89 0.10 -34.28
CA ASP L 198 -29.35 0.09 -34.48
C ASP L 198 -30.00 1.07 -33.50
N MET L 199 -30.60 0.56 -32.45
CA MET L 199 -31.20 1.33 -31.41
C MET L 199 -30.62 1.09 -30.05
N THR L 200 -29.47 0.49 -30.02
CA THR L 200 -28.78 0.17 -28.79
C THR L 200 -27.53 1.03 -28.66
N ILE L 201 -27.05 1.17 -27.43
CA ILE L 201 -25.66 1.58 -27.20
C ILE L 201 -24.91 0.36 -26.70
N ASN L 202 -24.01 -0.16 -27.53
CA ASN L 202 -23.17 -1.31 -27.21
C ASN L 202 -24.02 -2.56 -27.03
N ASN L 203 -25.07 -2.69 -27.84
CA ASN L 203 -25.95 -3.86 -27.84
C ASN L 203 -26.59 -4.06 -26.47
N ARG L 204 -26.92 -2.96 -25.82
CA ARG L 204 -27.42 -3.11 -24.47
C ARG L 204 -28.93 -2.86 -24.40
N PRO L 205 -29.63 -3.56 -23.51
CA PRO L 205 -31.07 -3.37 -23.39
C PRO L 205 -31.38 -1.94 -23.02
N ALA L 206 -32.56 -1.49 -23.46
CA ALA L 206 -32.93 -0.09 -23.37
C ALA L 206 -32.71 0.46 -21.96
N HIS L 207 -32.05 1.61 -21.90
CA HIS L 207 -31.87 2.37 -20.66
C HIS L 207 -30.99 1.64 -19.66
N THR L 208 -30.02 0.86 -20.13
CA THR L 208 -29.01 0.29 -19.25
C THR L 208 -27.63 0.84 -19.59
N GLY L 209 -27.58 2.14 -19.96
CA GLY L 209 -26.33 2.82 -20.21
C GLY L 209 -25.66 2.46 -21.52
N PRO L 210 -24.32 2.26 -21.50
CA PRO L 210 -23.39 2.27 -20.36
C PRO L 210 -23.12 3.63 -19.69
N ASN L 211 -22.93 3.65 -18.37
CA ASN L 211 -22.39 4.79 -17.63
C ASN L 211 -20.88 4.68 -17.52
N PHE L 212 -20.21 5.85 -17.51
CA PHE L 212 -18.76 5.95 -17.54
C PHE L 212 -18.33 6.94 -16.47
N GLU L 213 -17.18 6.69 -15.84
CA GLU L 213 -16.79 7.40 -14.64
C GLU L 213 -15.48 8.16 -14.84
N ALA L 214 -15.44 9.38 -14.33
CA ALA L 214 -14.22 10.18 -14.37
C ALA L 214 -14.16 11.04 -13.12
N THR L 215 -12.99 11.66 -12.93
CA THR L 215 -12.77 12.69 -11.93
C THR L 215 -12.59 13.99 -12.69
N VAL L 216 -13.12 15.09 -12.14
CA VAL L 216 -12.93 16.43 -12.69
C VAL L 216 -11.48 16.60 -13.11
N GLY L 217 -11.26 17.05 -14.34
CA GLY L 217 -9.92 17.28 -14.84
C GLY L 217 -9.30 16.15 -15.62
N ASP L 218 -9.87 14.95 -15.55
CA ASP L 218 -9.37 13.81 -16.33
C ASP L 218 -9.52 14.08 -17.82
N ARG L 219 -8.44 13.89 -18.56
CA ARG L 219 -8.48 13.86 -20.02
C ARG L 219 -9.18 12.58 -20.45
N VAL L 220 -10.47 12.69 -20.77
CA VAL L 220 -11.33 11.55 -21.10
C VAL L 220 -11.56 11.52 -22.60
N GLU L 221 -11.21 10.41 -23.21
CA GLU L 221 -11.31 10.22 -24.65
C GLU L 221 -12.48 9.31 -24.95
N ILE L 222 -13.33 9.71 -25.88
CA ILE L 222 -14.46 8.89 -26.30
C ILE L 222 -14.22 8.48 -27.74
N VAL L 223 -14.68 7.29 -28.08
CA VAL L 223 -14.70 6.80 -29.45
C VAL L 223 -16.14 6.49 -29.80
N MET L 224 -16.71 7.26 -30.72
CA MET L 224 -18.10 7.07 -31.14
C MET L 224 -18.15 6.42 -32.53
N ILE L 225 -18.72 5.23 -32.62
CA ILE L 225 -19.02 4.52 -33.87
C ILE L 225 -20.53 4.30 -33.97
N THR L 226 -21.07 4.42 -35.17
CA THR L 226 -22.46 4.04 -35.42
C THR L 226 -22.50 2.84 -36.33
N HIS L 227 -23.55 2.05 -36.22
CA HIS L 227 -23.72 0.90 -37.10
C HIS L 227 -25.19 0.70 -37.42
N GLY L 228 -25.42 -0.09 -38.44
CA GLY L 228 -26.74 -0.62 -38.74
C GLY L 228 -27.60 0.14 -39.72
N GLU L 229 -28.75 0.62 -39.25
CA GLU L 229 -29.81 1.10 -40.12
C GLU L 229 -30.08 2.59 -40.04
N TYR L 230 -29.95 3.21 -38.88
CA TYR L 230 -30.41 4.58 -38.69
C TYR L 230 -29.25 5.54 -38.50
N TYR L 231 -29.52 6.80 -38.85
CA TYR L 231 -28.71 7.92 -38.42
C TYR L 231 -29.08 8.28 -36.99
N HIS L 232 -28.16 8.98 -36.33
CA HIS L 232 -28.30 9.35 -34.93
C HIS L 232 -27.69 10.73 -34.75
N THR L 233 -27.94 11.35 -33.61
CA THR L 233 -27.24 12.58 -33.24
C THR L 233 -26.67 12.42 -31.84
N PHE L 234 -25.38 12.10 -31.78
CA PHE L 234 -24.69 11.95 -30.51
C PHE L 234 -24.57 13.28 -29.78
N HIS L 235 -24.98 13.32 -28.52
CA HIS L 235 -24.97 14.57 -27.75
C HIS L 235 -24.52 14.33 -26.31
N MET L 236 -23.71 15.27 -25.78
CA MET L 236 -23.22 15.22 -24.41
C MET L 236 -23.61 16.49 -23.66
N HIS L 237 -24.16 16.32 -22.47
CA HIS L 237 -24.43 17.46 -21.60
C HIS L 237 -23.14 17.99 -21.02
N GLY L 238 -23.06 19.32 -20.92
CA GLY L 238 -21.97 20.00 -20.24
C GLY L 238 -20.60 19.81 -20.81
N HIS L 239 -20.48 19.31 -22.06
CA HIS L 239 -19.19 19.12 -22.71
C HIS L 239 -19.31 19.36 -24.22
N ARG L 240 -18.23 19.84 -24.81
CA ARG L 240 -18.19 20.23 -26.21
C ARG L 240 -16.89 19.75 -26.81
N TRP L 241 -16.81 19.72 -28.13
CA TRP L 241 -15.61 19.22 -28.79
C TRP L 241 -15.50 19.73 -30.22
N ALA L 242 -14.35 19.46 -30.84
CA ALA L 242 -14.01 19.95 -32.18
C ALA L 242 -14.20 18.86 -33.22
N ASP L 243 -14.87 19.20 -34.32
CA ASP L 243 -15.18 18.23 -35.36
C ASP L 243 -13.99 18.14 -36.32
N ASN L 244 -12.90 17.57 -35.79
CA ASN L 244 -11.70 17.33 -36.56
C ASN L 244 -11.13 15.98 -36.12
N ARG L 245 -9.92 15.66 -36.56
CA ARG L 245 -9.39 14.33 -36.29
C ARG L 245 -9.33 14.04 -34.80
N THR L 246 -8.88 15.01 -34.00
CA THR L 246 -8.51 14.75 -32.61
C THR L 246 -9.61 15.10 -31.60
N GLY L 247 -10.61 15.89 -32.00
CA GLY L 247 -11.58 16.42 -31.06
C GLY L 247 -11.06 17.54 -30.19
N MET L 248 -9.91 18.11 -30.53
CA MET L 248 -9.36 19.31 -29.91
C MET L 248 -8.79 20.15 -31.02
N LEU L 249 -9.17 21.43 -31.05
CA LEU L 249 -8.50 22.37 -31.95
C LEU L 249 -7.01 22.37 -31.64
N THR L 250 -6.18 22.30 -32.68
CA THR L 250 -4.75 22.38 -32.46
C THR L 250 -4.33 23.76 -31.96
N GLY L 251 -5.14 24.79 -32.21
CA GLY L 251 -4.82 26.10 -31.73
C GLY L 251 -5.76 27.16 -32.25
N PRO L 252 -5.45 28.43 -31.97
CA PRO L 252 -6.42 29.50 -32.24
C PRO L 252 -6.71 29.72 -33.71
N ASP L 253 -5.89 29.20 -34.61
CA ASP L 253 -6.13 29.36 -36.04
C ASP L 253 -6.95 28.22 -36.61
N ASP L 254 -6.81 27.00 -36.05
CA ASP L 254 -7.56 25.80 -36.42
C ASP L 254 -9.01 26.17 -36.61
N PRO L 255 -9.54 26.03 -37.83
CA PRO L 255 -10.88 26.56 -38.13
C PRO L 255 -12.04 25.69 -37.70
N SER L 256 -11.76 24.43 -37.32
CA SER L 256 -12.79 23.43 -36.99
C SER L 256 -13.91 23.99 -36.12
N GLN L 257 -15.14 23.56 -36.41
CA GLN L 257 -16.30 23.97 -35.62
C GLN L 257 -16.39 23.18 -34.32
N VAL L 258 -16.82 23.87 -33.26
CA VAL L 258 -16.95 23.30 -31.93
C VAL L 258 -18.41 22.96 -31.70
N ILE L 259 -18.67 21.68 -31.40
CA ILE L 259 -20.02 21.14 -31.37
C ILE L 259 -20.27 20.46 -30.03
N ASP L 260 -21.55 20.19 -29.76
CA ASP L 260 -21.90 19.22 -28.73
C ASP L 260 -22.92 18.22 -29.23
N ASN L 261 -22.99 18.02 -30.54
CA ASN L 261 -24.08 17.29 -31.18
C ASN L 261 -23.63 16.97 -32.59
N LYS L 262 -23.54 15.69 -32.94
CA LYS L 262 -23.02 15.30 -34.23
C LYS L 262 -23.94 14.29 -34.89
N ILE L 263 -24.42 14.62 -36.08
CA ILE L 263 -25.07 13.64 -36.94
C ILE L 263 -24.09 12.49 -37.17
N CYS L 264 -24.63 11.29 -37.38
CA CYS L 264 -23.81 10.12 -37.65
C CYS L 264 -24.69 9.00 -38.16
N GLY L 265 -24.13 8.20 -39.05
CA GLY L 265 -24.85 7.08 -39.60
C GLY L 265 -23.99 5.85 -39.67
N PRO L 266 -24.58 4.73 -40.12
CA PRO L 266 -23.88 3.44 -40.07
C PRO L 266 -22.45 3.49 -40.56
N ALA L 267 -21.55 3.04 -39.68
CA ALA L 267 -20.11 2.90 -39.86
C ALA L 267 -19.35 4.22 -39.79
N ASP L 268 -20.00 5.32 -39.43
CA ASP L 268 -19.25 6.52 -39.08
C ASP L 268 -18.47 6.29 -37.79
N SER L 269 -17.25 6.80 -37.74
CA SER L 269 -16.47 6.72 -36.50
C SER L 269 -15.73 8.02 -36.27
N PHE L 270 -15.62 8.41 -35.02
CA PHE L 270 -14.85 9.58 -34.67
C PHE L 270 -14.49 9.51 -33.18
N GLY L 271 -13.83 10.54 -32.70
CA GLY L 271 -13.57 10.60 -31.28
C GLY L 271 -13.13 11.99 -30.90
N PHE L 272 -13.09 12.21 -29.59
CA PHE L 272 -12.60 13.44 -29.02
C PHE L 272 -11.97 13.14 -27.66
N GLN L 273 -11.28 14.14 -27.12
CA GLN L 273 -10.90 14.16 -25.72
C GLN L 273 -11.43 15.44 -25.10
N ILE L 274 -12.10 15.28 -23.97
CA ILE L 274 -12.67 16.34 -23.15
C ILE L 274 -11.97 16.33 -21.81
N ILE L 275 -11.93 17.49 -21.17
CA ILE L 275 -11.46 17.60 -19.80
C ILE L 275 -12.69 17.43 -18.93
N ALA L 276 -12.75 16.32 -18.18
CA ALA L 276 -13.93 16.00 -17.41
C ALA L 276 -14.34 17.16 -16.52
N GLY L 277 -15.57 17.61 -16.71
CA GLY L 277 -16.12 18.70 -15.90
C GLY L 277 -15.57 20.08 -16.19
N GLU L 278 -14.76 20.27 -17.23
CA GLU L 278 -14.04 21.52 -17.44
C GLU L 278 -14.97 22.71 -17.60
N GLY L 279 -14.92 23.63 -16.64
CA GLY L 279 -15.74 24.81 -16.64
C GLY L 279 -17.15 24.64 -16.10
N VAL L 280 -17.61 23.40 -15.85
CA VAL L 280 -18.99 23.10 -15.54
C VAL L 280 -19.13 22.44 -14.16
N GLY L 281 -18.09 21.75 -13.71
CA GLY L 281 -18.15 21.06 -12.44
C GLY L 281 -18.41 19.58 -12.58
N ALA L 282 -18.55 18.93 -11.43
CA ALA L 282 -18.91 17.52 -11.32
C ALA L 282 -20.42 17.33 -11.32
N GLY L 283 -20.83 16.08 -11.49
CA GLY L 283 -22.24 15.74 -11.53
C GLY L 283 -22.45 14.55 -12.44
N ALA L 284 -23.72 14.22 -12.64
CA ALA L 284 -24.10 13.10 -13.49
C ALA L 284 -24.46 13.69 -14.84
N TRP L 285 -23.49 13.68 -15.76
CA TRP L 285 -23.62 14.34 -17.05
C TRP L 285 -24.29 13.40 -18.05
N MET L 286 -25.43 13.82 -18.57
CA MET L 286 -26.23 12.97 -19.42
C MET L 286 -25.67 12.95 -20.83
N TYR L 287 -25.66 11.77 -21.43
CA TYR L 287 -25.43 11.69 -22.84
C TYR L 287 -26.55 10.85 -23.45
N HIS L 288 -26.92 11.20 -24.68
CA HIS L 288 -27.95 10.48 -25.41
C HIS L 288 -27.82 10.80 -26.89
N CYS L 289 -28.30 9.87 -27.71
CA CYS L 289 -28.76 10.26 -29.04
C CYS L 289 -29.87 11.30 -28.86
N HIS L 290 -29.89 12.30 -29.71
CA HIS L 290 -30.86 13.37 -29.48
C HIS L 290 -32.13 13.26 -30.34
N VAL L 291 -32.19 12.29 -31.26
CA VAL L 291 -33.47 11.91 -31.86
C VAL L 291 -34.41 11.55 -30.73
N GLN L 292 -35.48 12.32 -30.59
CA GLN L 292 -36.26 12.31 -29.34
C GLN L 292 -36.71 10.91 -28.95
N SER L 293 -37.24 10.15 -29.91
CA SER L 293 -37.70 8.81 -29.57
C SER L 293 -36.55 7.86 -29.27
N HIS L 294 -35.35 8.12 -29.78
CA HIS L 294 -34.20 7.29 -29.45
C HIS L 294 -33.76 7.53 -28.01
N SER L 295 -33.68 8.80 -27.62
CA SER L 295 -33.46 9.13 -26.21
C SER L 295 -34.61 8.63 -25.34
N ASP L 296 -35.85 8.84 -25.77
CA ASP L 296 -36.98 8.33 -25.00
C ASP L 296 -36.91 6.81 -24.82
N MET L 297 -36.53 6.11 -25.88
CA MET L 297 -36.52 4.65 -25.88
C MET L 297 -35.14 4.05 -25.67
N GLY L 298 -34.27 4.71 -24.90
CA GLY L 298 -33.17 4.00 -24.26
C GLY L 298 -31.76 4.38 -24.67
N MET L 299 -31.54 5.23 -25.67
CA MET L 299 -30.17 5.62 -26.00
C MET L 299 -29.72 6.80 -25.13
N VAL L 300 -29.67 6.54 -23.82
CA VAL L 300 -29.19 7.49 -22.83
C VAL L 300 -28.04 6.84 -22.05
N GLY L 301 -27.27 7.67 -21.36
CA GLY L 301 -26.25 7.16 -20.47
C GLY L 301 -25.79 8.30 -19.59
N LEU L 302 -24.82 8.00 -18.71
CA LEU L 302 -24.34 8.96 -17.72
C LEU L 302 -22.81 9.04 -17.69
N PHE L 303 -22.29 10.27 -17.72
CA PHE L 303 -20.87 10.58 -17.63
C PHE L 303 -20.64 11.05 -16.20
N LEU L 304 -20.20 10.11 -15.36
CA LEU L 304 -20.18 10.30 -13.90
C LEU L 304 -18.87 10.99 -13.53
N VAL L 305 -18.95 12.30 -13.33
CA VAL L 305 -17.81 13.16 -13.04
C VAL L 305 -17.86 13.49 -11.56
N LYS L 306 -16.81 13.07 -10.85
CA LYS L 306 -16.77 13.15 -9.40
C LYS L 306 -15.79 14.23 -8.97
N LYS L 307 -15.98 14.72 -7.76
CA LYS L 307 -15.01 15.61 -7.17
C LYS L 307 -13.79 14.78 -6.80
N PRO L 308 -12.68 15.43 -6.46
CA PRO L 308 -11.52 14.67 -5.97
C PRO L 308 -11.88 13.69 -4.86
N ASP L 309 -12.78 14.08 -3.95
CA ASP L 309 -13.24 13.21 -2.89
C ASP L 309 -14.14 12.08 -3.37
N GLY L 310 -14.51 12.09 -4.65
CA GLY L 310 -15.24 11.00 -5.25
C GLY L 310 -16.74 11.09 -5.13
N THR L 311 -17.26 12.23 -4.73
CA THR L 311 -18.70 12.42 -4.55
C THR L 311 -19.27 13.14 -5.76
N ILE L 312 -20.46 12.72 -6.18
CA ILE L 312 -21.16 13.19 -7.36
C ILE L 312 -22.39 13.94 -6.86
N PRO L 313 -22.38 15.27 -6.85
CA PRO L 313 -23.47 16.01 -6.21
C PRO L 313 -24.79 15.89 -6.97
N GLY L 314 -25.83 15.47 -6.24
CA GLY L 314 -27.16 15.34 -6.81
C GLY L 314 -27.48 13.99 -7.42
N TYR L 315 -26.47 13.20 -7.72
CA TYR L 315 -26.66 11.87 -8.29
C TYR L 315 -27.42 10.97 -7.33
N ASP L 316 -28.56 10.44 -7.78
CA ASP L 316 -29.27 9.41 -7.05
C ASP L 316 -28.91 8.04 -7.62
CU CU M . 0.45 -18.03 34.41
CU CU N . -0.08 -6.01 37.33
O O O . 1.61 -5.76 36.54
CU CU P . 6.51 -34.06 42.93
CU CU Q . 10.05 -31.43 30.90
CU CU R . 7.40 -37.69 41.53
CU CU S . 24.89 -21.82 23.24
C1 GOL T . 32.32 -26.76 39.29
O1 GOL T . 31.85 -25.50 39.66
C2 GOL T . 31.51 -27.64 40.21
O2 GOL T . 30.53 -26.74 40.68
C3 GOL T . 32.34 -28.08 41.42
O3 GOL T . 33.69 -28.34 41.08
CU CU U . 3.46 -5.63 35.77
CU CU V . 12.85 -16.66 23.27
CU CU W . 24.98 -18.79 20.20
C1 GOL X . 14.21 -6.93 40.03
O1 GOL X . 13.49 -8.09 39.70
C2 GOL X . 15.71 -7.21 39.91
O2 GOL X . 16.48 -6.24 40.60
C3 GOL X . 15.99 -8.62 40.42
O3 GOL X . 17.39 -8.75 40.60
CU CU Y . 37.42 27.93 -2.36
CU CU Z . 38.84 16.06 -6.19
CU CU AA . 24.00 37.27 8.05
O1 OXY BA . 24.64 39.33 7.99
O2 OXY BA . 23.46 39.25 8.16
CU CU CA . 28.49 42.38 -3.04
CU CU DA . 23.22 41.07 8.14
CU CU EA . 22.97 40.78 -21.14
CU CU FA . 36.90 17.33 -9.72
CU CU GA . 33.71 34.66 -17.12
CU CU HA . 25.06 40.02 -24.66
CU CU IA . 21.51 38.42 -23.76
CU CU JA . -15.81 -25.29 26.16
CU CU KA . -19.62 -37.05 27.70
CU CU LA . -20.60 -38.31 24.34
CU CU MA . -21.61 -9.60 17.23
CU CU NA . -9.22 -13.26 16.49
CU CU OA . -19.32 -6.09 15.93
CU CU PA . -22.62 -7.91 14.18
CU CU QA . 0.09 -25.00 4.37
CU CU RA . -17.59 -37.78 24.17
CU CU SA . -2.49 -28.87 16.50
CU CU TA . 2.60 -27.96 4.81
CU CU UA . -27.74 3.97 -48.44
CU CU VA . -17.67 -3.25 -46.68
CU CU WA . -31.58 21.38 -55.50
CU CU XA . -36.53 17.79 -44.23
CU CU YA . -34.65 23.67 -54.88
CU CU ZA . -30.69 19.06 -26.19
C1 GOL AB . -23.25 18.27 -45.87
O1 GOL AB . -23.70 19.47 -45.31
C2 GOL AB . -21.84 18.66 -46.19
O2 GOL AB . -21.40 19.53 -45.18
C3 GOL AB . -20.89 17.48 -46.28
O3 GOL AB . -19.68 18.04 -46.73
CU CU BB . -17.39 -1.42 -43.16
CU CU CB . -30.52 7.62 -32.22
CU CU DB . -30.26 16.29 -23.15
CU CU EB . -27.73 19.22 -23.77
#